data_7FS1
#
_entry.id   7FS1
#
_cell.length_a   209.423
_cell.length_b   113.435
_cell.length_c   190.136
_cell.angle_alpha   90.000
_cell.angle_beta   90.610
_cell.angle_gamma   90.000
#
_symmetry.space_group_name_H-M   'C 1 2 1'
#
loop_
_entity.id
_entity.type
_entity.pdbx_description
1 polymer 'Pyruvate kinase PKLR'
2 non-polymer 1,6-di-O-phosphono-beta-D-fructofuranose
3 non-polymer 'OXALATE ION'
4 non-polymer 'MAGNESIUM ION'
5 non-polymer 'POTASSIUM ION'
6 non-polymer "(1P)-N-{[4-(3,4-dihydroxybenzene-1-sulfonyl)phenyl]methyl}-3',4,4',5-tetrahydroxy[1,1'-biphenyl]-2-sulfonamide"
7 water water
#
_entity_poly.entity_id   1
_entity_poly.type   'polypeptide(L)'
_entity_poly.pdbx_seq_one_letter_code
;GSMEGPAGYLRRADVAQLTQELGTAFFQQQQLPAAMADTFLEHLCLLDIDSEPVAARSTSIIATIGPASRSVERLKEMIK
AGMNIARLNFSHGSHEYHAESIANVREAVESFAGSPLSYRPVAIALDTKGPGSGPGLSEQDVRDLRFGVEHGVDIVFASF
VRKASDVAAVRAALGPEGHGIKIISKIENHEGVKRFDEILEVSDGIMVARGDLGIEIPAEKVFLAQKMMIGRCNLAGKPV
VCATQMLESMITKPRPTRAETSDVANAVLDGADCIMLSGETAKGNFPVEAVKMQHAIAREAEAAVYHRQLFEELRRAAPL
SRDPTEVTAIGAVEAAFKCCAAAIIVLTTTGRSAQLLSRYRPRAAVIAVTRSAQAARQVHLCRGVFPLLYREPPEAIWAD
DVDRRVQFGIESGKLRGFLRVGDLVIVVTGWRPGSGYTNIMRVLSIS
;
_entity_poly.pdbx_strand_id   A,B,C,D,E,F,G,H
#
loop_
_chem_comp.id
_chem_comp.type
_chem_comp.name
_chem_comp.formula
FBP D-saccharide, beta linking 1,6-di-O-phosphono-beta-D-fructofuranose 'C6 H14 O12 P2'
K non-polymer 'POTASSIUM ION' 'K 1'
MG non-polymer 'MAGNESIUM ION' 'Mg 2'
O8F non-polymer (1P)-N-{[4-(3,4-dihydroxybenzene-1-sulfonyl)phenyl]methyl}-3',4,4',5-tetrahydroxy[1,1'-biphenyl]-2-sulfonamide 'C25 H21 N O10 S2'
OXL non-polymer 'OXALATE ION' 'C2 O4 -2'
#
# COMPACT_ATOMS: atom_id res chain seq x y z
N ALA A 25 29.58 -1.24 19.37
CA ALA A 25 29.34 -2.35 20.30
C ALA A 25 29.15 -1.84 21.72
N PHE A 26 29.91 -0.79 22.11
CA PHE A 26 29.83 -0.20 23.45
C PHE A 26 28.43 0.36 23.69
N PHE A 27 27.89 1.09 22.71
CA PHE A 27 26.58 1.72 22.84
C PHE A 27 25.39 0.76 22.65
N GLN A 28 25.64 -0.52 22.39
CA GLN A 28 24.57 -1.52 22.28
C GLN A 28 24.38 -2.26 23.63
N GLN A 29 25.47 -2.41 24.40
CA GLN A 29 25.52 -3.10 25.71
C GLN A 29 24.93 -2.24 26.83
N GLN A 30 24.76 -2.87 28.02
CA GLN A 30 24.28 -2.29 29.28
C GLN A 30 23.09 -1.32 29.12
N GLN A 31 22.14 -1.68 28.25
CA GLN A 31 20.93 -0.89 27.99
C GLN A 31 21.21 0.56 27.61
N LEU A 32 22.34 0.82 26.93
CA LEU A 32 22.66 2.19 26.54
C LEU A 32 21.65 2.81 25.55
N PRO A 33 21.04 2.09 24.58
CA PRO A 33 19.96 2.72 23.78
C PRO A 33 18.79 3.21 24.67
N ALA A 34 18.38 2.41 25.68
CA ALA A 34 17.32 2.81 26.61
C ALA A 34 17.78 3.96 27.54
N ALA A 35 19.09 4.05 27.81
CA ALA A 35 19.66 5.10 28.65
C ALA A 35 19.62 6.47 27.96
N MET A 36 19.76 6.50 26.63
CA MET A 36 19.75 7.76 25.88
C MET A 36 18.33 8.27 25.56
N ALA A 37 17.27 7.56 25.98
CA ALA A 37 15.89 7.94 25.66
C ALA A 37 15.42 9.24 26.31
N ASP A 38 14.57 9.99 25.61
CA ASP A 38 14.07 11.29 26.05
C ASP A 38 12.92 11.25 27.05
N THR A 39 12.19 10.12 27.11
CA THR A 39 11.10 9.95 28.07
C THR A 39 11.22 8.59 28.75
N PHE A 40 10.57 8.42 29.91
CA PHE A 40 10.57 7.13 30.61
C PHE A 40 9.83 6.09 29.76
N LEU A 41 8.76 6.50 29.03
CA LEU A 41 8.03 5.57 28.17
C LEU A 41 8.95 5.00 27.09
N GLU A 42 9.72 5.87 26.40
CA GLU A 42 10.66 5.47 25.37
C GLU A 42 11.79 4.60 25.96
N HIS A 43 12.21 4.91 27.19
CA HIS A 43 13.21 4.14 27.93
C HIS A 43 12.71 2.69 28.10
N LEU A 44 11.44 2.51 28.54
CA LEU A 44 10.84 1.19 28.70
C LEU A 44 10.78 0.45 27.34
N CYS A 45 10.33 1.15 26.29
CA CYS A 45 10.21 0.60 24.94
C CYS A 45 11.54 0.13 24.35
N LEU A 46 12.66 0.72 24.80
CA LEU A 46 13.98 0.39 24.27
C LEU A 46 14.75 -0.66 25.08
N LEU A 47 14.18 -1.15 26.21
CA LEU A 47 14.85 -2.19 27.01
C LEU A 47 15.02 -3.44 26.15
N ASP A 48 16.21 -4.02 26.15
CA ASP A 48 16.55 -5.12 25.27
C ASP A 48 17.14 -6.31 26.04
N ILE A 49 16.48 -7.48 25.96
CA ILE A 49 16.96 -8.70 26.59
C ILE A 49 18.32 -9.17 26.00
N ASP A 50 18.68 -8.72 24.81
CA ASP A 50 19.97 -9.06 24.19
C ASP A 50 21.10 -8.09 24.58
N SER A 51 20.79 -6.96 25.22
CA SER A 51 21.78 -5.98 25.64
C SER A 51 22.37 -6.49 26.97
N GLU A 52 23.60 -7.00 26.92
CA GLU A 52 24.22 -7.61 28.11
C GLU A 52 24.83 -6.64 29.09
N PRO A 53 24.69 -6.92 30.41
CA PRO A 53 25.29 -6.03 31.41
C PRO A 53 26.82 -6.09 31.36
N VAL A 54 27.48 -4.93 31.53
CA VAL A 54 28.95 -4.90 31.50
C VAL A 54 29.52 -4.44 32.83
N ALA A 55 28.87 -3.48 33.49
CA ALA A 55 29.34 -2.96 34.76
C ALA A 55 29.28 -4.02 35.88
N ALA A 56 30.12 -3.81 36.91
CA ALA A 56 30.13 -4.68 38.07
C ALA A 56 28.80 -4.49 38.83
N ARG A 57 28.30 -5.56 39.47
CA ARG A 57 27.05 -5.49 40.21
C ARG A 57 27.19 -4.54 41.38
N SER A 58 26.38 -3.47 41.38
CA SER A 58 26.32 -2.37 42.34
C SER A 58 25.54 -2.60 43.64
N THR A 59 24.42 -3.29 43.58
CA THR A 59 23.56 -3.50 44.75
C THR A 59 24.13 -4.62 45.59
N SER A 60 24.45 -4.35 46.87
CA SER A 60 25.01 -5.38 47.73
C SER A 60 24.01 -6.44 48.13
N ILE A 61 24.50 -7.65 48.35
CA ILE A 61 23.69 -8.75 48.77
C ILE A 61 23.97 -9.08 50.22
N ILE A 62 22.93 -9.12 51.04
CA ILE A 62 23.02 -9.50 52.45
C ILE A 62 22.49 -10.93 52.54
N ALA A 63 23.29 -11.84 53.06
CA ALA A 63 22.87 -13.24 53.21
C ALA A 63 22.81 -13.57 54.70
N THR A 64 21.69 -14.15 55.14
CA THR A 64 21.53 -14.54 56.53
C THR A 64 22.27 -15.85 56.77
N ILE A 65 23.09 -15.90 57.81
CA ILE A 65 23.86 -17.10 58.13
C ILE A 65 23.02 -18.02 59.02
N GLY A 66 23.04 -19.29 58.70
CA GLY A 66 22.34 -20.31 59.49
C GLY A 66 22.88 -21.70 59.22
N PRO A 67 22.15 -22.74 59.61
CA PRO A 67 22.63 -24.11 59.38
C PRO A 67 23.02 -24.44 57.93
N ALA A 68 22.33 -23.84 56.94
CA ALA A 68 22.64 -24.10 55.53
C ALA A 68 23.84 -23.34 55.00
N SER A 69 24.32 -22.33 55.72
CA SER A 69 25.39 -21.47 55.23
C SER A 69 26.47 -21.18 56.27
N ARG A 70 26.60 -22.03 57.30
CA ARG A 70 27.55 -21.79 58.38
C ARG A 70 28.96 -22.34 58.17
N SER A 71 29.12 -23.40 57.39
CA SER A 71 30.45 -23.99 57.19
C SER A 71 31.37 -23.07 56.42
N VAL A 72 32.68 -23.15 56.71
CA VAL A 72 33.71 -22.33 56.07
C VAL A 72 33.73 -22.57 54.55
N GLU A 73 33.60 -23.82 54.12
CA GLU A 73 33.61 -24.16 52.69
C GLU A 73 32.38 -23.59 51.97
N ARG A 74 31.20 -23.62 52.62
CA ARG A 74 29.96 -23.08 52.07
C ARG A 74 30.06 -21.56 51.97
N LEU A 75 30.64 -20.92 53.02
CA LEU A 75 30.84 -19.48 53.06
C LEU A 75 31.80 -18.99 51.98
N LYS A 76 32.82 -19.80 51.63
CA LYS A 76 33.75 -19.44 50.55
C LYS A 76 33.00 -19.38 49.22
N GLU A 77 32.07 -20.32 48.99
CA GLU A 77 31.28 -20.34 47.77
C GLU A 77 30.30 -19.15 47.73
N MET A 78 29.75 -18.77 48.90
CA MET A 78 28.82 -17.63 48.96
CA MET A 78 28.82 -17.63 48.96
C MET A 78 29.54 -16.32 48.72
N ILE A 79 30.80 -16.19 49.16
CA ILE A 79 31.59 -14.98 48.91
C ILE A 79 31.86 -14.89 47.39
N LYS A 80 32.23 -16.01 46.77
CA LYS A 80 32.48 -16.07 45.33
C LYS A 80 31.20 -15.77 44.53
N ALA A 81 30.04 -16.22 45.03
CA ALA A 81 28.75 -16.00 44.39
C ALA A 81 28.29 -14.52 44.46
N GLY A 82 28.81 -13.76 45.43
CA GLY A 82 28.48 -12.35 45.54
C GLY A 82 28.03 -11.83 46.89
N MET A 83 28.05 -12.66 47.95
CA MET A 83 27.65 -12.18 49.27
C MET A 83 28.59 -11.06 49.76
N ASN A 84 28.02 -9.90 50.13
CA ASN A 84 28.83 -8.77 50.59
C ASN A 84 28.70 -8.53 52.09
N ILE A 85 27.54 -8.88 52.67
CA ILE A 85 27.24 -8.69 54.07
C ILE A 85 26.64 -9.96 54.64
N ALA A 86 27.18 -10.44 55.77
CA ALA A 86 26.66 -11.63 56.45
C ALA A 86 25.78 -11.17 57.60
N ARG A 87 24.51 -11.60 57.61
CA ARG A 87 23.58 -11.21 58.66
C ARG A 87 23.45 -12.31 59.71
N LEU A 88 23.59 -11.94 60.99
CA LEU A 88 23.40 -12.89 62.08
C LEU A 88 22.08 -12.54 62.73
N ASN A 89 21.14 -13.47 62.68
CA ASN A 89 19.82 -13.23 63.26
C ASN A 89 19.80 -13.63 64.73
N PHE A 90 19.87 -12.65 65.63
CA PHE A 90 19.88 -12.92 67.07
C PHE A 90 18.50 -13.28 67.64
N SER A 91 17.48 -13.46 66.79
CA SER A 91 16.18 -13.97 67.25
C SER A 91 16.32 -15.46 67.64
N HIS A 92 17.30 -16.19 67.07
CA HIS A 92 17.56 -17.59 67.35
C HIS A 92 19.06 -17.79 67.59
N GLY A 93 19.41 -18.83 68.33
CA GLY A 93 20.81 -19.15 68.60
C GLY A 93 21.42 -18.42 69.79
N SER A 94 22.36 -19.09 70.44
CA SER A 94 23.06 -18.56 71.60
C SER A 94 24.23 -17.66 71.18
N HIS A 95 24.88 -16.99 72.14
CA HIS A 95 26.06 -16.18 71.86
C HIS A 95 27.19 -17.06 71.34
N GLU A 96 27.32 -18.30 71.85
CA GLU A 96 28.35 -19.24 71.40
C GLU A 96 28.12 -19.62 69.94
N TYR A 97 26.86 -19.82 69.54
CA TYR A 97 26.50 -20.16 68.16
C TYR A 97 26.90 -19.02 67.22
N HIS A 98 26.54 -17.77 67.59
CA HIS A 98 26.85 -16.61 66.76
C HIS A 98 28.33 -16.30 66.71
N ALA A 99 29.08 -16.53 67.80
CA ALA A 99 30.53 -16.32 67.79
C ALA A 99 31.20 -17.28 66.81
N GLU A 100 30.71 -18.53 66.73
CA GLU A 100 31.24 -19.51 65.81
C GLU A 100 30.93 -19.12 64.36
N SER A 101 29.72 -18.58 64.11
CA SER A 101 29.32 -18.10 62.78
C SER A 101 30.26 -16.98 62.34
N ILE A 102 30.54 -16.02 63.25
CA ILE A 102 31.45 -14.90 62.98
C ILE A 102 32.84 -15.41 62.64
N ALA A 103 33.37 -16.37 63.43
CA ALA A 103 34.69 -16.94 63.19
C ALA A 103 34.75 -17.64 61.83
N ASN A 104 33.68 -18.37 61.46
CA ASN A 104 33.64 -19.07 60.17
C ASN A 104 33.57 -18.10 59.01
N VAL A 105 32.82 -16.99 59.16
CA VAL A 105 32.76 -15.96 58.12
C VAL A 105 34.15 -15.35 57.94
N ARG A 106 34.78 -14.92 59.05
CA ARG A 106 36.11 -14.33 58.99
C ARG A 106 37.17 -15.27 58.42
N GLU A 107 37.08 -16.59 58.72
CA GLU A 107 38.03 -17.56 58.17
C GLU A 107 37.86 -17.66 56.64
N ALA A 108 36.60 -17.72 56.17
CA ALA A 108 36.32 -17.79 54.74
C ALA A 108 36.76 -16.51 54.03
N VAL A 109 36.49 -15.34 54.61
CA VAL A 109 36.87 -14.05 54.02
C VAL A 109 38.39 -13.92 53.93
N GLU A 110 39.10 -14.24 55.03
CA GLU A 110 40.55 -14.13 55.07
C GLU A 110 41.29 -15.19 54.26
N SER A 111 40.60 -16.26 53.80
CA SER A 111 41.24 -17.25 52.94
C SER A 111 41.61 -16.66 51.56
N PHE A 112 41.06 -15.49 51.19
CA PHE A 112 41.34 -14.80 49.93
C PHE A 112 42.30 -13.59 50.10
N ALA A 113 42.77 -13.31 51.35
CA ALA A 113 43.66 -12.18 51.64
C ALA A 113 45.07 -12.31 51.03
N GLY A 114 45.45 -13.51 50.60
CA GLY A 114 46.73 -13.76 49.94
C GLY A 114 46.88 -13.06 48.60
N SER A 115 45.77 -12.61 48.01
CA SER A 115 45.78 -11.86 46.75
C SER A 115 45.13 -10.50 47.03
N PRO A 116 45.91 -9.51 47.50
CA PRO A 116 45.32 -8.21 47.86
C PRO A 116 44.60 -7.43 46.77
N LEU A 117 44.98 -7.63 45.49
CA LEU A 117 44.31 -6.93 44.40
C LEU A 117 42.92 -7.49 44.06
N SER A 118 42.53 -8.65 44.63
CA SER A 118 41.21 -9.25 44.39
C SER A 118 40.41 -9.55 45.67
N TYR A 119 41.01 -9.32 46.85
CA TYR A 119 40.39 -9.57 48.15
C TYR A 119 39.07 -8.79 48.29
N ARG A 120 38.01 -9.50 48.69
CA ARG A 120 36.72 -8.88 48.88
C ARG A 120 36.36 -8.76 50.35
N PRO A 121 36.29 -7.53 50.89
CA PRO A 121 35.82 -7.36 52.27
C PRO A 121 34.36 -7.82 52.40
N VAL A 122 33.98 -8.38 53.55
CA VAL A 122 32.61 -8.83 53.79
C VAL A 122 32.20 -8.29 55.15
N ALA A 123 31.10 -7.53 55.23
CA ALA A 123 30.65 -6.96 56.50
C ALA A 123 29.90 -7.97 57.34
N ILE A 124 29.86 -7.77 58.66
CA ILE A 124 29.12 -8.62 59.57
C ILE A 124 28.06 -7.76 60.24
N ALA A 125 26.80 -8.13 60.07
CA ALA A 125 25.68 -7.37 60.62
C ALA A 125 24.94 -8.17 61.67
N LEU A 126 24.61 -7.54 62.79
CA LEU A 126 23.90 -8.18 63.88
C LEU A 126 22.46 -7.70 63.81
N ASP A 127 21.53 -8.63 63.63
CA ASP A 127 20.11 -8.29 63.56
C ASP A 127 19.51 -8.64 64.92
N THR A 128 19.02 -7.64 65.65
CA THR A 128 18.50 -7.84 67.00
C THR A 128 17.14 -8.57 67.08
N LYS A 129 16.88 -9.21 68.22
CA LYS A 129 15.64 -9.91 68.48
C LYS A 129 14.47 -8.93 68.52
N GLY A 130 14.67 -7.78 69.14
CA GLY A 130 13.65 -6.74 69.21
C GLY A 130 13.06 -6.52 70.58
N PRO A 131 12.19 -5.52 70.70
CA PRO A 131 11.59 -5.20 72.01
C PRO A 131 10.50 -6.16 72.47
N GLY A 132 9.90 -6.91 71.55
CA GLY A 132 8.82 -7.83 71.87
C GLY A 132 7.61 -7.08 72.37
N SER A 133 7.08 -7.46 73.53
CA SER A 133 5.93 -6.80 74.12
C SER A 133 6.28 -5.49 74.87
N GLY A 134 7.56 -5.24 75.11
CA GLY A 134 8.04 -4.06 75.82
C GLY A 134 7.92 -2.77 75.05
N GLY A 136 10.51 -0.28 74.93
CA GLY A 136 11.84 0.13 74.50
C GLY A 136 12.83 -1.01 74.42
N LEU A 137 14.13 -0.68 74.55
CA LEU A 137 15.22 -1.66 74.46
C LEU A 137 15.14 -2.78 75.50
N SER A 138 14.99 -4.01 75.01
CA SER A 138 14.89 -5.19 75.86
C SER A 138 16.24 -5.55 76.51
N GLU A 139 16.21 -6.33 77.60
CA GLU A 139 17.43 -6.74 78.29
C GLU A 139 18.27 -7.67 77.42
N GLN A 140 17.62 -8.53 76.61
CA GLN A 140 18.35 -9.42 75.72
C GLN A 140 19.07 -8.60 74.66
N ASP A 141 18.42 -7.54 74.13
CA ASP A 141 19.04 -6.68 73.14
C ASP A 141 20.26 -5.96 73.71
N VAL A 142 20.22 -5.54 74.99
CA VAL A 142 21.38 -4.90 75.62
C VAL A 142 22.57 -5.86 75.65
N ARG A 143 22.31 -7.13 75.99
CA ARG A 143 23.37 -8.15 76.04
C ARG A 143 23.88 -8.51 74.65
N ASP A 144 22.97 -8.59 73.67
CA ASP A 144 23.34 -8.93 72.30
C ASP A 144 24.13 -7.80 71.63
N LEU A 145 23.76 -6.54 71.89
CA LEU A 145 24.48 -5.39 71.36
C LEU A 145 25.89 -5.31 71.95
N ARG A 146 26.03 -5.64 73.24
CA ARG A 146 27.32 -5.69 73.94
C ARG A 146 28.20 -6.76 73.29
N PHE A 147 27.60 -7.93 72.96
CA PHE A 147 28.29 -9.03 72.27
C PHE A 147 28.80 -8.54 70.91
N GLY A 148 27.96 -7.80 70.19
CA GLY A 148 28.32 -7.25 68.88
C GLY A 148 29.54 -6.35 68.94
N VAL A 149 29.60 -5.47 69.94
CA VAL A 149 30.76 -4.58 70.13
C VAL A 149 32.00 -5.40 70.45
N GLU A 150 31.87 -6.36 71.37
CA GLU A 150 32.99 -7.22 71.76
C GLU A 150 33.51 -8.08 70.62
N HIS A 151 32.63 -8.47 69.70
CA HIS A 151 33.05 -9.27 68.54
C HIS A 151 33.33 -8.46 67.27
N GLY A 152 33.35 -7.14 67.38
CA GLY A 152 33.66 -6.25 66.27
C GLY A 152 32.72 -6.28 65.08
N VAL A 153 31.39 -6.35 65.31
CA VAL A 153 30.44 -6.33 64.20
C VAL A 153 30.45 -4.93 63.56
N ASP A 154 30.14 -4.87 62.27
CA ASP A 154 30.18 -3.61 61.53
C ASP A 154 28.87 -2.86 61.53
N ILE A 155 27.76 -3.59 61.53
CA ILE A 155 26.44 -3.02 61.40
C ILE A 155 25.47 -3.67 62.37
N VAL A 156 24.48 -2.90 62.80
CA VAL A 156 23.38 -3.42 63.60
C VAL A 156 22.10 -3.15 62.80
N PHE A 157 21.29 -4.20 62.59
CA PHE A 157 19.97 -4.05 62.00
C PHE A 157 19.06 -4.05 63.23
N ALA A 158 18.63 -2.87 63.68
CA ALA A 158 17.80 -2.74 64.88
C ALA A 158 16.33 -3.06 64.60
N SER A 159 15.82 -4.17 65.16
CA SER A 159 14.43 -4.58 64.96
C SER A 159 13.39 -3.68 65.60
N PHE A 160 12.24 -3.56 64.93
CA PHE A 160 11.07 -2.82 65.36
C PHE A 160 11.36 -1.40 65.86
N VAL A 161 12.07 -0.59 65.06
CA VAL A 161 12.33 0.80 65.44
C VAL A 161 11.04 1.58 65.19
N ARG A 162 10.49 2.20 66.25
CA ARG A 162 9.22 2.94 66.16
C ARG A 162 9.36 4.44 66.32
N LYS A 163 10.51 4.94 66.78
CA LYS A 163 10.74 6.36 67.03
C LYS A 163 12.25 6.63 67.20
N ALA A 164 12.65 7.91 67.16
CA ALA A 164 14.04 8.35 67.30
C ALA A 164 14.70 7.88 68.61
N SER A 165 13.94 7.85 69.73
CA SER A 165 14.49 7.41 71.01
C SER A 165 14.88 5.93 71.01
N ASP A 166 14.26 5.11 70.13
CA ASP A 166 14.64 3.70 70.01
C ASP A 166 16.06 3.60 69.45
N VAL A 167 16.41 4.48 68.49
CA VAL A 167 17.73 4.50 67.89
C VAL A 167 18.76 4.97 68.92
N ALA A 168 18.41 6.01 69.70
CA ALA A 168 19.29 6.53 70.75
C ALA A 168 19.60 5.45 71.78
N ALA A 169 18.61 4.62 72.13
CA ALA A 169 18.79 3.52 73.08
C ALA A 169 19.76 2.46 72.53
N VAL A 170 19.66 2.14 71.23
CA VAL A 170 20.56 1.18 70.59
C VAL A 170 21.98 1.73 70.60
N ARG A 171 22.11 3.02 70.24
CA ARG A 171 23.39 3.73 70.21
C ARG A 171 24.05 3.74 71.60
N ALA A 172 23.26 3.99 72.66
CA ALA A 172 23.76 4.00 74.03
C ALA A 172 24.21 2.61 74.46
N ALA A 173 23.45 1.55 74.10
CA ALA A 173 23.83 0.17 74.43
C ALA A 173 25.12 -0.29 73.74
N LEU A 174 25.49 0.34 72.61
CA LEU A 174 26.73 0.03 71.92
C LEU A 174 27.95 0.62 72.67
N GLY A 175 27.74 1.67 73.46
CA GLY A 175 28.76 2.29 74.30
C GLY A 175 29.81 3.10 73.55
N PRO A 176 30.84 3.56 74.28
CA PRO A 176 31.91 4.34 73.64
C PRO A 176 32.78 3.53 72.67
N GLU A 177 32.85 2.21 72.84
CA GLU A 177 33.66 1.37 71.96
C GLU A 177 32.96 1.10 70.60
N GLY A 178 31.63 1.12 70.58
CA GLY A 178 30.86 0.87 69.37
C GLY A 178 30.37 2.13 68.68
N HIS A 179 31.13 3.22 68.78
CA HIS A 179 30.77 4.49 68.14
C HIS A 179 30.78 4.41 66.60
N GLY A 180 31.63 3.53 66.06
CA GLY A 180 31.79 3.36 64.62
C GLY A 180 30.83 2.39 63.96
N ILE A 181 30.04 1.66 64.75
CA ILE A 181 29.08 0.70 64.21
C ILE A 181 27.89 1.41 63.55
N LYS A 182 27.51 0.99 62.33
CA LYS A 182 26.40 1.61 61.63
C LYS A 182 25.09 1.07 62.14
N ILE A 183 24.11 1.95 62.40
CA ILE A 183 22.80 1.50 62.86
C ILE A 183 21.78 1.65 61.73
N ILE A 184 21.28 0.51 61.26
CA ILE A 184 20.26 0.46 60.21
C ILE A 184 18.96 0.14 60.92
N SER A 185 18.04 1.11 60.95
CA SER A 185 16.75 0.91 61.62
C SER A 185 15.77 0.10 60.77
N LYS A 186 15.22 -0.98 61.34
CA LYS A 186 14.24 -1.80 60.65
C LYS A 186 12.84 -1.21 60.87
N ILE A 187 12.14 -0.88 59.78
CA ILE A 187 10.78 -0.34 59.86
C ILE A 187 9.87 -1.52 59.65
N GLU A 188 9.13 -1.90 60.68
CA GLU A 188 8.32 -3.12 60.67
C GLU A 188 6.86 -2.94 61.05
N ASN A 189 6.43 -1.71 61.33
CA ASN A 189 5.03 -1.49 61.74
C ASN A 189 4.53 -0.10 61.33
N HIS A 190 3.23 0.18 61.57
CA HIS A 190 2.62 1.44 61.21
C HIS A 190 3.32 2.63 61.84
N GLU A 191 3.66 2.54 63.14
CA GLU A 191 4.33 3.65 63.82
C GLU A 191 5.70 3.98 63.23
N GLY A 192 6.46 2.97 62.86
CA GLY A 192 7.75 3.18 62.22
C GLY A 192 7.63 3.91 60.89
N VAL A 193 6.58 3.58 60.11
CA VAL A 193 6.31 4.24 58.83
C VAL A 193 5.89 5.69 59.07
N LYS A 194 4.99 5.94 60.02
CA LYS A 194 4.52 7.30 60.32
C LYS A 194 5.60 8.18 60.93
N ARG A 195 6.49 7.60 61.72
CA ARG A 195 7.59 8.37 62.31
C ARG A 195 8.91 8.18 61.54
N PHE A 196 8.82 7.79 60.25
CA PHE A 196 9.97 7.54 59.41
C PHE A 196 10.99 8.67 59.38
N ASP A 197 10.54 9.91 59.16
CA ASP A 197 11.47 11.03 59.06
C ASP A 197 12.34 11.22 60.30
N GLU A 198 11.77 11.12 61.50
CA GLU A 198 12.55 11.27 62.72
C GLU A 198 13.50 10.09 62.95
N ILE A 199 13.11 8.89 62.48
CA ILE A 199 13.95 7.71 62.60
C ILE A 199 15.15 7.82 61.66
N LEU A 200 14.91 8.16 60.38
CA LEU A 200 15.97 8.29 59.38
C LEU A 200 16.99 9.34 59.79
N GLU A 201 16.52 10.47 60.33
CA GLU A 201 17.38 11.57 60.77
C GLU A 201 18.50 11.11 61.72
N VAL A 202 18.19 10.20 62.65
CA VAL A 202 19.17 9.73 63.63
C VAL A 202 19.80 8.37 63.27
N SER A 203 19.35 7.72 62.19
CA SER A 203 19.90 6.41 61.81
C SER A 203 20.94 6.55 60.71
N ASP A 204 21.78 5.54 60.54
CA ASP A 204 22.72 5.53 59.42
C ASP A 204 22.02 5.06 58.12
N GLY A 205 20.95 4.31 58.26
CA GLY A 205 20.17 3.79 57.15
C GLY A 205 18.91 3.09 57.62
N ILE A 206 18.19 2.49 56.67
CA ILE A 206 16.90 1.86 56.94
C ILE A 206 16.80 0.49 56.29
N MET A 207 16.04 -0.41 56.93
CA MET A 207 15.71 -1.68 56.33
C MET A 207 14.19 -1.72 56.22
N VAL A 208 13.67 -1.98 55.01
CA VAL A 208 12.24 -2.18 54.81
C VAL A 208 12.03 -3.66 55.16
N ALA A 209 11.64 -3.92 56.42
CA ALA A 209 11.48 -5.28 56.94
C ALA A 209 10.08 -5.74 56.62
N ARG A 210 9.88 -6.27 55.38
CA ARG A 210 8.57 -6.58 54.83
C ARG A 210 7.82 -7.72 55.50
N GLY A 211 8.52 -8.65 56.16
CA GLY A 211 7.87 -9.75 56.85
C GLY A 211 6.89 -9.28 57.91
N ASP A 212 7.39 -8.58 58.93
CA ASP A 212 6.55 -8.03 59.98
C ASP A 212 5.71 -6.89 59.45
N LEU A 213 6.25 -6.05 58.55
CA LEU A 213 5.48 -4.92 57.98
C LEU A 213 4.19 -5.41 57.30
N GLY A 214 4.28 -6.54 56.59
CA GLY A 214 3.17 -7.16 55.88
C GLY A 214 2.11 -7.80 56.76
N ILE A 215 2.39 -7.93 58.07
CA ILE A 215 1.44 -8.44 59.07
C ILE A 215 0.90 -7.27 59.92
N GLU A 216 1.73 -6.23 60.14
CA GLU A 216 1.38 -5.04 60.92
C GLU A 216 0.48 -4.08 60.13
N ILE A 217 0.69 -3.97 58.82
CA ILE A 217 -0.16 -3.16 57.96
C ILE A 217 -0.78 -4.08 56.87
N PRO A 218 -1.87 -3.69 56.17
CA PRO A 218 -2.42 -4.57 55.12
C PRO A 218 -1.34 -4.96 54.09
N ALA A 219 -1.29 -6.24 53.70
CA ALA A 219 -0.29 -6.75 52.77
C ALA A 219 -0.22 -5.97 51.44
N GLU A 220 -1.38 -5.51 50.97
CA GLU A 220 -1.49 -4.73 49.73
C GLU A 220 -0.94 -3.31 49.83
N LYS A 221 -0.51 -2.87 51.02
CA LYS A 221 0.05 -1.53 51.20
C LYS A 221 1.57 -1.53 51.35
N VAL A 222 2.20 -2.71 51.54
CA VAL A 222 3.65 -2.79 51.75
C VAL A 222 4.46 -2.16 50.62
N PHE A 223 4.06 -2.35 49.35
CA PHE A 223 4.78 -1.75 48.23
C PHE A 223 4.83 -0.22 48.32
N LEU A 224 3.78 0.40 48.87
CA LEU A 224 3.73 1.86 49.04
C LEU A 224 4.77 2.29 50.07
N ALA A 225 4.83 1.58 51.21
CA ALA A 225 5.79 1.85 52.26
C ALA A 225 7.22 1.62 51.75
N GLN A 226 7.43 0.55 50.98
CA GLN A 226 8.75 0.24 50.42
C GLN A 226 9.21 1.35 49.46
N LYS A 227 8.36 1.73 48.49
CA LYS A 227 8.73 2.74 47.52
C LYS A 227 8.94 4.12 48.15
N MET A 228 8.12 4.46 49.14
CA MET A 228 8.26 5.74 49.85
C MET A 228 9.58 5.77 50.63
N MET A 229 9.88 4.72 51.39
CA MET A 229 11.08 4.69 52.22
C MET A 229 12.34 4.68 51.39
N ILE A 230 12.34 3.95 50.26
CA ILE A 230 13.50 3.93 49.38
C ILE A 230 13.71 5.33 48.78
N GLY A 231 12.63 5.97 48.34
CA GLY A 231 12.69 7.32 47.79
C GLY A 231 13.23 8.32 48.80
N ARG A 232 12.75 8.26 50.06
CA ARG A 232 13.22 9.18 51.10
C ARG A 232 14.68 8.93 51.49
N CYS A 233 15.12 7.66 51.50
CA CYS A 233 16.52 7.33 51.81
C CYS A 233 17.42 7.80 50.68
N ASN A 234 16.98 7.65 49.41
CA ASN A 234 17.76 8.11 48.26
C ASN A 234 17.90 9.63 48.33
N LEU A 235 16.82 10.33 48.71
CA LEU A 235 16.84 11.78 48.87
CA LEU A 235 16.82 11.78 48.88
C LEU A 235 17.83 12.19 49.97
N ALA A 236 17.83 11.48 51.10
CA ALA A 236 18.74 11.76 52.21
C ALA A 236 20.19 11.30 51.98
N GLY A 237 20.43 10.48 50.96
CA GLY A 237 21.75 9.93 50.70
C GLY A 237 22.17 8.89 51.72
N LYS A 238 21.19 8.18 52.29
CA LYS A 238 21.45 7.15 53.31
C LYS A 238 21.04 5.77 52.81
N PRO A 239 21.85 4.73 53.14
CA PRO A 239 21.52 3.37 52.65
C PRO A 239 20.14 2.84 53.01
N VAL A 240 19.53 2.11 52.07
CA VAL A 240 18.24 1.47 52.30
C VAL A 240 18.32 0.03 51.83
N VAL A 241 17.82 -0.90 52.65
CA VAL A 241 17.84 -2.32 52.37
C VAL A 241 16.41 -2.80 52.10
N CYS A 242 16.21 -3.61 51.06
CA CYS A 242 14.91 -4.25 50.85
C CYS A 242 15.08 -5.67 51.36
N ALA A 243 14.14 -6.14 52.18
CA ALA A 243 14.28 -7.46 52.79
C ALA A 243 12.99 -8.27 52.79
N THR A 244 13.15 -9.62 52.91
CA THR A 244 12.19 -10.68 53.21
C THR A 244 11.36 -11.19 52.04
N GLN A 245 11.42 -12.52 51.86
CA GLN A 245 10.71 -13.33 50.87
C GLN A 245 10.98 -12.93 49.42
N MET A 246 12.15 -12.32 49.16
CA MET A 246 12.51 -11.90 47.81
C MET A 246 12.63 -13.08 46.86
N LEU A 247 13.21 -14.20 47.33
CA LEU A 247 13.36 -15.43 46.54
C LEU A 247 12.88 -16.63 47.39
N GLU A 248 11.80 -16.44 48.17
CA GLU A 248 11.26 -17.42 49.12
C GLU A 248 11.17 -18.85 48.62
N SER A 249 10.61 -19.09 47.42
CA SER A 249 10.46 -20.44 46.90
C SER A 249 11.79 -21.19 46.75
N MET A 250 12.92 -20.45 46.64
CA MET A 250 14.24 -21.06 46.53
C MET A 250 14.70 -21.76 47.82
N ILE A 251 13.91 -21.70 48.91
CA ILE A 251 14.21 -22.44 50.13
C ILE A 251 14.13 -23.96 49.80
N THR A 252 13.15 -24.37 48.96
CA THR A 252 13.01 -25.76 48.57
C THR A 252 13.22 -26.00 47.07
N LYS A 253 13.15 -24.96 46.22
CA LYS A 253 13.28 -25.16 44.77
C LYS A 253 14.54 -24.55 44.18
N PRO A 254 15.13 -25.18 43.14
CA PRO A 254 16.37 -24.64 42.56
C PRO A 254 16.21 -23.36 41.76
N ARG A 255 14.98 -23.04 41.33
CA ARG A 255 14.70 -21.84 40.54
C ARG A 255 13.57 -21.05 41.19
N PRO A 256 13.64 -19.71 41.12
CA PRO A 256 12.59 -18.90 41.75
C PRO A 256 11.36 -18.73 40.87
N THR A 257 10.27 -18.17 41.44
CA THR A 257 9.06 -17.90 40.66
C THR A 257 9.25 -16.59 39.84
N ARG A 258 8.34 -16.35 38.88
CA ARG A 258 8.38 -15.13 38.08
C ARG A 258 8.13 -13.88 38.94
N ALA A 259 7.33 -14.00 39.99
CA ALA A 259 7.07 -12.87 40.90
C ALA A 259 8.31 -12.53 41.73
N GLU A 260 9.10 -13.55 42.10
CA GLU A 260 10.32 -13.38 42.88
C GLU A 260 11.42 -12.68 42.12
N THR A 261 11.66 -13.06 40.85
CA THR A 261 12.68 -12.36 40.04
C THR A 261 12.25 -10.92 39.80
N SER A 262 10.94 -10.71 39.56
CA SER A 262 10.35 -9.39 39.37
C SER A 262 10.55 -8.53 40.63
N ASP A 263 10.32 -9.10 41.81
CA ASP A 263 10.47 -8.38 43.07
C ASP A 263 11.91 -7.91 43.29
N VAL A 264 12.90 -8.77 43.00
CA VAL A 264 14.30 -8.40 43.16
C VAL A 264 14.66 -7.28 42.19
N ALA A 265 14.24 -7.41 40.92
CA ALA A 265 14.52 -6.40 39.92
C ALA A 265 13.89 -5.07 40.28
N ASN A 266 12.64 -5.10 40.77
CA ASN A 266 11.91 -3.89 41.13
C ASN A 266 12.48 -3.23 42.38
N ALA A 267 13.04 -4.00 43.33
CA ALA A 267 13.68 -3.39 44.51
C ALA A 267 14.90 -2.59 44.06
N VAL A 268 15.68 -3.12 43.11
CA VAL A 268 16.85 -2.44 42.58
C VAL A 268 16.40 -1.19 41.79
N LEU A 269 15.39 -1.32 40.93
CA LEU A 269 14.88 -0.19 40.15
C LEU A 269 14.32 0.90 41.06
N ASP A 270 13.66 0.52 42.18
CA ASP A 270 13.11 1.44 43.18
C ASP A 270 14.23 2.34 43.75
N GLY A 271 15.43 1.77 43.93
CA GLY A 271 16.59 2.49 44.43
C GLY A 271 17.24 1.88 45.65
N ALA A 272 16.95 0.60 45.96
CA ALA A 272 17.54 -0.07 47.12
C ALA A 272 19.06 -0.21 46.99
N ASP A 273 19.78 0.17 48.04
CA ASP A 273 21.24 0.02 48.06
C ASP A 273 21.62 -1.44 48.25
N CYS A 274 20.83 -2.18 49.04
CA CYS A 274 21.06 -3.60 49.35
C CYS A 274 19.79 -4.39 49.18
N ILE A 275 19.96 -5.66 48.83
CA ILE A 275 18.89 -6.65 48.79
C ILE A 275 19.28 -7.78 49.76
N MET A 276 18.29 -8.47 50.33
CA MET A 276 18.55 -9.45 51.37
C MET A 276 17.94 -10.82 51.12
N LEU A 277 18.58 -11.84 51.71
CA LEU A 277 18.16 -13.23 51.71
C LEU A 277 18.08 -13.68 53.17
N SER A 278 16.95 -14.27 53.56
CA SER A 278 16.79 -14.74 54.94
C SER A 278 16.80 -16.28 54.99
N GLY A 279 15.63 -16.93 54.98
CA GLY A 279 15.54 -18.38 54.96
C GLY A 279 16.20 -19.00 53.76
N GLU A 280 16.25 -18.26 52.63
CA GLU A 280 16.88 -18.72 51.39
C GLU A 280 18.33 -19.12 51.62
N THR A 281 19.06 -18.39 52.46
CA THR A 281 20.46 -18.72 52.75
C THR A 281 20.67 -19.33 54.13
N ALA A 282 19.80 -18.99 55.10
CA ALA A 282 19.94 -19.50 56.46
C ALA A 282 19.58 -20.97 56.62
N LYS A 283 18.48 -21.42 56.02
CA LYS A 283 18.04 -22.81 56.19
C LYS A 283 17.69 -23.55 54.91
N GLY A 284 17.65 -22.87 53.78
CA GLY A 284 17.25 -23.48 52.52
C GLY A 284 18.22 -24.46 51.88
N ASN A 285 17.73 -25.18 50.88
CA ASN A 285 18.54 -26.17 50.17
C ASN A 285 19.41 -25.59 49.06
N PHE A 286 19.21 -24.32 48.68
CA PHE A 286 19.99 -23.72 47.60
C PHE A 286 20.56 -22.34 48.00
N PRO A 287 21.36 -22.24 49.08
CA PRO A 287 21.86 -20.92 49.50
C PRO A 287 22.76 -20.21 48.49
N VAL A 288 23.71 -20.95 47.88
CA VAL A 288 24.62 -20.38 46.90
C VAL A 288 23.86 -19.95 45.64
N GLU A 289 22.90 -20.77 45.21
CA GLU A 289 22.09 -20.48 44.02
C GLU A 289 21.20 -19.24 44.24
N ALA A 290 20.71 -19.02 45.48
CA ALA A 290 19.91 -17.84 45.80
C ALA A 290 20.77 -16.58 45.69
N VAL A 291 22.04 -16.65 46.14
CA VAL A 291 22.96 -15.52 46.04
C VAL A 291 23.26 -15.24 44.56
N LYS A 292 23.53 -16.31 43.78
CA LYS A 292 23.82 -16.17 42.36
C LYS A 292 22.63 -15.55 41.61
N MET A 293 21.41 -15.93 41.99
CA MET A 293 20.20 -15.40 41.36
C MET A 293 20.03 -13.90 41.66
N GLN A 294 20.23 -13.48 42.93
CA GLN A 294 20.14 -12.05 43.27
C GLN A 294 21.21 -11.26 42.51
N HIS A 295 22.43 -11.83 42.38
CA HIS A 295 23.51 -11.18 41.65
C HIS A 295 23.13 -10.99 40.18
N ALA A 296 22.62 -12.05 39.53
CA ALA A 296 22.24 -12.00 38.11
C ALA A 296 21.13 -11.00 37.85
N ILE A 297 20.10 -10.97 38.72
CA ILE A 297 18.98 -10.03 38.53
C ILE A 297 19.43 -8.59 38.78
N ALA A 298 20.20 -8.35 39.85
CA ALA A 298 20.68 -7.01 40.19
C ALA A 298 21.48 -6.40 39.07
N ARG A 299 22.38 -7.16 38.43
CA ARG A 299 23.17 -6.63 37.32
C ARG A 299 22.27 -6.21 36.15
N GLU A 300 21.27 -7.01 35.84
CA GLU A 300 20.34 -6.69 34.76
C GLU A 300 19.54 -5.43 35.09
N ALA A 301 19.03 -5.34 36.33
CA ALA A 301 18.22 -4.20 36.77
C ALA A 301 19.00 -2.91 36.87
N GLU A 302 20.27 -2.97 37.29
CA GLU A 302 21.11 -1.77 37.38
C GLU A 302 21.34 -1.15 36.04
N ALA A 303 21.53 -1.97 35.00
CA ALA A 303 21.71 -1.46 33.65
C ALA A 303 20.43 -0.80 33.11
N ALA A 304 19.25 -1.27 33.56
CA ALA A 304 17.95 -0.75 33.15
C ALA A 304 17.53 0.53 33.91
N VAL A 305 18.36 1.03 34.86
CA VAL A 305 18.04 2.25 35.60
C VAL A 305 18.06 3.43 34.61
N TYR A 306 17.04 4.29 34.66
CA TYR A 306 16.95 5.43 33.75
C TYR A 306 17.79 6.60 34.31
N HIS A 307 19.13 6.51 34.18
CA HIS A 307 20.05 7.50 34.72
C HIS A 307 19.78 8.92 34.26
N ARG A 308 19.29 9.12 33.02
CA ARG A 308 18.99 10.47 32.51
C ARG A 308 18.07 11.26 33.45
N GLN A 309 16.93 10.70 33.82
CA GLN A 309 16.01 11.40 34.71
C GLN A 309 16.46 11.29 36.18
N LEU A 310 16.94 10.11 36.58
CA LEU A 310 17.39 9.88 37.95
C LEU A 310 18.47 10.87 38.40
N PHE A 311 19.54 11.02 37.63
CA PHE A 311 20.62 11.94 37.99
C PHE A 311 20.12 13.37 38.03
N GLU A 312 19.29 13.75 37.06
CA GLU A 312 18.74 15.09 37.03
C GLU A 312 17.89 15.39 38.27
N GLU A 313 17.06 14.43 38.70
CA GLU A 313 16.24 14.60 39.90
C GLU A 313 17.06 14.58 41.18
N LEU A 314 18.06 13.69 41.29
CA LEU A 314 18.90 13.63 42.48
C LEU A 314 19.76 14.88 42.61
N ARG A 315 20.27 15.38 41.50
CA ARG A 315 21.08 16.60 41.48
C ARG A 315 20.24 17.81 41.87
N ARG A 316 19.00 17.92 41.31
CA ARG A 316 18.11 19.05 41.61
C ARG A 316 17.69 19.03 43.09
N ALA A 317 17.37 17.85 43.62
CA ALA A 317 16.88 17.72 44.98
C ALA A 317 17.94 17.83 46.07
N ALA A 318 19.24 17.54 45.78
CA ALA A 318 20.28 17.67 46.82
C ALA A 318 20.50 19.16 47.11
N PRO A 319 20.48 19.58 48.38
CA PRO A 319 20.56 21.01 48.68
C PRO A 319 21.88 21.64 48.32
N LEU A 320 21.90 22.98 48.17
CA LEU A 320 23.14 23.70 47.95
C LEU A 320 24.03 23.52 49.20
N SER A 321 25.35 23.40 49.00
CA SER A 321 26.23 23.10 50.12
C SER A 321 27.52 23.80 50.04
N ARG A 322 28.07 24.17 51.20
CA ARG A 322 29.40 24.77 51.27
CA ARG A 322 29.39 24.76 51.25
C ARG A 322 30.45 23.77 51.80
N ASP A 323 30.08 22.48 51.96
CA ASP A 323 30.99 21.44 52.41
C ASP A 323 31.80 21.01 51.19
N PRO A 324 33.15 21.11 51.22
CA PRO A 324 33.93 20.75 50.04
C PRO A 324 33.82 19.30 49.56
N THR A 325 33.55 18.35 50.47
CA THR A 325 33.38 16.95 50.06
C THR A 325 32.10 16.82 49.22
N GLU A 326 31.02 17.53 49.65
CA GLU A 326 29.73 17.56 48.96
C GLU A 326 29.86 18.21 47.60
N VAL A 327 30.61 19.30 47.51
CA VAL A 327 30.84 20.03 46.27
C VAL A 327 31.70 19.22 45.29
N THR A 328 32.74 18.55 45.83
CA THR A 328 33.61 17.73 44.99
C THR A 328 32.84 16.53 44.45
N ALA A 329 32.01 15.89 45.29
CA ALA A 329 31.25 14.71 44.89
C ALA A 329 30.33 14.97 43.69
N ILE A 330 29.54 16.07 43.72
CA ILE A 330 28.64 16.38 42.60
C ILE A 330 29.45 16.71 41.35
N GLY A 331 30.57 17.41 41.49
CA GLY A 331 31.43 17.71 40.36
C GLY A 331 32.01 16.46 39.73
N ALA A 332 32.42 15.49 40.56
CA ALA A 332 33.02 14.23 40.10
C ALA A 332 31.98 13.36 39.39
N VAL A 333 30.74 13.29 39.92
CA VAL A 333 29.69 12.50 39.28
C VAL A 333 29.30 13.12 37.93
N GLU A 334 29.24 14.45 37.87
CA GLU A 334 28.94 15.14 36.62
C GLU A 334 30.05 14.86 35.58
N ALA A 335 31.32 14.95 36.01
CA ALA A 335 32.48 14.67 35.15
C ALA A 335 32.44 13.22 34.65
N ALA A 336 32.10 12.26 35.53
CA ALA A 336 32.02 10.85 35.14
C ALA A 336 30.99 10.60 34.03
N PHE A 337 29.79 11.22 34.15
CA PHE A 337 28.76 11.05 33.13
C PHE A 337 29.23 11.65 31.81
N LYS A 338 29.85 12.82 31.84
CA LYS A 338 30.31 13.53 30.65
C LYS A 338 31.25 12.69 29.77
N CYS A 339 32.16 11.93 30.40
CA CYS A 339 33.13 11.14 29.63
C CYS A 339 32.87 9.65 29.65
N CYS A 340 31.73 9.17 30.19
CA CYS A 340 31.43 7.73 30.30
C CYS A 340 32.55 7.06 31.09
N ALA A 341 32.98 7.69 32.21
CA ALA A 341 34.07 7.17 33.02
C ALA A 341 33.81 5.76 33.49
N ALA A 342 34.83 4.91 33.40
CA ALA A 342 34.68 3.52 33.85
C ALA A 342 34.56 3.47 35.38
N ALA A 343 35.20 4.43 36.08
CA ALA A 343 35.18 4.43 37.54
C ALA A 343 35.51 5.81 38.12
N ILE A 344 35.12 6.00 39.38
CA ILE A 344 35.48 7.13 40.19
C ILE A 344 36.30 6.49 41.32
N ILE A 345 37.61 6.75 41.38
CA ILE A 345 38.45 6.21 42.43
C ILE A 345 38.53 7.25 43.52
N VAL A 346 38.14 6.87 44.73
CA VAL A 346 38.12 7.80 45.85
C VAL A 346 38.92 7.26 47.03
N LEU A 347 39.67 8.15 47.68
CA LEU A 347 40.41 7.80 48.90
C LEU A 347 39.52 8.18 50.07
N THR A 348 39.27 7.24 50.99
CA THR A 348 38.39 7.52 52.11
C THR A 348 38.84 6.84 53.39
N THR A 349 38.68 7.51 54.53
CA THR A 349 39.06 6.96 55.82
C THR A 349 37.85 6.34 56.49
N THR A 350 36.72 7.06 56.48
CA THR A 350 35.48 6.62 57.12
C THR A 350 34.46 6.04 56.14
N GLY A 351 34.65 6.26 54.85
CA GLY A 351 33.70 5.87 53.82
C GLY A 351 32.82 7.03 53.37
N ARG A 352 32.81 8.16 54.10
CA ARG A 352 31.95 9.31 53.80
C ARG A 352 32.14 9.88 52.39
N SER A 353 33.38 10.04 51.90
CA SER A 353 33.59 10.57 50.55
C SER A 353 32.97 9.64 49.48
N ALA A 354 33.02 8.32 49.70
CA ALA A 354 32.44 7.35 48.78
C ALA A 354 30.90 7.40 48.86
N GLN A 355 30.36 7.57 50.06
CA GLN A 355 28.91 7.66 50.26
C GLN A 355 28.32 8.88 49.55
N LEU A 356 29.03 10.01 49.59
CA LEU A 356 28.56 11.24 48.93
C LEU A 356 28.60 11.13 47.40
N LEU A 357 29.48 10.27 46.86
CA LEU A 357 29.51 10.03 45.41
C LEU A 357 28.32 9.10 45.05
N SER A 358 28.12 8.04 45.85
CA SER A 358 27.08 7.02 45.70
C SER A 358 25.65 7.62 45.69
N ARG A 359 25.43 8.69 46.46
CA ARG A 359 24.11 9.31 46.56
C ARG A 359 23.58 9.86 45.22
N TYR A 360 24.48 10.20 44.28
CA TYR A 360 24.06 10.68 42.97
C TYR A 360 23.82 9.58 41.93
N ARG A 361 23.96 8.32 42.36
CA ARG A 361 23.79 7.14 41.51
C ARG A 361 24.55 7.22 40.19
N PRO A 362 25.89 7.40 40.24
CA PRO A 362 26.65 7.39 38.97
C PRO A 362 26.58 5.99 38.32
N ARG A 363 26.70 5.94 36.99
CA ARG A 363 26.82 4.64 36.31
C ARG A 363 28.27 4.11 36.58
N ALA A 364 29.26 5.02 36.67
CA ALA A 364 30.66 4.69 36.97
C ALA A 364 30.76 4.07 38.35
N ALA A 365 31.54 2.97 38.46
CA ALA A 365 31.76 2.29 39.73
C ALA A 365 32.54 3.22 40.66
N VAL A 366 32.19 3.24 41.94
CA VAL A 366 32.92 4.06 42.91
C VAL A 366 33.92 3.14 43.61
N ILE A 367 35.18 3.19 43.19
CA ILE A 367 36.23 2.34 43.77
C ILE A 367 36.81 3.08 44.98
N ALA A 368 36.49 2.61 46.17
CA ALA A 368 36.92 3.28 47.39
C ALA A 368 38.16 2.61 47.99
N VAL A 369 39.28 3.31 47.99
CA VAL A 369 40.54 2.81 48.55
C VAL A 369 40.65 3.31 49.98
N THR A 370 40.70 2.38 50.94
CA THR A 370 40.80 2.75 52.35
C THR A 370 41.76 1.85 53.11
N ARG A 371 42.34 2.39 54.19
CA ARG A 371 43.18 1.59 55.10
C ARG A 371 42.32 0.96 56.22
N SER A 372 41.13 1.53 56.49
CA SER A 372 40.25 1.03 57.52
C SER A 372 39.53 -0.23 57.06
N ALA A 373 39.83 -1.37 57.69
CA ALA A 373 39.16 -2.64 57.41
C ALA A 373 37.66 -2.54 57.68
N GLN A 374 37.28 -1.81 58.75
CA GLN A 374 35.87 -1.61 59.06
C GLN A 374 35.15 -0.75 58.02
N ALA A 375 35.76 0.37 57.57
CA ALA A 375 35.13 1.21 56.56
C ALA A 375 34.97 0.45 55.25
N ALA A 376 35.97 -0.41 54.90
CA ALA A 376 35.89 -1.23 53.70
C ALA A 376 34.67 -2.18 53.76
N ARG A 377 34.38 -2.74 54.95
CA ARG A 377 33.24 -3.62 55.11
C ARG A 377 31.93 -2.81 55.09
N GLN A 378 31.89 -1.69 55.80
CA GLN A 378 30.67 -0.88 55.92
C GLN A 378 30.21 -0.20 54.64
N VAL A 379 31.12 0.17 53.72
CA VAL A 379 30.71 0.87 52.49
C VAL A 379 29.89 -0.03 51.54
N HIS A 380 29.81 -1.34 51.80
CA HIS A 380 28.93 -2.23 51.05
C HIS A 380 27.46 -1.80 51.21
N LEU A 381 27.13 -1.00 52.24
CA LEU A 381 25.78 -0.49 52.44
C LEU A 381 25.38 0.52 51.34
N CYS A 382 26.35 1.15 50.68
CA CYS A 382 26.11 2.18 49.67
C CYS A 382 26.21 1.63 48.28
N ARG A 383 25.14 1.79 47.46
CA ARG A 383 25.16 1.24 46.11
C ARG A 383 26.31 1.73 45.26
N GLY A 384 26.97 0.78 44.59
CA GLY A 384 28.04 1.09 43.65
C GLY A 384 29.38 1.43 44.26
N VAL A 385 29.56 1.18 45.56
CA VAL A 385 30.85 1.41 46.20
C VAL A 385 31.56 0.05 46.30
N PHE A 386 32.74 -0.03 45.68
CA PHE A 386 33.56 -1.23 45.61
C PHE A 386 34.79 -1.02 46.50
N PRO A 387 34.76 -1.56 47.73
CA PRO A 387 35.87 -1.32 48.66
C PRO A 387 37.14 -2.10 48.40
N LEU A 388 38.27 -1.39 48.46
CA LEU A 388 39.59 -1.98 48.31
C LEU A 388 40.35 -1.69 49.59
N LEU A 389 40.77 -2.74 50.29
CA LEU A 389 41.52 -2.57 51.54
C LEU A 389 43.00 -2.45 51.23
N TYR A 390 43.55 -1.26 51.47
CA TYR A 390 44.95 -0.93 51.22
C TYR A 390 45.82 -1.49 52.33
N ARG A 391 46.66 -2.45 51.98
CA ARG A 391 47.58 -3.08 52.93
C ARG A 391 49.03 -3.06 52.41
N GLU A 392 49.38 -2.05 51.60
CA GLU A 392 50.73 -1.94 51.07
CA GLU A 392 50.73 -1.90 51.05
C GLU A 392 51.60 -1.05 51.98
N PRO A 393 52.94 -1.24 51.95
CA PRO A 393 53.79 -0.41 52.82
C PRO A 393 53.63 1.09 52.56
N PRO A 394 53.73 1.91 53.63
CA PRO A 394 53.53 3.36 53.46
C PRO A 394 54.64 4.09 52.71
N GLU A 395 54.41 5.39 52.41
CA GLU A 395 55.38 6.25 51.75
C GLU A 395 55.77 7.40 52.69
N ALA A 396 57.03 7.87 52.59
CA ALA A 396 57.52 8.95 53.46
C ALA A 396 56.84 10.28 53.16
N ILE A 397 56.68 10.61 51.87
CA ILE A 397 56.02 11.83 51.46
C ILE A 397 54.53 11.54 51.29
N TRP A 398 53.66 12.28 52.01
CA TRP A 398 52.20 12.09 51.97
C TRP A 398 51.63 12.11 50.55
N ALA A 399 52.10 13.06 49.70
CA ALA A 399 51.67 13.14 48.30
C ALA A 399 51.99 11.84 47.55
N ASP A 400 53.18 11.24 47.79
CA ASP A 400 53.55 9.97 47.18
C ASP A 400 52.69 8.83 47.67
N ASP A 401 52.30 8.87 48.95
CA ASP A 401 51.45 7.83 49.53
C ASP A 401 50.05 7.88 48.87
N VAL A 402 49.56 9.09 48.55
CA VAL A 402 48.27 9.30 47.89
C VAL A 402 48.34 8.70 46.50
N ASP A 403 49.38 9.03 45.72
CA ASP A 403 49.56 8.51 44.37
CA ASP A 403 49.54 8.50 44.37
C ASP A 403 49.61 6.98 44.35
N ARG A 404 50.24 6.39 45.37
CA ARG A 404 50.36 4.94 45.46
C ARG A 404 49.00 4.28 45.71
N ARG A 405 48.14 4.93 46.49
CA ARG A 405 46.80 4.40 46.75
C ARG A 405 45.91 4.48 45.49
N VAL A 406 46.08 5.55 44.69
CA VAL A 406 45.36 5.75 43.43
C VAL A 406 45.83 4.69 42.41
N GLN A 407 47.14 4.37 42.37
CA GLN A 407 47.65 3.33 41.49
C GLN A 407 47.16 1.94 41.93
N PHE A 408 47.03 1.72 43.24
CA PHE A 408 46.50 0.48 43.76
C PHE A 408 45.00 0.29 43.31
N GLY A 409 44.25 1.39 43.27
CA GLY A 409 42.86 1.37 42.82
C GLY A 409 42.79 1.03 41.35
N ILE A 410 43.70 1.60 40.54
CA ILE A 410 43.78 1.33 39.11
C ILE A 410 44.18 -0.14 38.84
N GLU A 411 45.20 -0.65 39.55
CA GLU A 411 45.66 -2.02 39.38
C GLU A 411 44.62 -3.04 39.83
N SER A 412 43.91 -2.76 40.94
CA SER A 412 42.84 -3.65 41.38
C SER A 412 41.66 -3.61 40.38
N GLY A 413 41.40 -2.43 39.82
CA GLY A 413 40.33 -2.24 38.84
C GLY A 413 40.64 -2.99 37.54
N LYS A 414 41.90 -2.97 37.10
CA LYS A 414 42.30 -3.68 35.89
C LYS A 414 42.17 -5.19 36.11
N LEU A 415 42.64 -5.68 37.27
CA LEU A 415 42.59 -7.11 37.59
C LEU A 415 41.16 -7.61 37.67
N ARG A 416 40.27 -6.82 38.28
CA ARG A 416 38.87 -7.25 38.43
C ARG A 416 37.99 -7.00 37.21
N GLY A 417 38.50 -6.33 36.17
CA GLY A 417 37.74 -6.08 34.95
C GLY A 417 37.01 -4.74 34.90
N PHE A 418 37.15 -3.92 35.95
CA PHE A 418 36.53 -2.59 36.01
C PHE A 418 37.16 -1.64 35.00
N LEU A 419 38.48 -1.74 34.80
CA LEU A 419 39.22 -0.80 33.96
C LEU A 419 40.05 -1.45 32.89
N ARG A 420 40.22 -0.73 31.78
CA ARG A 420 41.04 -1.13 30.64
C ARG A 420 41.85 0.08 30.17
N VAL A 421 42.95 -0.16 29.46
CA VAL A 421 43.78 0.90 28.91
C VAL A 421 42.95 1.76 27.96
N GLY A 422 43.06 3.07 28.09
CA GLY A 422 42.27 3.98 27.27
C GLY A 422 41.03 4.50 27.97
N ASP A 423 40.59 3.83 29.05
CA ASP A 423 39.43 4.29 29.83
C ASP A 423 39.75 5.60 30.53
N LEU A 424 38.71 6.38 30.84
CA LEU A 424 38.90 7.58 31.64
C LEU A 424 38.38 7.28 33.03
N VAL A 425 39.08 7.76 34.05
CA VAL A 425 38.65 7.62 35.43
C VAL A 425 38.67 8.99 36.09
N ILE A 426 37.83 9.16 37.10
CA ILE A 426 37.76 10.38 37.88
C ILE A 426 38.39 10.03 39.21
N VAL A 427 39.35 10.81 39.69
CA VAL A 427 40.03 10.51 40.95
C VAL A 427 39.70 11.58 41.97
N VAL A 428 39.19 11.15 43.13
CA VAL A 428 38.77 12.05 44.20
C VAL A 428 39.67 11.89 45.43
N THR A 429 40.37 12.96 45.80
CA THR A 429 41.29 12.99 46.94
C THR A 429 41.08 14.32 47.78
N GLY A 430 41.87 14.51 48.83
CA GLY A 430 41.84 15.70 49.67
C GLY A 430 43.17 16.42 49.71
N TRP A 431 43.20 17.61 50.33
CA TRP A 431 44.40 18.44 50.36
C TRP A 431 45.36 18.15 51.53
N ARG A 432 44.88 17.45 52.56
CA ARG A 432 45.69 17.11 53.72
C ARG A 432 45.24 15.77 54.33
N PRO A 433 46.10 15.10 55.15
CA PRO A 433 45.69 13.82 55.75
C PRO A 433 44.53 13.96 56.74
N GLY A 434 43.88 12.84 57.05
CA GLY A 434 42.75 12.82 57.96
C GLY A 434 41.42 12.96 57.23
N SER A 435 40.35 12.48 57.86
CA SER A 435 39.01 12.54 57.29
C SER A 435 38.44 13.97 57.27
N GLY A 436 37.59 14.25 56.28
CA GLY A 436 36.91 15.54 56.17
C GLY A 436 37.53 16.59 55.28
N TYR A 437 38.61 16.26 54.56
CA TYR A 437 39.29 17.24 53.73
C TYR A 437 39.25 16.95 52.24
N THR A 438 38.34 16.07 51.77
CA THR A 438 38.21 15.81 50.32
C THR A 438 37.82 17.11 49.60
N ASN A 439 38.57 17.49 48.56
CA ASN A 439 38.31 18.72 47.84
C ASN A 439 38.88 18.71 46.42
N ILE A 440 39.38 17.56 45.92
CA ILE A 440 40.00 17.51 44.61
C ILE A 440 39.42 16.44 43.72
N MET A 441 39.23 16.80 42.45
CA MET A 441 38.75 15.87 41.44
CA MET A 441 38.71 15.91 41.42
C MET A 441 39.68 15.97 40.24
N ARG A 442 40.14 14.82 39.74
CA ARG A 442 41.05 14.79 38.60
C ARG A 442 40.56 13.84 37.51
N VAL A 443 40.81 14.18 36.25
CA VAL A 443 40.44 13.33 35.12
C VAL A 443 41.72 12.62 34.65
N LEU A 444 41.76 11.30 34.74
CA LEU A 444 42.95 10.51 34.41
C LEU A 444 42.67 9.51 33.30
N SER A 445 43.60 9.37 32.36
CA SER A 445 43.48 8.39 31.29
C SER A 445 44.25 7.15 31.72
N ILE A 446 43.63 5.96 31.64
CA ILE A 446 44.27 4.73 32.05
C ILE A 446 45.35 4.25 31.08
N SER A 447 46.56 4.08 31.65
CA SER A 447 47.82 3.62 31.06
C SER A 447 48.42 4.61 30.08
N ARG B 12 12.09 25.24 49.30
CA ARG B 12 12.88 25.95 50.30
C ARG B 12 14.00 25.09 50.88
N ALA B 13 13.76 23.77 51.07
CA ALA B 13 14.74 22.81 51.61
C ALA B 13 16.05 22.72 50.82
N ASP B 14 15.97 22.89 49.48
CA ASP B 14 17.16 22.85 48.62
C ASP B 14 18.09 24.07 48.80
N VAL B 15 17.60 25.14 49.44
CA VAL B 15 18.40 26.35 49.71
C VAL B 15 18.34 26.77 51.19
N ALA B 16 17.76 25.96 52.09
CA ALA B 16 17.56 26.34 53.49
C ALA B 16 18.86 26.51 54.32
N GLN B 17 19.76 25.51 54.34
CA GLN B 17 21.01 25.62 55.10
C GLN B 17 21.91 26.73 54.55
N LEU B 18 21.94 26.92 53.21
CA LEU B 18 22.74 27.99 52.62
C LEU B 18 22.16 29.37 52.94
N THR B 19 20.82 29.47 53.06
CA THR B 19 20.16 30.74 53.42
C THR B 19 20.51 31.11 54.87
N GLN B 20 20.67 30.12 55.75
CA GLN B 20 21.05 30.38 57.13
C GLN B 20 22.50 30.87 57.21
N GLU B 21 23.42 30.20 56.49
CA GLU B 21 24.84 30.56 56.51
C GLU B 21 25.16 31.87 55.80
N LEU B 22 24.75 32.03 54.53
CA LEU B 22 25.01 33.25 53.77
C LEU B 22 24.04 34.40 54.09
N GLY B 23 22.87 34.07 54.60
CA GLY B 23 21.87 35.07 54.96
C GLY B 23 20.78 35.26 53.93
N THR B 24 19.63 35.80 54.37
CA THR B 24 18.52 36.05 53.45
C THR B 24 18.85 37.17 52.48
N ALA B 25 19.65 38.18 52.89
CA ALA B 25 20.01 39.26 51.99
C ALA B 25 20.78 38.77 50.77
N PHE B 26 21.63 37.74 50.94
CA PHE B 26 22.39 37.14 49.84
C PHE B 26 21.41 36.55 48.80
N PHE B 27 20.40 35.80 49.27
CA PHE B 27 19.45 35.15 48.37
C PHE B 27 18.38 36.08 47.81
N GLN B 28 18.40 37.38 48.17
CA GLN B 28 17.47 38.34 47.61
C GLN B 28 18.12 39.06 46.41
N GLN B 29 19.47 39.20 46.42
CA GLN B 29 20.26 39.87 45.40
C GLN B 29 20.43 39.01 44.13
N GLN B 30 20.96 39.62 43.06
CA GLN B 30 21.30 39.06 41.76
C GLN B 30 20.24 38.10 41.19
N GLN B 31 18.95 38.42 41.37
CA GLN B 31 17.82 37.63 40.89
C GLN B 31 17.86 36.18 41.35
N LEU B 32 18.40 35.93 42.56
CA LEU B 32 18.46 34.56 43.07
C LEU B 32 17.09 33.94 43.30
N PRO B 33 16.02 34.65 43.75
CA PRO B 33 14.70 33.97 43.83
C PRO B 33 14.25 33.50 42.44
N ALA B 34 14.45 34.31 41.38
CA ALA B 34 14.10 33.90 40.01
C ALA B 34 14.99 32.77 39.49
N ALA B 35 16.24 32.70 39.98
CA ALA B 35 17.19 31.65 39.59
C ALA B 35 16.80 30.29 40.15
N MET B 36 16.20 30.24 41.34
CA MET B 36 15.80 28.96 41.96
C MET B 36 14.43 28.45 41.48
N ALA B 37 13.76 29.16 40.55
CA ALA B 37 12.42 28.78 40.09
C ALA B 37 12.40 27.49 39.30
N ASP B 38 11.30 26.71 39.43
CA ASP B 38 11.15 25.41 38.79
C ASP B 38 10.70 25.47 37.34
N THR B 39 10.08 26.59 36.91
CA THR B 39 9.67 26.75 35.51
C THR B 39 10.13 28.12 34.97
N PHE B 40 10.19 28.28 33.64
CA PHE B 40 10.54 29.56 33.05
C PHE B 40 9.46 30.60 33.37
N LEU B 41 8.18 30.20 33.43
CA LEU B 41 7.08 31.11 33.76
C LEU B 41 7.28 31.68 35.17
N GLU B 42 7.58 30.80 36.15
CA GLU B 42 7.83 31.22 37.52
C GLU B 42 9.08 32.08 37.61
N HIS B 43 10.11 31.78 36.79
CA HIS B 43 11.33 32.57 36.70
C HIS B 43 11.00 34.01 36.30
N LEU B 44 10.17 34.18 35.26
CA LEU B 44 9.75 35.50 34.80
C LEU B 44 8.97 36.23 35.90
N CYS B 45 8.01 35.54 36.53
CA CYS B 45 7.17 36.09 37.60
C CYS B 45 7.97 36.55 38.81
N LEU B 46 9.17 35.98 39.04
CA LEU B 46 9.99 36.31 40.19
C LEU B 46 11.06 37.36 39.92
N LEU B 47 11.20 37.86 38.65
CA LEU B 47 12.19 38.91 38.35
C LEU B 47 11.84 40.17 39.18
N ASP B 48 12.84 40.74 39.83
CA ASP B 48 12.62 41.81 40.80
C ASP B 48 13.50 43.00 40.53
N ILE B 49 12.89 44.17 40.25
CA ILE B 49 13.68 45.40 40.01
C ILE B 49 14.46 45.86 41.26
N ASP B 50 14.08 45.39 42.46
CA ASP B 50 14.81 45.71 43.69
C ASP B 50 15.97 44.75 43.98
N SER B 51 16.08 43.65 43.20
CA SER B 51 17.17 42.68 43.37
C SER B 51 18.37 43.21 42.62
N GLU B 52 19.36 43.73 43.33
CA GLU B 52 20.52 44.35 42.71
C GLU B 52 21.58 43.39 42.23
N PRO B 53 22.22 43.68 41.09
CA PRO B 53 23.30 42.80 40.60
C PRO B 53 24.52 42.87 41.53
N VAL B 54 25.20 41.73 41.74
CA VAL B 54 26.37 41.69 42.61
C VAL B 54 27.61 41.28 41.82
N ALA B 55 27.44 40.31 40.91
CA ALA B 55 28.55 39.81 40.10
C ALA B 55 29.11 40.85 39.17
N ALA B 56 30.40 40.69 38.80
CA ALA B 56 31.04 41.58 37.85
C ALA B 56 30.39 41.34 36.47
N ARG B 57 30.35 42.40 35.65
CA ARG B 57 29.75 42.31 34.33
C ARG B 57 30.53 41.36 33.45
N SER B 58 29.85 40.33 32.96
CA SER B 58 30.45 39.25 32.20
C SER B 58 30.42 39.38 30.67
N THR B 59 29.45 40.11 30.08
CA THR B 59 29.38 40.27 28.62
C THR B 59 30.32 41.40 28.23
N SER B 60 31.28 41.13 27.35
CA SER B 60 32.23 42.16 26.95
C SER B 60 31.63 43.21 26.06
N ILE B 61 32.17 44.42 26.16
CA ILE B 61 31.74 45.54 25.34
C ILE B 61 32.80 45.84 24.30
N ILE B 62 32.39 45.88 23.04
CA ILE B 62 33.25 46.25 21.93
C ILE B 62 32.87 47.69 21.56
N ALA B 63 33.84 48.60 21.57
CA ALA B 63 33.58 49.99 21.21
C ALA B 63 34.35 50.32 19.95
N THR B 64 33.68 50.89 18.95
CA THR B 64 34.34 51.27 17.71
C THR B 64 35.10 52.59 17.92
N ILE B 65 36.37 52.62 17.53
CA ILE B 65 37.18 53.80 17.69
C ILE B 65 37.02 54.72 16.49
N GLY B 66 36.87 56.00 16.76
CA GLY B 66 36.74 57.01 15.71
C GLY B 66 37.04 58.40 16.25
N PRO B 67 36.66 59.46 15.51
CA PRO B 67 36.94 60.83 16.00
C PRO B 67 36.44 61.15 17.41
N ALA B 68 35.31 60.56 17.82
CA ALA B 68 34.77 60.80 19.16
C ALA B 68 35.45 60.02 20.29
N SER B 69 36.27 59.03 19.95
CA SER B 69 36.88 58.17 20.96
C SER B 69 38.35 57.85 20.72
N ARG B 70 39.05 58.70 19.97
CA ARG B 70 40.43 58.45 19.59
C ARG B 70 41.49 58.96 20.54
N SER B 71 41.21 60.05 21.27
CA SER B 71 42.21 60.62 22.17
C SER B 71 42.55 59.70 23.34
N VAL B 72 43.78 59.77 23.83
CA VAL B 72 44.26 58.96 24.93
C VAL B 72 43.44 59.19 26.20
N GLU B 73 43.10 60.46 26.49
CA GLU B 73 42.32 60.78 27.67
C GLU B 73 40.89 60.26 27.58
N ARG B 74 40.28 60.31 26.37
CA ARG B 74 38.93 59.79 26.13
C ARG B 74 38.95 58.26 26.27
N LEU B 75 39.99 57.60 25.73
CA LEU B 75 40.17 56.16 25.81
C LEU B 75 40.35 55.68 27.25
N LYS B 76 41.01 56.47 28.10
CA LYS B 76 41.17 56.10 29.52
C LYS B 76 39.80 56.07 30.20
N GLU B 77 38.92 57.04 29.86
CA GLU B 77 37.57 57.06 30.44
C GLU B 77 36.73 55.89 29.91
N MET B 78 36.91 55.50 28.64
CA MET B 78 36.18 54.37 28.07
CA MET B 78 36.17 54.38 28.07
C MET B 78 36.61 53.05 28.70
N ILE B 79 37.90 52.91 29.03
CA ILE B 79 38.40 51.69 29.68
C ILE B 79 37.79 51.61 31.08
N LYS B 80 37.75 52.74 31.80
CA LYS B 80 37.16 52.82 33.13
C LYS B 80 35.66 52.56 33.09
N ALA B 81 34.97 52.99 32.01
CA ALA B 81 33.53 52.77 31.83
C ALA B 81 33.17 51.30 31.52
N GLY B 82 34.14 50.53 31.01
CA GLY B 82 33.92 49.13 30.72
C GLY B 82 34.30 48.59 29.36
N MET B 83 34.91 49.41 28.49
CA MET B 83 35.33 48.93 27.17
C MET B 83 36.37 47.79 27.31
N ASN B 84 36.11 46.65 26.67
CA ASN B 84 37.02 45.51 26.74
C ASN B 84 37.75 45.26 25.43
N ILE B 85 37.11 45.61 24.29
CA ILE B 85 37.66 45.42 22.96
C ILE B 85 37.47 46.69 22.15
N ALA B 86 38.55 47.17 21.51
CA ALA B 86 38.51 48.34 20.66
C ALA B 86 38.43 47.89 19.21
N ARG B 87 37.38 48.31 18.49
CA ARG B 87 37.20 47.94 17.08
C ARG B 87 37.69 49.04 16.14
N LEU B 88 38.51 48.67 15.15
CA LEU B 88 39.01 49.60 14.14
C LEU B 88 38.27 49.26 12.87
N ASN B 89 37.44 50.18 12.38
CA ASN B 89 36.66 49.93 11.17
C ASN B 89 37.48 50.33 9.94
N PHE B 90 38.03 49.34 9.23
CA PHE B 90 38.84 49.60 8.04
C PHE B 90 38.03 49.97 6.80
N SER B 91 36.71 50.16 6.93
CA SER B 91 35.90 50.68 5.82
C SER B 91 36.24 52.16 5.57
N HIS B 92 36.73 52.89 6.60
CA HIS B 92 37.11 54.29 6.52
C HIS B 92 38.49 54.48 7.17
N GLY B 93 39.20 55.52 6.76
CA GLY B 93 40.51 55.83 7.34
C GLY B 93 41.67 55.11 6.68
N SER B 94 42.82 55.77 6.68
CA SER B 94 44.05 55.22 6.09
C SER B 94 44.78 54.31 7.10
N HIS B 95 45.84 53.62 6.65
CA HIS B 95 46.66 52.81 7.55
C HIS B 95 47.32 53.68 8.62
N GLU B 96 47.72 54.91 8.26
CA GLU B 96 48.34 55.85 9.20
C GLU B 96 47.35 56.24 10.29
N TYR B 97 46.07 56.46 9.92
CA TYR B 97 45.02 56.80 10.87
C TYR B 97 44.81 55.66 11.87
N HIS B 98 44.70 54.43 11.36
CA HIS B 98 44.48 53.27 12.23
C HIS B 98 45.68 52.94 13.10
N ALA B 99 46.91 53.17 12.61
CA ALA B 99 48.10 52.94 13.43
C ALA B 99 48.13 53.91 14.62
N GLU B 100 47.68 55.16 14.40
CA GLU B 100 47.64 56.14 15.48
C GLU B 100 46.56 55.77 16.50
N SER B 101 45.41 55.23 16.03
CA SER B 101 44.34 54.77 16.91
C SER B 101 44.86 53.63 17.80
N ILE B 102 45.59 52.67 17.20
CA ILE B 102 46.18 51.54 17.93
C ILE B 102 47.16 52.04 18.99
N ALA B 103 48.04 52.99 18.63
CA ALA B 103 49.01 53.55 19.57
C ALA B 103 48.31 54.25 20.73
N ASN B 104 47.23 54.99 20.45
CA ASN B 104 46.48 55.70 21.49
C ASN B 104 45.76 54.73 22.42
N VAL B 105 45.22 53.62 21.88
CA VAL B 105 44.57 52.60 22.69
C VAL B 105 45.61 51.97 23.61
N ARG B 106 46.75 51.55 23.06
CA ARG B 106 47.82 50.95 23.85
C ARG B 106 48.39 51.88 24.91
N GLU B 107 48.50 53.19 24.62
CA GLU B 107 48.98 54.15 25.60
C GLU B 107 48.00 54.25 26.77
N ALA B 108 46.69 54.33 26.46
CA ALA B 108 45.65 54.40 27.49
C ALA B 108 45.61 53.12 28.33
N VAL B 109 45.71 51.95 27.69
CA VAL B 109 45.69 50.66 28.38
C VAL B 109 46.90 50.50 29.29
N GLU B 110 48.09 50.83 28.78
CA GLU B 110 49.32 50.68 29.55
C GLU B 110 49.50 51.73 30.64
N SER B 111 48.68 52.80 30.65
CA SER B 111 48.74 53.79 31.73
C SER B 111 48.29 53.19 33.09
N PHE B 112 47.61 52.02 33.08
CA PHE B 112 47.14 51.33 34.28
C PHE B 112 48.05 50.11 34.67
N ALA B 113 49.11 49.82 33.87
CA ALA B 113 50.02 48.67 34.10
C ALA B 113 50.87 48.73 35.36
N GLY B 114 51.00 49.93 35.94
CA GLY B 114 51.74 50.15 37.17
C GLY B 114 51.17 49.42 38.38
N SER B 115 49.89 49.01 38.29
CA SER B 115 49.23 48.26 39.35
C SER B 115 48.77 46.93 38.75
N PRO B 116 49.65 45.92 38.76
CA PRO B 116 49.30 44.62 38.16
C PRO B 116 48.06 43.90 38.71
N LEU B 117 47.70 44.13 39.97
CA LEU B 117 46.53 43.50 40.58
C LEU B 117 45.20 44.04 40.02
N SER B 118 45.21 45.24 39.41
CA SER B 118 43.99 45.85 38.88
C SER B 118 44.03 46.16 37.37
N TYR B 119 45.17 45.89 36.70
CA TYR B 119 45.36 46.15 35.27
C TYR B 119 44.31 45.43 34.43
N ARG B 120 43.69 46.17 33.50
CA ARG B 120 42.68 45.59 32.63
C ARG B 120 43.18 45.46 31.21
N PRO B 121 43.37 44.22 30.73
CA PRO B 121 43.74 44.05 29.31
C PRO B 121 42.61 44.52 28.38
N VAL B 122 42.94 45.07 27.20
CA VAL B 122 41.95 45.52 26.23
C VAL B 122 42.37 44.98 24.87
N ALA B 123 41.50 44.23 24.19
CA ALA B 123 41.82 43.66 22.89
C ALA B 123 41.69 44.67 21.76
N ILE B 124 42.39 44.45 20.63
CA ILE B 124 42.28 45.32 19.47
C ILE B 124 41.78 44.46 18.32
N ALA B 125 40.64 44.83 17.74
CA ALA B 125 40.03 44.09 16.66
C ALA B 125 40.00 44.89 15.37
N LEU B 126 40.35 44.25 14.26
CA LEU B 126 40.36 44.89 12.95
C LEU B 126 39.14 44.41 12.19
N ASP B 127 38.26 45.34 11.81
CA ASP B 127 37.05 45.00 11.07
C ASP B 127 37.32 45.35 9.61
N THR B 128 37.32 44.35 8.73
CA THR B 128 37.64 44.54 7.32
C THR B 128 36.57 45.26 6.50
N LYS B 129 37.01 45.91 5.40
CA LYS B 129 36.12 46.62 4.48
C LYS B 129 35.16 45.63 3.80
N GLY B 130 35.68 44.48 3.40
CA GLY B 130 34.86 43.47 2.77
C GLY B 130 35.14 43.24 1.30
N PRO B 131 34.47 42.25 0.71
CA PRO B 131 34.70 41.92 -0.70
C PRO B 131 34.08 42.87 -1.72
N GLY B 132 33.10 43.65 -1.29
CA GLY B 132 32.39 44.56 -2.18
C GLY B 132 31.60 43.79 -3.22
N SER B 133 31.79 44.14 -4.50
CA SER B 133 31.11 43.43 -5.59
C SER B 133 31.82 42.12 -6.01
N GLY B 134 33.04 41.90 -5.52
CA GLY B 134 33.82 40.71 -5.84
C GLY B 134 33.35 39.43 -5.21
N PRO B 135 33.86 38.28 -5.67
CA PRO B 135 33.41 37.00 -5.12
C PRO B 135 34.17 36.50 -3.89
N GLY B 136 35.40 36.97 -3.70
CA GLY B 136 36.24 36.55 -2.58
C GLY B 136 37.03 37.68 -1.97
N LEU B 137 38.17 37.34 -1.34
CA LEU B 137 39.04 38.31 -0.66
C LEU B 137 39.57 39.42 -1.56
N SER B 138 39.19 40.67 -1.26
CA SER B 138 39.61 41.83 -2.03
C SER B 138 41.09 42.16 -1.80
N GLU B 139 41.70 42.93 -2.73
CA GLU B 139 43.09 43.34 -2.60
C GLU B 139 43.30 44.28 -1.43
N GLN B 140 42.31 45.15 -1.14
CA GLN B 140 42.42 46.05 0.02
C GLN B 140 42.41 45.24 1.31
N ASP B 141 41.57 44.19 1.38
CA ASP B 141 41.52 43.33 2.56
C ASP B 141 42.85 42.60 2.78
N VAL B 142 43.54 42.18 1.70
CA VAL B 142 44.84 41.52 1.82
C VAL B 142 45.85 42.49 2.46
N ARG B 143 45.84 43.76 2.03
CA ARG B 143 46.74 44.77 2.58
C ARG B 143 46.38 45.14 4.02
N ASP B 144 45.08 45.23 4.33
CA ASP B 144 44.61 45.58 5.66
C ASP B 144 44.90 44.46 6.66
N LEU B 145 44.73 43.20 6.24
CA LEU B 145 45.02 42.05 7.09
C LEU B 145 46.53 41.97 7.37
N ARG B 146 47.37 42.29 6.37
CA ARG B 146 48.83 42.32 6.53
C ARG B 146 49.20 43.41 7.55
N PHE B 147 48.51 44.58 7.51
CA PHE B 147 48.70 45.68 8.46
C PHE B 147 48.37 45.18 9.87
N GLY B 148 47.26 44.45 10.01
CA GLY B 148 46.82 43.91 11.29
C GLY B 148 47.86 43.01 11.93
N VAL B 149 48.47 42.12 11.14
CA VAL B 149 49.53 41.23 11.62
C VAL B 149 50.75 42.03 12.05
N GLU B 150 51.17 43.00 11.22
CA GLU B 150 52.32 43.85 11.51
C GLU B 150 52.11 44.70 12.75
N HIS B 151 50.87 45.11 13.02
CA HIS B 151 50.57 45.91 14.21
C HIS B 151 50.08 45.10 15.43
N GLY B 152 50.15 43.76 15.34
CA GLY B 152 49.78 42.88 16.44
C GLY B 152 48.34 42.91 16.91
N VAL B 153 47.38 43.01 15.97
CA VAL B 153 45.96 42.99 16.37
C VAL B 153 45.61 41.61 16.93
N ASP B 154 44.62 41.56 17.83
CA ASP B 154 44.24 40.31 18.47
C ASP B 154 43.14 39.56 17.73
N ILE B 155 42.24 40.30 17.10
CA ILE B 155 41.06 39.74 16.46
C ILE B 155 40.81 40.38 15.10
N VAL B 156 40.21 39.62 14.20
CA VAL B 156 39.77 40.13 12.92
C VAL B 156 38.25 39.88 12.84
N PHE B 157 37.46 40.92 12.56
CA PHE B 157 36.04 40.78 12.31
C PHE B 157 35.96 40.78 10.78
N ALA B 158 35.85 39.61 10.16
CA ALA B 158 35.83 39.48 8.71
C ALA B 158 34.47 39.79 8.10
N SER B 159 34.38 40.89 7.35
CA SER B 159 33.12 41.30 6.73
C SER B 159 32.61 40.40 5.62
N PHE B 160 31.27 40.28 5.53
CA PHE B 160 30.55 39.53 4.51
C PHE B 160 31.06 38.11 4.26
N VAL B 161 31.20 37.31 5.33
CA VAL B 161 31.62 35.92 5.17
C VAL B 161 30.40 35.14 4.65
N ARG B 162 30.53 34.50 3.49
CA ARG B 162 29.43 33.76 2.88
C ARG B 162 29.62 32.24 2.86
N LYS B 163 30.85 31.77 3.05
CA LYS B 163 31.17 30.34 2.99
C LYS B 163 32.52 30.06 3.69
N ALA B 164 32.82 28.79 3.95
CA ALA B 164 34.05 28.36 4.61
C ALA B 164 35.33 28.82 3.89
N SER B 165 35.33 28.84 2.54
CA SER B 165 36.51 29.28 1.79
C SER B 165 36.84 30.76 2.01
N ASP B 166 35.83 31.59 2.37
CA ASP B 166 36.09 32.99 2.67
C ASP B 166 36.95 33.12 3.93
N VAL B 167 36.69 32.28 4.94
CA VAL B 167 37.46 32.36 6.19
C VAL B 167 38.87 31.74 5.96
N ALA B 168 39.00 30.72 5.09
CA ALA B 168 40.31 30.15 4.74
C ALA B 168 41.16 31.23 4.05
N ALA B 169 40.55 32.05 3.19
CA ALA B 169 41.25 33.13 2.50
C ALA B 169 41.75 34.19 3.50
N VAL B 170 40.94 34.53 4.52
CA VAL B 170 41.33 35.49 5.55
C VAL B 170 42.52 34.93 6.35
N ARG B 171 42.43 33.64 6.71
CA ARG B 171 43.48 32.96 7.46
CA ARG B 171 43.48 32.95 7.46
C ARG B 171 44.78 32.94 6.67
N ALA B 172 44.72 32.66 5.36
CA ALA B 172 45.90 32.64 4.50
C ALA B 172 46.52 34.04 4.39
N ALA B 173 45.69 35.09 4.24
CA ALA B 173 46.18 36.47 4.16
C ALA B 173 46.86 36.95 5.46
N LEU B 174 46.54 36.32 6.60
CA LEU B 174 47.20 36.63 7.86
C LEU B 174 48.65 36.07 7.91
N GLY B 175 48.92 35.02 7.13
CA GLY B 175 50.24 34.43 7.03
C GLY B 175 50.70 33.63 8.23
N PRO B 176 51.97 33.18 8.20
CA PRO B 176 52.48 32.36 9.30
C PRO B 176 52.63 33.12 10.63
N GLU B 177 52.81 34.44 10.57
CA GLU B 177 52.93 35.23 11.81
C GLU B 177 51.57 35.60 12.46
N GLY B 178 50.46 35.39 11.75
CA GLY B 178 49.15 35.72 12.28
C GLY B 178 48.31 34.52 12.65
N HIS B 179 48.95 33.40 12.99
CA HIS B 179 48.26 32.17 13.36
C HIS B 179 47.45 32.29 14.67
N GLY B 180 47.93 33.13 15.57
CA GLY B 180 47.28 33.34 16.86
C GLY B 180 46.13 34.32 16.86
N ILE B 181 45.90 35.04 15.75
CA ILE B 181 44.81 36.01 15.64
C ILE B 181 43.45 35.29 15.53
N LYS B 182 42.47 35.72 16.32
CA LYS B 182 41.13 35.11 16.28
C LYS B 182 40.34 35.65 15.10
N ILE B 183 39.69 34.78 14.34
CA ILE B 183 38.86 35.22 13.23
C ILE B 183 37.37 35.09 13.59
N ILE B 184 36.68 36.23 13.69
CA ILE B 184 35.25 36.28 13.97
C ILE B 184 34.57 36.60 12.65
N SER B 185 33.83 35.63 12.10
CA SER B 185 33.15 35.83 10.81
C SER B 185 31.86 36.65 10.96
N LYS B 186 31.73 37.72 10.17
CA LYS B 186 30.52 38.54 10.19
C LYS B 186 29.49 37.96 9.24
N ILE B 187 28.30 37.62 9.74
CA ILE B 187 27.22 37.08 8.91
C ILE B 187 26.34 38.26 8.58
N GLU B 188 26.31 38.65 7.29
CA GLU B 188 25.62 39.86 6.86
C GLU B 188 24.63 39.66 5.72
N ASN B 189 24.42 38.43 5.25
CA ASN B 189 23.49 38.20 4.15
C ASN B 189 22.85 36.81 4.20
N HIS B 190 21.90 36.54 3.28
CA HIS B 190 21.19 35.28 3.25
C HIS B 190 22.13 34.07 3.12
N GLU B 191 23.13 34.16 2.22
CA GLU B 191 24.05 33.05 2.03
C GLU B 191 24.85 32.72 3.29
N GLY B 192 25.31 33.74 4.02
CA GLY B 192 26.02 33.53 5.28
C GLY B 192 25.17 32.80 6.30
N VAL B 193 23.86 33.13 6.38
CA VAL B 193 22.93 32.48 7.29
C VAL B 193 22.70 31.02 6.86
N LYS B 194 22.47 30.79 5.57
CA LYS B 194 22.24 29.44 5.06
C LYS B 194 23.47 28.53 5.15
N ARG B 195 24.67 29.10 5.00
CA ARG B 195 25.90 28.33 5.13
C ARG B 195 26.57 28.53 6.50
N PHE B 196 25.78 28.93 7.52
CA PHE B 196 26.28 29.20 8.86
C PHE B 196 27.11 28.07 9.44
N ASP B 197 26.62 26.83 9.40
CA ASP B 197 27.32 25.70 10.01
C ASP B 197 28.74 25.51 9.48
N GLU B 198 28.94 25.60 8.16
CA GLU B 198 30.28 25.45 7.59
C GLU B 198 31.18 26.64 7.92
N ILE B 199 30.60 27.83 8.10
CA ILE B 199 31.36 29.03 8.46
C ILE B 199 31.82 28.93 9.93
N LEU B 200 30.90 28.58 10.84
CA LEU B 200 31.21 28.46 12.25
C LEU B 200 32.30 27.41 12.50
N GLU B 201 32.22 26.29 11.80
CA GLU B 201 33.18 25.20 11.93
C GLU B 201 34.63 25.65 11.77
N VAL B 202 34.90 26.54 10.80
CA VAL B 202 36.26 27.03 10.55
C VAL B 202 36.58 28.38 11.18
N SER B 203 35.61 29.05 11.82
CA SER B 203 35.84 30.34 12.45
C SER B 203 36.09 30.20 13.94
N ASP B 204 36.69 31.21 14.57
CA ASP B 204 36.83 31.23 16.03
C ASP B 204 35.52 31.70 16.71
N GLY B 205 34.70 32.45 15.98
CA GLY B 205 33.44 32.98 16.45
C GLY B 205 32.67 33.67 15.35
N ILE B 206 31.54 34.27 15.71
CA ILE B 206 30.63 34.91 14.77
C ILE B 206 30.19 36.28 15.25
N MET B 207 29.92 37.16 14.29
CA MET B 207 29.32 38.44 14.59
C MET B 207 28.00 38.50 13.83
N VAL B 208 26.90 38.77 14.55
CA VAL B 208 25.60 38.96 13.91
C VAL B 208 25.63 40.44 13.49
N ALA B 209 26.01 40.71 12.23
CA ALA B 209 26.15 42.06 11.70
C ALA B 209 24.79 42.50 11.19
N ARG B 210 23.97 43.02 12.10
CA ARG B 210 22.55 43.34 11.83
C ARG B 210 22.30 44.47 10.84
N GLY B 211 23.23 45.41 10.68
CA GLY B 211 23.07 46.50 9.73
C GLY B 211 22.86 46.02 8.30
N ASP B 212 23.85 45.31 7.75
CA ASP B 212 23.74 44.75 6.41
C ASP B 212 22.76 43.61 6.38
N LEU B 213 22.71 42.77 7.44
CA LEU B 213 21.75 41.65 7.48
C LEU B 213 20.30 42.15 7.33
N GLY B 214 19.97 43.28 7.96
CA GLY B 214 18.65 43.90 7.91
C GLY B 214 18.27 44.53 6.58
N ILE B 215 19.23 44.64 5.66
CA ILE B 215 19.02 45.14 4.29
C ILE B 215 19.04 43.96 3.30
N GLU B 216 19.86 42.92 3.59
CA GLU B 216 20.00 41.73 2.76
C GLU B 216 18.82 40.77 2.89
N ILE B 217 18.26 40.67 4.12
CA ILE B 217 17.06 39.85 4.36
C ILE B 217 15.94 40.78 4.91
N PRO B 218 14.66 40.37 4.89
CA PRO B 218 13.59 41.26 5.44
C PRO B 218 13.90 41.66 6.89
N ALA B 219 13.74 42.94 7.21
CA ALA B 219 14.04 43.46 8.54
C ALA B 219 13.33 42.70 9.68
N GLU B 220 12.09 42.23 9.43
CA GLU B 220 11.31 41.48 10.41
C GLU B 220 11.83 40.04 10.65
N LYS B 221 12.87 39.61 9.91
CA LYS B 221 13.44 38.27 10.08
C LYS B 221 14.78 38.29 10.80
N VAL B 222 15.41 39.46 10.98
CA VAL B 222 16.73 39.56 11.62
C VAL B 222 16.77 38.93 13.02
N PHE B 223 15.72 39.14 13.85
CA PHE B 223 15.71 38.55 15.18
C PHE B 223 15.80 37.02 15.14
N LEU B 224 15.25 36.39 14.10
CA LEU B 224 15.29 34.93 13.95
C LEU B 224 16.73 34.50 13.66
N ALA B 225 17.43 35.21 12.77
CA ALA B 225 18.81 34.93 12.44
C ALA B 225 19.69 35.16 13.65
N GLN B 226 19.46 36.25 14.39
CA GLN B 226 20.23 36.55 15.59
C GLN B 226 20.08 35.45 16.63
N LYS B 227 18.83 35.08 16.98
CA LYS B 227 18.59 34.08 18.00
C LYS B 227 19.12 32.70 17.60
N MET B 228 18.99 32.33 16.32
CA MET B 228 19.50 31.06 15.81
C MET B 228 21.02 31.02 15.90
N MET B 229 21.71 32.06 15.42
CA MET B 229 23.16 32.10 15.42
C MET B 229 23.75 32.12 16.81
N ILE B 230 23.11 32.85 17.75
CA ILE B 230 23.57 32.88 19.12
C ILE B 230 23.41 31.48 19.75
N GLY B 231 22.26 30.84 19.50
CA GLY B 231 22.01 29.49 20.00
C GLY B 231 23.03 28.48 19.47
N ARG B 232 23.31 28.52 18.15
CA ARG B 232 24.29 27.61 17.57
C ARG B 232 25.71 27.86 18.05
N CYS B 233 26.10 29.13 18.29
CA CYS B 233 27.42 29.47 18.82
C CYS B 233 27.53 29.00 20.25
N ASN B 234 26.46 29.18 21.07
CA ASN B 234 26.44 28.71 22.46
C ASN B 234 26.59 27.19 22.49
N LEU B 235 25.91 26.48 21.57
CA LEU B 235 25.99 25.03 21.46
C LEU B 235 27.43 24.60 21.11
N ALA B 236 28.08 25.31 20.17
CA ALA B 236 29.45 25.02 19.76
C ALA B 236 30.52 25.51 20.75
N GLY B 237 30.14 26.34 21.72
CA GLY B 237 31.08 26.90 22.68
C GLY B 237 32.02 27.92 22.06
N LYS B 238 31.55 28.62 21.03
CA LYS B 238 32.34 29.64 20.35
C LYS B 238 31.74 31.03 20.53
N PRO B 239 32.58 32.07 20.71
CA PRO B 239 32.05 33.41 20.94
C PRO B 239 31.13 33.96 19.85
N VAL B 240 30.08 34.68 20.29
CA VAL B 240 29.15 35.31 19.37
C VAL B 240 28.94 36.77 19.80
N VAL B 241 29.01 37.67 18.83
CA VAL B 241 28.87 39.11 19.07
C VAL B 241 27.55 39.60 18.49
N CYS B 242 26.80 40.40 19.25
CA CYS B 242 25.61 41.04 18.69
C CYS B 242 26.02 42.48 18.36
N ALA B 243 25.72 42.93 17.15
CA ALA B 243 26.18 44.24 16.71
C ALA B 243 25.11 45.07 15.98
N THR B 244 25.33 46.41 15.97
CA THR B 244 24.68 47.47 15.18
C THR B 244 23.34 47.98 15.70
N GLN B 245 23.29 49.30 15.88
CA GLN B 245 22.12 50.10 16.29
C GLN B 245 21.57 49.70 17.64
N MET B 246 22.39 49.10 18.52
CA MET B 246 21.93 48.68 19.84
C MET B 246 21.50 49.87 20.69
N LEU B 247 22.25 50.98 20.64
CA LEU B 247 21.94 52.20 21.36
C LEU B 247 22.03 53.39 20.38
N GLU B 248 21.59 53.20 19.12
CA GLU B 248 21.65 54.17 18.03
C GLU B 248 21.31 55.61 18.38
N SER B 249 20.18 55.85 19.08
CA SER B 249 19.77 57.21 19.44
C SER B 249 20.80 57.94 20.31
N MET B 250 21.67 57.20 21.02
CA MET B 250 22.71 57.80 21.83
C MET B 250 23.83 58.48 21.02
N ILE B 251 23.78 58.42 19.68
CA ILE B 251 24.71 59.15 18.83
C ILE B 251 24.48 60.67 19.06
N THR B 252 23.20 61.08 19.22
CA THR B 252 22.85 62.49 19.45
C THR B 252 22.20 62.75 20.82
N LYS B 253 21.67 61.71 21.50
CA LYS B 253 20.99 61.92 22.78
C LYS B 253 21.71 61.31 23.97
N PRO B 254 21.61 61.93 25.17
CA PRO B 254 22.30 61.38 26.34
C PRO B 254 21.68 60.12 26.92
N ARG B 255 20.42 59.82 26.57
CA ARG B 255 19.71 58.64 27.07
C ARG B 255 19.15 57.83 25.89
N PRO B 256 19.18 56.49 25.98
CA PRO B 256 18.65 55.68 24.87
C PRO B 256 17.12 55.51 24.93
N THR B 257 16.54 54.96 23.84
CA THR B 257 15.11 54.70 23.81
C THR B 257 14.78 53.40 24.59
N ARG B 258 13.50 53.15 24.86
CA ARG B 258 13.04 51.94 25.54
C ARG B 258 13.33 50.69 24.70
N ALA B 259 13.26 50.81 23.37
CA ALA B 259 13.55 49.69 22.49
C ALA B 259 15.05 49.33 22.52
N GLU B 260 15.92 50.34 22.65
CA GLU B 260 17.36 50.16 22.68
C GLU B 260 17.84 49.48 23.95
N THR B 261 17.33 49.87 25.12
CA THR B 261 17.71 49.18 26.36
C THR B 261 17.21 47.73 26.33
N SER B 262 16.00 47.52 25.79
CA SER B 262 15.42 46.21 25.64
C SER B 262 16.29 45.34 24.71
N ASP B 263 16.76 45.90 23.60
CA ASP B 263 17.59 45.19 22.63
C ASP B 263 18.91 44.71 23.25
N VAL B 264 19.56 45.56 24.05
CA VAL B 264 20.80 45.21 24.72
C VAL B 264 20.54 44.09 25.72
N ALA B 265 19.48 44.23 26.52
CA ALA B 265 19.16 43.22 27.53
C ALA B 265 18.83 41.89 26.87
N ASN B 266 18.06 41.93 25.76
CA ASN B 266 17.67 40.72 25.06
C ASN B 266 18.84 40.06 24.35
N ALA B 267 19.85 40.82 23.88
CA ALA B 267 21.02 40.20 23.26
C ALA B 267 21.79 39.40 24.31
N VAL B 268 21.91 39.94 25.53
CA VAL B 268 22.57 39.24 26.63
C VAL B 268 21.76 38.01 27.03
N LEU B 269 20.43 38.15 27.18
CA LEU B 269 19.58 37.01 27.52
C LEU B 269 19.62 35.92 26.44
N ASP B 270 19.69 36.31 25.17
CA ASP B 270 19.79 35.37 24.03
C ASP B 270 21.04 34.48 24.18
N GLY B 271 22.13 35.05 24.69
CA GLY B 271 23.38 34.33 24.92
C GLY B 271 24.62 34.95 24.30
N ALA B 272 24.54 36.23 23.90
CA ALA B 272 25.69 36.88 23.27
C ALA B 272 26.87 37.01 24.23
N ASP B 273 28.05 36.61 23.76
CA ASP B 273 29.27 36.76 24.57
C ASP B 273 29.70 38.23 24.62
N CYS B 274 29.51 38.96 23.52
CA CYS B 274 29.87 40.37 23.39
C CYS B 274 28.73 41.17 22.82
N ILE B 275 28.66 42.43 23.20
CA ILE B 275 27.75 43.42 22.62
C ILE B 275 28.63 44.56 22.05
N MET B 276 28.15 45.23 21.01
CA MET B 276 28.95 46.22 20.31
C MET B 276 28.31 47.59 20.18
N LEU B 277 29.17 48.61 20.06
CA LEU B 277 28.82 49.99 19.83
C LEU B 277 29.59 50.43 18.57
N SER B 278 28.88 51.04 17.61
CA SER B 278 29.51 51.49 16.37
C SER B 278 29.56 53.03 16.35
N GLY B 279 28.59 53.69 15.69
CA GLY B 279 28.50 55.13 15.64
C GLY B 279 28.40 55.76 17.02
N GLU B 280 27.79 55.04 17.97
CA GLU B 280 27.61 55.49 19.35
C GLU B 280 28.94 55.86 20.04
N THR B 281 30.03 55.22 19.62
CA THR B 281 31.36 55.49 20.19
C THR B 281 32.30 56.10 19.17
N ALA B 282 32.15 55.74 17.89
CA ALA B 282 33.03 56.24 16.85
C ALA B 282 32.84 57.72 16.52
N LYS B 283 31.58 58.17 16.38
CA LYS B 283 31.31 59.55 15.99
C LYS B 283 30.31 60.29 16.87
N GLY B 284 29.63 59.58 17.77
CA GLY B 284 28.58 60.12 18.62
C GLY B 284 29.01 61.07 19.70
N ASN B 285 28.07 61.87 20.20
CA ASN B 285 28.33 62.86 21.23
C ASN B 285 28.45 62.31 22.63
N PHE B 286 28.05 61.04 22.84
CA PHE B 286 28.10 60.44 24.18
C PHE B 286 28.78 59.06 24.15
N PRO B 287 30.08 58.98 23.77
CA PRO B 287 30.72 57.66 23.71
C PRO B 287 30.90 56.96 25.06
N VAL B 288 31.34 57.69 26.09
CA VAL B 288 31.54 57.13 27.42
C VAL B 288 30.20 56.71 28.02
N GLU B 289 29.16 57.54 27.85
CA GLU B 289 27.81 57.25 28.36
C GLU B 289 27.20 56.02 27.69
N ALA B 290 27.49 55.79 26.40
CA ALA B 290 27.00 54.62 25.68
C ALA B 290 27.64 53.34 26.26
N VAL B 291 28.94 53.40 26.60
CA VAL B 291 29.66 52.28 27.20
C VAL B 291 29.07 52.01 28.59
N LYS B 292 28.86 53.07 29.38
CA LYS B 292 28.30 52.94 30.72
C LYS B 292 26.88 52.33 30.68
N MET B 293 26.09 52.70 29.66
CA MET B 293 24.74 52.18 29.51
C MET B 293 24.75 50.69 29.17
N GLN B 294 25.60 50.25 28.23
CA GLN B 294 25.72 48.83 27.91
C GLN B 294 26.19 48.04 29.13
N HIS B 295 27.12 48.61 29.94
CA HIS B 295 27.60 47.97 31.15
C HIS B 295 26.45 47.77 32.15
N ALA B 296 25.68 48.84 32.40
CA ALA B 296 24.57 48.80 33.36
C ALA B 296 23.49 47.78 32.95
N ILE B 297 23.11 47.75 31.67
CA ILE B 297 22.09 46.82 31.18
C ILE B 297 22.61 45.37 31.22
N ALA B 298 23.85 45.15 30.76
CA ALA B 298 24.43 43.80 30.76
C ALA B 298 24.47 43.17 32.13
N ARG B 299 24.87 43.92 33.18
CA ARG B 299 24.88 43.38 34.55
C ARG B 299 23.49 42.96 35.00
N GLU B 300 22.47 43.76 34.68
CA GLU B 300 21.10 43.43 35.03
C GLU B 300 20.64 42.17 34.29
N ALA B 301 20.91 42.09 32.99
CA ALA B 301 20.47 40.97 32.16
C ALA B 301 21.18 39.66 32.49
N GLU B 302 22.48 39.73 32.87
CA GLU B 302 23.21 38.53 33.25
C GLU B 302 22.62 37.89 34.49
N ALA B 303 22.21 38.71 35.46
CA ALA B 303 21.61 38.19 36.68
C ALA B 303 20.23 37.55 36.39
N ALA B 304 19.50 38.03 35.36
CA ALA B 304 18.18 37.52 34.97
C ALA B 304 18.24 36.26 34.10
N VAL B 305 19.44 35.76 33.77
CA VAL B 305 19.57 34.54 32.97
C VAL B 305 19.01 33.35 33.78
N TYR B 306 18.21 32.49 33.15
CA TYR B 306 17.63 31.34 33.84
C TYR B 306 18.63 30.17 33.84
N HIS B 307 19.66 30.26 34.73
CA HIS B 307 20.74 29.27 34.79
C HIS B 307 20.27 27.85 34.97
N ARG B 308 19.21 27.63 35.76
CA ARG B 308 18.69 26.28 36.02
C ARG B 308 18.41 25.50 34.74
N GLN B 309 17.64 26.07 33.80
CA GLN B 309 17.36 25.36 32.55
C GLN B 309 18.50 25.48 31.57
N LEU B 310 19.15 26.64 31.51
CA LEU B 310 20.28 26.85 30.62
C LEU B 310 21.40 25.81 30.84
N PHE B 311 21.82 25.62 32.09
CA PHE B 311 22.89 24.64 32.40
C PHE B 311 22.44 23.22 32.07
N GLU B 312 21.19 22.86 32.38
CA GLU B 312 20.64 21.55 32.07
C GLU B 312 20.65 21.28 30.57
N GLU B 313 20.29 22.30 29.78
CA GLU B 313 20.26 22.17 28.33
C GLU B 313 21.64 22.15 27.73
N LEU B 314 22.58 22.95 28.24
CA LEU B 314 23.95 22.96 27.72
C LEU B 314 24.60 21.58 27.99
N ARG B 315 24.33 20.98 29.16
CA ARG B 315 24.84 19.64 29.48
C ARG B 315 24.24 18.57 28.56
N ARG B 316 22.91 18.56 28.41
CA ARG B 316 22.23 17.60 27.58
C ARG B 316 22.66 17.69 26.11
N ALA B 317 22.83 18.92 25.59
CA ALA B 317 23.16 19.11 24.18
C ALA B 317 24.63 18.90 23.89
N ALA B 318 25.51 19.20 24.86
CA ALA B 318 26.96 19.05 24.64
C ALA B 318 27.26 17.56 24.50
N PRO B 319 28.00 17.20 23.43
CA PRO B 319 28.30 15.78 23.22
C PRO B 319 29.20 15.22 24.30
N LEU B 320 29.22 13.90 24.45
CA LEU B 320 30.12 13.23 25.39
C LEU B 320 31.56 13.55 24.98
N SER B 321 32.44 13.75 25.95
CA SER B 321 33.81 14.10 25.63
C SER B 321 34.80 13.33 26.40
N ARG B 322 35.89 12.97 25.73
CA ARG B 322 37.00 12.29 26.38
C ARG B 322 38.19 13.25 26.59
N ASP B 323 38.02 14.55 26.31
CA ASP B 323 39.04 15.55 26.49
C ASP B 323 39.04 15.95 27.96
N PRO B 324 40.15 15.78 28.69
CA PRO B 324 40.13 16.12 30.12
C PRO B 324 39.85 17.58 30.46
N THR B 325 40.18 18.53 29.57
CA THR B 325 39.89 19.95 29.83
C THR B 325 38.38 20.17 29.84
N GLU B 326 37.69 19.55 28.88
CA GLU B 326 36.23 19.60 28.72
C GLU B 326 35.56 18.94 29.93
N VAL B 327 36.05 17.76 30.35
CA VAL B 327 35.50 17.03 31.48
C VAL B 327 35.69 17.80 32.79
N THR B 328 36.88 18.41 32.96
CA THR B 328 37.16 19.19 34.15
C THR B 328 36.29 20.44 34.18
N ALA B 329 36.11 21.09 33.03
CA ALA B 329 35.29 22.30 32.95
C ALA B 329 33.85 22.08 33.41
N ILE B 330 33.19 21.01 32.96
CA ILE B 330 31.79 20.75 33.38
C ILE B 330 31.72 20.40 34.86
N GLY B 331 32.72 19.66 35.36
CA GLY B 331 32.79 19.33 36.77
C GLY B 331 32.95 20.57 37.63
N ALA B 332 33.78 21.52 37.18
CA ALA B 332 34.04 22.77 37.90
C ALA B 332 32.81 23.68 37.90
N VAL B 333 32.09 23.75 36.78
CA VAL B 333 30.89 24.57 36.69
C VAL B 333 29.79 24.00 37.58
N GLU B 334 29.66 22.66 37.61
CA GLU B 334 28.69 21.98 38.46
C GLU B 334 29.01 22.26 39.93
N ALA B 335 30.31 22.16 40.29
CA ALA B 335 30.77 22.43 41.65
C ALA B 335 30.47 23.88 42.05
N ALA B 336 30.72 24.85 41.15
CA ALA B 336 30.47 26.25 41.41
C ALA B 336 28.98 26.52 41.71
N PHE B 337 28.06 25.89 40.96
CA PHE B 337 26.61 26.05 41.18
C PHE B 337 26.21 25.47 42.52
N LYS B 338 26.77 24.31 42.88
CA LYS B 338 26.46 23.63 44.13
C LYS B 338 26.71 24.48 45.37
N CYS B 339 27.80 25.25 45.37
CA CYS B 339 28.15 26.06 46.54
C CYS B 339 27.96 27.56 46.35
N CYS B 340 27.39 28.01 45.22
CA CYS B 340 27.26 29.43 44.88
C CYS B 340 28.63 30.10 44.93
N ALA B 341 29.65 29.44 44.34
CA ALA B 341 31.04 29.92 44.34
C ALA B 341 31.13 31.33 43.81
N ALA B 342 31.98 32.12 44.46
CA ALA B 342 32.19 33.50 44.03
C ALA B 342 32.94 33.53 42.69
N ALA B 343 33.85 32.57 42.46
CA ALA B 343 34.65 32.53 41.25
C ALA B 343 35.22 31.14 40.95
N ILE B 344 35.64 30.93 39.71
CA ILE B 344 36.36 29.78 39.24
C ILE B 344 37.69 30.36 38.76
N ILE B 345 38.79 30.06 39.45
CA ILE B 345 40.11 30.54 39.05
C ILE B 345 40.74 29.49 38.17
N VAL B 346 41.15 29.87 36.97
CA VAL B 346 41.73 28.93 36.03
C VAL B 346 43.08 29.43 35.50
N LEU B 347 44.06 28.52 35.39
CA LEU B 347 45.36 28.85 34.79
C LEU B 347 45.23 28.49 33.33
N THR B 348 45.62 29.40 32.43
CA THR B 348 45.50 29.14 31.00
C THR B 348 46.61 29.79 30.20
N THR B 349 47.09 29.11 29.16
CA THR B 349 48.16 29.63 28.33
C THR B 349 47.56 30.29 27.09
N THR B 350 46.62 29.59 26.44
CA THR B 350 45.98 30.06 25.22
C THR B 350 44.59 30.68 25.44
N GLY B 351 44.01 30.48 26.62
CA GLY B 351 42.66 30.91 26.92
C GLY B 351 41.64 29.78 26.81
N ARG B 352 42.02 28.65 26.18
CA ARG B 352 41.13 27.51 25.95
C ARG B 352 40.46 26.94 27.23
N SER B 353 41.20 26.77 28.33
CA SER B 353 40.59 26.24 29.56
C SER B 353 39.51 27.18 30.11
N ALA B 354 39.71 28.51 29.96
CA ALA B 354 38.72 29.50 30.38
C ALA B 354 37.51 29.47 29.44
N GLN B 355 37.73 29.29 28.13
CA GLN B 355 36.66 29.22 27.16
C GLN B 355 35.76 28.01 27.39
N LEU B 356 36.34 26.87 27.79
CA LEU B 356 35.56 25.67 28.05
C LEU B 356 34.72 25.79 29.33
N LEU B 357 35.15 26.62 30.29
CA LEU B 357 34.37 26.89 31.48
C LEU B 357 33.20 27.82 31.11
N SER B 358 33.51 28.89 30.34
CA SER B 358 32.57 29.89 29.86
C SER B 358 31.41 29.29 29.03
N ARG B 359 31.66 28.23 28.25
CA ARG B 359 30.62 27.60 27.42
C ARG B 359 29.45 27.02 28.23
N TYR B 360 29.67 26.70 29.52
CA TYR B 360 28.60 26.19 30.38
C TYR B 360 27.86 27.29 31.14
N ARG B 361 28.17 28.56 30.86
CA ARG B 361 27.55 29.74 31.42
C ARG B 361 27.44 29.72 32.94
N PRO B 362 28.58 29.60 33.66
CA PRO B 362 28.49 29.65 35.13
C PRO B 362 28.08 31.03 35.60
N ARG B 363 27.44 31.09 36.74
CA ARG B 363 27.13 32.38 37.37
C ARG B 363 28.46 32.94 37.98
N ALA B 364 29.32 32.03 38.50
CA ALA B 364 30.62 32.37 39.08
C ALA B 364 31.51 32.97 38.01
N ALA B 365 32.24 34.02 38.38
CA ALA B 365 33.18 34.69 37.48
C ALA B 365 34.32 33.73 37.15
N VAL B 366 34.79 33.69 35.91
CA VAL B 366 35.91 32.84 35.54
C VAL B 366 37.16 33.73 35.53
N ILE B 367 37.95 33.66 36.59
CA ILE B 367 39.17 34.47 36.71
C ILE B 367 40.30 33.70 36.04
N ALA B 368 40.73 34.15 34.86
CA ALA B 368 41.76 33.45 34.10
C ALA B 368 43.15 34.07 34.28
N VAL B 369 44.07 33.32 34.90
CA VAL B 369 45.44 33.78 35.12
C VAL B 369 46.33 33.27 34.02
N THR B 370 46.92 34.19 33.25
CA THR B 370 47.77 33.84 32.13
C THR B 370 49.03 34.71 32.03
N ARG B 371 50.10 34.16 31.46
CA ARG B 371 51.32 34.93 31.18
C ARG B 371 51.26 35.54 29.77
N SER B 372 50.38 35.04 28.89
CA SER B 372 50.23 35.54 27.54
C SER B 372 49.41 36.82 27.51
N ALA B 373 50.04 37.94 27.13
CA ALA B 373 49.35 39.23 27.00
C ALA B 373 48.27 39.14 25.91
N GLN B 374 48.55 38.42 24.81
CA GLN B 374 47.57 38.25 23.76
C GLN B 374 46.37 37.40 24.21
N ALA B 375 46.60 36.28 24.94
CA ALA B 375 45.49 35.47 25.42
C ALA B 375 44.64 36.25 26.42
N ALA B 376 45.27 37.08 27.26
CA ALA B 376 44.55 37.92 28.21
C ALA B 376 43.60 38.89 27.48
N ARG B 377 44.03 39.43 26.33
CA ARG B 377 43.17 40.32 25.54
C ARG B 377 42.08 39.53 24.82
N GLN B 378 42.43 38.39 24.20
CA GLN B 378 41.49 37.60 23.42
C GLN B 378 40.37 36.92 24.23
N VAL B 379 40.60 36.57 25.51
CA VAL B 379 39.56 35.89 26.30
C VAL B 379 38.36 36.79 26.61
N HIS B 380 38.46 38.11 26.34
CA HIS B 380 37.32 39.02 26.47
C HIS B 380 36.19 38.58 25.48
N LEU B 381 36.50 37.79 24.43
CA LEU B 381 35.49 37.28 23.51
C LEU B 381 34.53 36.28 24.22
N CYS B 382 34.94 35.66 25.33
CA CYS B 382 34.17 34.65 26.03
C CYS B 382 33.48 35.20 27.23
N ARG B 383 32.14 35.06 27.29
CA ARG B 383 31.40 35.60 28.41
C ARG B 383 31.89 35.12 29.79
N GLY B 384 32.05 36.05 30.71
CA GLY B 384 32.38 35.75 32.09
C GLY B 384 33.84 35.44 32.36
N VAL B 385 34.72 35.70 31.40
CA VAL B 385 36.15 35.46 31.61
C VAL B 385 36.81 36.79 31.95
N PHE B 386 37.42 36.88 33.14
CA PHE B 386 38.10 38.06 33.65
C PHE B 386 39.62 37.80 33.60
N PRO B 387 40.29 38.34 32.57
CA PRO B 387 41.72 38.06 32.41
C PRO B 387 42.66 38.78 33.36
N LEU B 388 43.60 38.05 33.93
CA LEU B 388 44.63 38.60 34.80
C LEU B 388 45.97 38.29 34.17
N LEU B 389 46.73 39.33 33.82
CA LEU B 389 48.03 39.14 33.21
C LEU B 389 49.10 39.00 34.30
N TYR B 390 49.73 37.82 34.37
CA TYR B 390 50.77 37.48 35.33
C TYR B 390 52.13 37.88 34.74
N ARG B 391 52.87 38.74 35.45
CA ARG B 391 54.14 39.25 34.95
C ARG B 391 55.38 38.63 35.61
N GLU B 392 55.21 37.87 36.71
CA GLU B 392 56.33 37.28 37.44
C GLU B 392 57.03 36.14 36.71
N PRO B 393 58.38 36.07 36.83
CA PRO B 393 59.12 34.99 36.16
C PRO B 393 58.87 33.63 36.81
N PRO B 394 58.99 32.54 36.03
CA PRO B 394 58.73 31.21 36.59
C PRO B 394 59.59 30.78 37.77
N GLU B 395 58.95 30.17 38.78
CA GLU B 395 59.61 29.60 39.96
C GLU B 395 60.43 28.38 39.54
N ALA B 396 61.41 27.98 40.37
CA ALA B 396 62.24 26.82 40.06
C ALA B 396 61.42 25.53 40.09
N ILE B 397 60.54 25.41 41.10
CA ILE B 397 59.67 24.24 41.20
C ILE B 397 58.33 24.59 40.56
N TRP B 398 57.94 23.83 39.52
CA TRP B 398 56.70 24.06 38.79
C TRP B 398 55.44 24.10 39.67
N ALA B 399 55.32 23.18 40.65
CA ALA B 399 54.19 23.16 41.56
C ALA B 399 54.07 24.46 42.38
N ASP B 400 55.22 25.06 42.73
CA ASP B 400 55.23 26.33 43.47
C ASP B 400 54.79 27.49 42.56
N ASP B 401 55.18 27.43 41.27
CA ASP B 401 54.82 28.43 40.26
C ASP B 401 53.32 28.43 40.02
N VAL B 402 52.69 27.23 40.03
CA VAL B 402 51.26 27.04 39.85
C VAL B 402 50.55 27.66 41.06
N ASP B 403 51.00 27.32 42.27
CA ASP B 403 50.42 27.85 43.50
C ASP B 403 50.50 29.37 43.58
N ARG B 404 51.62 29.96 43.13
CA ARG B 404 51.77 31.41 43.14
C ARG B 404 50.78 32.10 42.21
N ARG B 405 50.49 31.48 41.06
CA ARG B 405 49.54 32.03 40.11
C ARG B 405 48.11 31.94 40.65
N VAL B 406 47.79 30.86 41.38
CA VAL B 406 46.48 30.70 41.99
C VAL B 406 46.30 31.77 43.08
N GLN B 407 47.35 32.00 43.89
CA GLN B 407 47.34 33.03 44.94
C GLN B 407 47.23 34.43 44.32
N PHE B 408 47.83 34.65 43.15
CA PHE B 408 47.72 35.92 42.43
C PHE B 408 46.27 36.16 42.01
N GLY B 409 45.57 35.11 41.60
CA GLY B 409 44.16 35.17 41.23
C GLY B 409 43.30 35.51 42.43
N ILE B 410 43.59 34.89 43.58
CA ILE B 410 42.88 35.15 44.84
C ILE B 410 43.11 36.58 45.34
N GLU B 411 44.38 37.02 45.36
CA GLU B 411 44.72 38.37 45.82
C GLU B 411 44.15 39.44 44.91
N SER B 412 44.22 39.22 43.59
CA SER B 412 43.63 40.17 42.65
C SER B 412 42.10 40.18 42.81
N GLY B 413 41.52 39.00 43.04
CA GLY B 413 40.09 38.82 43.25
C GLY B 413 39.60 39.53 44.48
N LYS B 414 40.37 39.50 45.57
CA LYS B 414 40.01 40.19 46.81
C LYS B 414 40.14 41.71 46.60
N LEU B 415 41.25 42.14 45.98
CA LEU B 415 41.54 43.55 45.70
C LEU B 415 40.75 44.14 44.52
N ARG B 416 39.85 43.35 43.92
CA ARG B 416 38.93 43.81 42.87
C ARG B 416 37.45 43.68 43.30
N GLY B 417 37.19 43.05 44.44
CA GLY B 417 35.84 42.88 44.97
C GLY B 417 35.15 41.57 44.59
N PHE B 418 35.82 40.73 43.78
CA PHE B 418 35.27 39.44 43.36
C PHE B 418 35.19 38.46 44.53
N LEU B 419 36.18 38.50 45.43
CA LEU B 419 36.28 37.55 46.53
C LEU B 419 36.39 38.18 47.90
N ARG B 420 35.88 37.47 48.90
CA ARG B 420 35.90 37.86 50.31
C ARG B 420 36.31 36.64 51.17
N VAL B 421 36.78 36.89 52.39
CA VAL B 421 37.12 35.81 53.31
C VAL B 421 35.85 35.01 53.64
N GLY B 422 35.94 33.69 53.57
CA GLY B 422 34.79 32.82 53.79
C GLY B 422 34.15 32.33 52.50
N ASP B 423 34.44 33.01 51.37
CA ASP B 423 33.91 32.58 50.07
C ASP B 423 34.50 31.24 49.65
N LEU B 424 33.78 30.51 48.78
CA LEU B 424 34.32 29.31 48.19
C LEU B 424 34.67 29.63 46.75
N VAL B 425 35.82 29.11 46.31
CA VAL B 425 36.27 29.27 44.94
C VAL B 425 36.62 27.87 44.39
N ILE B 426 36.44 27.72 43.09
CA ILE B 426 36.79 26.49 42.40
C ILE B 426 38.08 26.81 41.66
N VAL B 427 39.12 25.96 41.79
CA VAL B 427 40.39 26.21 41.12
C VAL B 427 40.65 25.15 40.07
N VAL B 428 40.93 25.57 38.86
CA VAL B 428 41.16 24.67 37.74
C VAL B 428 42.60 24.79 37.24
N THR B 429 43.35 23.68 37.32
CA THR B 429 44.76 23.60 36.91
C THR B 429 45.01 22.28 36.09
N GLY B 430 46.25 22.06 35.66
CA GLY B 430 46.65 20.87 34.93
C GLY B 430 47.75 20.09 35.63
N TRP B 431 48.06 18.90 35.12
CA TRP B 431 49.04 18.01 35.75
C TRP B 431 50.50 18.25 35.31
N ARG B 432 50.70 18.97 34.21
CA ARG B 432 52.05 19.26 33.68
C ARG B 432 52.07 20.61 32.96
N PRO B 433 53.27 21.23 32.77
CA PRO B 433 53.32 22.51 32.05
C PRO B 433 52.92 22.41 30.58
N GLY B 434 52.61 23.55 29.99
CA GLY B 434 52.19 23.61 28.60
C GLY B 434 50.68 23.53 28.46
N SER B 435 50.17 24.03 27.34
CA SER B 435 48.75 24.06 27.03
C SER B 435 48.21 22.65 26.72
N GLY B 436 46.93 22.42 27.06
CA GLY B 436 46.24 21.17 26.75
C GLY B 436 46.20 20.10 27.83
N TYR B 437 46.70 20.41 29.03
CA TYR B 437 46.75 19.40 30.10
C TYR B 437 45.92 19.71 31.32
N THR B 438 44.93 20.61 31.21
CA THR B 438 44.03 20.89 32.34
C THR B 438 43.25 19.63 32.70
N ASN B 439 43.28 19.24 33.98
CA ASN B 439 42.59 18.02 34.41
C ASN B 439 42.25 18.00 35.88
N ILE B 440 42.43 19.11 36.60
CA ILE B 440 42.20 19.16 38.04
C ILE B 440 41.24 20.26 38.47
N MET B 441 40.33 19.92 39.36
CA MET B 441 39.42 20.88 39.93
CA MET B 441 39.37 20.84 39.94
C MET B 441 39.51 20.76 41.45
N ARG B 442 39.68 21.89 42.14
CA ARG B 442 39.79 21.92 43.60
C ARG B 442 38.80 22.90 44.22
N VAL B 443 38.26 22.56 45.38
CA VAL B 443 37.35 23.45 46.10
C VAL B 443 38.18 24.10 47.22
N LEU B 444 38.32 25.43 47.19
CA LEU B 444 39.11 26.13 48.21
CA LEU B 444 39.12 26.13 48.18
C LEU B 444 38.30 27.19 48.95
N SER B 445 38.51 27.29 50.26
CA SER B 445 37.84 28.28 51.09
C SER B 445 38.79 29.47 51.21
N ILE B 446 38.29 30.69 50.95
CA ILE B 446 39.12 31.89 51.00
C ILE B 446 39.44 32.30 52.44
N SER B 447 40.73 32.39 52.79
CA SER B 447 41.14 32.80 54.12
C SER B 447 41.71 34.24 54.13
N GLU C 21 -15.13 23.57 48.28
CA GLU C 21 -15.92 22.92 47.24
C GLU C 21 -15.81 21.39 47.33
N LEU C 22 -14.58 20.86 47.46
CA LEU C 22 -14.37 19.41 47.59
C LEU C 22 -13.89 19.03 49.00
N GLY C 23 -13.11 19.92 49.62
CA GLY C 23 -12.60 19.72 50.97
C GLY C 23 -11.18 19.19 51.01
N THR C 24 -10.53 19.34 52.19
CA THR C 24 -9.17 18.83 52.40
C THR C 24 -9.14 17.31 52.45
N ALA C 25 -10.24 16.67 52.93
CA ALA C 25 -10.33 15.21 53.01
C ALA C 25 -10.22 14.58 51.61
N PHE C 26 -10.81 15.24 50.59
CA PHE C 26 -10.77 14.77 49.21
C PHE C 26 -9.32 14.72 48.72
N PHE C 27 -8.55 15.79 48.98
CA PHE C 27 -7.16 15.86 48.53
C PHE C 27 -6.17 15.05 49.36
N GLN C 28 -6.63 14.35 50.40
CA GLN C 28 -5.77 13.48 51.19
C GLN C 28 -5.88 12.01 50.71
N GLN C 29 -7.05 11.63 50.15
CA GLN C 29 -7.35 10.28 49.66
C GLN C 29 -6.72 10.00 48.29
N GLN C 30 -6.77 8.72 47.84
CA GLN C 30 -6.29 8.19 46.56
C GLN C 30 -4.93 8.74 46.10
N GLN C 31 -3.99 8.89 47.05
CA GLN C 31 -2.64 9.38 46.82
C GLN C 31 -2.59 10.72 46.09
N LEU C 32 -3.59 11.59 46.35
CA LEU C 32 -3.62 12.89 45.67
C LEU C 32 -2.42 13.78 46.04
N PRO C 33 -1.86 13.81 47.28
CA PRO C 33 -0.63 14.59 47.51
C PRO C 33 0.52 14.10 46.60
N ALA C 34 0.69 12.76 46.46
CA ALA C 34 1.74 12.21 45.56
C ALA C 34 1.43 12.48 44.09
N ALA C 35 0.14 12.60 43.73
CA ALA C 35 -0.29 12.89 42.36
C ALA C 35 0.05 14.31 41.93
N MET C 36 0.00 15.28 42.86
CA MET C 36 0.30 16.68 42.54
C MET C 36 1.79 17.01 42.57
N ALA C 37 2.68 16.02 42.85
CA ALA C 37 4.12 16.25 42.94
C ALA C 37 4.77 16.65 41.63
N ASP C 38 5.79 17.53 41.69
CA ASP C 38 6.48 18.05 40.51
C ASP C 38 7.56 17.12 39.96
N THR C 39 8.04 16.16 40.76
CA THR C 39 9.05 15.21 40.28
C THR C 39 8.65 13.79 40.67
N PHE C 40 9.22 12.77 40.00
CA PHE C 40 8.94 11.38 40.35
C PHE C 40 9.52 11.07 41.75
N LEU C 41 10.67 11.66 42.10
CA LEU C 41 11.27 11.47 43.42
C LEU C 41 10.31 11.98 44.52
N GLU C 42 9.77 13.19 44.35
CA GLU C 42 8.82 13.75 45.31
C GLU C 42 7.53 12.93 45.34
N HIS C 43 7.10 12.38 44.17
CA HIS C 43 5.93 11.51 44.08
C HIS C 43 6.13 10.27 44.96
N LEU C 44 7.31 9.62 44.86
CA LEU C 44 7.63 8.46 45.70
C LEU C 44 7.63 8.82 47.18
N CYS C 45 8.27 9.95 47.53
CA CYS C 45 8.39 10.43 48.91
C CYS C 45 7.03 10.74 49.54
N LEU C 46 6.01 11.07 48.72
CA LEU C 46 4.68 11.43 49.22
C LEU C 46 3.68 10.29 49.26
N LEU C 47 4.07 9.07 48.81
CA LEU C 47 3.15 7.92 48.87
C LEU C 47 2.80 7.63 50.33
N ASP C 48 1.52 7.46 50.62
CA ASP C 48 1.04 7.35 51.98
C ASP C 48 0.17 6.12 52.19
N ILE C 49 0.59 5.23 53.11
CA ILE C 49 -0.19 4.02 53.43
C ILE C 49 -1.56 4.36 54.07
N ASP C 50 -1.72 5.57 54.61
CA ASP C 50 -2.99 5.99 55.19
C ASP C 50 -3.94 6.63 54.16
N SER C 51 -3.45 6.94 52.95
CA SER C 51 -4.26 7.53 51.89
C SER C 51 -5.05 6.39 51.23
N GLU C 52 -6.35 6.30 51.52
CA GLU C 52 -7.17 5.20 51.03
C GLU C 52 -7.64 5.34 49.59
N PRO C 53 -7.66 4.23 48.83
CA PRO C 53 -8.16 4.30 47.45
C PRO C 53 -9.66 4.59 47.43
N VAL C 54 -10.12 5.39 46.48
CA VAL C 54 -11.54 5.72 46.38
C VAL C 54 -12.13 5.23 45.07
N ALA C 55 -11.36 5.33 43.97
CA ALA C 55 -11.82 4.93 42.66
C ALA C 55 -12.09 3.43 42.55
N ALA C 56 -12.95 3.05 41.58
CA ALA C 56 -13.21 1.65 41.29
C ALA C 56 -11.90 1.03 40.71
N ARG C 57 -11.67 -0.25 40.97
CA ARG C 57 -10.49 -0.95 40.47
C ARG C 57 -10.53 -1.01 38.95
N SER C 58 -9.50 -0.47 38.30
CA SER C 58 -9.48 -0.32 36.85
C SER C 58 -8.75 -1.45 36.07
N THR C 59 -7.79 -2.16 36.69
CA THR C 59 -7.06 -3.24 36.03
C THR C 59 -7.91 -4.50 36.12
N SER C 60 -8.28 -5.09 34.98
CA SER C 60 -9.13 -6.28 34.99
C SER C 60 -8.39 -7.51 35.48
N ILE C 61 -9.14 -8.41 36.12
CA ILE C 61 -8.60 -9.65 36.62
C ILE C 61 -9.06 -10.80 35.74
N ILE C 62 -8.11 -11.60 35.26
CA ILE C 62 -8.40 -12.80 34.47
C ILE C 62 -8.18 -13.98 35.41
N ALA C 63 -9.20 -14.83 35.58
CA ALA C 63 -9.07 -16.00 36.43
C ALA C 63 -9.19 -17.24 35.57
N THR C 64 -8.27 -18.19 35.71
CA THR C 64 -8.32 -19.44 34.96
C THR C 64 -9.31 -20.39 35.60
N ILE C 65 -10.22 -20.93 34.80
CA ILE C 65 -11.23 -21.85 35.31
C ILE C 65 -10.70 -23.27 35.31
N GLY C 66 -10.93 -23.99 36.40
CA GLY C 66 -10.52 -25.37 36.53
C GLY C 66 -11.31 -26.06 37.62
N PRO C 67 -10.85 -27.23 38.07
CA PRO C 67 -11.58 -27.95 39.13
C PRO C 67 -11.89 -27.14 40.39
N ALA C 68 -10.99 -26.22 40.79
CA ALA C 68 -11.21 -25.40 41.99
C ALA C 68 -12.16 -24.23 41.77
N SER C 69 -12.53 -23.91 40.52
CA SER C 69 -13.36 -22.73 40.24
C SER C 69 -14.44 -22.95 39.21
N ARG C 70 -14.85 -24.19 39.00
CA ARG C 70 -15.81 -24.53 37.94
C ARG C 70 -17.28 -24.50 38.32
N SER C 71 -17.58 -24.76 39.60
CA SER C 71 -18.98 -24.79 40.04
C SER C 71 -19.63 -23.41 39.95
N VAL C 72 -20.94 -23.38 39.70
CA VAL C 72 -21.71 -22.15 39.60
C VAL C 72 -21.62 -21.33 40.88
N GLU C 73 -21.70 -22.00 42.03
CA GLU C 73 -21.60 -21.30 43.32
C GLU C 73 -20.22 -20.67 43.55
N ARG C 74 -19.16 -21.38 43.17
CA ARG C 74 -17.80 -20.88 43.31
C ARG C 74 -17.58 -19.71 42.34
N LEU C 75 -18.12 -19.80 41.12
CA LEU C 75 -18.03 -18.75 40.11
C LEU C 75 -18.77 -17.48 40.54
N LYS C 76 -19.90 -17.62 41.27
CA LYS C 76 -20.63 -16.46 41.80
C LYS C 76 -19.75 -15.70 42.80
N GLU C 77 -19.01 -16.43 43.64
CA GLU C 77 -18.11 -15.81 44.61
C GLU C 77 -16.93 -15.14 43.91
N MET C 78 -16.43 -15.72 42.80
CA MET C 78 -15.32 -15.15 42.06
CA MET C 78 -15.32 -15.14 42.07
C MET C 78 -15.73 -13.89 41.33
N ILE C 79 -16.98 -13.82 40.84
CA ILE C 79 -17.50 -12.63 40.18
C ILE C 79 -17.61 -11.51 41.23
N LYS C 80 -18.12 -11.84 42.43
CA LYS C 80 -18.25 -10.88 43.53
C LYS C 80 -16.88 -10.40 44.00
N ALA C 81 -15.87 -11.28 43.97
CA ALA C 81 -14.53 -10.93 44.36
C ALA C 81 -13.81 -10.01 43.34
N GLY C 82 -14.28 -9.99 42.09
CA GLY C 82 -13.70 -9.12 41.08
C GLY C 82 -13.28 -9.72 39.75
N MET C 83 -13.52 -11.01 39.52
CA MET C 83 -13.17 -11.64 38.24
C MET C 83 -13.92 -10.97 37.07
N ASN C 84 -13.18 -10.50 36.04
CA ASN C 84 -13.78 -9.83 34.87
C ASN C 84 -13.73 -10.68 33.62
N ILE C 85 -12.71 -11.55 33.52
CA ILE C 85 -12.48 -12.41 32.38
C ILE C 85 -12.21 -13.83 32.89
N ALA C 86 -12.91 -14.82 32.32
CA ALA C 86 -12.71 -16.23 32.66
C ALA C 86 -11.84 -16.86 31.57
N ARG C 87 -10.70 -17.41 31.95
CA ARG C 87 -9.79 -18.05 31.00
C ARG C 87 -10.00 -19.57 30.97
N LEU C 88 -10.21 -20.14 29.77
CA LEU C 88 -10.34 -21.59 29.60
C LEU C 88 -9.04 -22.05 28.98
N ASN C 89 -8.27 -22.85 29.71
CA ASN C 89 -7.01 -23.36 29.22
C ASN C 89 -7.21 -24.64 28.41
N PHE C 90 -7.16 -24.52 27.08
CA PHE C 90 -7.35 -25.66 26.20
C PHE C 90 -6.14 -26.60 26.11
N SER C 91 -5.09 -26.38 26.93
CA SER C 91 -3.99 -27.33 27.02
C SER C 91 -4.48 -28.63 27.71
N HIS C 92 -5.54 -28.57 28.53
CA HIS C 92 -6.11 -29.71 29.22
C HIS C 92 -7.65 -29.68 29.08
N GLY C 93 -8.29 -30.82 29.22
CA GLY C 93 -9.75 -30.89 29.15
C GLY C 93 -10.31 -31.05 27.76
N SER C 94 -11.44 -31.75 27.67
CA SER C 94 -12.10 -31.99 26.40
C SER C 94 -13.02 -30.81 26.03
N HIS C 95 -13.60 -30.84 24.81
CA HIS C 95 -14.54 -29.81 24.39
C HIS C 95 -15.78 -29.83 25.29
N GLU C 96 -16.22 -31.03 25.72
CA GLU C 96 -17.37 -31.18 26.60
C GLU C 96 -17.12 -30.53 27.96
N TYR C 97 -15.90 -30.69 28.49
CA TYR C 97 -15.49 -30.12 29.77
C TYR C 97 -15.53 -28.57 29.67
N HIS C 98 -14.94 -28.01 28.61
CA HIS C 98 -14.91 -26.56 28.42
C HIS C 98 -16.28 -25.98 28.14
N ALA C 99 -17.15 -26.70 27.41
CA ALA C 99 -18.51 -26.21 27.16
C ALA C 99 -19.29 -26.10 28.48
N GLU C 100 -19.08 -27.03 29.40
CA GLU C 100 -19.73 -27.01 30.71
C GLU C 100 -19.19 -25.84 31.54
N SER C 101 -17.87 -25.57 31.47
CA SER C 101 -17.26 -24.43 32.16
C SER C 101 -17.88 -23.12 31.65
N ILE C 102 -18.04 -22.98 30.32
CA ILE C 102 -18.65 -21.80 29.70
C ILE C 102 -20.10 -21.62 30.17
N ALA C 103 -20.88 -22.71 30.18
CA ALA C 103 -22.27 -22.67 30.64
C ALA C 103 -22.34 -22.25 32.10
N ASN C 104 -21.43 -22.77 32.95
CA ASN C 104 -21.41 -22.44 34.38
C ASN C 104 -21.03 -20.98 34.61
N VAL C 105 -20.09 -20.44 33.78
CA VAL C 105 -19.71 -19.02 33.89
C VAL C 105 -20.92 -18.17 33.52
N ARG C 106 -21.56 -18.47 32.38
CA ARG C 106 -22.74 -17.71 31.94
C ARG C 106 -23.93 -17.81 32.93
N GLU C 107 -24.12 -18.97 33.58
CA GLU C 107 -25.17 -19.12 34.59
C GLU C 107 -24.86 -18.24 35.81
N ALA C 108 -23.62 -18.25 36.28
CA ALA C 108 -23.21 -17.42 37.41
C ALA C 108 -23.34 -15.93 37.09
N VAL C 109 -22.94 -15.50 35.88
CA VAL C 109 -23.03 -14.09 35.45
C VAL C 109 -24.50 -13.65 35.39
N GLU C 110 -25.35 -14.46 34.76
CA GLU C 110 -26.76 -14.13 34.60
C GLU C 110 -27.59 -14.24 35.88
N SER C 111 -27.04 -14.84 36.94
CA SER C 111 -27.75 -14.90 38.22
C SER C 111 -27.87 -13.52 38.89
N PHE C 112 -27.09 -12.52 38.42
CA PHE C 112 -27.12 -11.15 38.95
C PHE C 112 -27.92 -10.18 38.08
N ALA C 113 -28.52 -10.63 36.98
CA ALA C 113 -29.30 -9.73 36.12
C ALA C 113 -30.48 -9.02 36.85
N GLY C 114 -30.89 -9.56 38.00
CA GLY C 114 -31.95 -8.99 38.80
C GLY C 114 -31.56 -7.72 39.53
N SER C 115 -30.25 -7.49 39.74
CA SER C 115 -29.78 -6.29 40.41
C SER C 115 -28.86 -5.44 39.55
N PRO C 116 -29.32 -4.22 39.17
CA PRO C 116 -28.46 -3.32 38.37
C PRO C 116 -27.14 -2.97 39.08
N LEU C 117 -27.15 -2.96 40.42
CA LEU C 117 -25.98 -2.65 41.23
C LEU C 117 -24.93 -3.76 41.14
N SER C 118 -25.35 -5.03 41.11
CA SER C 118 -24.42 -6.17 41.10
C SER C 118 -24.10 -6.80 39.73
N TYR C 119 -25.04 -6.75 38.76
CA TYR C 119 -24.79 -7.35 37.44
C TYR C 119 -23.54 -6.75 36.76
N ARG C 120 -22.74 -7.61 36.11
CA ARG C 120 -21.54 -7.21 35.40
C ARG C 120 -21.20 -8.17 34.27
N PRO C 121 -20.89 -7.65 33.07
CA PRO C 121 -20.46 -8.56 31.99
C PRO C 121 -19.13 -9.25 32.35
N VAL C 122 -18.96 -10.52 31.94
CA VAL C 122 -17.74 -11.28 32.18
C VAL C 122 -17.30 -11.88 30.85
N ALA C 123 -16.08 -11.54 30.39
CA ALA C 123 -15.61 -12.06 29.11
C ALA C 123 -15.13 -13.51 29.24
N ILE C 124 -15.20 -14.25 28.14
CA ILE C 124 -14.73 -15.62 28.12
C ILE C 124 -13.57 -15.70 27.13
N ALA C 125 -12.42 -16.12 27.61
CA ALA C 125 -11.22 -16.18 26.80
C ALA C 125 -10.76 -17.62 26.63
N LEU C 126 -10.43 -17.99 25.40
CA LEU C 126 -9.96 -19.33 25.08
C LEU C 126 -8.45 -19.26 24.92
N ASP C 127 -7.72 -19.99 25.74
CA ASP C 127 -6.26 -20.01 25.68
C ASP C 127 -5.87 -21.30 24.96
N THR C 128 -5.23 -21.18 23.80
CA THR C 128 -4.90 -22.33 22.97
C THR C 128 -3.75 -23.19 23.49
N LYS C 129 -3.74 -24.47 23.09
CA LYS C 129 -2.69 -25.41 23.45
C LYS C 129 -1.36 -24.98 22.83
N GLY C 130 -1.39 -24.53 21.59
CA GLY C 130 -0.19 -24.04 20.93
C GLY C 130 0.34 -24.94 19.82
N PRO C 131 1.37 -24.47 19.11
CA PRO C 131 1.91 -25.25 18.00
C PRO C 131 2.78 -26.44 18.43
N GLY C 134 5.67 -28.10 16.19
CA GLY C 134 5.11 -28.08 14.84
C GLY C 134 5.22 -26.75 14.13
N PRO C 135 5.08 -26.79 12.78
CA PRO C 135 5.21 -25.55 11.98
C PRO C 135 4.01 -24.56 12.10
N GLY C 136 2.99 -24.64 11.22
CA GLY C 136 1.84 -23.73 11.23
C GLY C 136 0.89 -23.94 12.40
N LEU C 137 -0.43 -23.78 12.19
CA LEU C 137 -1.40 -24.01 13.26
C LEU C 137 -1.59 -25.53 13.47
N SER C 138 -1.60 -26.01 14.71
CA SER C 138 -1.82 -27.43 14.96
C SER C 138 -3.28 -27.82 14.64
N GLU C 139 -3.53 -29.12 14.38
CA GLU C 139 -4.88 -29.62 14.11
C GLU C 139 -5.78 -29.35 15.31
N GLN C 140 -5.24 -29.59 16.51
CA GLN C 140 -6.02 -29.35 17.72
C GLN C 140 -6.38 -27.86 17.85
N ASP C 141 -5.47 -26.94 17.52
CA ASP C 141 -5.77 -25.50 17.58
C ASP C 141 -6.87 -25.12 16.58
N VAL C 142 -6.89 -25.74 15.36
CA VAL C 142 -7.93 -25.48 14.38
C VAL C 142 -9.30 -25.87 14.95
N ARG C 143 -9.36 -27.04 15.61
CA ARG C 143 -10.62 -27.52 16.18
C ARG C 143 -11.02 -26.72 17.41
N ASP C 144 -10.06 -26.32 18.24
CA ASP C 144 -10.37 -25.56 19.45
C ASP C 144 -10.84 -24.15 19.12
N LEU C 145 -10.21 -23.51 18.13
CA LEU C 145 -10.59 -22.19 17.66
C LEU C 145 -12.01 -22.23 17.07
N ARG C 146 -12.36 -23.31 16.35
CA ARG C 146 -13.70 -23.51 15.78
C ARG C 146 -14.73 -23.65 16.92
N PHE C 147 -14.36 -24.40 17.99
CA PHE C 147 -15.20 -24.56 19.17
C PHE C 147 -15.47 -23.16 19.79
N GLY C 148 -14.43 -22.34 19.89
CA GLY C 148 -14.54 -20.98 20.42
C GLY C 148 -15.55 -20.13 19.67
N VAL C 149 -15.53 -20.18 18.33
CA VAL C 149 -16.48 -19.44 17.49
C VAL C 149 -17.89 -19.99 17.72
N GLU C 150 -18.04 -21.33 17.73
CA GLU C 150 -19.35 -21.94 17.94
C GLU C 150 -19.92 -21.65 19.31
N HIS C 151 -19.06 -21.49 20.33
CA HIS C 151 -19.52 -21.17 21.68
C HIS C 151 -19.51 -19.67 22.03
N GLY C 152 -19.25 -18.82 21.04
CA GLY C 152 -19.28 -17.37 21.21
C GLY C 152 -18.27 -16.79 22.18
N VAL C 153 -17.02 -17.29 22.19
CA VAL C 153 -15.99 -16.74 23.07
C VAL C 153 -15.66 -15.31 22.64
N ASP C 154 -15.20 -14.49 23.58
CA ASP C 154 -14.88 -13.09 23.29
C ASP C 154 -13.45 -12.85 22.85
N ILE C 155 -12.53 -13.66 23.39
CA ILE C 155 -11.11 -13.46 23.22
C ILE C 155 -10.39 -14.78 23.03
N VAL C 156 -9.29 -14.74 22.29
CA VAL C 156 -8.41 -15.87 22.15
C VAL C 156 -7.03 -15.43 22.67
N PHE C 157 -6.45 -16.18 23.60
CA PHE C 157 -5.08 -15.96 24.04
C PHE C 157 -4.29 -16.99 23.21
N ALA C 158 -3.65 -16.55 22.14
CA ALA C 158 -2.94 -17.45 21.22
C ALA C 158 -1.55 -17.80 21.74
N SER C 159 -1.34 -19.07 22.10
CA SER C 159 -0.07 -19.53 22.64
C SER C 159 1.08 -19.53 21.66
N PHE C 160 2.29 -19.25 22.16
CA PHE C 160 3.56 -19.27 21.43
C PHE C 160 3.52 -18.53 20.10
N VAL C 161 3.08 -17.25 20.10
CA VAL C 161 3.10 -16.48 18.88
C VAL C 161 4.55 -16.02 18.64
N ARG C 162 5.12 -16.35 17.48
CA ARG C 162 6.53 -16.00 17.20
C ARG C 162 6.72 -14.99 16.09
N LYS C 163 5.70 -14.79 15.27
CA LYS C 163 5.77 -13.91 14.11
C LYS C 163 4.35 -13.53 13.66
N ALA C 164 4.24 -12.50 12.79
CA ALA C 164 2.97 -12.01 12.28
C ALA C 164 2.13 -13.09 11.57
N SER C 165 2.78 -14.03 10.84
CA SER C 165 2.05 -15.08 10.15
C SER C 165 1.35 -16.05 11.11
N ASP C 166 1.85 -16.20 12.36
CA ASP C 166 1.18 -17.02 13.36
C ASP C 166 -0.17 -16.40 13.72
N VAL C 167 -0.23 -15.06 13.80
CA VAL C 167 -1.46 -14.35 14.11
C VAL C 167 -2.45 -14.49 12.95
N ALA C 168 -1.95 -14.36 11.71
CA ALA C 168 -2.78 -14.51 10.50
C ALA C 168 -3.40 -15.91 10.47
N ALA C 169 -2.64 -16.95 10.90
CA ALA C 169 -3.19 -18.31 10.93
C ALA C 169 -4.32 -18.44 11.94
N VAL C 170 -4.17 -17.81 13.13
CA VAL C 170 -5.21 -17.85 14.17
C VAL C 170 -6.45 -17.12 13.65
N ARG C 171 -6.26 -15.96 13.04
CA ARG C 171 -7.31 -15.12 12.46
C ARG C 171 -8.09 -15.92 11.39
N ALA C 172 -7.36 -16.62 10.49
CA ALA C 172 -7.97 -17.45 9.45
C ALA C 172 -8.81 -18.58 10.05
N ALA C 173 -8.34 -19.17 11.17
CA ALA C 173 -9.07 -20.24 11.82
C ALA C 173 -10.35 -19.77 12.56
N LEU C 174 -10.50 -18.46 12.78
CA LEU C 174 -11.72 -17.97 13.42
C LEU C 174 -12.92 -17.94 12.40
N GLY C 175 -12.82 -18.79 11.36
CA GLY C 175 -13.82 -19.12 10.33
C GLY C 175 -14.44 -17.89 9.77
N PRO C 176 -15.58 -18.03 9.07
CA PRO C 176 -16.25 -16.82 8.58
C PRO C 176 -17.02 -16.07 9.70
N GLU C 177 -17.34 -16.73 10.84
CA GLU C 177 -18.19 -16.15 11.89
C GLU C 177 -17.50 -15.48 13.10
N GLY C 178 -16.19 -15.62 13.26
CA GLY C 178 -15.49 -15.13 14.43
C GLY C 178 -14.52 -14.00 14.23
N HIS C 179 -14.71 -13.18 13.18
CA HIS C 179 -13.83 -12.03 12.92
C HIS C 179 -13.90 -10.97 14.03
N GLY C 180 -14.96 -10.94 14.83
CA GLY C 180 -15.06 -9.99 15.94
C GLY C 180 -14.35 -10.41 17.21
N ILE C 181 -13.84 -11.67 17.27
CA ILE C 181 -13.11 -12.16 18.42
C ILE C 181 -11.72 -11.49 18.53
N LYS C 182 -11.36 -11.02 19.74
CA LYS C 182 -10.08 -10.34 19.93
C LYS C 182 -8.95 -11.37 20.05
N ILE C 183 -7.84 -11.13 19.38
CA ILE C 183 -6.69 -12.01 19.45
C ILE C 183 -5.60 -11.37 20.29
N ILE C 184 -5.31 -11.94 21.44
CA ILE C 184 -4.26 -11.50 22.32
C ILE C 184 -3.09 -12.50 22.11
N SER C 185 -1.99 -12.04 21.51
CA SER C 185 -0.85 -12.91 21.25
C SER C 185 0.01 -13.13 22.50
N LYS C 186 0.27 -14.39 22.85
CA LYS C 186 1.10 -14.71 23.99
C LYS C 186 2.56 -14.75 23.55
N ILE C 187 3.41 -13.94 24.20
CA ILE C 187 4.84 -13.89 23.88
C ILE C 187 5.49 -14.77 24.90
N GLU C 188 6.03 -15.92 24.46
CA GLU C 188 6.56 -16.94 25.36
C GLU C 188 8.00 -17.37 25.05
N ASN C 189 8.65 -16.78 24.07
CA ASN C 189 10.02 -17.19 23.74
C ASN C 189 10.84 -16.04 23.15
N HIS C 190 12.15 -16.26 22.91
CA HIS C 190 13.04 -15.26 22.37
C HIS C 190 12.56 -14.69 21.05
N GLU C 191 12.12 -15.55 20.13
CA GLU C 191 11.67 -15.07 18.82
C GLU C 191 10.44 -14.14 18.91
N GLY C 192 9.49 -14.45 19.80
CA GLY C 192 8.34 -13.60 20.02
C GLY C 192 8.73 -12.22 20.52
N VAL C 193 9.73 -12.17 21.42
CA VAL C 193 10.23 -10.89 21.94
C VAL C 193 10.95 -10.10 20.83
N LYS C 194 11.81 -10.77 20.05
CA LYS C 194 12.54 -10.09 18.98
C LYS C 194 11.64 -9.64 17.83
N ARG C 195 10.58 -10.40 17.55
CA ARG C 195 9.63 -10.01 16.51
C ARG C 195 8.37 -9.34 17.08
N PHE C 196 8.47 -8.78 18.30
CA PHE C 196 7.36 -8.15 18.99
C PHE C 196 6.63 -7.11 18.16
N ASP C 197 7.34 -6.17 17.53
CA ASP C 197 6.69 -5.11 16.78
C ASP C 197 5.77 -5.62 15.68
N GLU C 198 6.22 -6.62 14.90
CA GLU C 198 5.37 -7.16 13.82
C GLU C 198 4.18 -7.94 14.38
N ILE C 199 4.34 -8.56 15.55
CA ILE C 199 3.26 -9.32 16.20
C ILE C 199 2.19 -8.35 16.73
N LEU C 200 2.62 -7.30 17.45
CA LEU C 200 1.69 -6.31 18.00
C LEU C 200 0.88 -5.62 16.93
N GLU C 201 1.53 -5.27 15.80
CA GLU C 201 0.88 -4.61 14.67
C GLU C 201 -0.37 -5.36 14.19
N VAL C 202 -0.33 -6.70 14.15
CA VAL C 202 -1.46 -7.49 13.66
C VAL C 202 -2.34 -8.09 14.77
N SER C 203 -1.96 -7.91 16.03
CA SER C 203 -2.73 -8.46 17.15
C SER C 203 -3.62 -7.39 17.78
N ASP C 204 -4.64 -7.81 18.51
CA ASP C 204 -5.47 -6.86 19.28
C ASP C 204 -4.78 -6.47 20.60
N GLY C 205 -3.89 -7.33 21.09
CA GLY C 205 -3.16 -7.13 22.32
C GLY C 205 -2.14 -8.22 22.55
N ILE C 206 -1.49 -8.17 23.71
CA ILE C 206 -0.39 -9.06 24.05
C ILE C 206 -0.53 -9.62 25.45
N MET C 207 -0.06 -10.86 25.64
CA MET C 207 0.05 -11.42 26.96
C MET C 207 1.55 -11.70 27.21
N VAL C 208 2.09 -11.17 28.32
CA VAL C 208 3.46 -11.47 28.71
C VAL C 208 3.33 -12.81 29.45
N ALA C 209 3.52 -13.93 28.74
CA ALA C 209 3.34 -15.28 29.28
C ALA C 209 4.66 -15.68 29.95
N ARG C 210 4.83 -15.26 31.21
CA ARG C 210 6.08 -15.39 31.94
C ARG C 210 6.52 -16.80 32.27
N GLY C 211 5.60 -17.76 32.36
CA GLY C 211 5.95 -19.15 32.63
C GLY C 211 6.92 -19.72 31.62
N ASP C 212 6.49 -19.81 30.35
CA ASP C 212 7.34 -20.30 29.29
C ASP C 212 8.45 -19.31 28.97
N LEU C 213 8.16 -17.98 29.03
CA LEU C 213 9.20 -16.99 28.77
C LEU C 213 10.42 -17.14 29.71
N GLY C 214 10.15 -17.44 30.98
CA GLY C 214 11.17 -17.63 32.00
C GLY C 214 12.00 -18.90 31.88
N ILE C 215 11.58 -19.81 30.97
CA ILE C 215 12.30 -21.06 30.66
C ILE C 215 13.00 -20.90 29.29
N GLU C 216 12.41 -20.13 28.36
CA GLU C 216 12.93 -19.90 27.02
C GLU C 216 14.06 -18.89 27.02
N ILE C 217 14.00 -17.88 27.89
CA ILE C 217 15.07 -16.89 28.04
C ILE C 217 15.58 -16.94 29.50
N PRO C 218 16.78 -16.39 29.83
CA PRO C 218 17.23 -16.42 31.23
C PRO C 218 16.21 -15.79 32.18
N ALA C 219 15.94 -16.44 33.31
CA ALA C 219 14.94 -15.97 34.27
C ALA C 219 15.15 -14.51 34.71
N GLU C 220 16.41 -14.09 34.85
CA GLU C 220 16.77 -12.73 35.25
C GLU C 220 16.51 -11.67 34.18
N LYS C 221 16.08 -12.07 32.97
CA LYS C 221 15.78 -11.13 31.90
C LYS C 221 14.27 -10.93 31.70
N VAL C 222 13.41 -11.76 32.31
CA VAL C 222 11.97 -11.67 32.12
C VAL C 222 11.41 -10.28 32.46
N PHE C 223 11.85 -9.64 33.55
CA PHE C 223 11.37 -8.30 33.90
C PHE C 223 11.63 -7.27 32.80
N LEU C 224 12.74 -7.43 32.05
CA LEU C 224 13.07 -6.52 30.94
C LEU C 224 12.08 -6.71 29.82
N ALA C 225 11.76 -7.96 29.48
CA ALA C 225 10.81 -8.27 28.42
C ALA C 225 9.42 -7.78 28.83
N GLN C 226 9.03 -7.99 30.10
CA GLN C 226 7.75 -7.55 30.61
C GLN C 226 7.60 -6.03 30.52
N LYS C 227 8.58 -5.29 31.05
CA LYS C 227 8.52 -3.84 31.05
C LYS C 227 8.56 -3.26 29.65
N MET C 228 9.36 -3.86 28.74
CA MET C 228 9.42 -3.39 27.36
C MET C 228 8.07 -3.61 26.65
N MET C 229 7.50 -4.81 26.77
CA MET C 229 6.26 -5.14 26.09
C MET C 229 5.09 -4.32 26.61
N ILE C 230 5.03 -4.09 27.93
CA ILE C 230 3.98 -3.24 28.50
C ILE C 230 4.12 -1.80 27.99
N GLY C 231 5.35 -1.29 27.98
CA GLY C 231 5.61 0.05 27.47
C GLY C 231 5.21 0.21 26.01
N ARG C 232 5.57 -0.77 25.16
CA ARG C 232 5.22 -0.72 23.74
C ARG C 232 3.71 -0.85 23.51
N CYS C 233 3.02 -1.66 24.30
CA CYS C 233 1.56 -1.81 24.19
C CYS C 233 0.87 -0.52 24.64
N ASN C 234 1.36 0.11 25.72
CA ASN C 234 0.82 1.40 26.19
C ASN C 234 1.01 2.46 25.12
N LEU C 235 2.18 2.47 24.46
CA LEU C 235 2.47 3.40 23.38
C LEU C 235 1.51 3.18 22.20
N ALA C 236 1.26 1.93 21.85
CA ALA C 236 0.36 1.58 20.74
C ALA C 236 -1.14 1.71 21.09
N GLY C 237 -1.46 1.84 22.37
CA GLY C 237 -2.85 1.91 22.81
C GLY C 237 -3.56 0.56 22.72
N LYS C 238 -2.82 -0.54 22.87
CA LYS C 238 -3.38 -1.88 22.79
C LYS C 238 -3.26 -2.61 24.12
N PRO C 239 -4.28 -3.42 24.50
CA PRO C 239 -4.23 -4.10 25.79
C PRO C 239 -3.03 -5.03 26.01
N VAL C 240 -2.52 -5.04 27.23
CA VAL C 240 -1.41 -5.92 27.60
C VAL C 240 -1.76 -6.61 28.91
N VAL C 241 -1.55 -7.93 28.96
CA VAL C 241 -1.83 -8.75 30.12
C VAL C 241 -0.51 -9.20 30.76
N CYS C 242 -0.39 -9.11 32.09
CA CYS C 242 0.76 -9.69 32.78
C CYS C 242 0.26 -11.01 33.37
N ALA C 243 1.00 -12.10 33.13
CA ALA C 243 0.53 -13.41 33.57
C ALA C 243 1.61 -14.25 34.23
N THR C 244 1.16 -15.27 35.03
CA THR C 244 1.84 -16.43 35.58
C THR C 244 2.65 -16.19 36.83
N GLN C 245 2.32 -16.98 37.86
CA GLN C 245 2.96 -17.04 39.17
C GLN C 245 2.89 -15.73 39.95
N MET C 246 1.90 -14.87 39.65
CA MET C 246 1.76 -13.59 40.34
C MET C 246 1.49 -13.76 41.83
N LEU C 247 0.67 -14.75 42.19
CA LEU C 247 0.35 -15.08 43.58
C LEU C 247 0.51 -16.61 43.78
N GLU C 248 1.54 -17.22 43.16
CA GLU C 248 1.79 -18.66 43.15
C GLU C 248 1.66 -19.38 44.49
N SER C 249 2.26 -18.85 45.56
CA SER C 249 2.17 -19.48 46.88
C SER C 249 0.73 -19.64 47.39
N MET C 250 -0.22 -18.82 46.88
CA MET C 250 -1.62 -18.93 47.26
C MET C 250 -2.32 -20.19 46.72
N ILE C 251 -1.62 -21.03 45.94
CA ILE C 251 -2.17 -22.31 45.52
C ILE C 251 -2.37 -23.20 46.78
N THR C 252 -1.44 -23.12 47.75
CA THR C 252 -1.52 -23.88 49.00
C THR C 252 -1.66 -23.00 50.25
N LYS C 253 -1.32 -21.71 50.19
CA LYS C 253 -1.37 -20.84 51.39
C LYS C 253 -2.44 -19.76 51.31
N PRO C 254 -3.06 -19.40 52.45
CA PRO C 254 -4.13 -18.39 52.42
C PRO C 254 -3.66 -16.95 52.17
N ARG C 255 -2.36 -16.69 52.36
CA ARG C 255 -1.78 -15.36 52.17
C ARG C 255 -0.56 -15.46 51.26
N PRO C 256 -0.36 -14.45 50.39
CA PRO C 256 0.78 -14.50 49.49
C PRO C 256 2.09 -14.02 50.11
N THR C 257 3.22 -14.23 49.42
CA THR C 257 4.50 -13.74 49.91
C THR C 257 4.64 -12.22 49.63
N ARG C 258 5.65 -11.57 50.22
CA ARG C 258 5.94 -10.17 50.00
C ARG C 258 6.35 -9.91 48.55
N ALA C 259 7.03 -10.87 47.91
CA ALA C 259 7.44 -10.73 46.52
C ALA C 259 6.21 -10.80 45.58
N GLU C 260 5.22 -11.60 45.93
CA GLU C 260 4.01 -11.76 45.14
C GLU C 260 3.13 -10.53 45.15
N THR C 261 2.91 -9.90 46.33
CA THR C 261 2.12 -8.67 46.38
C THR C 261 2.86 -7.55 45.63
N SER C 262 4.19 -7.52 45.74
CA SER C 262 5.04 -6.56 45.05
C SER C 262 4.92 -6.75 43.53
N ASP C 263 4.94 -8.00 43.07
CA ASP C 263 4.85 -8.31 41.64
C ASP C 263 3.52 -7.83 41.05
N VAL C 264 2.41 -8.05 41.75
CA VAL C 264 1.09 -7.60 41.28
C VAL C 264 1.06 -6.07 41.21
N ALA C 265 1.54 -5.39 42.27
CA ALA C 265 1.56 -3.93 42.31
C ALA C 265 2.44 -3.37 41.21
N ASN C 266 3.60 -3.99 40.97
CA ASN C 266 4.52 -3.52 39.96
C ASN C 266 4.01 -3.78 38.55
N ALA C 267 3.23 -4.85 38.33
CA ALA C 267 2.67 -5.08 36.99
C ALA C 267 1.67 -3.95 36.67
N VAL C 268 0.85 -3.53 37.66
CA VAL C 268 -0.10 -2.43 37.50
C VAL C 268 0.67 -1.12 37.27
N LEU C 269 1.70 -0.84 38.09
CA LEU C 269 2.51 0.38 37.91
C LEU C 269 3.22 0.40 36.55
N ASP C 270 3.69 -0.76 36.08
CA ASP C 270 4.34 -0.90 34.77
C ASP C 270 3.41 -0.43 33.64
N GLY C 271 2.11 -0.69 33.79
CA GLY C 271 1.09 -0.29 32.83
C GLY C 271 0.21 -1.41 32.30
N ALA C 272 0.18 -2.56 32.98
CA ALA C 272 -0.62 -3.68 32.50
C ALA C 272 -2.14 -3.36 32.57
N ASP C 273 -2.84 -3.64 31.49
CA ASP C 273 -4.28 -3.46 31.44
C ASP C 273 -4.99 -4.55 32.26
N CYS C 274 -4.43 -5.77 32.23
CA CYS C 274 -4.99 -6.92 32.93
C CYS C 274 -3.91 -7.64 33.69
N ILE C 275 -4.32 -8.28 34.78
CA ILE C 275 -3.46 -9.17 35.56
C ILE C 275 -4.16 -10.54 35.59
N MET C 276 -3.39 -11.62 35.70
CA MET C 276 -3.95 -12.96 35.58
C MET C 276 -3.61 -13.89 36.74
N LEU C 277 -4.47 -14.88 36.94
CA LEU C 277 -4.34 -15.96 37.90
C LEU C 277 -4.47 -17.28 37.11
N SER C 278 -3.54 -18.21 37.31
CA SER C 278 -3.60 -19.49 36.61
C SER C 278 -3.89 -20.62 37.61
N GLY C 279 -2.88 -21.32 38.12
CA GLY C 279 -3.06 -22.38 39.12
C GLY C 279 -3.73 -21.90 40.39
N GLU C 280 -3.54 -20.60 40.73
CA GLU C 280 -4.14 -19.97 41.90
C GLU C 280 -5.65 -20.10 41.89
N THR C 281 -6.29 -20.02 40.71
CA THR C 281 -7.75 -20.15 40.63
C THR C 281 -8.20 -21.46 39.99
N ALA C 282 -7.35 -22.06 39.12
CA ALA C 282 -7.74 -23.30 38.43
C ALA C 282 -7.70 -24.53 39.33
N LYS C 283 -6.65 -24.68 40.15
CA LYS C 283 -6.51 -25.87 40.99
C LYS C 283 -6.21 -25.62 42.47
N GLY C 284 -5.92 -24.38 42.84
CA GLY C 284 -5.54 -24.07 44.21
C GLY C 284 -6.62 -24.15 45.27
N ASN C 285 -6.21 -24.09 46.53
CA ASN C 285 -7.12 -24.16 47.67
C ASN C 285 -7.78 -22.84 48.03
N PHE C 286 -7.28 -21.70 47.47
CA PHE C 286 -7.85 -20.40 47.81
C PHE C 286 -8.15 -19.55 46.56
N PRO C 287 -8.99 -20.04 45.62
CA PRO C 287 -9.25 -19.27 44.39
C PRO C 287 -9.90 -17.91 44.60
N VAL C 288 -10.92 -17.84 45.46
CA VAL C 288 -11.62 -16.58 45.74
C VAL C 288 -10.70 -15.60 46.45
N GLU C 289 -9.89 -16.08 47.39
CA GLU C 289 -8.94 -15.25 48.12
C GLU C 289 -7.86 -14.67 47.20
N ALA C 290 -7.43 -15.44 46.19
CA ALA C 290 -6.44 -14.97 45.23
C ALA C 290 -7.03 -13.81 44.39
N VAL C 291 -8.31 -13.92 44.00
CA VAL C 291 -8.98 -12.85 43.25
C VAL C 291 -9.10 -11.60 44.12
N LYS C 292 -9.51 -11.79 45.39
CA LYS C 292 -9.64 -10.68 46.34
C LYS C 292 -8.32 -9.96 46.55
N MET C 293 -7.21 -10.72 46.61
CA MET C 293 -5.90 -10.17 46.82
C MET C 293 -5.47 -9.32 45.61
N GLN C 294 -5.68 -9.82 44.38
CA GLN C 294 -5.34 -9.05 43.18
C GLN C 294 -6.17 -7.77 43.11
N HIS C 295 -7.46 -7.85 43.49
CA HIS C 295 -8.33 -6.68 43.52
C HIS C 295 -7.79 -5.61 44.50
N ALA C 296 -7.47 -6.04 45.74
CA ALA C 296 -6.97 -5.13 46.77
C ALA C 296 -5.66 -4.44 46.36
N ILE C 297 -4.70 -5.23 45.82
CA ILE C 297 -3.43 -4.65 45.40
C ILE C 297 -3.59 -3.71 44.20
N ALA C 298 -4.38 -4.12 43.19
CA ALA C 298 -4.58 -3.29 42.00
C ALA C 298 -5.16 -1.92 42.34
N ARG C 299 -6.13 -1.85 43.25
CA ARG C 299 -6.70 -0.56 43.65
C ARG C 299 -5.64 0.35 44.28
N GLU C 300 -4.79 -0.22 45.14
CA GLU C 300 -3.73 0.56 45.78
C GLU C 300 -2.72 1.05 44.74
N ALA C 301 -2.33 0.17 43.81
CA ALA C 301 -1.33 0.52 42.79
C ALA C 301 -1.84 1.53 41.78
N GLU C 302 -3.12 1.46 41.41
CA GLU C 302 -3.70 2.42 40.47
C GLU C 302 -3.69 3.84 41.04
N ALA C 303 -3.95 3.99 42.33
CA ALA C 303 -3.92 5.31 42.98
C ALA C 303 -2.48 5.87 43.04
N ALA C 304 -1.47 4.98 43.11
CA ALA C 304 -0.06 5.37 43.15
C ALA C 304 0.56 5.65 41.78
N VAL C 305 -0.21 5.53 40.68
CA VAL C 305 0.30 5.85 39.34
C VAL C 305 0.62 7.35 39.27
N TYR C 306 1.78 7.72 38.72
CA TYR C 306 2.19 9.13 38.61
C TYR C 306 1.58 9.72 37.34
N HIS C 307 0.27 10.01 37.36
CA HIS C 307 -0.45 10.52 36.20
C HIS C 307 0.16 11.77 35.57
N ARG C 308 0.72 12.66 36.37
CA ARG C 308 1.30 13.91 35.86
C ARG C 308 2.35 13.67 34.77
N GLN C 309 3.33 12.79 35.02
CA GLN C 309 4.35 12.51 34.00
C GLN C 309 3.84 11.51 32.97
N LEU C 310 3.07 10.50 33.40
CA LEU C 310 2.51 9.51 32.49
C LEU C 310 1.69 10.17 31.36
N PHE C 311 0.77 11.07 31.70
CA PHE C 311 -0.06 11.74 30.70
C PHE C 311 0.79 12.61 29.79
N GLU C 312 1.78 13.33 30.35
CA GLU C 312 2.67 14.16 29.54
C GLU C 312 3.46 13.32 28.53
N GLU C 313 3.93 12.16 28.96
CA GLU C 313 4.68 11.27 28.08
C GLU C 313 3.80 10.59 27.05
N LEU C 314 2.58 10.16 27.42
CA LEU C 314 1.66 9.52 26.47
C LEU C 314 1.25 10.55 25.41
N ARG C 315 1.02 11.80 25.83
CA ARG C 315 0.67 12.93 24.97
C ARG C 315 1.81 13.18 23.95
N ARG C 316 3.05 13.31 24.43
CA ARG C 316 4.23 13.59 23.61
C ARG C 316 4.56 12.44 22.64
N ALA C 317 4.44 11.19 23.09
CA ALA C 317 4.76 10.03 22.28
C ALA C 317 3.69 9.69 21.26
N ALA C 318 2.40 9.96 21.59
CA ALA C 318 1.30 9.65 20.67
C ALA C 318 1.43 10.58 19.47
N PRO C 319 1.37 10.02 18.26
CA PRO C 319 1.53 10.85 17.07
C PRO C 319 0.40 11.85 16.91
N LEU C 320 0.62 12.93 16.15
CA LEU C 320 -0.44 13.88 15.83
C LEU C 320 -1.51 13.14 15.03
N SER C 321 -2.77 13.45 15.28
CA SER C 321 -3.83 12.70 14.63
C SER C 321 -4.89 13.56 14.06
N ARG C 322 -5.40 13.16 12.91
CA ARG C 322 -6.53 13.83 12.30
C ARG C 322 -7.82 12.98 12.46
N ASP C 323 -7.79 11.91 13.24
CA ASP C 323 -8.94 11.07 13.50
C ASP C 323 -9.73 11.77 14.61
N PRO C 324 -10.99 12.14 14.36
CA PRO C 324 -11.75 12.85 15.40
C PRO C 324 -11.95 12.09 16.70
N THR C 325 -12.01 10.73 16.67
CA THR C 325 -12.17 9.96 17.90
C THR C 325 -10.94 10.11 18.79
N GLU C 326 -9.76 10.06 18.17
CA GLU C 326 -8.50 10.21 18.91
CA GLU C 326 -8.49 10.22 18.88
C GLU C 326 -8.37 11.65 19.44
N VAL C 327 -8.74 12.64 18.64
CA VAL C 327 -8.66 14.05 19.05
C VAL C 327 -9.63 14.31 20.22
N THR C 328 -10.85 13.77 20.14
CA THR C 328 -11.85 13.94 21.19
C THR C 328 -11.39 13.23 22.47
N ALA C 329 -10.80 12.02 22.33
CA ALA C 329 -10.34 11.28 23.49
C ALA C 329 -9.30 12.07 24.32
N ILE C 330 -8.29 12.67 23.65
CA ILE C 330 -7.27 13.41 24.41
C ILE C 330 -7.85 14.68 25.05
N GLY C 331 -8.77 15.33 24.35
CA GLY C 331 -9.47 16.51 24.88
C GLY C 331 -10.27 16.16 26.11
N ALA C 332 -10.96 14.99 26.09
CA ALA C 332 -11.79 14.53 27.20
C ALA C 332 -10.94 14.13 28.41
N VAL C 333 -9.81 13.48 28.18
CA VAL C 333 -8.92 13.07 29.26
C VAL C 333 -8.30 14.33 29.90
N GLU C 334 -7.92 15.32 29.08
CA GLU C 334 -7.38 16.59 29.59
CA GLU C 334 -7.38 16.59 29.59
C GLU C 334 -8.43 17.30 30.45
N ALA C 335 -9.68 17.35 29.97
CA ALA C 335 -10.80 17.97 30.68
C ALA C 335 -11.05 17.25 32.01
N ALA C 336 -11.01 15.91 32.01
CA ALA C 336 -11.22 15.15 33.24
C ALA C 336 -10.15 15.47 34.31
N PHE C 337 -8.87 15.60 33.91
CA PHE C 337 -7.79 15.94 34.84
C PHE C 337 -7.99 17.35 35.43
N LYS C 338 -8.41 18.31 34.57
CA LYS C 338 -8.62 19.70 34.97
C LYS C 338 -9.63 19.84 36.13
N CYS C 339 -10.72 19.06 36.09
CA CYS C 339 -11.75 19.17 37.11
C CYS C 339 -11.79 17.99 38.10
N CYS C 340 -10.82 17.07 38.03
CA CYS C 340 -10.83 15.84 38.86
C CYS C 340 -12.16 15.09 38.64
N ALA C 341 -12.63 15.01 37.37
CA ALA C 341 -13.90 14.38 37.03
C ALA C 341 -14.03 12.99 37.62
N ALA C 342 -15.22 12.64 38.09
CA ALA C 342 -15.43 11.31 38.68
C ALA C 342 -15.43 10.23 37.57
N ALA C 343 -15.91 10.59 36.36
CA ALA C 343 -16.03 9.65 35.25
C ALA C 343 -16.05 10.34 33.89
N ILE C 344 -15.76 9.56 32.85
CA ILE C 344 -15.90 9.95 31.47
C ILE C 344 -16.92 8.94 30.94
N ILE C 345 -18.11 9.39 30.57
CA ILE C 345 -19.14 8.53 30.01
C ILE C 345 -19.01 8.58 28.51
N VAL C 346 -18.87 7.43 27.88
CA VAL C 346 -18.70 7.36 26.44
C VAL C 346 -19.69 6.38 25.81
N LEU C 347 -20.26 6.77 24.68
CA LEU C 347 -21.15 5.88 23.93
C LEU C 347 -20.27 5.16 22.92
N THR C 348 -20.35 3.83 22.86
CA THR C 348 -19.50 3.07 21.94
C THR C 348 -20.22 1.83 21.40
N THR C 349 -20.02 1.55 20.12
CA THR C 349 -20.64 0.40 19.48
C THR C 349 -19.66 -0.79 19.49
N THR C 350 -18.41 -0.53 19.11
CA THR C 350 -17.36 -1.55 19.04
C THR C 350 -16.42 -1.57 20.25
N GLY C 351 -16.47 -0.53 21.08
CA GLY C 351 -15.55 -0.37 22.20
C GLY C 351 -14.39 0.57 21.87
N ARG C 352 -14.18 0.90 20.57
CA ARG C 352 -13.03 1.72 20.13
C ARG C 352 -12.95 3.09 20.80
N SER C 353 -14.08 3.82 20.95
CA SER C 353 -14.03 5.15 21.60
C SER C 353 -13.58 5.03 23.07
N ALA C 354 -13.98 3.95 23.76
CA ALA C 354 -13.55 3.73 25.14
C ALA C 354 -12.05 3.34 25.19
N GLN C 355 -11.60 2.55 24.23
CA GLN C 355 -10.19 2.14 24.16
C GLN C 355 -9.27 3.35 23.93
N LEU C 356 -9.70 4.30 23.08
CA LEU C 356 -8.90 5.50 22.83
C LEU C 356 -8.85 6.44 24.03
N LEU C 357 -9.86 6.40 24.92
CA LEU C 357 -9.81 7.17 26.16
C LEU C 357 -8.84 6.48 27.14
N SER C 358 -8.95 5.15 27.24
CA SER C 358 -8.15 4.30 28.12
C SER C 358 -6.64 4.41 27.82
N ARG C 359 -6.25 4.61 26.56
CA ARG C 359 -4.83 4.71 26.19
C ARG C 359 -4.12 5.91 26.83
N TYR C 360 -4.86 6.97 27.21
CA TYR C 360 -4.28 8.12 27.91
C TYR C 360 -4.25 8.01 29.41
N ARG C 361 -4.66 6.85 29.95
CA ARG C 361 -4.65 6.51 31.36
C ARG C 361 -5.28 7.58 32.25
N PRO C 362 -6.55 7.94 32.01
CA PRO C 362 -7.20 8.91 32.91
C PRO C 362 -7.38 8.31 34.30
N ARG C 363 -7.38 9.15 35.33
CA ARG C 363 -7.71 8.71 36.68
C ARG C 363 -9.25 8.46 36.72
N ALA C 364 -10.05 9.30 35.99
CA ALA C 364 -11.50 9.15 35.92
C ALA C 364 -11.86 7.81 35.26
N ALA C 365 -12.85 7.10 35.83
CA ALA C 365 -13.36 5.85 35.30
C ALA C 365 -13.97 6.13 33.92
N VAL C 366 -13.79 5.22 32.96
CA VAL C 366 -14.37 5.37 31.64
C VAL C 366 -15.61 4.47 31.61
N ILE C 367 -16.80 5.07 31.74
CA ILE C 367 -18.06 4.32 31.74
C ILE C 367 -18.52 4.20 30.29
N ALA C 368 -18.44 2.98 29.74
CA ALA C 368 -18.78 2.74 28.35
C ALA C 368 -20.17 2.17 28.18
N VAL C 369 -21.05 2.94 27.58
CA VAL C 369 -22.43 2.54 27.36
C VAL C 369 -22.51 1.99 25.94
N THR C 370 -22.93 0.74 25.83
CA THR C 370 -23.00 0.04 24.56
C THR C 370 -24.24 -0.84 24.44
N ARG C 371 -24.73 -1.05 23.22
CA ARG C 371 -25.80 -2.02 22.98
C ARG C 371 -25.20 -3.41 22.61
N SER C 372 -23.88 -3.48 22.29
CA SER C 372 -23.23 -4.74 21.95
C SER C 372 -22.83 -5.52 23.20
N ALA C 373 -23.44 -6.68 23.44
CA ALA C 373 -23.08 -7.53 24.58
C ALA C 373 -21.60 -8.00 24.43
N GLN C 374 -21.16 -8.31 23.19
CA GLN C 374 -19.78 -8.72 22.97
C GLN C 374 -18.79 -7.58 23.26
N ALA C 375 -19.06 -6.35 22.77
CA ALA C 375 -18.17 -5.22 23.06
C ALA C 375 -18.11 -4.94 24.55
N ALA C 376 -19.26 -5.09 25.26
CA ALA C 376 -19.28 -4.89 26.71
C ALA C 376 -18.34 -5.90 27.45
N ARG C 377 -18.27 -7.15 26.95
CA ARG C 377 -17.41 -8.15 27.56
C ARG C 377 -15.94 -7.86 27.19
N GLN C 378 -15.68 -7.56 25.90
CA GLN C 378 -14.33 -7.33 25.40
C GLN C 378 -13.62 -6.08 25.95
N VAL C 379 -14.34 -5.01 26.30
CA VAL C 379 -13.67 -3.79 26.81
C VAL C 379 -13.04 -3.97 28.17
N HIS C 380 -13.28 -5.10 28.86
CA HIS C 380 -12.56 -5.44 30.10
C HIS C 380 -11.02 -5.56 29.80
N LEU C 381 -10.62 -5.76 28.54
CA LEU C 381 -9.20 -5.82 28.17
C LEU C 381 -8.50 -4.45 28.37
N CYS C 382 -9.25 -3.34 28.33
CA CYS C 382 -8.70 -1.99 28.44
C CYS C 382 -8.81 -1.45 29.84
N ARG C 383 -7.67 -1.03 30.43
CA ARG C 383 -7.68 -0.49 31.79
C ARG C 383 -8.65 0.67 31.98
N GLY C 384 -9.44 0.59 33.04
CA GLY C 384 -10.33 1.66 33.45
C GLY C 384 -11.61 1.78 32.67
N VAL C 385 -11.93 0.77 31.82
CA VAL C 385 -13.20 0.79 31.11
C VAL C 385 -14.21 -0.04 31.90
N PHE C 386 -15.36 0.55 32.22
CA PHE C 386 -16.44 -0.07 32.99
C PHE C 386 -17.65 -0.16 32.06
N PRO C 387 -17.91 -1.36 31.50
CA PRO C 387 -18.99 -1.47 30.50
C PRO C 387 -20.38 -1.55 31.10
N LEU C 388 -21.32 -0.90 30.43
CA LEU C 388 -22.74 -0.91 30.79
C LEU C 388 -23.48 -1.33 29.54
N LEU C 389 -24.14 -2.49 29.60
CA LEU C 389 -24.90 -2.98 28.46
C LEU C 389 -26.28 -2.35 28.48
N TYR C 390 -26.65 -1.65 27.39
CA TYR C 390 -27.92 -0.95 27.25
C TYR C 390 -28.88 -1.80 26.42
N ARG C 391 -30.06 -2.11 26.97
CA ARG C 391 -31.01 -2.95 26.25
C ARG C 391 -32.36 -2.32 25.99
N GLU C 392 -32.52 -1.00 26.22
CA GLU C 392 -33.81 -0.34 25.98
C GLU C 392 -34.11 -0.30 24.49
N PRO C 393 -35.39 -0.31 24.08
CA PRO C 393 -35.68 -0.16 22.63
C PRO C 393 -35.27 1.23 22.13
N PRO C 394 -34.72 1.29 20.91
CA PRO C 394 -34.27 2.59 20.38
C PRO C 394 -35.35 3.63 20.19
N GLU C 395 -35.08 4.89 20.60
CA GLU C 395 -36.00 6.01 20.42
C GLU C 395 -36.09 6.37 18.95
N ALA C 396 -37.22 6.96 18.54
CA ALA C 396 -37.43 7.40 17.15
C ALA C 396 -36.51 8.56 16.82
N ILE C 397 -36.30 9.49 17.76
CA ILE C 397 -35.40 10.61 17.51
C ILE C 397 -34.03 10.25 18.06
N TRP C 398 -33.03 10.20 17.19
CA TRP C 398 -31.67 9.81 17.53
C TRP C 398 -31.07 10.58 18.70
N ALA C 399 -31.18 11.91 18.71
CA ALA C 399 -30.66 12.72 19.81
C ALA C 399 -31.29 12.32 21.16
N ASP C 400 -32.57 11.91 21.17
CA ASP C 400 -33.24 11.44 22.39
C ASP C 400 -32.67 10.11 22.84
N ASP C 401 -32.39 9.20 21.90
CA ASP C 401 -31.79 7.90 22.18
C ASP C 401 -30.38 8.09 22.77
N VAL C 402 -29.63 9.10 22.25
CA VAL C 402 -28.30 9.42 22.77
C VAL C 402 -28.44 9.91 24.20
N ASP C 403 -29.36 10.87 24.44
CA ASP C 403 -29.55 11.44 25.77
C ASP C 403 -29.98 10.37 26.77
N ARG C 404 -30.83 9.42 26.36
CA ARG C 404 -31.25 8.34 27.26
C ARG C 404 -30.06 7.47 27.66
N ARG C 405 -29.13 7.21 26.73
CA ARG C 405 -27.93 6.42 27.05
C ARG C 405 -26.99 7.16 27.95
N VAL C 406 -26.81 8.46 27.74
CA VAL C 406 -25.98 9.29 28.61
C VAL C 406 -26.56 9.28 30.04
N GLN C 407 -27.88 9.48 30.15
CA GLN C 407 -28.54 9.45 31.46
C GLN C 407 -28.48 8.05 32.10
N PHE C 408 -28.54 6.98 31.32
CA PHE C 408 -28.38 5.60 31.82
C PHE C 408 -26.99 5.42 32.46
N GLY C 409 -25.97 5.99 31.82
CA GLY C 409 -24.61 5.97 32.36
C GLY C 409 -24.52 6.76 33.65
N ILE C 410 -25.21 7.90 33.72
CA ILE C 410 -25.23 8.74 34.93
C ILE C 410 -25.95 8.03 36.10
N GLU C 411 -27.15 7.49 35.84
CA GLU C 411 -27.91 6.82 36.89
C GLU C 411 -27.21 5.56 37.38
N SER C 412 -26.53 4.82 36.48
CA SER C 412 -25.73 3.65 36.89
C SER C 412 -24.55 4.08 37.77
N GLY C 413 -23.91 5.20 37.42
CA GLY C 413 -22.80 5.73 38.17
C GLY C 413 -23.23 6.19 39.56
N LYS C 414 -24.44 6.75 39.67
CA LYS C 414 -24.97 7.17 40.96
C LYS C 414 -25.25 5.93 41.81
N LEU C 415 -25.89 4.92 41.21
CA LEU C 415 -26.22 3.67 41.89
C LEU C 415 -24.96 2.93 42.38
N ARG C 416 -23.90 2.90 41.56
CA ARG C 416 -22.68 2.19 41.90
C ARG C 416 -21.70 2.97 42.76
N GLY C 417 -21.92 4.27 42.95
CA GLY C 417 -21.04 5.07 43.80
C GLY C 417 -20.03 5.94 43.08
N PHE C 418 -19.92 5.81 41.75
CA PHE C 418 -18.98 6.65 40.98
C PHE C 418 -19.40 8.15 41.06
N LEU C 419 -20.70 8.44 40.98
CA LEU C 419 -21.19 9.82 40.88
C LEU C 419 -22.20 10.25 41.91
N ARG C 420 -22.17 11.53 42.25
CA ARG C 420 -23.12 12.18 43.15
C ARG C 420 -23.61 13.45 42.49
N VAL C 421 -24.76 13.97 42.93
CA VAL C 421 -25.30 15.24 42.46
C VAL C 421 -24.30 16.37 42.78
N GLY C 422 -24.03 17.23 41.81
CA GLY C 422 -23.05 18.28 41.97
C GLY C 422 -21.69 17.94 41.35
N ASP C 423 -21.41 16.65 41.12
CA ASP C 423 -20.16 16.24 40.48
C ASP C 423 -20.10 16.69 39.02
N LEU C 424 -18.90 16.68 38.44
CA LEU C 424 -18.75 16.94 37.01
C LEU C 424 -18.38 15.61 36.36
N VAL C 425 -18.93 15.37 35.19
CA VAL C 425 -18.58 14.22 34.37
C VAL C 425 -18.27 14.73 32.97
N ILE C 426 -17.40 14.01 32.25
CA ILE C 426 -17.09 14.34 30.87
C ILE C 426 -17.89 13.35 30.04
N VAL C 427 -18.56 13.81 29.00
CA VAL C 427 -19.39 12.97 28.18
C VAL C 427 -18.90 13.01 26.77
N VAL C 428 -18.63 11.83 26.21
CA VAL C 428 -18.10 11.67 24.87
C VAL C 428 -19.11 10.97 23.96
N THR C 429 -19.51 11.65 22.88
CA THR C 429 -20.48 11.16 21.90
C THR C 429 -20.00 11.51 20.46
N GLY C 430 -20.82 11.16 19.45
CA GLY C 430 -20.54 11.46 18.05
C GLY C 430 -21.64 12.26 17.41
N TRP C 431 -21.42 12.72 16.19
CA TRP C 431 -22.36 13.61 15.51
C TRP C 431 -23.45 12.89 14.72
N ARG C 432 -23.28 11.58 14.48
CA ARG C 432 -24.27 10.78 13.75
C ARG C 432 -24.25 9.31 14.23
N PRO C 433 -25.31 8.52 13.97
CA PRO C 433 -25.29 7.11 14.40
C PRO C 433 -24.27 6.26 13.65
N GLY C 434 -23.94 5.13 14.24
CA GLY C 434 -22.97 4.21 13.69
C GLY C 434 -21.59 4.44 14.28
N SER C 435 -20.78 3.40 14.28
CA SER C 435 -19.42 3.44 14.75
C SER C 435 -18.52 4.36 13.87
N GLY C 436 -17.49 4.97 14.49
CA GLY C 436 -16.48 5.77 13.80
C GLY C 436 -16.70 7.27 13.71
N TYR C 437 -17.74 7.79 14.35
CA TYR C 437 -18.06 9.22 14.27
C TYR C 437 -17.95 9.98 15.59
N THR C 438 -17.25 9.44 16.60
CA THR C 438 -17.09 10.16 17.87
C THR C 438 -16.33 11.47 17.61
N ASN C 439 -16.88 12.60 18.07
CA ASN C 439 -16.24 13.90 17.83
C ASN C 439 -16.66 14.99 18.83
N ILE C 440 -17.39 14.62 19.90
CA ILE C 440 -17.91 15.60 20.84
C ILE C 440 -17.54 15.26 22.27
N MET C 441 -17.12 16.29 23.00
CA MET C 441 -16.83 16.20 24.40
C MET C 441 -17.63 17.29 25.09
N ARG C 442 -18.37 16.90 26.12
CA ARG C 442 -19.16 17.83 26.90
C ARG C 442 -18.81 17.72 28.35
N VAL C 443 -18.93 18.82 29.07
CA VAL C 443 -18.69 18.86 30.50
C VAL C 443 -20.08 18.98 31.11
N LEU C 444 -20.50 17.97 31.88
CA LEU C 444 -21.84 18.01 32.48
C LEU C 444 -21.82 18.00 33.99
N SER C 445 -22.72 18.79 34.57
CA SER C 445 -22.89 18.82 36.02
CA SER C 445 -22.88 18.82 36.01
C SER C 445 -24.00 17.82 36.34
N ILE C 446 -23.74 16.91 37.25
CA ILE C 446 -24.71 15.88 37.62
C ILE C 446 -25.88 16.45 38.42
N SER C 447 -27.10 16.28 37.92
CA SER C 447 -28.31 16.73 38.63
C SER C 447 -29.12 15.50 39.13
N GLY D 23 1.40 16.87 4.36
CA GLY D 23 2.54 17.04 3.48
C GLY D 23 3.79 17.55 4.16
N THR D 24 4.95 17.39 3.50
CA THR D 24 6.23 17.85 4.03
C THR D 24 6.31 19.39 4.05
N ALA D 25 5.67 20.05 3.06
CA ALA D 25 5.65 21.51 2.96
C ALA D 25 5.01 22.13 4.19
N PHE D 26 3.95 21.50 4.73
CA PHE D 26 3.26 21.97 5.92
C PHE D 26 4.21 22.00 7.12
N PHE D 27 4.99 20.93 7.31
CA PHE D 27 5.90 20.84 8.45
C PHE D 27 7.21 21.63 8.30
N GLN D 28 7.39 22.33 7.18
CA GLN D 28 8.56 23.18 6.98
C GLN D 28 8.22 24.66 7.34
N GLN D 29 6.94 25.06 7.14
CA GLN D 29 6.42 26.41 7.40
C GLN D 29 6.20 26.67 8.90
N GLN D 30 5.91 27.95 9.23
CA GLN D 30 5.59 28.48 10.57
C GLN D 30 6.48 27.93 11.70
N GLN D 31 7.79 27.79 11.42
CA GLN D 31 8.78 27.31 12.37
C GLN D 31 8.43 25.97 13.00
N LEU D 32 7.74 25.10 12.26
CA LEU D 32 7.36 23.78 12.80
C LEU D 32 8.57 22.90 13.16
N PRO D 33 9.71 22.89 12.42
CA PRO D 33 10.88 22.12 12.91
C PRO D 33 11.35 22.62 14.29
N ALA D 34 11.39 23.95 14.50
CA ALA D 34 11.79 24.51 15.81
C ALA D 34 10.72 24.23 16.90
N ALA D 35 9.45 24.08 16.49
CA ALA D 35 8.35 23.80 17.40
C ALA D 35 8.43 22.38 17.97
N MET D 36 8.92 21.42 17.18
CA MET D 36 9.03 20.03 17.63
C MET D 36 10.29 19.75 18.45
N ALA D 37 11.15 20.75 18.70
CA ALA D 37 12.41 20.55 19.43
C ALA D 37 12.23 20.16 20.91
N ASP D 38 13.14 19.33 21.41
CA ASP D 38 13.09 18.81 22.78
C ASP D 38 13.63 19.76 23.85
N THR D 39 14.46 20.73 23.46
CA THR D 39 15.00 21.71 24.39
C THR D 39 14.84 23.11 23.78
N PHE D 40 14.88 24.15 24.63
CA PHE D 40 14.83 25.53 24.15
C PHE D 40 16.08 25.84 23.31
N LEU D 41 17.26 25.28 23.68
CA LEU D 41 18.49 25.48 22.90
C LEU D 41 18.32 24.96 21.48
N GLU D 42 17.81 23.73 21.34
CA GLU D 42 17.56 23.12 20.02
C GLU D 42 16.49 23.91 19.24
N HIS D 43 15.48 24.46 19.96
CA HIS D 43 14.43 25.29 19.39
C HIS D 43 15.08 26.54 18.74
N LEU D 44 15.99 27.21 19.46
CA LEU D 44 16.71 28.37 18.93
C LEU D 44 17.54 27.99 17.69
N CYS D 45 18.29 26.89 17.79
CA CYS D 45 19.15 26.38 16.71
C CYS D 45 18.37 26.05 15.44
N LEU D 46 17.08 25.72 15.55
CA LEU D 46 16.26 25.33 14.41
C LEU D 46 15.44 26.47 13.79
N LEU D 47 15.50 27.69 14.36
CA LEU D 47 14.74 28.83 13.80
C LEU D 47 15.26 29.11 12.39
N ASP D 48 14.34 29.24 11.44
CA ASP D 48 14.67 29.36 10.03
C ASP D 48 14.06 30.60 9.39
N ILE D 49 14.90 31.50 8.87
CA ILE D 49 14.44 32.70 8.17
C ILE D 49 13.65 32.38 6.89
N ASP D 50 13.80 31.17 6.34
CA ASP D 50 13.06 30.74 5.14
C ASP D 50 11.70 30.09 5.50
N SER D 51 11.44 29.81 6.78
CA SER D 51 10.19 29.19 7.21
C SER D 51 9.17 30.33 7.34
N GLU D 52 8.25 30.41 6.38
CA GLU D 52 7.28 31.49 6.34
C GLU D 52 6.10 31.33 7.27
N PRO D 53 5.66 32.44 7.89
CA PRO D 53 4.48 32.35 8.77
C PRO D 53 3.22 32.04 7.98
N VAL D 54 2.32 31.22 8.52
CA VAL D 54 1.09 30.87 7.84
C VAL D 54 -0.13 31.35 8.63
N ALA D 55 -0.06 31.25 9.96
CA ALA D 55 -1.13 31.67 10.84
C ALA D 55 -1.40 33.16 10.75
N ALA D 56 -2.64 33.56 11.06
CA ALA D 56 -3.00 34.96 11.11
C ALA D 56 -2.28 35.59 12.31
N ARG D 57 -1.93 36.87 12.19
CA ARG D 57 -1.23 37.60 13.23
C ARG D 57 -2.11 37.71 14.47
N SER D 58 -1.64 37.20 15.58
CA SER D 58 -2.41 37.08 16.80
C SER D 58 -2.24 38.21 17.84
N THR D 59 -1.08 38.89 17.86
CA THR D 59 -0.87 40.00 18.80
C THR D 59 -1.54 41.24 18.24
N SER D 60 -2.47 41.85 18.97
CA SER D 60 -3.18 43.02 18.50
CA SER D 60 -3.18 43.04 18.52
C SER D 60 -2.30 44.27 18.47
N ILE D 61 -2.59 45.16 17.56
CA ILE D 61 -1.85 46.42 17.42
C ILE D 61 -2.75 47.57 17.87
N ILE D 62 -2.24 48.38 18.81
CA ILE D 62 -2.90 49.57 19.26
C ILE D 62 -2.19 50.76 18.57
N ALA D 63 -2.93 51.59 17.87
CA ALA D 63 -2.36 52.77 17.20
C ALA D 63 -2.95 54.01 17.85
N THR D 64 -2.11 54.93 18.28
CA THR D 64 -2.56 56.20 18.85
C THR D 64 -3.02 57.14 17.72
N ILE D 65 -4.22 57.71 17.87
CA ILE D 65 -4.82 58.60 16.88
C ILE D 65 -4.35 60.02 17.11
N GLY D 66 -3.97 60.69 16.04
CA GLY D 66 -3.52 62.07 16.12
C GLY D 66 -3.59 62.78 14.79
N PRO D 67 -2.92 63.92 14.63
CA PRO D 67 -2.95 64.62 13.32
C PRO D 67 -2.52 63.77 12.12
N ALA D 68 -1.58 62.84 12.31
CA ALA D 68 -1.13 61.97 11.21
C ALA D 68 -2.12 60.84 10.88
N SER D 69 -3.14 60.63 11.74
CA SER D 69 -4.04 59.50 11.56
C SER D 69 -5.50 59.82 11.81
N ARG D 70 -5.91 61.08 11.71
CA ARG D 70 -7.31 61.43 11.92
C ARG D 70 -8.13 61.37 10.65
N SER D 71 -7.49 61.49 9.49
CA SER D 71 -8.21 61.44 8.22
C SER D 71 -8.96 60.12 8.07
N VAL D 72 -10.24 60.17 7.64
CA VAL D 72 -11.04 58.98 7.45
C VAL D 72 -10.41 58.04 6.43
N GLU D 73 -9.82 58.61 5.36
CA GLU D 73 -9.16 57.82 4.33
C GLU D 73 -7.89 57.15 4.82
N ARG D 74 -7.13 57.85 5.65
CA ARG D 74 -5.92 57.27 6.24
C ARG D 74 -6.32 56.17 7.29
N LEU D 75 -7.38 56.42 8.07
CA LEU D 75 -7.86 55.41 9.04
C LEU D 75 -8.28 54.11 8.32
N LYS D 76 -8.86 54.21 7.11
CA LYS D 76 -9.23 53.04 6.33
C LYS D 76 -7.98 52.22 5.98
N GLU D 77 -6.89 52.91 5.62
CA GLU D 77 -5.64 52.23 5.31
C GLU D 77 -5.02 51.60 6.56
N MET D 78 -5.14 52.25 7.72
CA MET D 78 -4.60 51.70 8.96
CA MET D 78 -4.60 51.69 8.97
C MET D 78 -5.35 50.44 9.40
N ILE D 79 -6.66 50.40 9.17
CA ILE D 79 -7.48 49.23 9.50
C ILE D 79 -7.04 48.07 8.59
N LYS D 80 -6.84 48.35 7.29
CA LYS D 80 -6.38 47.35 6.33
C LYS D 80 -4.97 46.86 6.67
N ALA D 81 -4.11 47.76 7.20
CA ALA D 81 -2.73 47.42 7.58
C ALA D 81 -2.66 46.54 8.85
N GLY D 82 -3.71 46.56 9.67
CA GLY D 82 -3.76 45.71 10.85
C GLY D 82 -4.10 46.38 12.19
N MET D 83 -4.45 47.68 12.20
CA MET D 83 -4.81 48.34 13.46
C MET D 83 -6.08 47.69 14.07
N ASN D 84 -6.00 47.28 15.32
CA ASN D 84 -7.12 46.63 16.00
C ASN D 84 -7.77 47.52 17.04
N ILE D 85 -6.97 48.38 17.68
CA ILE D 85 -7.43 49.25 18.74
C ILE D 85 -6.92 50.67 18.47
N ALA D 86 -7.82 51.64 18.54
CA ALA D 86 -7.47 53.05 18.34
C ALA D 86 -7.35 53.70 19.73
N ARG D 87 -6.17 54.23 20.06
CA ARG D 87 -5.94 54.86 21.36
C ARG D 87 -6.12 56.39 21.26
N LEU D 88 -6.90 56.97 22.18
CA LEU D 88 -7.09 58.42 22.25
C LEU D 88 -6.33 58.87 23.45
N ASN D 89 -5.27 59.65 23.25
CA ASN D 89 -4.45 60.11 24.36
C ASN D 89 -5.02 61.41 24.91
N PHE D 90 -5.70 61.34 26.06
CA PHE D 90 -6.30 62.51 26.68
C PHE D 90 -5.30 63.44 27.39
N SER D 91 -3.98 63.17 27.26
CA SER D 91 -2.96 64.11 27.75
C SER D 91 -2.92 65.37 26.86
N HIS D 92 -3.37 65.27 25.59
CA HIS D 92 -3.42 66.36 24.61
C HIS D 92 -4.80 66.40 23.95
N GLY D 93 -5.21 67.59 23.52
CA GLY D 93 -6.49 67.75 22.85
C GLY D 93 -7.68 67.95 23.76
N SER D 94 -8.67 68.66 23.26
CA SER D 94 -9.91 68.93 23.99
C SER D 94 -10.93 67.78 23.81
N HIS D 95 -12.08 67.85 24.51
CA HIS D 95 -13.14 66.86 24.32
C HIS D 95 -13.68 66.91 22.90
N GLU D 96 -13.77 68.11 22.29
CA GLU D 96 -14.24 68.28 20.93
C GLU D 96 -13.30 67.60 19.94
N TYR D 97 -12.00 67.70 20.17
CA TYR D 97 -10.98 67.07 19.33
C TYR D 97 -11.15 65.53 19.40
N HIS D 98 -11.27 64.99 20.60
CA HIS D 98 -11.41 63.53 20.77
C HIS D 98 -12.73 63.01 20.25
N ALA D 99 -13.82 63.79 20.34
CA ALA D 99 -15.12 63.35 19.79
C ALA D 99 -15.02 63.23 18.27
N GLU D 100 -14.28 64.16 17.61
CA GLU D 100 -14.08 64.12 16.16
C GLU D 100 -13.22 62.91 15.79
N SER D 101 -12.20 62.60 16.60
CA SER D 101 -11.35 61.42 16.36
C SER D 101 -12.21 60.13 16.42
N ILE D 102 -13.08 60.04 17.43
CA ILE D 102 -13.98 58.89 17.59
C ILE D 102 -14.89 58.76 16.39
N ALA D 103 -15.50 59.88 15.95
CA ALA D 103 -16.40 59.87 14.79
C ALA D 103 -15.66 59.43 13.52
N ASN D 104 -14.41 59.90 13.35
CA ASN D 104 -13.61 59.53 12.17
C ASN D 104 -13.25 58.05 12.19
N VAL D 105 -12.87 57.53 13.37
CA VAL D 105 -12.55 56.10 13.51
C VAL D 105 -13.78 55.28 13.16
N ARG D 106 -14.92 55.61 13.76
CA ARG D 106 -16.17 54.88 13.51
C ARG D 106 -16.60 54.94 12.06
N GLU D 107 -16.44 56.10 11.38
CA GLU D 107 -16.78 56.20 9.98
C GLU D 107 -15.92 55.27 9.13
N ALA D 108 -14.60 55.25 9.38
CA ALA D 108 -13.68 54.36 8.66
C ALA D 108 -14.00 52.88 8.94
N VAL D 109 -14.25 52.52 10.21
CA VAL D 109 -14.56 51.14 10.58
C VAL D 109 -15.88 50.68 9.93
N GLU D 110 -16.92 51.52 10.03
CA GLU D 110 -18.22 51.16 9.47
C GLU D 110 -18.31 51.22 7.95
N SER D 111 -17.28 51.77 7.27
CA SER D 111 -17.26 51.77 5.80
C SER D 111 -17.07 50.33 5.25
N PHE D 112 -16.64 49.38 6.09
CA PHE D 112 -16.47 47.98 5.71
C PHE D 112 -17.62 47.08 6.19
N ALA D 113 -18.64 47.63 6.89
CA ALA D 113 -19.75 46.84 7.42
C ALA D 113 -20.67 46.22 6.37
N GLY D 114 -20.64 46.74 5.14
CA GLY D 114 -21.43 46.22 4.03
C GLY D 114 -21.03 44.82 3.60
N SER D 115 -19.85 44.35 4.01
CA SER D 115 -19.37 43.00 3.75
C SER D 115 -19.13 42.32 5.11
N PRO D 116 -20.19 41.72 5.68
CA PRO D 116 -20.06 41.12 7.02
C PRO D 116 -19.02 40.01 7.17
N LEU D 117 -18.71 39.25 6.10
CA LEU D 117 -17.72 38.17 6.17
C LEU D 117 -16.27 38.68 6.30
N SER D 118 -16.03 39.97 6.02
CA SER D 118 -14.67 40.51 6.12
C SER D 118 -14.54 41.72 7.08
N TYR D 119 -15.67 42.20 7.65
CA TYR D 119 -15.70 43.34 8.56
C TYR D 119 -14.78 43.12 9.78
N ARG D 120 -13.94 44.10 10.07
CA ARG D 120 -13.03 44.01 11.20
C ARG D 120 -13.42 44.99 12.28
N PRO D 121 -13.86 44.48 13.44
CA PRO D 121 -14.14 45.37 14.57
C PRO D 121 -12.86 46.09 15.02
N VAL D 122 -13.00 47.33 15.47
CA VAL D 122 -11.86 48.09 15.96
C VAL D 122 -12.28 48.70 17.28
N ALA D 123 -11.52 48.45 18.34
CA ALA D 123 -11.86 48.99 19.66
C ALA D 123 -11.41 50.45 19.81
N ILE D 124 -12.04 51.20 20.69
CA ILE D 124 -11.65 52.56 21.00
C ILE D 124 -11.23 52.61 22.46
N ALA D 125 -9.99 53.02 22.71
CA ALA D 125 -9.46 53.07 24.07
C ALA D 125 -9.15 54.50 24.47
N LEU D 126 -9.50 54.87 25.70
CA LEU D 126 -9.27 56.22 26.21
C LEU D 126 -8.11 56.13 27.18
N ASP D 127 -7.04 56.83 26.90
CA ASP D 127 -5.86 56.83 27.75
C ASP D 127 -5.91 58.12 28.56
N THR D 128 -6.02 58.02 29.89
CA THR D 128 -6.16 59.19 30.74
C THR D 128 -4.89 60.03 30.94
N LYS D 129 -5.08 61.31 31.25
CA LYS D 129 -3.97 62.23 31.51
C LYS D 129 -3.20 61.79 32.75
N GLY D 130 -3.91 61.37 33.78
CA GLY D 130 -3.28 60.90 35.01
C GLY D 130 -3.45 61.81 36.20
N PRO D 131 -2.95 61.36 37.36
CA PRO D 131 -3.12 62.14 38.59
C PRO D 131 -2.22 63.36 38.74
N GLY D 132 -1.11 63.37 38.00
CA GLY D 132 -0.12 64.44 38.08
C GLY D 132 0.53 64.44 39.45
N SER D 133 0.54 65.62 40.11
CA SER D 133 1.11 65.76 41.46
C SER D 133 0.17 65.25 42.58
N GLY D 134 -1.10 65.02 42.26
CA GLY D 134 -2.10 64.58 43.23
C GLY D 134 -1.98 63.14 43.67
N PRO D 135 -2.68 62.79 44.76
CA PRO D 135 -2.58 61.41 45.30
C PRO D 135 -3.51 60.37 44.68
N GLY D 136 -4.62 60.83 44.09
CA GLY D 136 -5.61 59.95 43.50
C GLY D 136 -6.19 60.49 42.21
N LEU D 137 -7.44 60.09 41.90
CA LEU D 137 -8.13 60.49 40.67
C LEU D 137 -8.31 61.99 40.54
N SER D 138 -7.70 62.58 39.50
CA SER D 138 -7.78 64.02 39.26
C SER D 138 -9.17 64.43 38.75
N GLU D 139 -9.51 65.71 38.87
CA GLU D 139 -10.79 66.21 38.41
C GLU D 139 -10.90 66.16 36.88
N GLN D 140 -9.78 66.36 36.16
CA GLN D 140 -9.81 66.25 34.70
C GLN D 140 -10.08 64.80 34.31
N ASP D 141 -9.51 63.82 35.02
CA ASP D 141 -9.76 62.41 34.74
C ASP D 141 -11.21 62.05 34.98
N VAL D 142 -11.87 62.62 36.00
CA VAL D 142 -13.30 62.37 36.24
C VAL D 142 -14.13 62.86 35.06
N ARG D 143 -13.80 64.03 34.51
CA ARG D 143 -14.51 64.57 33.35
C ARG D 143 -14.22 63.78 32.07
N ASP D 144 -12.97 63.36 31.89
CA ASP D 144 -12.56 62.58 30.72
C ASP D 144 -13.19 61.19 30.73
N LEU D 145 -13.25 60.55 31.91
CA LEU D 145 -13.86 59.24 32.04
C LEU D 145 -15.36 59.31 31.76
N ARG D 146 -16.04 60.39 32.22
CA ARG D 146 -17.45 60.58 31.93
CA ARG D 146 -17.46 60.56 31.94
C ARG D 146 -17.67 60.75 30.43
N PHE D 147 -16.75 61.49 29.75
CA PHE D 147 -16.80 61.68 28.29
C PHE D 147 -16.68 60.29 27.61
N GLY D 148 -15.77 59.45 28.09
CA GLY D 148 -15.58 58.11 27.56
C GLY D 148 -16.84 57.27 27.61
N VAL D 149 -17.55 57.28 28.74
CA VAL D 149 -18.81 56.55 28.90
C VAL D 149 -19.85 57.11 27.94
N GLU D 150 -19.98 58.45 27.89
CA GLU D 150 -20.95 59.10 26.99
C GLU D 150 -20.69 58.83 25.53
N HIS D 151 -19.42 58.65 25.15
CA HIS D 151 -19.07 58.35 23.76
C HIS D 151 -18.89 56.86 23.46
N GLY D 152 -19.21 55.98 24.42
CA GLY D 152 -19.17 54.54 24.23
C GLY D 152 -17.80 53.93 24.00
N VAL D 153 -16.76 54.42 24.70
CA VAL D 153 -15.42 53.83 24.55
C VAL D 153 -15.41 52.40 25.12
N ASP D 154 -14.54 51.54 24.58
CA ASP D 154 -14.51 50.14 24.99
C ASP D 154 -13.56 49.87 26.13
N ILE D 155 -12.45 50.62 26.17
CA ILE D 155 -11.37 50.38 27.09
C ILE D 155 -10.87 51.69 27.66
N VAL D 156 -10.38 51.64 28.89
CA VAL D 156 -9.70 52.76 29.51
C VAL D 156 -8.28 52.30 29.85
N PHE D 157 -7.27 53.05 29.41
CA PHE D 157 -5.88 52.81 29.81
C PHE D 157 -5.68 53.84 30.92
N ALA D 158 -5.76 53.41 32.19
CA ALA D 158 -5.66 54.30 33.35
C ALA D 158 -4.20 54.63 33.68
N SER D 159 -3.81 55.89 33.50
CA SER D 159 -2.44 56.31 33.75
C SER D 159 -2.04 56.32 35.22
N PHE D 160 -0.76 55.99 35.46
CA PHE D 160 -0.12 55.99 36.78
C PHE D 160 -0.90 55.29 37.87
N VAL D 161 -1.30 54.04 37.63
CA VAL D 161 -1.99 53.26 38.65
C VAL D 161 -0.93 52.80 39.65
N ARG D 162 -1.11 53.16 40.94
CA ARG D 162 -0.13 52.82 41.97
C ARG D 162 -0.63 51.80 43.00
N LYS D 163 -1.95 51.58 43.07
CA LYS D 163 -2.56 50.70 44.05
C LYS D 163 -3.98 50.33 43.63
N ALA D 164 -4.57 49.31 44.26
CA ALA D 164 -5.91 48.83 43.96
C ALA D 164 -7.00 49.91 44.08
N SER D 165 -6.88 50.84 45.05
CA SER D 165 -7.87 51.91 45.21
C SER D 165 -7.89 52.87 44.03
N ASP D 166 -6.77 52.99 43.27
CA ASP D 166 -6.75 53.82 42.07
C ASP D 166 -7.68 53.22 41.01
N VAL D 167 -7.71 51.89 40.91
CA VAL D 167 -8.57 51.18 39.95
C VAL D 167 -10.04 51.34 40.37
N ALA D 168 -10.31 51.24 41.68
CA ALA D 168 -11.68 51.41 42.20
C ALA D 168 -12.20 52.81 41.89
N ALA D 169 -11.34 53.83 42.01
CA ALA D 169 -11.70 55.22 41.72
C ALA D 169 -12.05 55.40 40.23
N VAL D 170 -11.28 54.76 39.33
CA VAL D 170 -11.56 54.83 37.89
C VAL D 170 -12.90 54.16 37.60
N ARG D 171 -13.13 52.99 38.19
CA ARG D 171 -14.35 52.23 38.04
C ARG D 171 -15.56 53.06 38.52
N ALA D 172 -15.44 53.72 39.67
CA ALA D 172 -16.50 54.56 40.22
C ALA D 172 -16.79 55.77 39.32
N ALA D 173 -15.75 56.40 38.76
CA ALA D 173 -15.92 57.55 37.84
C ALA D 173 -16.59 57.15 36.52
N LEU D 174 -16.51 55.87 36.13
CA LEU D 174 -17.20 55.37 34.94
C LEU D 174 -18.73 55.25 35.18
N GLY D 175 -19.14 55.08 36.45
CA GLY D 175 -20.54 55.03 36.84
C GLY D 175 -21.26 53.76 36.50
N PRO D 176 -22.59 53.76 36.73
CA PRO D 176 -23.40 52.56 36.44
C PRO D 176 -23.50 52.23 34.95
N GLU D 177 -23.38 53.24 34.07
CA GLU D 177 -23.45 52.98 32.62
C GLU D 177 -22.13 52.49 32.01
N GLY D 178 -21.03 52.58 32.74
CA GLY D 178 -19.73 52.16 32.23
C GLY D 178 -19.20 50.86 32.82
N HIS D 179 -20.12 49.97 33.29
CA HIS D 179 -19.74 48.68 33.90
CA HIS D 179 -19.75 48.68 33.90
C HIS D 179 -19.06 47.73 32.92
N GLY D 180 -19.42 47.83 31.64
CA GLY D 180 -18.84 46.96 30.62
C GLY D 180 -17.50 47.41 30.06
N ILE D 181 -17.03 48.61 30.42
CA ILE D 181 -15.75 49.13 29.93
C ILE D 181 -14.57 48.41 30.59
N LYS D 182 -13.60 47.95 29.81
CA LYS D 182 -12.42 47.26 30.35
C LYS D 182 -11.42 48.26 30.91
N ILE D 183 -10.89 48.01 32.11
CA ILE D 183 -9.90 48.90 32.69
C ILE D 183 -8.52 48.23 32.63
N ILE D 184 -7.63 48.82 31.84
CA ILE D 184 -6.25 48.35 31.71
C ILE D 184 -5.40 49.33 32.52
N SER D 185 -4.81 48.85 33.61
CA SER D 185 -4.00 49.71 34.47
C SER D 185 -2.59 49.91 33.91
N LYS D 186 -2.17 51.17 33.78
CA LYS D 186 -0.82 51.47 33.31
C LYS D 186 0.15 51.49 34.48
N ILE D 187 1.19 50.66 34.42
CA ILE D 187 2.21 50.61 35.48
C ILE D 187 3.34 51.48 34.99
N GLU D 188 3.57 52.61 35.68
CA GLU D 188 4.52 53.61 35.22
C GLU D 188 5.55 54.04 36.26
N ASN D 189 5.53 53.45 37.46
CA ASN D 189 6.48 53.85 38.50
C ASN D 189 6.80 52.71 39.45
N HIS D 190 7.76 52.93 40.38
CA HIS D 190 8.19 51.91 41.32
C HIS D 190 7.04 51.36 42.16
N GLU D 191 6.16 52.23 42.68
CA GLU D 191 5.04 51.77 43.51
C GLU D 191 4.09 50.85 42.74
N GLY D 192 3.79 51.17 41.48
CA GLY D 192 2.94 50.33 40.64
C GLY D 192 3.53 48.94 40.45
N VAL D 193 4.86 48.85 40.26
CA VAL D 193 5.56 47.58 40.12
C VAL D 193 5.51 46.79 41.43
N LYS D 194 5.79 47.46 42.57
CA LYS D 194 5.78 46.78 43.86
C LYS D 194 4.40 46.35 44.31
N ARG D 195 3.35 47.11 43.95
CA ARG D 195 1.98 46.74 44.27
C ARG D 195 1.26 46.08 43.08
N PHE D 196 2.02 45.52 42.13
CA PHE D 196 1.48 44.88 40.92
C PHE D 196 0.40 43.87 41.19
N ASP D 197 0.63 42.93 42.13
CA ASP D 197 -0.35 41.87 42.36
C ASP D 197 -1.72 42.38 42.76
N GLU D 198 -1.78 43.38 43.67
CA GLU D 198 -3.08 43.92 44.08
C GLU D 198 -3.74 44.73 42.95
N ILE D 199 -2.94 45.35 42.07
CA ILE D 199 -3.46 46.11 40.93
C ILE D 199 -4.06 45.15 39.90
N LEU D 200 -3.31 44.10 39.53
CA LEU D 200 -3.79 43.12 38.55
C LEU D 200 -5.07 42.45 38.99
N GLU D 201 -5.17 42.10 40.28
CA GLU D 201 -6.34 41.44 40.84
C GLU D 201 -7.65 42.17 40.55
N VAL D 202 -7.64 43.51 40.63
CA VAL D 202 -8.84 44.32 40.38
C VAL D 202 -8.93 44.91 38.97
N SER D 203 -7.90 44.75 38.14
CA SER D 203 -7.92 45.30 36.78
C SER D 203 -8.33 44.23 35.76
N ASP D 204 -8.76 44.66 34.57
CA ASP D 204 -9.01 43.73 33.48
C ASP D 204 -7.69 43.32 32.78
N GLY D 205 -6.68 44.17 32.87
CA GLY D 205 -5.37 43.94 32.28
C GLY D 205 -4.39 45.03 32.65
N ILE D 206 -3.20 44.95 32.06
CA ILE D 206 -2.10 45.86 32.40
C ILE D 206 -1.43 46.41 31.17
N MET D 207 -0.92 47.63 31.27
CA MET D 207 -0.07 48.19 30.25
C MET D 207 1.31 48.44 30.89
N VAL D 208 2.37 47.92 30.28
CA VAL D 208 3.73 48.21 30.69
C VAL D 208 4.06 49.54 29.99
N ALA D 209 3.85 50.65 30.72
CA ALA D 209 4.02 52.00 30.15
C ALA D 209 5.48 52.41 30.32
N ARG D 210 6.31 51.99 29.37
CA ARG D 210 7.76 52.10 29.46
C ARG D 210 8.33 53.50 29.44
N GLY D 211 7.62 54.47 28.84
CA GLY D 211 8.08 55.86 28.79
C GLY D 211 8.32 56.43 30.18
N ASP D 212 7.26 56.52 30.99
CA ASP D 212 7.36 56.99 32.36
C ASP D 212 8.09 56.00 33.24
N LEU D 213 7.89 54.68 33.04
CA LEU D 213 8.59 53.67 33.83
C LEU D 213 10.12 53.82 33.73
N GLY D 214 10.61 54.12 32.53
CA GLY D 214 12.03 54.30 32.25
C GLY D 214 12.64 55.58 32.81
N ILE D 215 11.80 56.49 33.35
CA ILE D 215 12.23 57.73 34.01
C ILE D 215 12.05 57.57 35.54
N GLU D 216 11.03 56.81 35.97
CA GLU D 216 10.71 56.57 37.37
C GLU D 216 11.65 55.55 38.02
N ILE D 217 12.08 54.55 37.24
CA ILE D 217 13.04 53.56 37.72
C ILE D 217 14.26 53.60 36.79
N PRO D 218 15.44 53.06 37.18
CA PRO D 218 16.60 53.10 36.26
C PRO D 218 16.26 52.47 34.91
N ALA D 219 16.65 53.11 33.80
CA ALA D 219 16.35 52.64 32.45
C ALA D 219 16.77 51.18 32.21
N GLU D 220 17.91 50.77 32.79
CA GLU D 220 18.43 49.42 32.65
C GLU D 220 17.61 48.35 33.39
N LYS D 221 16.60 48.75 34.19
CA LYS D 221 15.75 47.81 34.91
C LYS D 221 14.37 47.60 34.25
N VAL D 222 13.99 48.43 33.28
CA VAL D 222 12.68 48.34 32.64
C VAL D 222 12.39 46.95 32.04
N PHE D 223 13.37 46.33 31.38
CA PHE D 223 13.15 44.99 30.80
C PHE D 223 12.76 43.96 31.86
N LEU D 224 13.26 44.11 33.11
CA LEU D 224 12.94 43.19 34.19
C LEU D 224 11.47 43.38 34.58
N ALA D 225 11.02 44.64 34.70
CA ALA D 225 9.63 44.94 35.04
C ALA D 225 8.72 44.47 33.92
N GLN D 226 9.11 44.69 32.65
CA GLN D 226 8.31 44.27 31.51
C GLN D 226 8.13 42.74 31.50
N LYS D 227 9.24 41.99 31.59
CA LYS D 227 9.18 40.53 31.56
C LYS D 227 8.42 39.95 32.72
N MET D 228 8.59 40.54 33.94
CA MET D 228 7.86 40.08 35.12
C MET D 228 6.35 40.31 34.96
N MET D 229 5.96 41.51 34.54
CA MET D 229 4.54 41.85 34.42
C MET D 229 3.85 41.04 33.35
N ILE D 230 4.55 40.81 32.22
CA ILE D 230 3.97 39.97 31.14
C ILE D 230 3.80 38.54 31.65
N GLY D 231 4.80 38.01 32.34
CA GLY D 231 4.72 36.67 32.92
C GLY D 231 3.57 36.52 33.90
N ARG D 232 3.41 37.51 34.81
CA ARG D 232 2.31 37.46 35.79
C ARG D 232 0.93 37.60 35.15
N CYS D 233 0.81 38.43 34.09
CA CYS D 233 -0.46 38.59 33.37
C CYS D 233 -0.79 37.31 32.62
N ASN D 234 0.22 36.66 32.00
CA ASN D 234 0.02 35.40 31.29
C ASN D 234 -0.45 34.31 32.29
N LEU D 235 0.13 34.30 33.48
CA LEU D 235 -0.25 33.35 34.55
C LEU D 235 -1.73 33.60 34.99
N ALA D 236 -2.11 34.87 35.13
CA ALA D 236 -3.47 35.23 35.51
C ALA D 236 -4.50 35.11 34.35
N GLY D 237 -4.03 34.94 33.11
CA GLY D 237 -4.91 34.90 31.95
C GLY D 237 -5.57 36.24 31.65
N LYS D 238 -4.86 37.34 31.97
CA LYS D 238 -5.36 38.70 31.73
C LYS D 238 -4.49 39.43 30.72
N PRO D 239 -5.11 40.25 29.85
CA PRO D 239 -4.33 40.95 28.82
C PRO D 239 -3.20 41.85 29.30
N VAL D 240 -2.08 41.84 28.59
CA VAL D 240 -0.95 42.70 28.89
C VAL D 240 -0.48 43.40 27.60
N VAL D 241 -0.29 44.71 27.69
CA VAL D 241 0.12 45.55 26.56
C VAL D 241 1.57 46.01 26.76
N CYS D 242 2.41 45.90 25.73
CA CYS D 242 3.76 46.47 25.79
C CYS D 242 3.66 47.80 25.02
N ALA D 243 4.15 48.88 25.62
CA ALA D 243 4.03 50.20 25.00
C ALA D 243 5.29 51.03 25.05
N THR D 244 5.40 52.01 24.12
CA THR D 244 6.29 53.17 24.03
C THR D 244 7.64 52.93 23.40
N GLN D 245 7.91 53.73 22.36
CA GLN D 245 9.16 53.80 21.57
C GLN D 245 9.53 52.49 20.90
N MET D 246 8.53 51.61 20.63
CA MET D 246 8.79 50.33 19.98
C MET D 246 9.39 50.50 18.58
N LEU D 247 8.88 51.48 17.81
CA LEU D 247 9.38 51.78 16.47
C LEU D 247 9.63 53.31 16.35
N GLU D 248 10.14 53.94 17.41
CA GLU D 248 10.33 55.38 17.53
C GLU D 248 10.93 56.08 16.30
N SER D 249 12.02 55.55 15.73
CA SER D 249 12.66 56.17 14.57
C SER D 249 11.72 56.28 13.35
N MET D 250 10.65 55.45 13.28
CA MET D 250 9.68 55.52 12.19
C MET D 250 8.77 56.75 12.24
N ILE D 251 8.93 57.61 13.27
CA ILE D 251 8.25 58.90 13.30
C ILE D 251 8.78 59.75 12.10
N THR D 252 10.08 59.64 11.79
CA THR D 252 10.71 60.40 10.70
C THR D 252 11.35 59.56 9.58
N LYS D 253 11.66 58.27 9.83
CA LYS D 253 12.28 57.41 8.83
C LYS D 253 11.37 56.29 8.31
N PRO D 254 11.52 55.90 7.03
CA PRO D 254 10.63 54.87 6.47
C PRO D 254 10.88 53.46 7.00
N ARG D 255 12.07 53.21 7.59
CA ARG D 255 12.44 51.90 8.11
C ARG D 255 12.92 52.02 9.54
N PRO D 256 12.63 51.04 10.40
CA PRO D 256 13.05 51.12 11.79
C PRO D 256 14.50 50.67 12.02
N THR D 257 15.04 50.89 13.21
CA THR D 257 16.38 50.43 13.56
C THR D 257 16.35 48.93 13.91
N ARG D 258 17.53 48.30 14.00
CA ARG D 258 17.65 46.89 14.36
C ARG D 258 17.19 46.65 15.80
N ALA D 259 17.39 47.63 16.69
CA ALA D 259 16.95 47.51 18.09
C ALA D 259 15.41 47.56 18.18
N GLU D 260 14.76 48.35 17.32
CA GLU D 260 13.32 48.50 17.28
C GLU D 260 12.60 47.24 16.80
N THR D 261 13.08 46.61 15.72
CA THR D 261 12.47 45.37 15.25
C THR D 261 12.66 44.27 16.31
N SER D 262 13.84 44.24 16.94
CA SER D 262 14.18 43.30 18.00
C SER D 262 13.24 43.50 19.21
N ASP D 263 12.98 44.75 19.59
CA ASP D 263 12.12 45.06 20.72
C ASP D 263 10.67 44.56 20.48
N VAL D 264 10.15 44.77 19.26
CA VAL D 264 8.79 44.33 18.93
C VAL D 264 8.74 42.79 18.97
N ALA D 265 9.73 42.13 18.37
CA ALA D 265 9.76 40.66 18.35
C ALA D 265 9.87 40.10 19.75
N ASN D 266 10.72 40.72 20.60
CA ASN D 266 10.90 40.26 21.97
C ASN D 266 9.69 40.51 22.86
N ALA D 267 8.92 41.58 22.61
CA ALA D 267 7.68 41.82 23.38
C ALA D 267 6.68 40.69 23.09
N VAL D 268 6.56 40.28 21.82
CA VAL D 268 5.69 39.18 21.42
C VAL D 268 6.19 37.86 22.04
N LEU D 269 7.52 37.58 21.94
CA LEU D 269 8.08 36.36 22.51
C LEU D 269 7.89 36.32 24.04
N ASP D 270 7.99 37.48 24.71
CA ASP D 270 7.79 37.61 26.17
C ASP D 270 6.39 37.14 26.57
N GLY D 271 5.40 37.41 25.72
CA GLY D 271 4.02 37.01 25.94
C GLY D 271 3.00 38.15 25.90
N ALA D 272 3.37 39.31 25.32
CA ALA D 272 2.44 40.45 25.25
C ALA D 272 1.23 40.13 24.39
N ASP D 273 0.04 40.43 24.89
CA ASP D 273 -1.19 40.25 24.11
C ASP D 273 -1.31 41.34 23.05
N CYS D 274 -0.86 42.55 23.37
CA CYS D 274 -0.93 43.71 22.49
C CYS D 274 0.41 44.43 22.44
N ILE D 275 0.67 45.08 21.32
CA ILE D 275 1.82 45.95 21.14
C ILE D 275 1.25 47.32 20.70
N MET D 276 1.96 48.40 21.02
CA MET D 276 1.42 49.74 20.80
C MET D 276 2.35 50.66 19.99
N LEU D 277 1.72 51.65 19.34
CA LEU D 277 2.38 52.71 18.59
C LEU D 277 1.83 54.03 19.16
N SER D 278 2.72 54.98 19.45
CA SER D 278 2.30 56.26 20.01
C SER D 278 2.57 57.38 18.97
N GLY D 279 3.70 58.10 19.04
CA GLY D 279 4.04 59.10 18.05
C GLY D 279 4.13 58.54 16.65
N GLU D 280 4.58 57.26 16.52
CA GLU D 280 4.65 56.55 15.23
C GLU D 280 3.35 56.64 14.43
N THR D 281 2.18 56.59 15.11
CA THR D 281 0.91 56.74 14.36
C THR D 281 0.24 58.09 14.62
N ALA D 282 0.48 58.70 15.79
CA ALA D 282 -0.20 59.95 16.14
C ALA D 282 0.33 61.17 15.38
N LYS D 283 1.65 61.32 15.27
CA LYS D 283 2.21 62.52 14.66
C LYS D 283 3.27 62.30 13.58
N GLY D 284 3.72 61.07 13.42
CA GLY D 284 4.78 60.77 12.48
C GLY D 284 4.42 60.79 11.00
N ASN D 285 5.43 60.63 10.14
CA ASN D 285 5.22 60.63 8.70
C ASN D 285 4.95 59.26 8.10
N PHE D 286 5.05 58.17 8.89
CA PHE D 286 4.82 56.82 8.38
C PHE D 286 3.81 56.01 9.26
N PRO D 287 2.61 56.56 9.55
CA PRO D 287 1.67 55.83 10.41
C PRO D 287 1.23 54.47 9.83
N VAL D 288 0.89 54.38 8.54
CA VAL D 288 0.48 53.12 7.93
C VAL D 288 1.63 52.11 7.90
N GLU D 289 2.85 52.59 7.56
CA GLU D 289 4.03 51.74 7.51
C GLU D 289 4.42 51.24 8.90
N ALA D 290 4.20 52.04 9.96
CA ALA D 290 4.52 51.62 11.33
C ALA D 290 3.59 50.46 11.74
N VAL D 291 2.31 50.52 11.35
CA VAL D 291 1.34 49.46 11.62
C VAL D 291 1.74 48.20 10.83
N LYS D 292 2.09 48.37 9.53
CA LYS D 292 2.51 47.24 8.70
C LYS D 292 3.76 46.56 9.24
N MET D 293 4.70 47.34 9.78
CA MET D 293 5.94 46.81 10.36
C MET D 293 5.65 45.99 11.63
N GLN D 294 4.80 46.50 12.53
CA GLN D 294 4.45 45.74 13.75
C GLN D 294 3.74 44.44 13.36
N HIS D 295 2.85 44.51 12.34
CA HIS D 295 2.15 43.32 11.84
C HIS D 295 3.15 42.27 11.34
N ALA D 296 4.10 42.68 10.49
CA ALA D 296 5.08 41.77 9.92
C ALA D 296 5.95 41.12 10.98
N ILE D 297 6.45 41.90 11.96
CA ILE D 297 7.30 41.36 13.01
C ILE D 297 6.52 40.40 13.91
N ALA D 298 5.30 40.82 14.33
CA ALA D 298 4.49 39.99 15.22
C ALA D 298 4.20 38.61 14.63
N ARG D 299 3.88 38.53 13.33
CA ARG D 299 3.62 37.24 12.68
C ARG D 299 4.86 36.33 12.75
N GLU D 300 6.04 36.91 12.50
CA GLU D 300 7.29 36.14 12.56
C GLU D 300 7.56 35.64 13.98
N ALA D 301 7.38 36.52 14.97
CA ALA D 301 7.65 36.18 16.35
C ALA D 301 6.67 35.16 16.91
N GLU D 302 5.39 35.22 16.52
CA GLU D 302 4.39 34.29 17.00
C GLU D 302 4.70 32.87 16.55
N ALA D 303 5.20 32.70 15.32
CA ALA D 303 5.58 31.38 14.82
C ALA D 303 6.81 30.84 15.55
N ALA D 304 7.69 31.73 16.05
CA ALA D 304 8.90 31.34 16.79
C ALA D 304 8.65 31.05 18.28
N VAL D 305 7.39 31.13 18.74
CA VAL D 305 7.06 30.82 20.14
C VAL D 305 7.25 29.31 20.37
N TYR D 306 7.91 28.92 21.47
CA TYR D 306 8.18 27.53 21.78
C TYR D 306 6.96 26.92 22.49
N HIS D 307 5.88 26.64 21.72
CA HIS D 307 4.62 26.13 22.25
C HIS D 307 4.76 24.87 23.12
N ARG D 308 5.71 23.98 22.80
CA ARG D 308 5.93 22.75 23.56
C ARG D 308 6.11 23.03 25.07
N GLN D 309 7.05 23.90 25.44
CA GLN D 309 7.25 24.22 26.85
C GLN D 309 6.21 25.20 27.37
N LEU D 310 5.85 26.20 26.55
CA LEU D 310 4.87 27.22 26.95
C LEU D 310 3.53 26.60 27.38
N PHE D 311 2.95 25.71 26.55
CA PHE D 311 1.67 25.07 26.87
C PHE D 311 1.78 24.24 28.12
N GLU D 312 2.89 23.48 28.26
CA GLU D 312 3.11 22.64 29.43
C GLU D 312 3.14 23.47 30.71
N GLU D 313 3.83 24.63 30.66
CA GLU D 313 3.93 25.49 31.83
C GLU D 313 2.63 26.21 32.16
N LEU D 314 1.89 26.67 31.13
CA LEU D 314 0.61 27.34 31.36
C LEU D 314 -0.41 26.36 31.95
N ARG D 315 -0.39 25.13 31.42
CA ARG D 315 -1.24 24.03 31.88
C ARG D 315 -0.98 23.73 33.35
N ARG D 316 0.30 23.56 33.73
CA ARG D 316 0.72 23.23 35.09
C ARG D 316 0.43 24.35 36.08
N ALA D 317 0.62 25.59 35.67
CA ALA D 317 0.40 26.74 36.56
C ALA D 317 -1.06 27.12 36.74
N ALA D 318 -1.90 26.80 35.74
CA ALA D 318 -3.33 27.09 35.85
C ALA D 318 -3.94 26.18 36.89
N PRO D 319 -4.75 26.75 37.80
CA PRO D 319 -5.33 25.93 38.87
C PRO D 319 -6.37 24.95 38.35
N LEU D 320 -6.63 23.88 39.13
CA LEU D 320 -7.71 22.95 38.82
C LEU D 320 -9.02 23.73 38.92
N SER D 321 -10.00 23.40 38.09
CA SER D 321 -11.24 24.15 38.08
C SER D 321 -12.45 23.30 37.91
N ARG D 322 -13.54 23.71 38.54
CA ARG D 322 -14.84 23.07 38.36
C ARG D 322 -15.79 23.92 37.49
N ASP D 323 -15.28 24.99 36.86
CA ASP D 323 -16.06 25.82 35.98
C ASP D 323 -16.06 25.14 34.62
N PRO D 324 -17.24 24.84 34.04
CA PRO D 324 -17.25 24.12 32.75
C PRO D 324 -16.62 24.87 31.58
N THR D 325 -16.64 26.21 31.59
CA THR D 325 -16.01 26.97 30.50
C THR D 325 -14.49 26.78 30.53
N GLU D 326 -13.90 26.83 31.72
CA GLU D 326 -12.48 26.64 31.96
C GLU D 326 -12.07 25.17 31.58
N VAL D 327 -12.90 24.20 31.98
CA VAL D 327 -12.63 22.79 31.66
C VAL D 327 -12.71 22.55 30.15
N THR D 328 -13.73 23.13 29.49
CA THR D 328 -13.90 22.99 28.05
C THR D 328 -12.73 23.66 27.32
N ALA D 329 -12.28 24.84 27.81
CA ALA D 329 -11.20 25.59 27.15
C ALA D 329 -9.91 24.80 27.09
N ILE D 330 -9.48 24.18 28.19
CA ILE D 330 -8.23 23.42 28.18
C ILE D 330 -8.36 22.16 27.33
N GLY D 331 -9.54 21.52 27.36
CA GLY D 331 -9.77 20.35 26.52
C GLY D 331 -9.72 20.70 25.05
N ALA D 332 -10.29 21.86 24.67
CA ALA D 332 -10.31 22.34 23.29
C ALA D 332 -8.90 22.72 22.81
N VAL D 333 -8.08 23.35 23.67
CA VAL D 333 -6.72 23.73 23.29
C VAL D 333 -5.87 22.48 23.10
N GLU D 334 -6.03 21.49 24.00
CA GLU D 334 -5.32 20.23 23.89
CA GLU D 334 -5.32 20.23 23.89
C GLU D 334 -5.71 19.50 22.59
N ALA D 335 -7.02 19.49 22.27
CA ALA D 335 -7.54 18.87 21.04
C ALA D 335 -6.97 19.59 19.82
N ALA D 336 -6.91 20.93 19.84
CA ALA D 336 -6.39 21.69 18.71
C ALA D 336 -4.92 21.35 18.43
N PHE D 337 -4.09 21.20 19.47
CA PHE D 337 -2.69 20.85 19.30
C PHE D 337 -2.54 19.42 18.74
N LYS D 338 -3.37 18.49 19.19
CA LYS D 338 -3.35 17.10 18.74
C LYS D 338 -3.54 16.96 17.23
N CYS D 339 -4.46 17.73 16.65
CA CYS D 339 -4.75 17.62 15.22
C CYS D 339 -4.21 18.76 14.39
N CYS D 340 -3.41 19.69 14.97
CA CYS D 340 -2.89 20.88 14.26
C CYS D 340 -4.06 21.64 13.66
N ALA D 341 -5.15 21.84 14.48
CA ALA D 341 -6.36 22.50 13.99
C ALA D 341 -6.02 23.90 13.48
N ALA D 342 -6.61 24.31 12.36
CA ALA D 342 -6.42 25.65 11.80
C ALA D 342 -7.06 26.70 12.70
N ALA D 343 -8.14 26.35 13.43
CA ALA D 343 -8.82 27.30 14.28
C ALA D 343 -9.66 26.63 15.37
N ILE D 344 -9.99 27.40 16.42
CA ILE D 344 -10.94 27.05 17.43
C ILE D 344 -12.04 28.10 17.25
N ILE D 345 -13.23 27.70 16.79
CA ILE D 345 -14.34 28.62 16.60
C ILE D 345 -15.16 28.60 17.88
N VAL D 346 -15.33 29.74 18.52
CA VAL D 346 -16.06 29.82 19.77
C VAL D 346 -17.19 30.84 19.70
N LEU D 347 -18.36 30.49 20.25
CA LEU D 347 -19.47 31.43 20.34
C LEU D 347 -19.32 32.09 21.71
N THR D 348 -19.41 33.43 21.76
CA THR D 348 -19.27 34.14 23.02
C THR D 348 -20.13 35.39 23.08
N THR D 349 -20.72 35.67 24.26
CA THR D 349 -21.56 36.84 24.44
C THR D 349 -20.74 37.99 25.02
N THR D 350 -19.91 37.70 26.02
CA THR D 350 -19.10 38.69 26.72
C THR D 350 -17.62 38.69 26.29
N GLY D 351 -17.19 37.65 25.57
CA GLY D 351 -15.80 37.43 25.22
C GLY D 351 -15.09 36.44 26.16
N ARG D 352 -15.70 36.12 27.33
CA ARG D 352 -15.06 35.27 28.33
C ARG D 352 -14.63 33.87 27.82
N SER D 353 -15.48 33.19 27.04
CA SER D 353 -15.12 31.86 26.51
C SER D 353 -13.86 31.94 25.61
N ALA D 354 -13.74 33.03 24.82
CA ALA D 354 -12.57 33.23 23.96
C ALA D 354 -11.33 33.58 24.79
N GLN D 355 -11.50 34.37 25.86
CA GLN D 355 -10.38 34.72 26.73
C GLN D 355 -9.80 33.49 27.42
N LEU D 356 -10.67 32.56 27.86
CA LEU D 356 -10.19 31.34 28.52
C LEU D 356 -9.46 30.40 27.57
N LEU D 357 -9.78 30.44 26.27
CA LEU D 357 -9.05 29.66 25.28
C LEU D 357 -7.68 30.32 25.04
N SER D 358 -7.66 31.66 24.88
CA SER D 358 -6.47 32.49 24.63
C SER D 358 -5.39 32.35 25.71
N ARG D 359 -5.81 32.16 26.97
CA ARG D 359 -4.86 32.06 28.09
C ARG D 359 -3.91 30.86 27.97
N TYR D 360 -4.31 29.81 27.22
CA TYR D 360 -3.46 28.63 27.01
C TYR D 360 -2.56 28.76 25.79
N ARG D 361 -2.53 29.94 25.14
CA ARG D 361 -1.72 30.25 23.98
C ARG D 361 -1.75 29.16 22.90
N PRO D 362 -2.95 28.84 22.37
CA PRO D 362 -2.98 27.85 21.27
C PRO D 362 -2.30 28.43 20.02
N ARG D 363 -1.73 27.57 19.19
CA ARG D 363 -1.22 27.97 17.89
C ARG D 363 -2.45 28.24 16.99
N ALA D 364 -3.54 27.44 17.14
CA ALA D 364 -4.78 27.61 16.38
C ALA D 364 -5.40 28.97 16.69
N ALA D 365 -5.87 29.67 15.66
CA ALA D 365 -6.53 30.96 15.81
C ALA D 365 -7.84 30.75 16.58
N VAL D 366 -8.17 31.65 17.49
CA VAL D 366 -9.45 31.58 18.20
C VAL D 366 -10.42 32.50 17.49
N ILE D 367 -11.30 31.95 16.66
CA ILE D 367 -12.28 32.73 15.92
C ILE D 367 -13.51 32.89 16.82
N ALA D 368 -13.75 34.10 17.32
CA ALA D 368 -14.84 34.34 18.26
C ALA D 368 -16.03 34.97 17.56
N VAL D 369 -17.16 34.24 17.52
CA VAL D 369 -18.37 34.77 16.91
C VAL D 369 -19.29 35.31 17.97
N THR D 370 -19.63 36.60 17.86
CA THR D 370 -20.48 37.25 18.84
C THR D 370 -21.47 38.21 18.21
N ARG D 371 -22.60 38.44 18.89
CA ARG D 371 -23.56 39.46 18.50
C ARG D 371 -23.27 40.79 19.20
N SER D 372 -22.47 40.79 20.26
CA SER D 372 -22.13 42.01 20.98
C SER D 372 -21.03 42.78 20.24
N ALA D 373 -21.38 43.96 19.71
CA ALA D 373 -20.43 44.83 19.02
C ALA D 373 -19.30 45.25 19.98
N GLN D 374 -19.64 45.51 21.24
CA GLN D 374 -18.64 45.86 22.24
C GLN D 374 -17.69 44.71 22.58
N ALA D 375 -18.23 43.47 22.78
CA ALA D 375 -17.37 42.33 23.07
C ALA D 375 -16.46 42.03 21.88
N ALA D 376 -16.95 42.18 20.65
CA ALA D 376 -16.14 41.99 19.45
C ALA D 376 -14.94 42.96 19.43
N ARG D 377 -15.15 44.22 19.85
CA ARG D 377 -14.06 45.18 19.92
C ARG D 377 -13.10 44.85 21.08
N GLN D 378 -13.65 44.56 22.26
CA GLN D 378 -12.83 44.30 23.44
C GLN D 378 -11.97 43.03 23.40
N VAL D 379 -12.39 41.96 22.70
CA VAL D 379 -11.59 40.73 22.68
C VAL D 379 -10.26 40.87 21.92
N HIS D 380 -10.04 41.99 21.21
CA HIS D 380 -8.73 42.29 20.61
C HIS D 380 -7.66 42.39 21.71
N LEU D 381 -8.04 42.59 22.98
CA LEU D 381 -7.07 42.64 24.07
C LEU D 381 -6.41 41.26 24.33
N CYS D 382 -7.05 40.17 23.90
CA CYS D 382 -6.57 38.81 24.14
C CYS D 382 -5.86 38.24 22.94
N ARG D 383 -4.60 37.82 23.10
CA ARG D 383 -3.84 37.28 21.97
C ARG D 383 -4.52 36.12 21.26
N GLY D 384 -4.56 36.21 19.94
CA GLY D 384 -5.07 35.15 19.11
C GLY D 384 -6.57 35.06 19.01
N VAL D 385 -7.29 36.07 19.49
CA VAL D 385 -8.75 36.08 19.36
C VAL D 385 -9.11 36.96 18.18
N PHE D 386 -9.79 36.40 17.18
CA PHE D 386 -10.18 37.08 15.97
C PHE D 386 -11.70 37.28 16.00
N PRO D 387 -12.17 38.47 16.35
CA PRO D 387 -13.62 38.68 16.51
C PRO D 387 -14.40 38.83 15.22
N LEU D 388 -15.54 38.14 15.16
CA LEU D 388 -16.43 38.25 14.05
C LEU D 388 -17.77 38.73 14.62
N LEU D 389 -18.28 39.85 14.11
CA LEU D 389 -19.54 40.39 14.56
C LEU D 389 -20.69 39.81 13.71
N TYR D 390 -21.55 39.02 14.33
CA TYR D 390 -22.70 38.40 13.68
C TYR D 390 -23.90 39.36 13.81
N ARG D 391 -24.54 39.69 12.71
CA ARG D 391 -25.60 40.70 12.68
C ARG D 391 -27.01 40.16 12.50
N GLU D 392 -27.15 38.89 12.09
CA GLU D 392 -28.47 38.31 11.83
C GLU D 392 -29.31 38.11 13.09
N PRO D 393 -30.62 38.37 12.99
CA PRO D 393 -31.49 38.14 14.15
C PRO D 393 -31.60 36.64 14.48
N PRO D 394 -31.90 36.31 15.74
CA PRO D 394 -31.98 34.89 16.11
C PRO D 394 -32.99 34.04 15.35
N GLU D 395 -32.58 32.83 14.99
CA GLU D 395 -33.43 31.82 14.38
C GLU D 395 -34.44 31.33 15.43
N ALA D 396 -35.56 30.75 14.99
CA ALA D 396 -36.58 30.26 15.92
C ALA D 396 -36.04 29.07 16.70
N ILE D 397 -35.29 28.17 16.04
CA ILE D 397 -34.72 27.03 16.71
C ILE D 397 -33.30 27.39 17.14
N TRP D 398 -33.04 27.38 18.46
CA TRP D 398 -31.77 27.80 19.03
C TRP D 398 -30.59 26.98 18.48
N ALA D 399 -30.74 25.67 18.30
CA ALA D 399 -29.68 24.83 17.72
C ALA D 399 -29.33 25.26 16.29
N ASP D 400 -30.31 25.74 15.51
CA ASP D 400 -30.05 26.24 14.16
C ASP D 400 -29.33 27.60 14.23
N ASP D 401 -29.68 28.43 15.22
CA ASP D 401 -29.03 29.73 15.40
C ASP D 401 -27.53 29.55 15.74
N VAL D 402 -27.22 28.54 16.55
CA VAL D 402 -25.88 28.17 16.95
C VAL D 402 -25.13 27.73 15.69
N ASP D 403 -25.71 26.79 14.93
CA ASP D 403 -25.10 26.28 13.69
C ASP D 403 -24.86 27.36 12.67
N ARG D 404 -25.78 28.33 12.52
CA ARG D 404 -25.60 29.44 11.57
C ARG D 404 -24.41 30.32 11.94
N ARG D 405 -24.20 30.52 13.25
CA ARG D 405 -23.08 31.31 13.73
C ARG D 405 -21.76 30.58 13.51
N VAL D 406 -21.74 29.25 13.71
CA VAL D 406 -20.56 28.44 13.46
C VAL D 406 -20.21 28.50 11.96
N GLN D 407 -21.24 28.39 11.08
CA GLN D 407 -21.05 28.48 9.63
C GLN D 407 -20.54 29.87 9.22
N PHE D 408 -20.99 30.91 9.90
CA PHE D 408 -20.53 32.26 9.65
C PHE D 408 -19.01 32.37 10.00
N GLY D 409 -18.59 31.71 11.08
CA GLY D 409 -17.19 31.63 11.50
C GLY D 409 -16.36 30.93 10.44
N ILE D 410 -16.87 29.81 9.92
CA ILE D 410 -16.21 29.06 8.85
C ILE D 410 -16.12 29.86 7.54
N GLU D 411 -17.23 30.48 7.11
CA GLU D 411 -17.24 31.27 5.88
C GLU D 411 -16.34 32.49 5.96
N SER D 412 -16.32 33.15 7.15
CA SER D 412 -15.44 34.28 7.37
C SER D 412 -13.99 33.81 7.33
N GLY D 413 -13.70 32.69 8.00
CA GLY D 413 -12.38 32.07 8.04
C GLY D 413 -11.86 31.67 6.67
N LYS D 414 -12.73 31.11 5.80
CA LYS D 414 -12.34 30.75 4.44
C LYS D 414 -12.03 31.99 3.61
N LEU D 415 -12.89 33.01 3.67
CA LEU D 415 -12.69 34.25 2.93
C LEU D 415 -11.40 34.95 3.36
N ARG D 416 -11.12 34.95 4.67
CA ARG D 416 -9.96 35.63 5.19
C ARG D 416 -8.64 34.85 5.08
N GLY D 417 -8.69 33.57 4.70
CA GLY D 417 -7.50 32.76 4.58
C GLY D 417 -7.13 31.94 5.80
N PHE D 418 -7.95 31.99 6.86
CA PHE D 418 -7.71 31.20 8.08
C PHE D 418 -7.96 29.72 7.84
N LEU D 419 -8.94 29.39 6.98
CA LEU D 419 -9.40 28.04 6.77
C LEU D 419 -9.49 27.66 5.31
N ARG D 420 -9.28 26.38 5.06
CA ARG D 420 -9.43 25.76 3.74
C ARG D 420 -10.17 24.44 3.90
N VAL D 421 -10.75 23.93 2.81
CA VAL D 421 -11.42 22.63 2.81
C VAL D 421 -10.41 21.54 3.20
N GLY D 422 -10.81 20.65 4.10
CA GLY D 422 -9.91 19.61 4.58
C GLY D 422 -9.28 19.94 5.93
N ASP D 423 -9.28 21.22 6.33
CA ASP D 423 -8.74 21.62 7.63
C ASP D 423 -9.62 21.05 8.77
N LEU D 424 -9.04 20.86 9.94
CA LEU D 424 -9.79 20.46 11.11
C LEU D 424 -9.96 21.69 11.98
N VAL D 425 -11.12 21.84 12.56
CA VAL D 425 -11.43 22.94 13.46
C VAL D 425 -12.06 22.36 14.75
N ILE D 426 -11.81 23.03 15.90
CA ILE D 426 -12.41 22.70 17.18
C ILE D 426 -13.53 23.74 17.36
N VAL D 427 -14.75 23.29 17.64
CA VAL D 427 -15.90 24.19 17.77
C VAL D 427 -16.37 24.18 19.23
N VAL D 428 -16.37 25.35 19.89
CA VAL D 428 -16.70 25.50 21.30
C VAL D 428 -18.01 26.26 21.45
N THR D 429 -19.00 25.60 22.03
CA THR D 429 -20.36 26.14 22.24
C THR D 429 -20.86 25.78 23.67
N GLY D 430 -22.08 26.18 24.02
CA GLY D 430 -22.70 25.88 25.29
C GLY D 430 -24.02 25.13 25.14
N TRP D 431 -24.60 24.71 26.26
CA TRP D 431 -25.81 23.88 26.25
C TRP D 431 -27.13 24.66 26.26
N ARG D 432 -27.06 25.97 26.57
CA ARG D 432 -28.26 26.82 26.59
C ARG D 432 -27.88 28.27 26.22
N PRO D 433 -28.86 29.11 25.82
CA PRO D 433 -28.55 30.51 25.51
C PRO D 433 -28.11 31.32 26.73
N GLY D 434 -27.48 32.46 26.48
CA GLY D 434 -26.97 33.30 27.55
C GLY D 434 -25.53 32.98 27.88
N SER D 435 -24.85 33.96 28.47
CA SER D 435 -23.44 33.86 28.86
CA SER D 435 -23.44 33.81 28.85
C SER D 435 -23.25 32.89 30.04
N GLY D 436 -22.10 32.24 30.10
CA GLY D 436 -21.70 31.38 31.22
C GLY D 436 -21.97 29.91 31.12
N TYR D 437 -22.50 29.44 30.00
CA TYR D 437 -22.87 28.03 29.84
C TYR D 437 -22.05 27.25 28.82
N THR D 438 -20.85 27.75 28.43
CA THR D 438 -19.99 27.00 27.51
C THR D 438 -19.59 25.66 28.16
N ASN D 439 -19.79 24.57 27.44
CA ASN D 439 -19.46 23.25 27.99
C ASN D 439 -19.26 22.18 26.91
N ILE D 440 -19.20 22.55 25.63
CA ILE D 440 -19.09 21.59 24.53
C ILE D 440 -17.92 21.89 23.61
N MET D 441 -17.19 20.86 23.28
CA MET D 441 -16.08 20.91 22.37
C MET D 441 -16.35 19.88 21.23
N ARG D 442 -16.22 20.28 19.97
CA ARG D 442 -16.53 19.41 18.83
C ARG D 442 -15.45 19.44 17.72
N VAL D 443 -15.06 18.27 17.21
CA VAL D 443 -14.04 18.19 16.15
C VAL D 443 -14.71 18.15 14.79
N LEU D 444 -14.50 19.20 13.98
CA LEU D 444 -15.18 19.36 12.71
C LEU D 444 -14.21 19.47 11.54
N SER D 445 -14.52 18.77 10.45
CA SER D 445 -13.73 18.82 9.24
C SER D 445 -14.35 19.88 8.33
N ILE D 446 -13.54 20.79 7.78
CA ILE D 446 -14.05 21.84 6.93
C ILE D 446 -14.41 21.30 5.54
N SER D 447 -15.67 21.49 5.13
CA SER D 447 -16.13 21.05 3.81
C SER D 447 -16.37 22.27 2.89
N ALA E 25 -16.93 11.68 -29.30
CA ALA E 25 -16.09 11.00 -30.28
C ALA E 25 -16.85 9.95 -31.07
N PHE E 26 -16.43 9.72 -32.32
CA PHE E 26 -17.03 8.71 -33.20
C PHE E 26 -16.85 7.33 -32.59
N PHE E 27 -15.64 7.01 -32.11
CA PHE E 27 -15.36 5.70 -31.55
C PHE E 27 -15.88 5.47 -30.12
N GLN E 28 -16.56 6.48 -29.54
CA GLN E 28 -17.17 6.32 -28.22
C GLN E 28 -18.67 5.97 -28.36
N GLN E 29 -19.32 6.44 -29.45
CA GLN E 29 -20.74 6.22 -29.77
C GLN E 29 -21.01 4.80 -30.29
N GLN E 30 -22.32 4.44 -30.41
CA GLN E 30 -22.88 3.20 -30.92
C GLN E 30 -22.14 1.93 -30.45
N GLN E 31 -21.75 1.91 -29.16
CA GLN E 31 -21.04 0.80 -28.52
C GLN E 31 -19.80 0.35 -29.28
N LEU E 32 -19.09 1.30 -29.93
CA LEU E 32 -17.88 0.95 -30.67
C LEU E 32 -16.76 0.39 -29.77
N PRO E 33 -16.53 0.85 -28.52
CA PRO E 33 -15.52 0.16 -27.69
C PRO E 33 -15.89 -1.32 -27.46
N ALA E 34 -17.17 -1.63 -27.20
CA ALA E 34 -17.60 -3.03 -27.04
C ALA E 34 -17.53 -3.82 -28.35
N ALA E 35 -17.67 -3.14 -29.49
CA ALA E 35 -17.60 -3.76 -30.82
C ALA E 35 -16.17 -4.22 -31.16
N MET E 36 -15.15 -3.48 -30.69
CA MET E 36 -13.76 -3.83 -30.98
C MET E 36 -13.17 -4.87 -30.01
N ALA E 37 -13.95 -5.38 -29.05
CA ALA E 37 -13.48 -6.35 -28.06
C ALA E 37 -13.09 -7.70 -28.65
N ASP E 38 -12.06 -8.34 -28.05
CA ASP E 38 -11.54 -9.62 -28.53
C ASP E 38 -12.32 -10.84 -28.08
N THR E 39 -13.11 -10.72 -26.99
CA THR E 39 -13.94 -11.84 -26.52
C THR E 39 -15.38 -11.35 -26.25
N PHE E 40 -16.34 -12.27 -26.17
CA PHE E 40 -17.72 -11.91 -25.84
C PHE E 40 -17.78 -11.38 -24.40
N LEU E 41 -16.98 -11.97 -23.48
CA LEU E 41 -16.93 -11.49 -22.10
C LEU E 41 -16.48 -10.03 -22.04
N GLU E 42 -15.38 -9.67 -22.75
CA GLU E 42 -14.89 -8.30 -22.81
CA GLU E 42 -14.90 -8.29 -22.80
C GLU E 42 -15.92 -7.37 -23.47
N HIS E 43 -16.64 -7.89 -24.49
CA HIS E 43 -17.70 -7.15 -25.18
C HIS E 43 -18.79 -6.75 -24.17
N LEU E 44 -19.24 -7.71 -23.34
CA LEU E 44 -20.25 -7.44 -22.31
C LEU E 44 -19.73 -6.41 -21.30
N CYS E 45 -18.49 -6.58 -20.83
CA CYS E 45 -17.87 -5.68 -19.86
C CYS E 45 -17.74 -4.24 -20.37
N LEU E 46 -17.66 -4.05 -21.69
CA LEU E 46 -17.49 -2.72 -22.28
C LEU E 46 -18.79 -2.03 -22.70
N LEU E 47 -19.97 -2.69 -22.55
CA LEU E 47 -21.24 -2.07 -22.90
C LEU E 47 -21.46 -0.84 -22.03
N ASP E 48 -21.82 0.28 -22.65
CA ASP E 48 -21.91 1.56 -21.96
C ASP E 48 -23.25 2.25 -22.15
N ILE E 49 -23.97 2.51 -21.05
CA ILE E 49 -25.26 3.21 -21.12
C ILE E 49 -25.13 4.66 -21.63
N ASP E 50 -23.93 5.24 -21.56
CA ASP E 50 -23.68 6.58 -22.08
C ASP E 50 -23.31 6.60 -23.58
N SER E 51 -23.04 5.44 -24.19
CA SER E 51 -22.70 5.34 -25.59
C SER E 51 -24.00 5.37 -26.40
N GLU E 52 -24.30 6.51 -27.03
CA GLU E 52 -25.57 6.70 -27.74
C GLU E 52 -25.64 6.06 -29.11
N PRO E 53 -26.81 5.49 -29.46
CA PRO E 53 -26.95 4.90 -30.80
C PRO E 53 -26.94 5.98 -31.87
N VAL E 54 -26.30 5.70 -33.01
CA VAL E 54 -26.22 6.68 -34.10
C VAL E 54 -26.92 6.16 -35.36
N ALA E 55 -26.77 4.86 -35.63
CA ALA E 55 -27.38 4.23 -36.78
C ALA E 55 -28.91 4.23 -36.73
N ALA E 56 -29.54 4.16 -37.90
CA ALA E 56 -30.98 4.08 -37.99
C ALA E 56 -31.43 2.72 -37.46
N ARG E 57 -32.62 2.67 -36.86
CA ARG E 57 -33.15 1.44 -36.31
C ARG E 57 -33.40 0.42 -37.43
N SER E 58 -32.75 -0.72 -37.34
CA SER E 58 -32.75 -1.74 -38.38
C SER E 58 -33.78 -2.89 -38.21
N THR E 59 -34.23 -3.20 -36.99
CA THR E 59 -35.22 -4.26 -36.77
C THR E 59 -36.60 -3.68 -37.02
N SER E 60 -37.35 -4.22 -37.97
CA SER E 60 -38.68 -3.69 -38.30
C SER E 60 -39.70 -3.96 -37.22
N ILE E 61 -40.66 -3.05 -37.09
CA ILE E 61 -41.73 -3.19 -36.14
C ILE E 61 -43.02 -3.53 -36.86
N ILE E 62 -43.68 -4.61 -36.44
CA ILE E 62 -44.97 -5.01 -36.96
C ILE E 62 -46.00 -4.61 -35.89
N ALA E 63 -47.00 -3.82 -36.28
CA ALA E 63 -48.04 -3.39 -35.35
C ALA E 63 -49.37 -3.96 -35.81
N THR E 64 -50.11 -4.60 -34.91
CA THR E 64 -51.42 -5.17 -35.24
C THR E 64 -52.46 -4.05 -35.25
N ILE E 65 -53.24 -3.94 -36.32
CA ILE E 65 -54.26 -2.90 -36.46
C ILE E 65 -55.61 -3.37 -35.93
N GLY E 66 -56.19 -2.57 -35.03
CA GLY E 66 -57.48 -2.85 -34.39
C GLY E 66 -58.18 -1.57 -33.97
N PRO E 67 -59.18 -1.66 -33.07
CA PRO E 67 -59.90 -0.45 -32.65
C PRO E 67 -59.04 0.68 -32.11
N ALA E 68 -57.92 0.35 -31.44
CA ALA E 68 -57.03 1.38 -30.90
C ALA E 68 -56.11 2.04 -31.93
N SER E 69 -55.97 1.46 -33.11
CA SER E 69 -55.03 1.98 -34.10
C SER E 69 -55.58 1.97 -35.53
N ARG E 70 -56.90 2.10 -35.68
CA ARG E 70 -57.53 2.03 -36.98
C ARG E 70 -57.72 3.36 -37.68
N SER E 71 -57.85 4.47 -36.92
CA SER E 71 -58.08 5.77 -37.55
C SER E 71 -56.88 6.25 -38.35
N VAL E 72 -57.13 7.03 -39.40
CA VAL E 72 -56.10 7.57 -40.27
C VAL E 72 -55.11 8.46 -39.50
N GLU E 73 -55.64 9.30 -38.59
CA GLU E 73 -54.80 10.19 -37.79
C GLU E 73 -53.91 9.39 -36.83
N ARG E 74 -54.44 8.32 -36.21
CA ARG E 74 -53.69 7.46 -35.30
C ARG E 74 -52.60 6.71 -36.08
N LEU E 75 -52.94 6.21 -37.28
CA LEU E 75 -52.00 5.51 -38.15
C LEU E 75 -50.85 6.41 -38.61
N LYS E 76 -51.11 7.71 -38.83
CA LYS E 76 -50.05 8.65 -39.21
C LYS E 76 -49.04 8.77 -38.07
N GLU E 77 -49.52 8.80 -36.81
CA GLU E 77 -48.64 8.87 -35.64
C GLU E 77 -47.85 7.57 -35.48
N MET E 78 -48.46 6.42 -35.78
CA MET E 78 -47.77 5.14 -35.68
CA MET E 78 -47.77 5.14 -35.68
C MET E 78 -46.68 4.98 -36.74
N ILE E 79 -46.90 5.55 -37.95
CA ILE E 79 -45.90 5.52 -39.00
C ILE E 79 -44.71 6.38 -38.56
N LYS E 80 -44.98 7.56 -38.01
CA LYS E 80 -43.96 8.47 -37.50
C LYS E 80 -43.20 7.85 -36.32
N ALA E 81 -43.88 7.07 -35.48
CA ALA E 81 -43.27 6.41 -34.33
C ALA E 81 -42.34 5.24 -34.75
N GLY E 82 -42.54 4.67 -35.94
CA GLY E 82 -41.68 3.62 -36.43
C GLY E 82 -42.32 2.36 -37.00
N MET E 83 -43.66 2.32 -37.08
CA MET E 83 -44.33 1.14 -37.63
C MET E 83 -43.93 0.90 -39.09
N ASN E 84 -43.47 -0.31 -39.41
CA ASN E 84 -43.04 -0.64 -40.77
C ASN E 84 -43.99 -1.59 -41.47
N ILE E 85 -44.66 -2.45 -40.71
CA ILE E 85 -45.58 -3.45 -41.22
C ILE E 85 -46.87 -3.41 -40.41
N ALA E 86 -48.02 -3.32 -41.09
CA ALA E 86 -49.32 -3.33 -40.43
C ALA E 86 -49.90 -4.74 -40.52
N ARG E 87 -50.19 -5.35 -39.37
CA ARG E 87 -50.73 -6.72 -39.34
C ARG E 87 -52.26 -6.70 -39.18
N LEU E 88 -52.97 -7.45 -40.02
CA LEU E 88 -54.42 -7.58 -39.93
C LEU E 88 -54.68 -8.97 -39.40
N ASN E 89 -55.23 -9.06 -38.19
CA ASN E 89 -55.51 -10.37 -37.60
C ASN E 89 -56.88 -10.86 -38.03
N PHE E 90 -56.90 -11.82 -38.96
CA PHE E 90 -58.15 -12.36 -39.47
C PHE E 90 -58.84 -13.36 -38.51
N SER E 91 -58.33 -13.51 -37.29
CA SER E 91 -59.02 -14.32 -36.28
C SER E 91 -60.30 -13.58 -35.80
N HIS E 92 -60.33 -12.23 -35.93
CA HIS E 92 -61.47 -11.40 -35.56
C HIS E 92 -61.78 -10.41 -36.69
N GLY E 93 -63.02 -9.95 -36.77
CA GLY E 93 -63.42 -8.98 -37.77
C GLY E 93 -63.83 -9.57 -39.11
N SER E 94 -64.75 -8.89 -39.78
CA SER E 94 -65.26 -9.30 -41.08
C SER E 94 -64.34 -8.82 -42.21
N HIS E 95 -64.59 -9.25 -43.46
CA HIS E 95 -63.84 -8.79 -44.61
C HIS E 95 -64.03 -7.28 -44.80
N GLU E 96 -65.24 -6.76 -44.53
CA GLU E 96 -65.52 -5.34 -44.65
C GLU E 96 -64.72 -4.53 -43.63
N TYR E 97 -64.57 -5.05 -42.42
CA TYR E 97 -63.78 -4.41 -41.37
C TYR E 97 -62.31 -4.32 -41.79
N HIS E 98 -61.73 -5.44 -42.28
CA HIS E 98 -60.35 -5.47 -42.70
C HIS E 98 -60.07 -4.64 -43.94
N ALA E 99 -61.04 -4.55 -44.89
CA ALA E 99 -60.88 -3.71 -46.06
C ALA E 99 -60.79 -2.23 -45.65
N GLU E 100 -61.58 -1.83 -44.65
CA GLU E 100 -61.54 -0.46 -44.16
C GLU E 100 -60.21 -0.17 -43.44
N SER E 101 -59.69 -1.15 -42.70
CA SER E 101 -58.39 -1.03 -42.03
C SER E 101 -57.29 -0.82 -43.08
N ILE E 102 -57.31 -1.63 -44.16
CA ILE E 102 -56.35 -1.53 -45.27
C ILE E 102 -56.42 -0.15 -45.92
N ALA E 103 -57.64 0.35 -46.19
CA ALA E 103 -57.84 1.66 -46.80
C ALA E 103 -57.29 2.77 -45.91
N ASN E 104 -57.52 2.67 -44.59
CA ASN E 104 -57.02 3.67 -43.64
C ASN E 104 -55.51 3.65 -43.52
N VAL E 105 -54.89 2.44 -43.58
CA VAL E 105 -53.43 2.31 -43.55
C VAL E 105 -52.87 2.97 -44.80
N ARG E 106 -53.40 2.61 -45.98
CA ARG E 106 -52.95 3.18 -47.24
C ARG E 106 -53.12 4.70 -47.32
N GLU E 107 -54.22 5.23 -46.76
CA GLU E 107 -54.43 6.68 -46.76
C GLU E 107 -53.36 7.36 -45.90
N ALA E 108 -53.07 6.80 -44.71
CA ALA E 108 -52.05 7.36 -43.83
C ALA E 108 -50.66 7.27 -44.46
N VAL E 109 -50.32 6.13 -45.10
CA VAL E 109 -49.02 5.93 -45.75
C VAL E 109 -48.85 6.89 -46.92
N GLU E 110 -49.87 7.00 -47.78
CA GLU E 110 -49.80 7.86 -48.95
C GLU E 110 -49.90 9.35 -48.65
N SER E 111 -50.27 9.74 -47.41
CA SER E 111 -50.27 11.14 -47.03
C SER E 111 -48.83 11.74 -47.00
N PHE E 112 -47.79 10.89 -46.98
CA PHE E 112 -46.40 11.30 -46.99
C PHE E 112 -45.72 11.15 -48.39
N ALA E 113 -46.45 10.66 -49.42
CA ALA E 113 -45.92 10.44 -50.77
C ALA E 113 -45.54 11.71 -51.55
N GLY E 114 -46.04 12.86 -51.10
CA GLY E 114 -45.72 14.15 -51.71
C GLY E 114 -44.26 14.55 -51.57
N SER E 115 -43.53 13.91 -50.65
CA SER E 115 -42.10 14.14 -50.44
C SER E 115 -41.38 12.81 -50.68
N PRO E 116 -41.04 12.50 -51.95
CA PRO E 116 -40.41 11.20 -52.25
C PRO E 116 -39.10 10.88 -51.55
N LEU E 117 -38.33 11.90 -51.15
CA LEU E 117 -37.05 11.75 -50.45
C LEU E 117 -37.23 11.23 -49.01
N SER E 118 -38.43 11.38 -48.43
CA SER E 118 -38.68 10.95 -47.05
C SER E 118 -39.82 9.93 -46.90
N TYR E 119 -40.50 9.58 -48.01
CA TYR E 119 -41.61 8.64 -48.01
C TYR E 119 -41.21 7.29 -47.44
N ARG E 120 -42.00 6.78 -46.48
CA ARG E 120 -41.72 5.48 -45.88
C ARG E 120 -42.73 4.46 -46.32
N PRO E 121 -42.29 3.45 -47.09
CA PRO E 121 -43.20 2.36 -47.43
C PRO E 121 -43.64 1.60 -46.18
N VAL E 122 -44.88 1.12 -46.14
CA VAL E 122 -45.39 0.34 -45.01
C VAL E 122 -46.04 -0.91 -45.60
N ALA E 123 -45.60 -2.10 -45.20
CA ALA E 123 -46.17 -3.34 -45.71
C ALA E 123 -47.51 -3.68 -45.03
N ILE E 124 -48.35 -4.46 -45.71
CA ILE E 124 -49.60 -4.93 -45.14
C ILE E 124 -49.54 -6.44 -45.07
N ALA E 125 -49.68 -6.99 -43.87
CA ALA E 125 -49.60 -8.42 -43.67
C ALA E 125 -50.93 -8.99 -43.19
N LEU E 126 -51.34 -10.11 -43.75
CA LEU E 126 -52.58 -10.77 -43.39
C LEU E 126 -52.24 -11.96 -42.53
N ASP E 127 -52.72 -11.99 -41.30
CA ASP E 127 -52.47 -13.10 -40.40
C ASP E 127 -53.73 -13.96 -40.37
N THR E 128 -53.62 -15.21 -40.83
CA THR E 128 -54.77 -16.10 -40.94
C THR E 128 -55.31 -16.64 -39.61
N LYS E 129 -56.61 -17.01 -39.61
CA LYS E 129 -57.27 -17.57 -38.44
C LYS E 129 -56.66 -18.93 -38.07
N GLY E 130 -56.36 -19.75 -39.08
CA GLY E 130 -55.74 -21.04 -38.85
C GLY E 130 -56.65 -22.23 -39.13
N PRO E 131 -56.08 -23.44 -39.02
CA PRO E 131 -56.86 -24.66 -39.31
C PRO E 131 -57.87 -25.07 -38.25
N GLY E 136 -55.70 -29.56 -42.28
CA GLY E 136 -55.09 -28.70 -43.29
C GLY E 136 -55.78 -27.36 -43.43
N LEU E 137 -55.63 -26.73 -44.61
CA LEU E 137 -56.20 -25.41 -44.89
C LEU E 137 -57.72 -25.34 -44.75
N SER E 138 -58.19 -24.53 -43.80
CA SER E 138 -59.62 -24.36 -43.55
C SER E 138 -60.31 -23.57 -44.65
N GLU E 139 -61.65 -23.71 -44.75
CA GLU E 139 -62.42 -22.99 -45.77
C GLU E 139 -62.41 -21.48 -45.53
N GLN E 140 -62.40 -21.04 -44.26
CA GLN E 140 -62.33 -19.62 -43.96
C GLN E 140 -60.97 -19.06 -44.41
N ASP E 141 -59.88 -19.83 -44.21
CA ASP E 141 -58.54 -19.40 -44.66
C ASP E 141 -58.48 -19.27 -46.17
N VAL E 142 -59.16 -20.16 -46.92
CA VAL E 142 -59.19 -20.06 -48.38
C VAL E 142 -59.84 -18.74 -48.81
N ARG E 143 -60.95 -18.36 -48.15
CA ARG E 143 -61.64 -17.11 -48.45
C ARG E 143 -60.84 -15.89 -48.01
N ASP E 144 -60.18 -15.97 -46.86
CA ASP E 144 -59.37 -14.86 -46.34
C ASP E 144 -58.12 -14.63 -47.18
N LEU E 145 -57.48 -15.71 -47.65
CA LEU E 145 -56.31 -15.61 -48.52
C LEU E 145 -56.70 -15.01 -49.88
N ARG E 146 -57.89 -15.38 -50.38
CA ARG E 146 -58.42 -14.82 -51.61
C ARG E 146 -58.62 -13.31 -51.46
N PHE E 147 -59.17 -12.88 -50.30
CA PHE E 147 -59.38 -11.47 -49.95
C PHE E 147 -58.03 -10.75 -49.97
N GLY E 148 -57.00 -11.37 -49.38
CA GLY E 148 -55.66 -10.80 -49.36
C GLY E 148 -55.10 -10.52 -50.73
N VAL E 149 -55.26 -11.45 -51.66
CA VAL E 149 -54.80 -11.29 -53.04
C VAL E 149 -55.57 -10.15 -53.72
N GLU E 150 -56.91 -10.15 -53.55
CA GLU E 150 -57.76 -9.11 -54.14
C GLU E 150 -57.46 -7.72 -53.59
N HIS E 151 -57.04 -7.64 -52.33
CA HIS E 151 -56.70 -6.35 -51.72
C HIS E 151 -55.20 -6.00 -51.76
N GLY E 152 -54.40 -6.79 -52.48
CA GLY E 152 -52.98 -6.53 -52.68
C GLY E 152 -52.11 -6.55 -51.45
N VAL E 153 -52.35 -7.50 -50.52
CA VAL E 153 -51.50 -7.62 -49.33
C VAL E 153 -50.09 -8.06 -49.73
N ASP E 154 -49.09 -7.68 -48.94
CA ASP E 154 -47.69 -7.98 -49.26
C ASP E 154 -47.22 -9.29 -48.65
N ILE E 155 -47.72 -9.61 -47.47
CA ILE E 155 -47.26 -10.75 -46.69
C ILE E 155 -48.42 -11.51 -46.10
N VAL E 156 -48.25 -12.82 -45.93
CA VAL E 156 -49.19 -13.65 -45.22
C VAL E 156 -48.45 -14.27 -44.04
N PHE E 157 -49.00 -14.12 -42.84
CA PHE E 157 -48.48 -14.81 -41.66
C PHE E 157 -49.41 -16.01 -41.53
N ALA E 158 -48.97 -17.19 -42.00
CA ALA E 158 -49.79 -18.40 -41.99
C ALA E 158 -49.81 -19.07 -40.62
N SER E 159 -50.98 -19.08 -39.97
CA SER E 159 -51.11 -19.67 -38.65
C SER E 159 -51.00 -21.18 -38.61
N PHE E 160 -50.43 -21.69 -37.50
CA PHE E 160 -50.27 -23.10 -37.19
C PHE E 160 -49.70 -23.95 -38.32
N VAL E 161 -48.55 -23.52 -38.89
CA VAL E 161 -47.91 -24.31 -39.94
C VAL E 161 -47.20 -25.48 -39.25
N ARG E 162 -47.56 -26.72 -39.63
CA ARG E 162 -47.01 -27.91 -39.02
C ARG E 162 -46.10 -28.73 -39.92
N LYS E 163 -46.15 -28.50 -41.23
CA LYS E 163 -45.38 -29.25 -42.22
C LYS E 163 -45.30 -28.48 -43.55
N ALA E 164 -44.40 -28.90 -44.46
CA ALA E 164 -44.22 -28.27 -45.76
C ALA E 164 -45.50 -28.21 -46.62
N SER E 165 -46.35 -29.25 -46.54
CA SER E 165 -47.59 -29.27 -47.32
C SER E 165 -48.58 -28.18 -46.89
N ASP E 166 -48.49 -27.71 -45.62
CA ASP E 166 -49.33 -26.60 -45.15
C ASP E 166 -48.96 -25.32 -45.90
N VAL E 167 -47.65 -25.10 -46.16
CA VAL E 167 -47.17 -23.93 -46.89
C VAL E 167 -47.61 -24.02 -48.36
N ALA E 168 -47.53 -25.21 -48.95
CA ALA E 168 -47.95 -25.43 -50.34
C ALA E 168 -49.45 -25.12 -50.50
N ALA E 169 -50.27 -25.50 -49.50
CA ALA E 169 -51.70 -25.23 -49.52
C ALA E 169 -51.99 -23.73 -49.47
N VAL E 170 -51.23 -22.97 -48.66
CA VAL E 170 -51.39 -21.51 -48.56
C VAL E 170 -51.02 -20.88 -49.90
N ARG E 171 -49.90 -21.34 -50.49
CA ARG E 171 -49.40 -20.87 -51.77
C ARG E 171 -50.44 -21.11 -52.89
N ALA E 172 -51.06 -22.30 -52.90
CA ALA E 172 -52.09 -22.66 -53.88
C ALA E 172 -53.33 -21.78 -53.71
N ALA E 173 -53.77 -21.54 -52.46
CA ALA E 173 -54.93 -20.68 -52.18
C ALA E 173 -54.72 -19.22 -52.59
N LEU E 174 -53.46 -18.78 -52.69
CA LEU E 174 -53.15 -17.43 -53.15
C LEU E 174 -53.35 -17.30 -54.69
N GLY E 175 -53.28 -18.42 -55.41
CA GLY E 175 -53.50 -18.45 -56.85
C GLY E 175 -52.40 -17.87 -57.70
N PRO E 176 -52.62 -17.80 -59.02
CA PRO E 176 -51.59 -17.26 -59.92
C PRO E 176 -51.31 -15.77 -59.73
N GLU E 177 -52.30 -15.00 -59.24
CA GLU E 177 -52.10 -13.56 -59.01
C GLU E 177 -51.39 -13.23 -57.69
N GLY E 178 -51.24 -14.20 -56.79
CA GLY E 178 -50.58 -13.98 -55.51
C GLY E 178 -49.20 -14.60 -55.40
N HIS E 179 -48.52 -14.77 -56.54
CA HIS E 179 -47.18 -15.37 -56.58
C HIS E 179 -46.11 -14.53 -55.89
N GLY E 180 -46.29 -13.21 -55.90
CA GLY E 180 -45.35 -12.30 -55.29
C GLY E 180 -45.52 -12.07 -53.80
N ILE E 181 -46.60 -12.59 -53.21
CA ILE E 181 -46.86 -12.44 -51.77
C ILE E 181 -45.89 -13.31 -50.95
N LYS E 182 -45.25 -12.73 -49.92
CA LYS E 182 -44.34 -13.48 -49.07
C LYS E 182 -45.10 -14.31 -48.05
N ILE E 183 -44.73 -15.59 -47.89
CA ILE E 183 -45.37 -16.44 -46.90
C ILE E 183 -44.44 -16.63 -45.71
N ILE E 184 -44.85 -16.11 -44.55
CA ILE E 184 -44.13 -16.24 -43.30
C ILE E 184 -44.88 -17.30 -42.49
N SER E 185 -44.28 -18.46 -42.29
CA SER E 185 -44.93 -19.53 -41.54
C SER E 185 -44.86 -19.32 -40.03
N LYS E 186 -46.01 -19.37 -39.35
CA LYS E 186 -46.06 -19.23 -37.90
C LYS E 186 -45.85 -20.59 -37.25
N ILE E 187 -44.83 -20.72 -36.40
CA ILE E 187 -44.55 -21.96 -35.68
C ILE E 187 -45.21 -21.80 -34.32
N GLU E 188 -46.25 -22.60 -34.06
CA GLU E 188 -47.05 -22.44 -32.84
C GLU E 188 -47.24 -23.71 -32.03
N ASN E 189 -46.63 -24.83 -32.44
CA ASN E 189 -46.78 -26.07 -31.70
C ASN E 189 -45.56 -26.99 -31.83
N HIS E 190 -45.56 -28.12 -31.08
CA HIS E 190 -44.46 -29.07 -31.11
C HIS E 190 -44.13 -29.58 -32.49
N GLU E 191 -45.15 -29.94 -33.30
CA GLU E 191 -44.91 -30.46 -34.65
C GLU E 191 -44.22 -29.45 -35.55
N GLY E 192 -44.62 -28.18 -35.47
CA GLY E 192 -43.99 -27.12 -36.24
C GLY E 192 -42.51 -26.97 -35.90
N VAL E 193 -42.17 -27.09 -34.61
CA VAL E 193 -40.78 -27.00 -34.16
C VAL E 193 -39.99 -28.21 -34.65
N LYS E 194 -40.56 -29.42 -34.53
CA LYS E 194 -39.87 -30.64 -34.97
C LYS E 194 -39.70 -30.72 -36.48
N ARG E 195 -40.67 -30.19 -37.24
CA ARG E 195 -40.57 -30.17 -38.69
C ARG E 195 -40.10 -28.81 -39.23
N PHE E 196 -39.43 -28.01 -38.40
CA PHE E 196 -38.95 -26.68 -38.74
C PHE E 196 -38.16 -26.62 -40.03
N ASP E 197 -37.17 -27.51 -40.21
CA ASP E 197 -36.32 -27.46 -41.41
C ASP E 197 -37.11 -27.58 -42.71
N GLU E 198 -38.07 -28.51 -42.78
CA GLU E 198 -38.86 -28.65 -44.00
C GLU E 198 -39.81 -27.47 -44.23
N ILE E 199 -40.27 -26.83 -43.15
CA ILE E 199 -41.14 -25.67 -43.23
C ILE E 199 -40.35 -24.46 -43.74
N LEU E 200 -39.18 -24.19 -43.15
CA LEU E 200 -38.33 -23.07 -43.54
C LEU E 200 -37.91 -23.16 -45.01
N GLU E 201 -37.57 -24.38 -45.46
CA GLU E 201 -37.14 -24.62 -46.84
C GLU E 201 -38.14 -24.08 -47.88
N VAL E 202 -39.44 -24.26 -47.64
CA VAL E 202 -40.47 -23.81 -48.58
C VAL E 202 -41.11 -22.45 -48.22
N SER E 203 -40.77 -21.87 -47.07
CA SER E 203 -41.33 -20.59 -46.65
C SER E 203 -40.40 -19.43 -47.00
N ASP E 204 -40.94 -18.21 -47.06
CA ASP E 204 -40.11 -17.03 -47.23
C ASP E 204 -39.46 -16.59 -45.89
N GLY E 205 -40.09 -16.97 -44.78
CA GLY E 205 -39.62 -16.66 -43.45
C GLY E 205 -40.46 -17.35 -42.38
N ILE E 206 -40.18 -17.03 -41.12
CA ILE E 206 -40.81 -17.66 -39.98
C ILE E 206 -41.26 -16.66 -38.94
N MET E 207 -42.34 -16.97 -38.24
CA MET E 207 -42.75 -16.20 -37.09
C MET E 207 -42.73 -17.14 -35.87
N VAL E 208 -42.01 -16.73 -34.81
CA VAL E 208 -42.01 -17.48 -33.57
C VAL E 208 -43.27 -16.97 -32.85
N ALA E 209 -44.38 -17.70 -33.00
CA ALA E 209 -45.69 -17.29 -32.45
C ALA E 209 -45.78 -17.81 -31.03
N ARG E 210 -45.22 -17.05 -30.09
CA ARG E 210 -45.03 -17.47 -28.70
C ARG E 210 -46.29 -17.67 -27.89
N GLY E 211 -47.38 -17.01 -28.24
CA GLY E 211 -48.66 -17.17 -27.54
C GLY E 211 -49.13 -18.60 -27.51
N ASP E 212 -49.42 -19.17 -28.69
CA ASP E 212 -49.83 -20.56 -28.81
C ASP E 212 -48.68 -21.49 -28.50
N LEU E 213 -47.44 -21.15 -28.92
CA LEU E 213 -46.28 -22.01 -28.62
C LEU E 213 -46.12 -22.25 -27.12
N GLY E 214 -46.34 -21.22 -26.32
CA GLY E 214 -46.25 -21.28 -24.86
C GLY E 214 -47.35 -22.05 -24.16
N ILE E 215 -48.39 -22.45 -24.89
CA ILE E 215 -49.50 -23.27 -24.39
C ILE E 215 -49.36 -24.71 -24.96
N GLU E 216 -48.81 -24.84 -26.18
CA GLU E 216 -48.59 -26.12 -26.85
C GLU E 216 -47.40 -26.88 -26.29
N ILE E 217 -46.34 -26.16 -25.91
CA ILE E 217 -45.16 -26.76 -25.28
C ILE E 217 -44.97 -26.12 -23.89
N PRO E 218 -44.21 -26.73 -22.95
CA PRO E 218 -44.03 -26.09 -21.63
C PRO E 218 -43.51 -24.65 -21.76
N ALA E 219 -44.10 -23.70 -21.01
CA ALA E 219 -43.73 -22.29 -21.08
C ALA E 219 -42.21 -22.05 -20.91
N GLU E 220 -41.58 -22.84 -20.04
CA GLU E 220 -40.14 -22.73 -19.76
C GLU E 220 -39.25 -23.21 -20.92
N LYS E 221 -39.83 -23.76 -22.00
CA LYS E 221 -39.07 -24.22 -23.16
C LYS E 221 -39.15 -23.26 -24.35
N VAL E 222 -40.06 -22.29 -24.32
CA VAL E 222 -40.25 -21.38 -25.46
C VAL E 222 -38.97 -20.64 -25.87
N PHE E 223 -38.16 -20.16 -24.90
CA PHE E 223 -36.92 -19.46 -25.23
C PHE E 223 -35.96 -20.33 -26.06
N LEU E 224 -35.97 -21.65 -25.84
CA LEU E 224 -35.13 -22.58 -26.59
C LEU E 224 -35.60 -22.64 -28.03
N ALA E 225 -36.93 -22.75 -28.23
CA ALA E 225 -37.50 -22.79 -29.57
C ALA E 225 -37.25 -21.45 -30.29
N GLN E 226 -37.40 -20.33 -29.56
CA GLN E 226 -37.17 -19.01 -30.14
C GLN E 226 -35.72 -18.86 -30.61
N LYS E 227 -34.76 -19.14 -29.71
CA LYS E 227 -33.35 -18.98 -30.04
C LYS E 227 -32.89 -19.92 -31.15
N MET E 228 -33.42 -21.17 -31.17
CA MET E 228 -33.09 -22.14 -32.23
C MET E 228 -33.62 -21.65 -33.58
N MET E 229 -34.90 -21.23 -33.62
CA MET E 229 -35.50 -20.82 -34.88
C MET E 229 -34.87 -19.57 -35.44
N ILE E 230 -34.54 -18.60 -34.56
CA ILE E 230 -33.85 -17.39 -35.01
C ILE E 230 -32.48 -17.73 -35.58
N GLY E 231 -31.73 -18.60 -34.88
CA GLY E 231 -30.42 -19.04 -35.34
C GLY E 231 -30.49 -19.73 -36.71
N ARG E 232 -31.45 -20.66 -36.88
CA ARG E 232 -31.60 -21.36 -38.17
C ARG E 232 -32.05 -20.44 -39.30
N CYS E 233 -32.91 -19.43 -39.01
CA CYS E 233 -33.34 -18.46 -40.02
C CYS E 233 -32.17 -17.56 -40.40
N ASN E 234 -31.36 -17.14 -39.43
CA ASN E 234 -30.17 -16.32 -39.69
C ASN E 234 -29.19 -17.10 -40.59
N LEU E 235 -29.02 -18.40 -40.30
CA LEU E 235 -28.15 -19.28 -41.09
C LEU E 235 -28.67 -19.38 -42.54
N ALA E 236 -29.99 -19.53 -42.70
CA ALA E 236 -30.61 -19.63 -44.03
C ALA E 236 -30.73 -18.28 -44.76
N GLY E 237 -30.52 -17.16 -44.06
CA GLY E 237 -30.66 -15.84 -44.65
C GLY E 237 -32.12 -15.50 -44.94
N LYS E 238 -33.05 -16.04 -44.13
CA LYS E 238 -34.49 -15.79 -44.30
C LYS E 238 -35.05 -15.05 -43.10
N PRO E 239 -35.98 -14.10 -43.33
CA PRO E 239 -36.53 -13.32 -42.21
C PRO E 239 -37.18 -14.12 -41.08
N VAL E 240 -36.97 -13.67 -39.85
CA VAL E 240 -37.59 -14.28 -38.68
C VAL E 240 -38.19 -13.19 -37.81
N VAL E 241 -39.44 -13.41 -37.37
CA VAL E 241 -40.19 -12.47 -36.55
C VAL E 241 -40.34 -13.03 -35.14
N CYS E 242 -40.10 -12.20 -34.12
CA CYS E 242 -40.40 -12.60 -32.75
C CYS E 242 -41.73 -11.94 -32.41
N ALA E 243 -42.68 -12.71 -31.86
CA ALA E 243 -44.00 -12.18 -31.60
C ALA E 243 -44.57 -12.57 -30.25
N THR E 244 -45.55 -11.77 -29.77
CA THR E 244 -46.51 -11.97 -28.67
C THR E 244 -46.00 -11.67 -27.27
N GLN E 245 -46.76 -10.79 -26.58
CA GLN E 245 -46.57 -10.36 -25.20
C GLN E 245 -45.23 -9.68 -24.95
N MET E 246 -44.60 -9.11 -25.98
CA MET E 246 -43.31 -8.44 -25.84
C MET E 246 -43.40 -7.24 -24.91
N LEU E 247 -44.50 -6.45 -25.00
CA LEU E 247 -44.74 -5.29 -24.14
C LEU E 247 -46.18 -5.37 -23.59
N GLU E 248 -46.65 -6.58 -23.24
CA GLU E 248 -48.02 -6.86 -22.80
C GLU E 248 -48.61 -5.87 -21.79
N SER E 249 -47.89 -5.55 -20.71
CA SER E 249 -48.40 -4.62 -19.70
C SER E 249 -48.76 -3.23 -20.27
N MET E 250 -48.19 -2.85 -21.42
CA MET E 250 -48.50 -1.57 -22.05
C MET E 250 -49.92 -1.50 -22.65
N ILE E 251 -50.69 -2.60 -22.58
CA ILE E 251 -52.09 -2.59 -22.98
C ILE E 251 -52.85 -1.65 -22.02
N THR E 252 -52.51 -1.64 -20.72
CA THR E 252 -53.13 -0.75 -19.75
C THR E 252 -52.18 0.28 -19.11
N LYS E 253 -50.85 0.07 -19.19
CA LYS E 253 -49.90 0.97 -18.54
C LYS E 253 -49.05 1.76 -19.51
N PRO E 254 -48.70 3.01 -19.18
CA PRO E 254 -47.92 3.83 -20.12
C PRO E 254 -46.45 3.40 -20.28
N ARG E 255 -45.93 2.62 -19.32
CA ARG E 255 -44.55 2.15 -19.35
C ARG E 255 -44.51 0.63 -19.16
N PRO E 256 -43.58 -0.04 -19.85
CA PRO E 256 -43.52 -1.51 -19.73
C PRO E 256 -42.75 -1.98 -18.49
N THR E 257 -42.81 -3.29 -18.20
CA THR E 257 -42.07 -3.85 -17.08
C THR E 257 -40.58 -4.04 -17.48
N ARG E 258 -39.72 -4.33 -16.49
CA ARG E 258 -38.29 -4.58 -16.74
C ARG E 258 -38.11 -5.85 -17.57
N ALA E 259 -38.98 -6.85 -17.39
CA ALA E 259 -38.89 -8.09 -18.18
C ALA E 259 -39.27 -7.85 -19.63
N GLU E 260 -40.22 -6.95 -19.88
CA GLU E 260 -40.67 -6.63 -21.23
C GLU E 260 -39.63 -5.90 -22.05
N THR E 261 -38.95 -4.89 -21.47
CA THR E 261 -37.88 -4.20 -22.19
C THR E 261 -36.72 -5.19 -22.47
N SER E 262 -36.43 -6.05 -21.51
CA SER E 262 -35.40 -7.07 -21.63
C SER E 262 -35.74 -8.06 -22.76
N ASP E 263 -37.02 -8.49 -22.83
CA ASP E 263 -37.46 -9.41 -23.87
C ASP E 263 -37.30 -8.82 -25.28
N VAL E 264 -37.64 -7.54 -25.46
CA VAL E 264 -37.51 -6.88 -26.76
C VAL E 264 -36.01 -6.80 -27.13
N ALA E 265 -35.17 -6.35 -26.18
CA ALA E 265 -33.73 -6.24 -26.42
C ALA E 265 -33.12 -7.59 -26.75
N ASN E 266 -33.51 -8.64 -26.04
CA ASN E 266 -32.99 -9.97 -26.25
C ASN E 266 -33.46 -10.58 -27.57
N ALA E 267 -34.69 -10.25 -28.04
CA ALA E 267 -35.13 -10.75 -29.34
C ALA E 267 -34.24 -10.17 -30.45
N VAL E 268 -33.88 -8.88 -30.34
CA VAL E 268 -33.00 -8.21 -31.30
C VAL E 268 -31.59 -8.82 -31.21
N LEU E 269 -31.06 -8.99 -29.98
CA LEU E 269 -29.73 -9.59 -29.82
C LEU E 269 -29.69 -11.03 -30.34
N ASP E 270 -30.77 -11.79 -30.17
CA ASP E 270 -30.91 -13.17 -30.68
C ASP E 270 -30.72 -13.22 -32.19
N GLY E 271 -31.19 -12.20 -32.90
CA GLY E 271 -31.08 -12.07 -34.34
C GLY E 271 -32.39 -11.90 -35.09
N ALA E 272 -33.48 -11.51 -34.38
CA ALA E 272 -34.77 -11.33 -35.04
C ALA E 272 -34.74 -10.18 -36.05
N ASP E 273 -35.26 -10.44 -37.25
CA ASP E 273 -35.35 -9.39 -38.26
C ASP E 273 -36.47 -8.41 -37.93
N CYS E 274 -37.57 -8.93 -37.35
CA CYS E 274 -38.74 -8.12 -36.97
C CYS E 274 -39.17 -8.45 -35.56
N ILE E 275 -39.75 -7.45 -34.91
CA ILE E 275 -40.40 -7.58 -33.60
C ILE E 275 -41.88 -7.16 -33.78
N MET E 276 -42.77 -7.72 -32.98
CA MET E 276 -44.20 -7.49 -33.17
C MET E 276 -44.95 -7.01 -31.93
N LEU E 277 -46.06 -6.31 -32.18
CA LEU E 277 -47.00 -5.82 -31.18
C LEU E 277 -48.38 -6.34 -31.57
N SER E 278 -49.10 -6.96 -30.64
CA SER E 278 -50.42 -7.50 -30.91
C SER E 278 -51.50 -6.66 -30.18
N GLY E 279 -51.95 -7.10 -28.99
CA GLY E 279 -52.92 -6.37 -28.19
C GLY E 279 -52.44 -4.98 -27.82
N GLU E 280 -51.10 -4.79 -27.71
CA GLU E 280 -50.49 -3.51 -27.38
C GLU E 280 -50.91 -2.41 -28.35
N THR E 281 -51.10 -2.76 -29.64
CA THR E 281 -51.51 -1.77 -30.63
C THR E 281 -52.93 -1.98 -31.13
N ALA E 282 -53.42 -3.22 -31.11
CA ALA E 282 -54.76 -3.50 -31.60
C ALA E 282 -55.84 -2.98 -30.68
N LYS E 283 -55.72 -3.20 -29.37
CA LYS E 283 -56.77 -2.80 -28.43
C LYS E 283 -56.31 -1.99 -27.23
N GLY E 284 -55.00 -1.89 -27.01
CA GLY E 284 -54.46 -1.20 -25.85
C GLY E 284 -54.62 0.30 -25.81
N ASN E 285 -54.39 0.89 -24.64
CA ASN E 285 -54.53 2.31 -24.43
C ASN E 285 -53.34 3.13 -24.85
N PHE E 286 -52.18 2.50 -25.16
CA PHE E 286 -50.98 3.23 -25.53
C PHE E 286 -50.33 2.66 -26.81
N PRO E 287 -51.04 2.61 -27.95
CA PRO E 287 -50.47 2.01 -29.16
C PRO E 287 -49.24 2.72 -29.70
N VAL E 288 -49.26 4.06 -29.78
CA VAL E 288 -48.14 4.85 -30.29
C VAL E 288 -46.94 4.71 -29.36
N GLU E 289 -47.18 4.74 -28.04
CA GLU E 289 -46.13 4.62 -27.04
C GLU E 289 -45.46 3.22 -27.09
N ALA E 290 -46.23 2.17 -27.41
CA ALA E 290 -45.69 0.82 -27.53
C ALA E 290 -44.75 0.74 -28.74
N VAL E 291 -45.11 1.39 -29.86
CA VAL E 291 -44.26 1.44 -31.05
C VAL E 291 -42.99 2.22 -30.74
N LYS E 292 -43.12 3.38 -30.07
CA LYS E 292 -41.96 4.19 -29.69
C LYS E 292 -41.01 3.42 -28.77
N MET E 293 -41.56 2.62 -27.86
CA MET E 293 -40.76 1.82 -26.93
C MET E 293 -39.98 0.75 -27.67
N GLN E 294 -40.63 0.02 -28.60
CA GLN E 294 -39.92 -1.00 -29.39
C GLN E 294 -38.82 -0.36 -30.22
N HIS E 295 -39.08 0.84 -30.81
CA HIS E 295 -38.09 1.56 -31.58
C HIS E 295 -36.87 1.92 -30.73
N ALA E 296 -37.11 2.52 -29.55
CA ALA E 296 -36.03 2.93 -28.64
C ALA E 296 -35.18 1.74 -28.18
N ILE E 297 -35.82 0.62 -27.81
CA ILE E 297 -35.07 -0.56 -27.35
C ILE E 297 -34.27 -1.19 -28.50
N ALA E 298 -34.90 -1.35 -29.68
CA ALA E 298 -34.24 -1.95 -30.83
C ALA E 298 -32.98 -1.21 -31.23
N ARG E 299 -33.00 0.14 -31.23
CA ARG E 299 -31.81 0.92 -31.58
C ARG E 299 -30.67 0.64 -30.59
N GLU E 300 -30.99 0.58 -29.30
CA GLU E 300 -29.99 0.31 -28.28
C GLU E 300 -29.40 -1.10 -28.46
N ALA E 301 -30.26 -2.10 -28.69
CA ALA E 301 -29.84 -3.48 -28.83
C ALA E 301 -29.04 -3.73 -30.10
N GLU E 302 -29.37 -3.06 -31.20
CA GLU E 302 -28.63 -3.22 -32.45
C GLU E 302 -27.20 -2.74 -32.33
N ALA E 303 -26.98 -1.65 -31.60
CA ALA E 303 -25.62 -1.15 -31.36
C ALA E 303 -24.81 -2.12 -30.46
N ALA E 304 -25.48 -2.85 -29.57
CA ALA E 304 -24.85 -3.82 -28.66
C ALA E 304 -24.58 -5.19 -29.31
N VAL E 305 -24.92 -5.37 -30.59
CA VAL E 305 -24.64 -6.63 -31.28
C VAL E 305 -23.12 -6.80 -31.42
N TYR E 306 -22.60 -7.98 -31.11
CA TYR E 306 -21.16 -8.26 -31.19
C TYR E 306 -20.79 -8.63 -32.63
N HIS E 307 -20.71 -7.63 -33.52
CA HIS E 307 -20.44 -7.84 -34.95
C HIS E 307 -19.17 -8.63 -35.25
N ARG E 308 -18.13 -8.45 -34.43
CA ARG E 308 -16.86 -9.17 -34.65
C ARG E 308 -17.04 -10.69 -34.74
N GLN E 309 -17.72 -11.30 -33.76
CA GLN E 309 -17.94 -12.74 -33.81
C GLN E 309 -19.09 -13.11 -34.72
N LEU E 310 -20.18 -12.30 -34.71
CA LEU E 310 -21.34 -12.55 -35.55
C LEU E 310 -20.97 -12.63 -37.05
N PHE E 311 -20.24 -11.64 -37.57
CA PHE E 311 -19.83 -11.65 -38.98
C PHE E 311 -18.95 -12.83 -39.30
N GLU E 312 -18.00 -13.15 -38.39
CA GLU E 312 -17.12 -14.30 -38.58
C GLU E 312 -17.90 -15.59 -38.68
N GLU E 313 -18.89 -15.76 -37.81
CA GLU E 313 -19.71 -16.97 -37.82
C GLU E 313 -20.66 -17.05 -39.02
N LEU E 314 -21.25 -15.92 -39.43
CA LEU E 314 -22.16 -15.91 -40.58
C LEU E 314 -21.39 -16.17 -41.86
N ARG E 315 -20.27 -15.50 -42.01
CA ARG E 315 -19.36 -15.61 -43.14
C ARG E 315 -18.86 -17.07 -43.25
N ARG E 316 -18.47 -17.66 -42.13
CA ARG E 316 -18.01 -19.05 -42.05
C ARG E 316 -19.11 -20.07 -42.41
N ALA E 317 -20.30 -19.96 -41.80
CA ALA E 317 -21.42 -20.89 -42.02
C ALA E 317 -22.05 -20.78 -43.38
N ALA E 318 -21.96 -19.60 -44.02
CA ALA E 318 -22.51 -19.41 -45.35
C ALA E 318 -21.74 -20.23 -46.35
N PRO E 319 -22.44 -20.97 -47.22
CA PRO E 319 -21.72 -21.82 -48.17
C PRO E 319 -20.99 -21.04 -49.24
N LEU E 320 -19.96 -21.65 -49.83
CA LEU E 320 -19.25 -21.05 -50.95
C LEU E 320 -20.25 -20.93 -52.13
N SER E 321 -20.11 -19.88 -52.92
CA SER E 321 -21.07 -19.65 -53.99
C SER E 321 -20.43 -19.14 -55.23
N ARG E 322 -20.97 -19.54 -56.37
CA ARG E 322 -20.58 -18.99 -57.66
C ARG E 322 -21.62 -17.99 -58.22
N ASP E 323 -22.61 -17.59 -57.42
CA ASP E 323 -23.62 -16.63 -57.81
C ASP E 323 -23.01 -15.25 -57.59
N PRO E 324 -22.92 -14.41 -58.64
CA PRO E 324 -22.28 -13.12 -58.47
C PRO E 324 -22.97 -12.17 -57.48
N THR E 325 -24.29 -12.29 -57.25
CA THR E 325 -24.96 -11.42 -56.28
C THR E 325 -24.48 -11.79 -54.86
N GLU E 326 -24.37 -13.07 -54.58
CA GLU E 326 -23.89 -13.60 -53.30
C GLU E 326 -22.41 -13.19 -53.07
N VAL E 327 -21.59 -13.31 -54.11
CA VAL E 327 -20.17 -12.96 -54.04
C VAL E 327 -19.99 -11.46 -53.82
N THR E 328 -20.77 -10.63 -54.53
CA THR E 328 -20.73 -9.20 -54.40
C THR E 328 -21.20 -8.79 -53.01
N ALA E 329 -22.28 -9.43 -52.50
CA ALA E 329 -22.82 -9.09 -51.18
C ALA E 329 -21.79 -9.25 -50.06
N ILE E 330 -21.07 -10.38 -50.01
CA ILE E 330 -20.08 -10.59 -48.94
C ILE E 330 -18.90 -9.62 -49.09
N GLY E 331 -18.50 -9.34 -50.33
CA GLY E 331 -17.43 -8.39 -50.58
C GLY E 331 -17.80 -6.98 -50.16
N ALA E 332 -19.07 -6.59 -50.39
CA ALA E 332 -19.59 -5.26 -50.00
C ALA E 332 -19.70 -5.13 -48.49
N VAL E 333 -20.13 -6.19 -47.79
CA VAL E 333 -20.25 -6.15 -46.33
C VAL E 333 -18.86 -6.08 -45.69
N GLU E 334 -17.89 -6.82 -46.24
CA GLU E 334 -16.52 -6.77 -45.77
C GLU E 334 -15.94 -5.35 -45.98
N ALA E 335 -16.17 -4.77 -47.16
CA ALA E 335 -15.72 -3.41 -47.47
C ALA E 335 -16.34 -2.39 -46.52
N ALA E 336 -17.64 -2.52 -46.23
CA ALA E 336 -18.33 -1.61 -45.30
C ALA E 336 -17.72 -1.64 -43.90
N PHE E 337 -17.38 -2.85 -43.38
CA PHE E 337 -16.76 -2.97 -42.06
C PHE E 337 -15.38 -2.34 -42.03
N LYS E 338 -14.60 -2.51 -43.10
CA LYS E 338 -13.24 -1.98 -43.23
C LYS E 338 -13.17 -0.47 -43.08
N CYS E 339 -14.14 0.24 -43.67
CA CYS E 339 -14.13 1.71 -43.64
C CYS E 339 -15.18 2.32 -42.72
N CYS E 340 -15.93 1.50 -41.95
CA CYS E 340 -17.04 1.99 -41.10
C CYS E 340 -18.04 2.76 -41.96
N ALA E 341 -18.39 2.20 -43.12
CA ALA E 341 -19.29 2.84 -44.08
C ALA E 341 -20.61 3.21 -43.43
N ALA E 342 -21.11 4.39 -43.75
CA ALA E 342 -22.38 4.85 -43.22
C ALA E 342 -23.53 4.02 -43.82
N ALA E 343 -23.39 3.56 -45.08
CA ALA E 343 -24.43 2.81 -45.74
C ALA E 343 -23.91 1.98 -46.91
N ILE E 344 -24.70 0.99 -47.33
CA ILE E 344 -24.50 0.22 -48.52
C ILE E 344 -25.74 0.56 -49.35
N ILE E 345 -25.57 1.26 -50.47
CA ILE E 345 -26.69 1.61 -51.34
C ILE E 345 -26.77 0.53 -52.40
N VAL E 346 -27.93 -0.12 -52.51
CA VAL E 346 -28.10 -1.21 -53.46
C VAL E 346 -29.34 -0.98 -54.35
N LEU E 347 -29.21 -1.25 -55.64
CA LEU E 347 -30.33 -1.17 -56.57
C LEU E 347 -30.93 -2.58 -56.60
N THR E 348 -32.26 -2.70 -56.43
CA THR E 348 -32.89 -4.01 -56.42
C THR E 348 -34.28 -3.98 -57.03
N THR E 349 -34.65 -5.04 -57.77
CA THR E 349 -35.95 -5.13 -58.40
C THR E 349 -36.91 -5.93 -57.52
N THR E 350 -36.43 -7.07 -57.02
CA THR E 350 -37.22 -7.97 -56.19
C THR E 350 -36.93 -7.86 -54.69
N GLY E 351 -35.83 -7.19 -54.33
CA GLY E 351 -35.36 -7.11 -52.96
C GLY E 351 -34.23 -8.10 -52.66
N ARG E 352 -34.01 -9.10 -53.55
CA ARG E 352 -33.01 -10.14 -53.33
C ARG E 352 -31.57 -9.62 -53.08
N SER E 353 -31.09 -8.62 -53.83
CA SER E 353 -29.73 -8.10 -53.62
C SER E 353 -29.60 -7.47 -52.22
N ALA E 354 -30.67 -6.83 -51.72
CA ALA E 354 -30.67 -6.24 -50.39
C ALA E 354 -30.74 -7.34 -49.32
N GLN E 355 -31.50 -8.40 -49.55
CA GLN E 355 -31.64 -9.52 -48.63
C GLN E 355 -30.29 -10.24 -48.47
N LEU E 356 -29.52 -10.39 -49.56
CA LEU E 356 -28.21 -11.06 -49.49
C LEU E 356 -27.17 -10.22 -48.74
N LEU E 357 -27.33 -8.89 -48.72
CA LEU E 357 -26.44 -8.03 -47.96
C LEU E 357 -26.83 -8.14 -46.46
N SER E 358 -28.14 -8.07 -46.18
CA SER E 358 -28.74 -8.15 -44.85
CA SER E 358 -28.70 -8.14 -44.84
C SER E 358 -28.36 -9.43 -44.08
N ARG E 359 -28.25 -10.56 -44.80
CA ARG E 359 -27.93 -11.85 -44.16
C ARG E 359 -26.57 -11.86 -43.46
N TYR E 360 -25.64 -10.97 -43.85
CA TYR E 360 -24.33 -10.87 -43.21
C TYR E 360 -24.30 -9.88 -42.05
N ARG E 361 -25.47 -9.32 -41.67
CA ARG E 361 -25.65 -8.38 -40.58
C ARG E 361 -24.62 -7.24 -40.56
N PRO E 362 -24.53 -6.45 -41.64
CA PRO E 362 -23.63 -5.30 -41.60
C PRO E 362 -24.11 -4.27 -40.57
N ARG E 363 -23.16 -3.50 -40.02
CA ARG E 363 -23.52 -2.39 -39.15
C ARG E 363 -24.05 -1.24 -40.07
N ALA E 364 -23.49 -1.09 -41.28
CA ALA E 364 -23.92 -0.11 -42.27
C ALA E 364 -25.36 -0.39 -42.69
N ALA E 365 -26.16 0.67 -42.78
CA ALA E 365 -27.55 0.57 -43.22
C ALA E 365 -27.58 0.12 -44.69
N VAL E 366 -28.50 -0.76 -45.05
CA VAL E 366 -28.63 -1.21 -46.44
C VAL E 366 -29.76 -0.37 -47.07
N ILE E 367 -29.40 0.66 -47.83
CA ILE E 367 -30.37 1.54 -48.46
C ILE E 367 -30.73 0.92 -49.82
N ALA E 368 -31.94 0.35 -49.92
CA ALA E 368 -32.35 -0.34 -51.14
C ALA E 368 -33.24 0.55 -52.02
N VAL E 369 -32.75 0.91 -53.21
CA VAL E 369 -33.50 1.73 -54.15
C VAL E 369 -34.20 0.84 -55.16
N THR E 370 -35.54 0.90 -55.18
CA THR E 370 -36.33 0.07 -56.07
C THR E 370 -37.49 0.82 -56.71
N ARG E 371 -37.91 0.39 -57.91
CA ARG E 371 -39.10 0.92 -58.56
C ARG E 371 -40.36 0.12 -58.15
N SER E 372 -40.17 -1.12 -57.63
CA SER E 372 -41.28 -1.96 -57.22
C SER E 372 -41.83 -1.50 -55.86
N ALA E 373 -43.07 -1.01 -55.85
CA ALA E 373 -43.74 -0.57 -54.62
C ALA E 373 -43.90 -1.77 -53.66
N GLN E 374 -44.21 -2.95 -54.20
CA GLN E 374 -44.36 -4.14 -53.40
C GLN E 374 -43.02 -4.60 -52.80
N ALA E 375 -41.91 -4.60 -53.59
CA ALA E 375 -40.60 -4.99 -53.05
C ALA E 375 -40.17 -4.02 -51.96
N ALA E 376 -40.46 -2.71 -52.13
CA ALA E 376 -40.13 -1.71 -51.13
C ALA E 376 -40.84 -2.02 -49.80
N ARG E 377 -42.10 -2.47 -49.84
CA ARG E 377 -42.84 -2.81 -48.63
C ARG E 377 -42.31 -4.12 -48.04
N GLN E 378 -42.09 -5.14 -48.88
CA GLN E 378 -41.66 -6.46 -48.42
C GLN E 378 -40.24 -6.53 -47.82
N VAL E 379 -39.30 -5.67 -48.27
CA VAL E 379 -37.93 -5.73 -47.72
C VAL E 379 -37.83 -5.30 -46.25
N HIS E 380 -38.92 -4.75 -45.68
CA HIS E 380 -38.98 -4.47 -44.25
C HIS E 380 -38.83 -5.78 -43.43
N LEU E 381 -39.08 -6.95 -44.04
CA LEU E 381 -38.89 -8.23 -43.38
C LEU E 381 -37.39 -8.51 -43.08
N CYS E 382 -36.45 -7.88 -43.81
CA CYS E 382 -35.02 -8.12 -43.68
C CYS E 382 -34.36 -7.06 -42.83
N ARG E 383 -33.68 -7.46 -41.74
CA ARG E 383 -33.04 -6.48 -40.87
C ARG E 383 -32.06 -5.55 -41.57
N GLY E 384 -32.19 -4.28 -41.28
CA GLY E 384 -31.28 -3.28 -41.79
C GLY E 384 -31.47 -2.84 -43.22
N VAL E 385 -32.59 -3.23 -43.83
CA VAL E 385 -32.90 -2.79 -45.20
C VAL E 385 -33.87 -1.62 -45.11
N PHE E 386 -33.47 -0.47 -45.64
CA PHE E 386 -34.23 0.78 -45.65
C PHE E 386 -34.70 1.03 -47.07
N PRO E 387 -35.97 0.71 -47.36
CA PRO E 387 -36.45 0.82 -48.74
C PRO E 387 -36.76 2.23 -49.20
N LEU E 388 -36.31 2.56 -50.40
CA LEU E 388 -36.60 3.84 -51.02
C LEU E 388 -37.34 3.56 -52.32
N LEU E 389 -38.56 4.09 -52.44
CA LEU E 389 -39.35 3.87 -53.65
C LEU E 389 -39.03 4.96 -54.69
N TYR E 390 -38.47 4.54 -55.82
CA TYR E 390 -38.09 5.42 -56.94
C TYR E 390 -39.29 5.54 -57.89
N ARG E 391 -39.75 6.76 -58.14
CA ARG E 391 -40.93 6.98 -58.96
C ARG E 391 -40.64 7.51 -60.37
N GLU E 392 -39.41 7.97 -60.64
CA GLU E 392 -39.05 8.55 -61.93
C GLU E 392 -39.01 7.55 -63.08
N PRO E 393 -39.49 7.95 -64.27
CA PRO E 393 -39.45 7.04 -65.42
C PRO E 393 -38.02 6.79 -65.90
N PRO E 394 -37.76 5.64 -66.53
CA PRO E 394 -36.40 5.34 -66.99
C PRO E 394 -35.78 6.34 -67.97
N GLU E 395 -34.50 6.66 -67.74
CA GLU E 395 -33.70 7.52 -68.61
C GLU E 395 -33.43 6.77 -69.94
N ALA E 396 -33.07 7.51 -71.01
CA ALA E 396 -32.81 6.89 -72.30
C ALA E 396 -31.57 5.99 -72.23
N ILE E 397 -30.52 6.45 -71.55
CA ILE E 397 -29.31 5.65 -71.39
C ILE E 397 -29.39 4.94 -70.03
N TRP E 398 -29.36 3.60 -70.04
CA TRP E 398 -29.45 2.78 -68.84
C TRP E 398 -28.41 3.14 -67.76
N ALA E 399 -27.15 3.40 -68.15
CA ALA E 399 -26.10 3.79 -67.21
C ALA E 399 -26.45 5.10 -66.48
N ASP E 400 -27.13 6.03 -67.16
CA ASP E 400 -27.55 7.29 -66.55
C ASP E 400 -28.69 7.04 -65.56
N ASP E 401 -29.59 6.10 -65.87
CA ASP E 401 -30.72 5.73 -65.01
C ASP E 401 -30.19 5.07 -63.71
N VAL E 402 -29.13 4.28 -63.82
CA VAL E 402 -28.50 3.62 -62.67
C VAL E 402 -27.89 4.71 -61.79
N ASP E 403 -27.14 5.64 -62.38
CA ASP E 403 -26.52 6.75 -61.64
C ASP E 403 -27.56 7.63 -60.94
N ARG E 404 -28.69 7.90 -61.60
CA ARG E 404 -29.73 8.73 -61.00
C ARG E 404 -30.34 8.04 -59.78
N ARG E 405 -30.49 6.72 -59.82
CA ARG E 405 -31.04 5.96 -58.70
C ARG E 405 -30.06 5.93 -57.53
N VAL E 406 -28.75 5.86 -57.81
CA VAL E 406 -27.71 5.91 -56.77
C VAL E 406 -27.73 7.29 -56.11
N GLN E 407 -27.86 8.36 -56.92
CA GLN E 407 -27.95 9.74 -56.41
C GLN E 407 -29.22 9.95 -55.59
N PHE E 408 -30.32 9.29 -55.97
CA PHE E 408 -31.56 9.34 -55.21
C PHE E 408 -31.37 8.68 -53.82
N GLY E 409 -30.59 7.60 -53.77
CA GLY E 409 -30.26 6.93 -52.52
C GLY E 409 -29.43 7.83 -51.62
N ILE E 410 -28.46 8.53 -52.20
CA ILE E 410 -27.60 9.47 -51.47
C ILE E 410 -28.40 10.67 -50.95
N GLU E 411 -29.24 11.28 -51.81
CA GLU E 411 -30.04 12.43 -51.42
C GLU E 411 -31.08 12.06 -50.36
N SER E 412 -31.70 10.88 -50.50
CA SER E 412 -32.65 10.42 -49.49
C SER E 412 -31.92 10.14 -48.16
N GLY E 413 -30.72 9.56 -48.27
CA GLY E 413 -29.88 9.25 -47.12
C GLY E 413 -29.48 10.50 -46.36
N LYS E 414 -29.11 11.56 -47.08
CA LYS E 414 -28.74 12.83 -46.47
C LYS E 414 -29.95 13.47 -45.78
N LEU E 415 -31.11 13.49 -46.44
CA LEU E 415 -32.33 14.08 -45.90
C LEU E 415 -32.76 13.37 -44.63
N ARG E 416 -32.66 12.04 -44.59
CA ARG E 416 -33.09 11.26 -43.42
C ARG E 416 -32.06 11.17 -42.30
N GLY E 417 -30.84 11.64 -42.51
CA GLY E 417 -29.81 11.60 -41.49
C GLY E 417 -28.88 10.40 -41.53
N PHE E 418 -29.05 9.52 -42.52
CA PHE E 418 -28.19 8.34 -42.68
C PHE E 418 -26.78 8.74 -43.13
N LEU E 419 -26.70 9.78 -43.98
CA LEU E 419 -25.44 10.19 -44.59
C LEU E 419 -25.15 11.65 -44.42
N ARG E 420 -23.88 11.97 -44.40
CA ARG E 420 -23.41 13.33 -44.36
C ARG E 420 -22.19 13.43 -45.28
N VAL E 421 -21.81 14.65 -45.67
CA VAL E 421 -20.65 14.88 -46.53
C VAL E 421 -19.39 14.36 -45.85
N GLY E 422 -18.57 13.65 -46.61
CA GLY E 422 -17.34 13.06 -46.05
C GLY E 422 -17.48 11.59 -45.72
N ASP E 423 -18.71 11.09 -45.56
CA ASP E 423 -18.96 9.68 -45.26
C ASP E 423 -18.55 8.80 -46.44
N LEU E 424 -18.24 7.54 -46.17
CA LEU E 424 -17.95 6.58 -47.22
C LEU E 424 -19.16 5.68 -47.35
N VAL E 425 -19.55 5.36 -48.58
CA VAL E 425 -20.65 4.45 -48.84
C VAL E 425 -20.18 3.38 -49.80
N ILE E 426 -20.79 2.22 -49.72
CA ILE E 426 -20.53 1.11 -50.63
C ILE E 426 -21.74 1.08 -51.57
N VAL E 427 -21.51 1.06 -52.88
CA VAL E 427 -22.62 1.06 -53.85
C VAL E 427 -22.64 -0.26 -54.59
N VAL E 428 -23.77 -0.95 -54.55
CA VAL E 428 -23.93 -2.25 -55.18
C VAL E 428 -24.93 -2.17 -56.34
N THR E 429 -24.44 -2.47 -57.56
CA THR E 429 -25.24 -2.44 -58.80
C THR E 429 -24.93 -3.71 -59.66
N GLY E 430 -25.57 -3.81 -60.83
CA GLY E 430 -25.37 -4.91 -61.76
C GLY E 430 -24.88 -4.43 -63.12
N TRP E 431 -24.52 -5.36 -63.99
CA TRP E 431 -23.95 -5.04 -65.29
C TRP E 431 -25.00 -4.86 -66.41
N ARG E 432 -26.24 -5.31 -66.19
CA ARG E 432 -27.30 -5.18 -67.18
C ARG E 432 -28.68 -5.04 -66.49
N PRO E 433 -29.72 -4.53 -67.20
CA PRO E 433 -31.04 -4.40 -66.56
C PRO E 433 -31.68 -5.75 -66.23
N GLY E 434 -32.67 -5.72 -65.36
CA GLY E 434 -33.36 -6.92 -64.94
C GLY E 434 -32.77 -7.51 -63.67
N SER E 435 -33.56 -8.29 -62.95
CA SER E 435 -33.15 -8.93 -61.71
C SER E 435 -32.14 -10.06 -61.95
N GLY E 436 -31.24 -10.28 -61.00
CA GLY E 436 -30.29 -11.39 -61.05
C GLY E 436 -28.90 -11.11 -61.58
N TYR E 437 -28.59 -9.85 -61.89
CA TYR E 437 -27.30 -9.51 -62.49
C TYR E 437 -26.41 -8.61 -61.63
N THR E 438 -26.69 -8.50 -60.31
CA THR E 438 -25.84 -7.72 -59.42
C THR E 438 -24.41 -8.32 -59.41
N ASN E 439 -23.40 -7.50 -59.68
CA ASN E 439 -22.02 -8.00 -59.72
C ASN E 439 -20.97 -6.92 -59.46
N ILE E 440 -21.39 -5.70 -59.06
CA ILE E 440 -20.46 -4.60 -58.89
C ILE E 440 -20.55 -3.97 -57.51
N MET E 441 -19.38 -3.70 -56.93
CA MET E 441 -19.31 -3.00 -55.66
CA MET E 441 -19.25 -3.04 -55.64
C MET E 441 -18.33 -1.83 -55.82
N ARG E 442 -18.77 -0.63 -55.40
CA ARG E 442 -17.95 0.57 -55.53
C ARG E 442 -17.81 1.30 -54.22
N VAL E 443 -16.64 1.89 -53.94
CA VAL E 443 -16.48 2.66 -52.72
C VAL E 443 -16.55 4.16 -53.09
N LEU E 444 -17.53 4.86 -52.56
CA LEU E 444 -17.79 6.25 -52.92
C LEU E 444 -17.76 7.19 -51.73
N SER E 445 -17.16 8.37 -51.90
CA SER E 445 -17.14 9.37 -50.83
CA SER E 445 -17.12 9.38 -50.84
C SER E 445 -18.29 10.33 -51.07
N ILE E 446 -19.08 10.61 -50.04
CA ILE E 446 -20.23 11.49 -50.14
C ILE E 446 -19.82 12.95 -50.27
N SER E 447 -20.23 13.61 -51.36
CA SER E 447 -19.91 15.03 -51.57
C SER E 447 -21.14 15.92 -51.33
N ALA F 13 -21.81 -29.22 -46.17
CA ALA F 13 -22.85 -28.22 -46.42
C ALA F 13 -22.27 -26.88 -46.89
N ASP F 14 -21.17 -26.43 -46.26
CA ASP F 14 -20.52 -25.16 -46.62
C ASP F 14 -19.80 -25.19 -47.98
N VAL F 15 -19.58 -26.39 -48.56
CA VAL F 15 -18.93 -26.55 -49.87
C VAL F 15 -19.74 -27.51 -50.78
N ALA F 16 -21.01 -27.83 -50.43
CA ALA F 16 -21.81 -28.83 -51.16
C ALA F 16 -22.21 -28.46 -52.62
N GLN F 17 -22.85 -27.30 -52.86
CA GLN F 17 -23.25 -26.92 -54.22
C GLN F 17 -22.04 -26.68 -55.12
N LEU F 18 -20.96 -26.12 -54.57
CA LEU F 18 -19.73 -25.91 -55.33
C LEU F 18 -19.07 -27.22 -55.71
N THR F 19 -19.19 -28.25 -54.85
CA THR F 19 -18.63 -29.57 -55.14
C THR F 19 -19.41 -30.23 -56.29
N GLN F 20 -20.72 -29.94 -56.43
CA GLN F 20 -21.50 -30.50 -57.52
C GLN F 20 -21.10 -29.83 -58.85
N GLU F 21 -21.05 -28.49 -58.87
CA GLU F 21 -20.69 -27.73 -60.06
C GLU F 21 -19.24 -27.97 -60.53
N LEU F 22 -18.26 -27.64 -59.68
CA LEU F 22 -16.85 -27.80 -60.00
C LEU F 22 -16.35 -29.25 -59.97
N GLY F 23 -17.05 -30.10 -59.23
CA GLY F 23 -16.70 -31.51 -59.14
C GLY F 23 -15.91 -31.84 -57.90
N THR F 24 -15.90 -33.14 -57.54
CA THR F 24 -15.14 -33.61 -56.38
C THR F 24 -13.64 -33.54 -56.66
N ALA F 25 -13.20 -33.74 -57.93
CA ALA F 25 -11.79 -33.66 -58.28
C ALA F 25 -11.23 -32.28 -58.00
N PHE F 26 -12.01 -31.20 -58.20
CA PHE F 26 -11.57 -29.84 -57.91
C PHE F 26 -11.25 -29.69 -56.42
N PHE F 27 -12.15 -30.19 -55.55
CA PHE F 27 -11.96 -30.07 -54.11
C PHE F 27 -10.95 -31.05 -53.52
N GLN F 28 -10.34 -31.91 -54.33
CA GLN F 28 -9.30 -32.82 -53.86
C GLN F 28 -7.90 -32.20 -54.12
N GLN F 29 -7.77 -31.35 -55.19
CA GLN F 29 -6.54 -30.70 -55.59
C GLN F 29 -6.15 -29.51 -54.71
N GLN F 30 -4.91 -28.99 -54.90
CA GLN F 30 -4.31 -27.82 -54.24
C GLN F 30 -4.58 -27.75 -52.74
N GLN F 31 -4.55 -28.91 -52.05
CA GLN F 31 -4.78 -29.01 -50.61
C GLN F 31 -6.09 -28.38 -50.15
N LEU F 32 -7.13 -28.43 -51.01
CA LEU F 32 -8.41 -27.86 -50.64
C LEU F 32 -9.06 -28.55 -49.43
N PRO F 33 -8.97 -29.89 -49.19
CA PRO F 33 -9.54 -30.43 -47.94
C PRO F 33 -8.84 -29.81 -46.72
N ALA F 34 -7.50 -29.63 -46.77
CA ALA F 34 -6.77 -29.01 -45.65
C ALA F 34 -7.11 -27.51 -45.52
N ALA F 35 -7.49 -26.85 -46.63
CA ALA F 35 -7.87 -25.44 -46.64
C ALA F 35 -9.21 -25.21 -45.96
N MET F 36 -10.16 -26.14 -46.09
CA MET F 36 -11.49 -25.99 -45.48
C MET F 36 -11.54 -26.42 -44.01
N ALA F 37 -10.39 -26.83 -43.41
CA ALA F 37 -10.35 -27.30 -42.03
C ALA F 37 -10.65 -26.23 -40.99
N ASP F 38 -11.29 -26.62 -39.89
CA ASP F 38 -11.70 -25.70 -38.83
C ASP F 38 -10.61 -25.34 -37.84
N THR F 39 -9.57 -26.19 -37.72
CA THR F 39 -8.46 -25.92 -36.80
C THR F 39 -7.13 -26.14 -37.55
N PHE F 40 -6.03 -25.58 -37.01
CA PHE F 40 -4.71 -25.78 -37.61
C PHE F 40 -4.30 -27.25 -37.49
N LEU F 41 -4.66 -27.92 -36.38
CA LEU F 41 -4.36 -29.34 -36.19
C LEU F 41 -5.03 -30.18 -37.30
N GLU F 42 -6.32 -29.92 -37.56
CA GLU F 42 -7.05 -30.64 -38.60
C GLU F 42 -6.46 -30.32 -39.98
N HIS F 43 -6.03 -29.05 -40.19
CA HIS F 43 -5.37 -28.61 -41.42
C HIS F 43 -4.11 -29.46 -41.67
N LEU F 44 -3.26 -29.63 -40.65
CA LEU F 44 -2.05 -30.46 -40.77
C LEU F 44 -2.40 -31.91 -41.08
N CYS F 45 -3.39 -32.46 -40.36
CA CYS F 45 -3.85 -33.85 -40.54
C CYS F 45 -4.39 -34.13 -41.94
N LEU F 46 -4.90 -33.10 -42.62
CA LEU F 46 -5.48 -33.26 -43.95
C LEU F 46 -4.53 -32.99 -45.11
N LEU F 47 -3.27 -32.57 -44.84
CA LEU F 47 -2.30 -32.36 -45.93
C LEU F 47 -2.06 -33.69 -46.68
N ASP F 48 -2.10 -33.65 -48.00
CA ASP F 48 -2.08 -34.85 -48.83
C ASP F 48 -1.03 -34.77 -49.94
N ILE F 49 -0.08 -35.71 -49.96
CA ILE F 49 0.94 -35.75 -51.01
C ILE F 49 0.35 -36.04 -52.42
N ASP F 50 -0.86 -36.60 -52.48
CA ASP F 50 -1.55 -36.86 -53.76
C ASP F 50 -2.36 -35.66 -54.25
N SER F 51 -2.52 -34.61 -53.42
CA SER F 51 -3.25 -33.41 -53.80
C SER F 51 -2.28 -32.52 -54.57
N GLU F 52 -2.45 -32.46 -55.90
CA GLU F 52 -1.54 -31.72 -56.76
C GLU F 52 -1.76 -30.22 -56.81
N PRO F 53 -0.67 -29.42 -56.86
CA PRO F 53 -0.85 -27.97 -56.96
C PRO F 53 -1.42 -27.58 -58.32
N VAL F 54 -2.30 -26.58 -58.37
CA VAL F 54 -2.92 -26.17 -59.64
C VAL F 54 -2.55 -24.73 -59.95
N ALA F 55 -2.54 -23.87 -58.93
CA ALA F 55 -2.24 -22.45 -59.12
C ALA F 55 -0.81 -22.19 -59.59
N ALA F 56 -0.60 -21.05 -60.26
CA ALA F 56 0.74 -20.63 -60.67
C ALA F 56 1.55 -20.32 -59.40
N ARG F 57 2.86 -20.55 -59.46
CA ARG F 57 3.75 -20.32 -58.33
C ARG F 57 3.78 -18.83 -57.98
N SER F 58 3.39 -18.50 -56.75
CA SER F 58 3.26 -17.14 -56.31
C SER F 58 4.49 -16.51 -55.60
N THR F 59 5.37 -17.30 -54.96
CA THR F 59 6.56 -16.76 -54.29
C THR F 59 7.63 -16.55 -55.33
N SER F 60 8.12 -15.33 -55.49
CA SER F 60 9.17 -15.05 -56.48
C SER F 60 10.51 -15.63 -56.12
N ILE F 61 11.27 -15.98 -57.15
CA ILE F 61 12.61 -16.52 -56.97
C ILE F 61 13.64 -15.48 -57.39
N ILE F 62 14.59 -15.20 -56.50
CA ILE F 62 15.68 -14.29 -56.77
C ILE F 62 16.90 -15.17 -57.00
N ALA F 63 17.55 -15.02 -58.16
CA ALA F 63 18.74 -15.81 -58.46
C ALA F 63 19.93 -14.86 -58.58
N THR F 64 21.03 -15.19 -57.88
CA THR F 64 22.24 -14.37 -57.93
C THR F 64 22.99 -14.67 -59.21
N ILE F 65 23.36 -13.64 -59.96
CA ILE F 65 24.07 -13.81 -61.21
C ILE F 65 25.57 -13.89 -60.94
N GLY F 66 26.22 -14.82 -61.59
CA GLY F 66 27.66 -15.01 -61.49
C GLY F 66 28.18 -15.82 -62.66
N PRO F 67 29.42 -16.34 -62.55
CA PRO F 67 29.99 -17.12 -63.66
C PRO F 67 29.14 -18.30 -64.15
N ALA F 68 28.37 -18.94 -63.26
CA ALA F 68 27.54 -20.08 -63.67
C ALA F 68 26.23 -19.69 -64.33
N SER F 69 25.83 -18.42 -64.25
CA SER F 69 24.54 -17.98 -64.74
C SER F 69 24.60 -16.65 -65.49
N ARG F 70 25.74 -16.33 -66.11
CA ARG F 70 25.92 -15.05 -66.78
C ARG F 70 25.62 -15.03 -68.27
N SER F 71 25.83 -16.15 -68.97
CA SER F 71 25.59 -16.18 -70.41
C SER F 71 24.11 -16.01 -70.77
N VAL F 72 23.84 -15.41 -71.94
CA VAL F 72 22.50 -15.17 -72.43
C VAL F 72 21.70 -16.47 -72.55
N GLU F 73 22.33 -17.53 -73.06
CA GLU F 73 21.67 -18.81 -73.20
C GLU F 73 21.31 -19.44 -71.85
N ARG F 74 22.20 -19.34 -70.87
CA ARG F 74 21.96 -19.85 -69.52
C ARG F 74 20.85 -19.04 -68.84
N LEU F 75 20.85 -17.72 -69.02
CA LEU F 75 19.83 -16.85 -68.47
C LEU F 75 18.45 -17.11 -69.07
N LYS F 76 18.37 -17.49 -70.37
CA LYS F 76 17.09 -17.84 -70.99
C LYS F 76 16.52 -19.09 -70.30
N GLU F 77 17.38 -20.06 -69.97
CA GLU F 77 16.98 -21.29 -69.27
CA GLU F 77 16.94 -21.27 -69.29
C GLU F 77 16.48 -20.95 -67.85
N MET F 78 17.15 -20.01 -67.17
CA MET F 78 16.77 -19.62 -65.82
CA MET F 78 16.77 -19.63 -65.82
C MET F 78 15.45 -18.88 -65.79
N ILE F 79 15.16 -18.07 -66.83
CA ILE F 79 13.88 -17.37 -66.92
C ILE F 79 12.77 -18.40 -67.12
N LYS F 80 13.00 -19.40 -68.00
CA LYS F 80 12.06 -20.47 -68.26
C LYS F 80 11.83 -21.33 -67.02
N ALA F 81 12.88 -21.53 -66.21
CA ALA F 81 12.79 -22.30 -64.96
C ALA F 81 12.01 -21.58 -63.85
N GLY F 82 11.91 -20.25 -63.93
CA GLY F 82 11.15 -19.50 -62.95
C GLY F 82 11.82 -18.31 -62.29
N MET F 83 13.05 -17.93 -62.71
CA MET F 83 13.72 -16.77 -62.12
C MET F 83 12.91 -15.49 -62.37
N ASN F 84 12.58 -14.73 -61.32
CA ASN F 84 11.81 -13.51 -61.46
C ASN F 84 12.63 -12.26 -61.24
N ILE F 85 13.68 -12.36 -60.38
CA ILE F 85 14.55 -11.26 -60.02
C ILE F 85 16.00 -11.73 -60.13
N ALA F 86 16.82 -10.94 -60.84
CA ALA F 86 18.24 -11.23 -60.97
C ALA F 86 19.01 -10.36 -59.97
N ARG F 87 19.79 -10.98 -59.09
CA ARG F 87 20.55 -10.26 -58.09
C ARG F 87 22.00 -10.09 -58.54
N LEU F 88 22.51 -8.85 -58.48
CA LEU F 88 23.91 -8.55 -58.80
C LEU F 88 24.59 -8.27 -57.49
N ASN F 89 25.53 -9.12 -57.10
CA ASN F 89 26.23 -8.95 -55.84
C ASN F 89 27.44 -8.04 -56.03
N PHE F 90 27.32 -6.77 -55.59
CA PHE F 90 28.39 -5.81 -55.73
C PHE F 90 29.54 -5.99 -54.72
N SER F 91 29.52 -7.07 -53.91
CA SER F 91 30.65 -7.40 -53.05
C SER F 91 31.84 -7.87 -53.90
N HIS F 92 31.59 -8.39 -55.12
CA HIS F 92 32.62 -8.86 -56.04
C HIS F 92 32.32 -8.32 -57.44
N GLY F 93 33.34 -8.22 -58.27
CA GLY F 93 33.17 -7.77 -59.64
C GLY F 93 33.21 -6.27 -59.82
N SER F 94 33.72 -5.84 -60.97
CA SER F 94 33.83 -4.43 -61.31
C SER F 94 32.51 -3.89 -61.89
N HIS F 95 32.43 -2.58 -62.11
CA HIS F 95 31.26 -1.98 -62.74
C HIS F 95 31.08 -2.51 -64.16
N GLU F 96 32.19 -2.77 -64.88
CA GLU F 96 32.16 -3.30 -66.23
C GLU F 96 31.57 -4.71 -66.24
N TYR F 97 31.93 -5.53 -65.24
CA TYR F 97 31.42 -6.90 -65.10
C TYR F 97 29.90 -6.86 -64.88
N HIS F 98 29.44 -6.02 -63.96
CA HIS F 98 28.01 -5.92 -63.65
C HIS F 98 27.20 -5.33 -64.78
N ALA F 99 27.77 -4.38 -65.54
CA ALA F 99 27.06 -3.81 -66.70
C ALA F 99 26.84 -4.90 -67.77
N GLU F 100 27.81 -5.79 -67.96
CA GLU F 100 27.68 -6.88 -68.91
C GLU F 100 26.62 -7.88 -68.42
N SER F 101 26.57 -8.16 -67.11
CA SER F 101 25.56 -9.06 -66.52
C SER F 101 24.16 -8.48 -66.78
N ILE F 102 23.98 -7.17 -66.54
CA ILE F 102 22.72 -6.47 -66.77
C ILE F 102 22.30 -6.58 -68.24
N ALA F 103 23.23 -6.32 -69.16
CA ALA F 103 22.96 -6.40 -70.59
C ALA F 103 22.55 -7.81 -71.00
N ASN F 104 23.21 -8.84 -70.44
CA ASN F 104 22.88 -10.23 -70.75
C ASN F 104 21.51 -10.63 -70.20
N VAL F 105 21.15 -10.13 -69.00
CA VAL F 105 19.83 -10.39 -68.42
C VAL F 105 18.77 -9.75 -69.32
N ARG F 106 18.94 -8.47 -69.66
CA ARG F 106 18.00 -7.77 -70.52
C ARG F 106 17.86 -8.39 -71.91
N GLU F 107 18.96 -8.91 -72.48
CA GLU F 107 18.89 -9.58 -73.79
C GLU F 107 18.07 -10.88 -73.68
N ALA F 108 18.31 -11.68 -72.61
CA ALA F 108 17.56 -12.91 -72.38
C ALA F 108 16.07 -12.62 -72.18
N VAL F 109 15.74 -11.57 -71.41
CA VAL F 109 14.37 -11.14 -71.14
C VAL F 109 13.65 -10.70 -72.41
N GLU F 110 14.33 -9.90 -73.23
CA GLU F 110 13.72 -9.39 -74.46
C GLU F 110 13.63 -10.45 -75.58
N SER F 111 14.33 -11.58 -75.45
CA SER F 111 14.19 -12.68 -76.42
C SER F 111 12.79 -13.33 -76.37
N PHE F 112 12.02 -13.12 -75.29
CA PHE F 112 10.65 -13.64 -75.17
C PHE F 112 9.56 -12.57 -75.36
N ALA F 113 9.95 -11.33 -75.77
CA ALA F 113 9.03 -10.20 -75.89
C ALA F 113 8.12 -10.19 -77.12
N GLY F 114 8.09 -11.25 -77.91
CA GLY F 114 7.22 -11.28 -79.08
C GLY F 114 5.74 -11.40 -78.77
N SER F 115 5.40 -11.95 -77.59
CA SER F 115 4.01 -12.17 -77.21
C SER F 115 3.78 -12.15 -75.67
N PRO F 116 2.55 -11.85 -75.20
CA PRO F 116 2.28 -11.92 -73.75
C PRO F 116 2.33 -13.35 -73.19
N LEU F 117 2.14 -14.37 -74.06
CA LEU F 117 2.18 -15.78 -73.68
C LEU F 117 3.59 -16.24 -73.28
N SER F 118 4.63 -15.55 -73.74
CA SER F 118 6.02 -15.92 -73.45
C SER F 118 6.76 -14.88 -72.61
N TYR F 119 6.41 -13.59 -72.77
CA TYR F 119 7.11 -12.50 -72.08
C TYR F 119 7.06 -12.61 -70.57
N ARG F 120 8.22 -12.55 -69.92
CA ARG F 120 8.31 -12.59 -68.46
C ARG F 120 9.14 -11.42 -67.99
N PRO F 121 8.53 -10.36 -67.41
CA PRO F 121 9.34 -9.27 -66.85
C PRO F 121 10.24 -9.80 -65.74
N VAL F 122 11.50 -9.40 -65.76
CA VAL F 122 12.46 -9.87 -64.76
C VAL F 122 13.07 -8.64 -64.13
N ALA F 123 13.00 -8.50 -62.80
CA ALA F 123 13.58 -7.34 -62.13
C ALA F 123 15.09 -7.49 -61.96
N ILE F 124 15.80 -6.37 -61.85
CA ILE F 124 17.24 -6.38 -61.64
C ILE F 124 17.50 -5.71 -60.31
N ALA F 125 18.12 -6.44 -59.38
CA ALA F 125 18.39 -5.96 -58.04
C ALA F 125 19.87 -5.82 -57.80
N LEU F 126 20.29 -4.70 -57.22
CA LEU F 126 21.68 -4.44 -56.91
C LEU F 126 21.86 -4.67 -55.42
N ASP F 127 22.72 -5.61 -55.06
CA ASP F 127 22.99 -5.92 -53.66
C ASP F 127 24.32 -5.24 -53.31
N THR F 128 24.30 -4.27 -52.38
CA THR F 128 25.49 -3.51 -52.03
C THR F 128 26.54 -4.27 -51.20
N LYS F 129 27.79 -3.82 -51.30
CA LYS F 129 28.91 -4.39 -50.56
C LYS F 129 28.71 -4.19 -49.06
N GLY F 130 28.27 -3.00 -48.68
CA GLY F 130 28.00 -2.70 -47.29
C GLY F 130 28.95 -1.70 -46.67
N PRO F 131 28.68 -1.35 -45.41
CA PRO F 131 29.51 -0.34 -44.73
C PRO F 131 30.87 -0.86 -44.25
N PRO F 135 30.62 3.02 -40.00
CA PRO F 135 29.46 3.56 -39.27
C PRO F 135 28.23 3.80 -40.15
N GLY F 136 28.45 4.27 -41.38
CA GLY F 136 27.37 4.56 -42.31
C GLY F 136 27.70 4.20 -43.74
N LEU F 137 27.08 4.90 -44.70
CA LEU F 137 27.26 4.64 -46.13
C LEU F 137 28.70 4.80 -46.61
N SER F 138 29.29 3.70 -47.10
CA SER F 138 30.65 3.69 -47.59
C SER F 138 30.78 4.42 -48.93
N GLU F 139 32.01 4.83 -49.29
CA GLU F 139 32.26 5.52 -50.55
C GLU F 139 32.03 4.60 -51.74
N GLN F 140 32.35 3.30 -51.60
CA GLN F 140 32.10 2.35 -52.68
C GLN F 140 30.60 2.19 -52.91
N ASP F 141 29.81 2.16 -51.83
CA ASP F 141 28.35 2.06 -51.94
C ASP F 141 27.77 3.28 -52.65
N VAL F 142 28.31 4.48 -52.40
CA VAL F 142 27.84 5.70 -53.09
C VAL F 142 28.07 5.56 -54.61
N ARG F 143 29.23 5.06 -55.01
CA ARG F 143 29.53 4.85 -56.43
C ARG F 143 28.70 3.73 -57.06
N ASP F 144 28.49 2.64 -56.31
CA ASP F 144 27.72 1.50 -56.79
C ASP F 144 26.23 1.86 -56.93
N LEU F 145 25.70 2.64 -55.99
CA LEU F 145 24.30 3.08 -56.06
C LEU F 145 24.09 4.02 -57.23
N ARG F 146 25.09 4.89 -57.52
CA ARG F 146 25.05 5.79 -58.67
C ARG F 146 25.03 4.96 -59.96
N PHE F 147 25.83 3.89 -60.03
CA PHE F 147 25.87 2.97 -61.16
C PHE F 147 24.48 2.34 -61.36
N GLY F 148 23.84 1.92 -60.26
CA GLY F 148 22.51 1.34 -60.28
C GLY F 148 21.48 2.24 -60.91
N VAL F 149 21.48 3.52 -60.53
CA VAL F 149 20.56 4.52 -61.08
C VAL F 149 20.83 4.72 -62.58
N GLU F 150 22.12 4.85 -62.95
CA GLU F 150 22.51 5.04 -64.34
C GLU F 150 22.17 3.84 -65.21
N HIS F 151 22.18 2.64 -64.64
CA HIS F 151 21.84 1.43 -65.39
C HIS F 151 20.38 0.98 -65.22
N GLY F 152 19.53 1.79 -64.60
CA GLY F 152 18.12 1.54 -64.44
C GLY F 152 17.72 0.31 -63.63
N VAL F 153 18.45 0.03 -62.53
CA VAL F 153 18.09 -1.11 -61.68
C VAL F 153 16.73 -0.85 -61.02
N ASP F 154 16.00 -1.93 -60.71
CA ASP F 154 14.66 -1.78 -60.12
C ASP F 154 14.66 -1.76 -58.62
N ILE F 155 15.60 -2.51 -58.01
CA ILE F 155 15.65 -2.72 -56.58
C ILE F 155 17.07 -2.62 -56.06
N VAL F 156 17.21 -2.19 -54.82
CA VAL F 156 18.49 -2.20 -54.12
C VAL F 156 18.30 -3.07 -52.87
N PHE F 157 19.18 -4.04 -52.67
CA PHE F 157 19.21 -4.84 -51.45
C PHE F 157 20.35 -4.17 -50.66
N ALA F 158 19.99 -3.30 -49.69
CA ALA F 158 20.98 -2.56 -48.92
C ALA F 158 21.58 -3.40 -47.79
N SER F 159 22.87 -3.72 -47.89
CA SER F 159 23.55 -4.55 -46.88
C SER F 159 23.74 -3.87 -45.53
N PHE F 160 23.66 -4.69 -44.47
CA PHE F 160 23.88 -4.32 -43.07
C PHE F 160 23.14 -3.05 -42.63
N VAL F 161 21.82 -3.00 -42.84
CA VAL F 161 21.02 -1.87 -42.41
C VAL F 161 20.82 -2.02 -40.90
N ARG F 162 21.25 -1.01 -40.12
CA ARG F 162 21.17 -1.07 -38.65
C ARG F 162 20.18 -0.10 -38.05
N LYS F 163 19.75 0.91 -38.80
CA LYS F 163 18.86 1.95 -38.31
C LYS F 163 18.21 2.71 -39.48
N ALA F 164 17.17 3.51 -39.20
CA ALA F 164 16.44 4.27 -40.21
C ALA F 164 17.33 5.24 -41.01
N SER F 165 18.34 5.84 -40.37
CA SER F 165 19.24 6.77 -41.08
C SER F 165 20.09 6.07 -42.14
N ASP F 166 20.34 4.75 -41.99
CA ASP F 166 21.06 4.00 -43.02
C ASP F 166 20.23 3.95 -44.30
N VAL F 167 18.90 3.80 -44.18
CA VAL F 167 17.99 3.76 -45.32
C VAL F 167 17.94 5.14 -45.98
N ALA F 168 17.87 6.20 -45.17
CA ALA F 168 17.85 7.58 -45.67
C ALA F 168 19.12 7.88 -46.47
N ALA F 169 20.28 7.38 -46.02
CA ALA F 169 21.55 7.57 -46.72
C ALA F 169 21.54 6.86 -48.08
N VAL F 170 20.98 5.65 -48.15
CA VAL F 170 20.88 4.90 -49.41
C VAL F 170 19.96 5.66 -50.38
N ARG F 171 18.82 6.13 -49.86
CA ARG F 171 17.86 6.88 -50.65
CA ARG F 171 17.85 6.90 -50.64
C ARG F 171 18.48 8.17 -51.21
N ALA F 172 19.28 8.88 -50.38
CA ALA F 172 19.96 10.11 -50.81
C ALA F 172 20.99 9.81 -51.91
N ALA F 173 21.77 8.73 -51.75
CA ALA F 173 22.77 8.34 -52.74
C ALA F 173 22.15 7.93 -54.10
N LEU F 174 20.88 7.53 -54.11
CA LEU F 174 20.17 7.21 -55.35
C LEU F 174 19.81 8.50 -56.14
N GLY F 175 19.70 9.63 -55.44
CA GLY F 175 19.44 10.92 -56.06
C GLY F 175 18.04 11.14 -56.56
N PRO F 176 17.82 12.28 -57.26
CA PRO F 176 16.48 12.57 -57.77
C PRO F 176 15.99 11.62 -58.85
N GLU F 177 16.91 11.03 -59.63
CA GLU F 177 16.51 10.09 -60.69
C GLU F 177 16.23 8.66 -60.20
N GLY F 178 16.57 8.35 -58.95
CA GLY F 178 16.35 7.01 -58.42
C GLY F 178 15.23 6.93 -57.40
N HIS F 179 14.25 7.84 -57.48
CA HIS F 179 13.12 7.88 -56.55
C HIS F 179 12.19 6.65 -56.67
N GLY F 180 12.12 6.08 -57.86
CA GLY F 180 11.27 4.94 -58.14
C GLY F 180 11.88 3.58 -57.79
N ILE F 181 13.18 3.55 -57.44
CA ILE F 181 13.87 2.31 -57.07
C ILE F 181 13.42 1.83 -55.69
N LYS F 182 13.09 0.54 -55.56
CA LYS F 182 12.67 -0.02 -54.28
C LYS F 182 13.87 -0.32 -53.40
N ILE F 183 13.83 0.07 -52.13
CA ILE F 183 14.91 -0.22 -51.21
C ILE F 183 14.48 -1.34 -50.26
N ILE F 184 15.15 -2.49 -50.36
CA ILE F 184 14.93 -3.64 -49.50
C ILE F 184 16.08 -3.67 -48.51
N SER F 185 15.81 -3.38 -47.24
CA SER F 185 16.85 -3.37 -46.22
C SER F 185 17.24 -4.78 -45.76
N LYS F 186 18.55 -5.10 -45.81
CA LYS F 186 19.02 -6.41 -45.34
C LYS F 186 19.30 -6.34 -43.84
N ILE F 187 18.65 -7.22 -43.07
CA ILE F 187 18.86 -7.28 -41.63
C ILE F 187 19.86 -8.38 -41.40
N GLU F 188 21.07 -8.02 -40.94
CA GLU F 188 22.17 -8.98 -40.83
C GLU F 188 22.84 -9.02 -39.46
N ASN F 189 22.35 -8.26 -38.47
CA ASN F 189 22.99 -8.26 -37.16
C ASN F 189 22.00 -7.95 -36.04
N HIS F 190 22.46 -8.01 -34.77
CA HIS F 190 21.61 -7.78 -33.62
C HIS F 190 20.93 -6.42 -33.65
N GLU F 191 21.69 -5.35 -33.99
CA GLU F 191 21.11 -4.02 -34.02
C GLU F 191 19.99 -3.87 -35.06
N GLY F 192 20.16 -4.46 -36.23
CA GLY F 192 19.11 -4.45 -37.26
C GLY F 192 17.83 -5.11 -36.78
N VAL F 193 17.96 -6.22 -36.03
CA VAL F 193 16.81 -6.93 -35.47
C VAL F 193 16.12 -6.08 -34.40
N LYS F 194 16.92 -5.49 -33.48
CA LYS F 194 16.37 -4.67 -32.40
C LYS F 194 15.74 -3.37 -32.90
N ARG F 195 16.28 -2.79 -33.96
CA ARG F 195 15.72 -1.55 -34.54
C ARG F 195 14.82 -1.83 -35.76
N PHE F 196 14.35 -3.09 -35.91
CA PHE F 196 13.55 -3.52 -37.04
C PHE F 196 12.37 -2.61 -37.38
N ASP F 197 11.56 -2.22 -36.38
CA ASP F 197 10.38 -1.40 -36.65
C ASP F 197 10.70 -0.07 -37.32
N GLU F 198 11.75 0.62 -36.86
CA GLU F 198 12.13 1.90 -37.48
C GLU F 198 12.71 1.71 -38.88
N ILE F 199 13.37 0.56 -39.13
CA ILE F 199 13.94 0.26 -40.45
C ILE F 199 12.81 -0.05 -41.44
N LEU F 200 11.87 -0.92 -41.04
CA LEU F 200 10.74 -1.30 -41.91
C LEU F 200 9.90 -0.08 -42.29
N GLU F 201 9.65 0.82 -41.34
CA GLU F 201 8.87 2.03 -41.56
C GLU F 201 9.35 2.86 -42.75
N VAL F 202 10.66 2.98 -42.93
CA VAL F 202 11.23 3.77 -44.02
C VAL F 202 11.70 2.95 -45.22
N SER F 203 11.64 1.60 -45.15
CA SER F 203 12.06 0.76 -46.26
C SER F 203 10.86 0.31 -47.10
N ASP F 204 11.11 -0.12 -48.34
CA ASP F 204 10.05 -0.71 -49.16
C ASP F 204 9.82 -2.20 -48.77
N GLY F 205 10.82 -2.83 -48.20
CA GLY F 205 10.77 -4.22 -47.75
C GLY F 205 12.03 -4.63 -47.03
N ILE F 206 12.11 -5.91 -46.67
CA ILE F 206 13.21 -6.43 -45.88
C ILE F 206 13.77 -7.73 -46.46
N MET F 207 15.06 -7.97 -46.26
CA MET F 207 15.67 -9.23 -46.57
C MET F 207 16.22 -9.81 -45.26
N VAL F 208 15.83 -11.06 -44.95
CA VAL F 208 16.37 -11.76 -43.79
C VAL F 208 17.67 -12.37 -44.33
N ALA F 209 18.79 -11.67 -44.12
CA ALA F 209 20.10 -12.08 -44.65
C ALA F 209 20.73 -13.01 -43.64
N ARG F 210 20.38 -14.31 -43.75
CA ARG F 210 20.73 -15.32 -42.75
C ARG F 210 22.20 -15.66 -42.63
N GLY F 211 22.97 -15.47 -43.70
CA GLY F 211 24.41 -15.76 -43.68
C GLY F 211 25.13 -14.97 -42.60
N ASP F 212 25.10 -13.63 -42.71
CA ASP F 212 25.71 -12.76 -41.69
C ASP F 212 24.93 -12.79 -40.40
N LEU F 213 23.59 -12.84 -40.45
CA LEU F 213 22.77 -12.91 -39.23
C LEU F 213 23.17 -14.13 -38.35
N GLY F 214 23.45 -15.26 -38.98
CA GLY F 214 23.85 -16.49 -38.30
C GLY F 214 25.25 -16.50 -37.71
N ILE F 215 26.04 -15.47 -38.01
CA ILE F 215 27.38 -15.26 -37.46
C ILE F 215 27.33 -14.12 -36.41
N GLU F 216 26.46 -13.12 -36.61
CA GLU F 216 26.28 -11.97 -35.72
C GLU F 216 25.50 -12.33 -34.47
N ILE F 217 24.51 -13.23 -34.59
CA ILE F 217 23.73 -13.70 -33.45
C ILE F 217 23.89 -15.25 -33.37
N PRO F 218 23.61 -15.91 -32.23
CA PRO F 218 23.74 -17.37 -32.17
C PRO F 218 22.95 -18.06 -33.30
N ALA F 219 23.55 -19.04 -33.96
CA ALA F 219 22.93 -19.73 -35.09
C ALA F 219 21.54 -20.32 -34.75
N GLU F 220 21.37 -20.81 -33.52
CA GLU F 220 20.11 -21.37 -33.05
C GLU F 220 19.00 -20.33 -32.83
N LYS F 221 19.30 -19.04 -32.99
CA LYS F 221 18.28 -17.99 -32.81
C LYS F 221 17.80 -17.41 -34.16
N VAL F 222 18.48 -17.72 -35.27
CA VAL F 222 18.12 -17.15 -36.58
C VAL F 222 16.65 -17.42 -36.97
N PHE F 223 16.13 -18.63 -36.69
CA PHE F 223 14.74 -18.94 -37.05
C PHE F 223 13.74 -18.01 -36.34
N LEU F 224 14.08 -17.55 -35.11
CA LEU F 224 13.23 -16.65 -34.37
C LEU F 224 13.21 -15.29 -35.07
N ALA F 225 14.38 -14.79 -35.46
CA ALA F 225 14.49 -13.52 -36.16
C ALA F 225 13.78 -13.60 -37.51
N GLN F 226 13.97 -14.72 -38.24
CA GLN F 226 13.31 -14.91 -39.54
C GLN F 226 11.79 -14.88 -39.41
N LYS F 227 11.23 -15.68 -38.49
CA LYS F 227 9.79 -15.79 -38.31
C LYS F 227 9.18 -14.49 -37.82
N MET F 228 9.88 -13.77 -36.93
CA MET F 228 9.40 -12.47 -36.43
C MET F 228 9.37 -11.44 -37.55
N MET F 229 10.44 -11.33 -38.33
CA MET F 229 10.53 -10.33 -39.39
C MET F 229 9.54 -10.59 -40.50
N ILE F 230 9.32 -11.88 -40.86
CA ILE F 230 8.35 -12.20 -41.87
C ILE F 230 6.94 -11.84 -41.37
N GLY F 231 6.65 -12.16 -40.11
CA GLY F 231 5.36 -11.82 -39.51
C GLY F 231 5.11 -10.32 -39.50
N ARG F 232 6.13 -9.52 -39.09
CA ARG F 232 5.98 -8.05 -39.06
C ARG F 232 5.84 -7.44 -40.46
N CYS F 233 6.54 -7.99 -41.47
CA CYS F 233 6.42 -7.52 -42.85
C CYS F 233 5.05 -7.86 -43.40
N ASN F 234 4.53 -9.08 -43.09
CA ASN F 234 3.20 -9.49 -43.53
C ASN F 234 2.14 -8.56 -42.90
N LEU F 235 2.32 -8.21 -41.63
CA LEU F 235 1.42 -7.30 -40.92
C LEU F 235 1.44 -5.91 -41.58
N ALA F 236 2.63 -5.41 -41.94
CA ALA F 236 2.79 -4.11 -42.60
C ALA F 236 2.42 -4.10 -44.08
N GLY F 237 2.24 -5.28 -44.69
CA GLY F 237 1.94 -5.38 -46.11
C GLY F 237 3.13 -5.00 -46.99
N LYS F 238 4.37 -5.27 -46.50
CA LYS F 238 5.58 -4.96 -47.24
C LYS F 238 6.36 -6.23 -47.57
N PRO F 239 6.97 -6.29 -48.77
CA PRO F 239 7.70 -7.51 -49.16
C PRO F 239 8.83 -7.95 -48.23
N VAL F 240 8.96 -9.26 -48.04
CA VAL F 240 10.03 -9.82 -47.24
C VAL F 240 10.68 -10.97 -48.02
N VAL F 241 12.01 -11.00 -48.04
CA VAL F 241 12.80 -12.01 -48.74
C VAL F 241 13.50 -12.92 -47.73
N CYS F 242 13.48 -14.22 -47.94
CA CYS F 242 14.26 -15.14 -47.14
C CYS F 242 15.47 -15.49 -47.97
N ALA F 243 16.68 -15.40 -47.38
CA ALA F 243 17.90 -15.64 -48.14
C ALA F 243 18.93 -16.49 -47.43
N THR F 244 19.84 -17.11 -48.23
CA THR F 244 21.11 -17.77 -47.90
C THR F 244 21.04 -19.21 -47.44
N GLN F 245 21.78 -20.06 -48.17
CA GLN F 245 21.97 -21.50 -47.95
C GLN F 245 20.68 -22.30 -48.00
N MET F 246 19.65 -21.78 -48.70
CA MET F 246 18.37 -22.49 -48.80
C MET F 246 18.51 -23.84 -49.48
N LEU F 247 19.33 -23.93 -50.53
CA LEU F 247 19.58 -25.18 -51.27
C LEU F 247 21.11 -25.32 -51.48
N GLU F 248 21.91 -24.95 -50.46
CA GLU F 248 23.36 -24.92 -50.51
C GLU F 248 24.03 -26.14 -51.16
N SER F 249 23.66 -27.37 -50.77
CA SER F 249 24.29 -28.57 -51.31
C SER F 249 24.14 -28.70 -52.84
N MET F 250 23.16 -28.01 -53.43
CA MET F 250 22.98 -28.04 -54.88
C MET F 250 24.10 -27.27 -55.66
N ILE F 251 25.06 -26.66 -54.94
CA ILE F 251 26.23 -26.06 -55.57
C ILE F 251 27.04 -27.18 -56.26
N THR F 252 27.13 -28.37 -55.65
CA THR F 252 27.82 -29.51 -56.26
C THR F 252 26.93 -30.73 -56.52
N LYS F 253 25.73 -30.81 -55.93
CA LYS F 253 24.88 -31.99 -56.10
C LYS F 253 23.61 -31.71 -56.88
N PRO F 254 23.14 -32.66 -57.70
CA PRO F 254 21.94 -32.40 -58.51
C PRO F 254 20.63 -32.34 -57.71
N ARG F 255 20.62 -32.90 -56.48
CA ARG F 255 19.43 -32.91 -55.62
C ARG F 255 19.80 -32.36 -54.23
N PRO F 256 18.88 -31.63 -53.60
CA PRO F 256 19.19 -31.03 -52.30
C PRO F 256 19.00 -32.00 -51.12
N THR F 257 19.40 -31.57 -49.92
CA THR F 257 19.20 -32.41 -48.72
C THR F 257 17.74 -32.25 -48.24
N ARG F 258 17.31 -33.13 -47.31
CA ARG F 258 15.97 -33.07 -46.74
C ARG F 258 15.78 -31.80 -45.91
N ALA F 259 16.85 -31.30 -45.26
CA ALA F 259 16.76 -30.05 -44.49
C ALA F 259 16.57 -28.83 -45.43
N GLU F 260 17.20 -28.88 -46.61
CA GLU F 260 17.11 -27.79 -47.58
C GLU F 260 15.73 -27.65 -48.19
N THR F 261 15.09 -28.78 -48.59
CA THR F 261 13.72 -28.70 -49.14
C THR F 261 12.76 -28.20 -48.06
N SER F 262 12.95 -28.69 -46.82
CA SER F 262 12.17 -28.29 -45.67
C SER F 262 12.31 -26.77 -45.41
N ASP F 263 13.53 -26.25 -45.47
CA ASP F 263 13.81 -24.83 -45.26
C ASP F 263 13.08 -23.94 -46.28
N VAL F 264 13.08 -24.35 -47.57
CA VAL F 264 12.41 -23.59 -48.62
C VAL F 264 10.90 -23.62 -48.37
N ALA F 265 10.34 -24.80 -48.06
CA ALA F 265 8.91 -24.93 -47.82
C ALA F 265 8.50 -24.10 -46.61
N ASN F 266 9.30 -24.14 -45.53
CA ASN F 266 8.99 -23.41 -44.32
C ASN F 266 9.13 -21.91 -44.49
N ALA F 267 10.05 -21.43 -45.36
CA ALA F 267 10.14 -19.98 -45.61
C ALA F 267 8.85 -19.50 -46.29
N VAL F 268 8.30 -20.29 -47.22
CA VAL F 268 7.05 -19.95 -47.91
C VAL F 268 5.90 -20.00 -46.91
N LEU F 269 5.83 -21.07 -46.08
CA LEU F 269 4.76 -21.19 -45.08
C LEU F 269 4.83 -20.05 -44.05
N ASP F 270 6.05 -19.62 -43.69
CA ASP F 270 6.27 -18.50 -42.75
C ASP F 270 5.60 -17.21 -43.27
N GLY F 271 5.61 -17.03 -44.60
CA GLY F 271 5.02 -15.88 -45.27
C GLY F 271 5.96 -15.07 -46.14
N ALA F 272 7.12 -15.65 -46.53
CA ALA F 272 8.06 -14.92 -47.37
C ALA F 272 7.49 -14.63 -48.75
N ASP F 273 7.63 -13.38 -49.20
CA ASP F 273 7.18 -13.00 -50.54
C ASP F 273 8.15 -13.56 -51.59
N CYS F 274 9.44 -13.57 -51.27
CA CYS F 274 10.50 -14.04 -52.16
C CYS F 274 11.42 -15.00 -51.44
N ILE F 275 11.98 -15.93 -52.21
CA ILE F 275 13.03 -16.82 -51.76
C ILE F 275 14.26 -16.59 -52.66
N MET F 276 15.45 -16.84 -52.14
CA MET F 276 16.67 -16.51 -52.86
C MET F 276 17.67 -17.65 -53.00
N LEU F 277 18.47 -17.56 -54.06
CA LEU F 277 19.57 -18.47 -54.37
C LEU F 277 20.82 -17.61 -54.51
N SER F 278 21.91 -18.01 -53.87
CA SER F 278 23.17 -17.25 -53.94
C SER F 278 24.21 -18.07 -54.71
N GLY F 279 25.08 -18.82 -54.02
CA GLY F 279 26.08 -19.65 -54.67
C GLY F 279 25.48 -20.73 -55.56
N GLU F 280 24.24 -21.18 -55.22
CA GLU F 280 23.53 -22.19 -56.00
C GLU F 280 23.38 -21.77 -57.47
N THR F 281 23.15 -20.47 -57.73
CA THR F 281 23.02 -19.99 -59.11
C THR F 281 24.24 -19.17 -59.58
N ALA F 282 24.95 -18.51 -58.65
CA ALA F 282 26.10 -17.69 -59.03
C ALA F 282 27.33 -18.51 -59.45
N LYS F 283 27.65 -19.60 -58.75
CA LYS F 283 28.86 -20.37 -59.05
C LYS F 283 28.67 -21.87 -59.16
N GLY F 284 27.53 -22.39 -58.76
CA GLY F 284 27.31 -23.84 -58.73
C GLY F 284 27.20 -24.56 -60.05
N ASN F 285 27.20 -25.89 -60.00
CA ASN F 285 27.09 -26.73 -61.18
C ASN F 285 25.67 -27.00 -61.64
N PHE F 286 24.66 -26.63 -60.84
CA PHE F 286 23.27 -26.90 -61.20
C PHE F 286 22.40 -25.63 -61.01
N PRO F 287 22.73 -24.49 -61.64
CA PRO F 287 21.92 -23.28 -61.40
C PRO F 287 20.47 -23.37 -61.84
N VAL F 288 20.21 -23.94 -63.03
CA VAL F 288 18.85 -24.08 -63.54
C VAL F 288 18.07 -25.07 -62.67
N GLU F 289 18.70 -26.17 -62.27
CA GLU F 289 18.06 -27.17 -61.41
C GLU F 289 17.70 -26.61 -60.03
N ALA F 290 18.53 -25.69 -59.49
CA ALA F 290 18.25 -25.04 -58.20
C ALA F 290 17.00 -24.16 -58.32
N VAL F 291 16.86 -23.44 -59.45
CA VAL F 291 15.69 -22.60 -59.69
C VAL F 291 14.46 -23.49 -59.82
N LYS F 292 14.57 -24.59 -60.58
CA LYS F 292 13.46 -25.53 -60.75
C LYS F 292 13.03 -26.15 -59.43
N MET F 293 13.98 -26.44 -58.54
CA MET F 293 13.68 -27.00 -57.22
C MET F 293 12.96 -26.01 -56.34
N GLN F 294 13.39 -24.74 -56.31
CA GLN F 294 12.69 -23.71 -55.53
C GLN F 294 11.27 -23.52 -56.07
N HIS F 295 11.10 -23.57 -57.40
CA HIS F 295 9.78 -23.43 -58.03
C HIS F 295 8.87 -24.58 -57.58
N ALA F 296 9.37 -25.83 -57.66
CA ALA F 296 8.59 -27.01 -57.31
C ALA F 296 8.17 -27.01 -55.84
N ILE F 297 9.10 -26.66 -54.93
CA ILE F 297 8.77 -26.62 -53.49
C ILE F 297 7.81 -25.49 -53.18
N ALA F 298 8.03 -24.29 -53.73
CA ALA F 298 7.16 -23.14 -53.47
C ALA F 298 5.72 -23.41 -53.87
N ARG F 299 5.49 -24.06 -55.02
CA ARG F 299 4.13 -24.38 -55.46
C ARG F 299 3.45 -25.32 -54.46
N GLU F 300 4.17 -26.33 -53.98
CA GLU F 300 3.61 -27.25 -52.99
C GLU F 300 3.29 -26.52 -51.68
N ALA F 301 4.22 -25.67 -51.20
CA ALA F 301 4.04 -24.95 -49.93
C ALA F 301 2.94 -23.90 -49.99
N GLU F 302 2.76 -23.22 -51.13
CA GLU F 302 1.72 -22.22 -51.26
C GLU F 302 0.34 -22.85 -51.14
N ALA F 303 0.16 -24.05 -51.72
CA ALA F 303 -1.13 -24.75 -51.61
C ALA F 303 -1.41 -25.18 -50.15
N ALA F 304 -0.36 -25.45 -49.36
CA ALA F 304 -0.47 -25.89 -47.96
C ALA F 304 -0.66 -24.73 -46.97
N VAL F 305 -0.70 -23.46 -47.45
CA VAL F 305 -0.93 -22.32 -46.56
C VAL F 305 -2.36 -22.41 -45.98
N TYR F 306 -2.51 -22.20 -44.66
CA TYR F 306 -3.80 -22.27 -44.01
C TYR F 306 -4.57 -20.94 -44.17
N HIS F 307 -5.12 -20.70 -45.37
CA HIS F 307 -5.79 -19.44 -45.69
C HIS F 307 -6.92 -19.06 -44.74
N ARG F 308 -7.71 -20.02 -44.24
CA ARG F 308 -8.81 -19.71 -43.33
C ARG F 308 -8.38 -18.88 -42.10
N GLN F 309 -7.33 -19.32 -41.37
CA GLN F 309 -6.88 -18.56 -40.22
C GLN F 309 -6.04 -17.36 -40.64
N LEU F 310 -5.19 -17.53 -41.66
CA LEU F 310 -4.34 -16.46 -42.14
C LEU F 310 -5.15 -15.21 -42.54
N PHE F 311 -6.19 -15.40 -43.36
CA PHE F 311 -7.03 -14.29 -43.79
C PHE F 311 -7.74 -13.64 -42.61
N GLU F 312 -8.27 -14.46 -41.67
CA GLU F 312 -8.95 -13.94 -40.51
C GLU F 312 -8.01 -13.09 -39.66
N GLU F 313 -6.76 -13.54 -39.49
CA GLU F 313 -5.79 -12.79 -38.72
C GLU F 313 -5.30 -11.53 -39.41
N LEU F 314 -5.08 -11.59 -40.73
CA LEU F 314 -4.63 -10.41 -41.50
C LEU F 314 -5.72 -9.35 -41.49
N ARG F 315 -6.99 -9.76 -41.61
CA ARG F 315 -8.10 -8.84 -41.58
C ARG F 315 -8.26 -8.21 -40.17
N ARG F 316 -8.20 -9.01 -39.11
CA ARG F 316 -8.33 -8.51 -37.74
C ARG F 316 -7.20 -7.54 -37.38
N ALA F 317 -5.96 -7.83 -37.81
CA ALA F 317 -4.81 -7.00 -37.48
C ALA F 317 -4.69 -5.76 -38.35
N ALA F 318 -5.20 -5.81 -39.59
CA ALA F 318 -5.13 -4.65 -40.49
C ALA F 318 -6.04 -3.57 -39.94
N PRO F 319 -5.53 -2.33 -39.85
CA PRO F 319 -6.35 -1.26 -39.28
C PRO F 319 -7.52 -0.91 -40.17
N LEU F 320 -8.56 -0.28 -39.57
CA LEU F 320 -9.69 0.25 -40.34
C LEU F 320 -9.14 1.34 -41.28
N SER F 321 -9.68 1.43 -42.48
CA SER F 321 -9.14 2.37 -43.45
C SER F 321 -10.20 3.11 -44.20
N ARG F 322 -9.92 4.37 -44.49
CA ARG F 322 -10.80 5.16 -45.34
C ARG F 322 -10.22 5.36 -46.76
N ASP F 323 -9.14 4.65 -47.09
CA ASP F 323 -8.52 4.70 -48.40
C ASP F 323 -9.32 3.74 -49.29
N PRO F 324 -9.91 4.22 -50.38
CA PRO F 324 -10.71 3.33 -51.23
C PRO F 324 -9.96 2.16 -51.86
N THR F 325 -8.65 2.29 -52.12
CA THR F 325 -7.88 1.19 -52.70
C THR F 325 -7.79 0.04 -51.69
N GLU F 326 -7.55 0.38 -50.42
CA GLU F 326 -7.45 -0.55 -49.31
C GLU F 326 -8.81 -1.24 -49.09
N VAL F 327 -9.90 -0.46 -49.09
CA VAL F 327 -11.25 -0.97 -48.90
C VAL F 327 -11.66 -1.91 -50.05
N THR F 328 -11.32 -1.52 -51.29
CA THR F 328 -11.62 -2.35 -52.47
C THR F 328 -10.82 -3.64 -52.43
N ALA F 329 -9.54 -3.56 -52.04
CA ALA F 329 -8.67 -4.74 -51.96
C ALA F 329 -9.23 -5.83 -51.03
N ILE F 330 -9.64 -5.47 -49.81
CA ILE F 330 -10.18 -6.47 -48.88
C ILE F 330 -11.52 -7.04 -49.37
N GLY F 331 -12.34 -6.20 -49.99
CA GLY F 331 -13.61 -6.64 -50.55
C GLY F 331 -13.40 -7.63 -51.68
N ALA F 332 -12.39 -7.38 -52.54
CA ALA F 332 -12.04 -8.24 -53.67
C ALA F 332 -11.46 -9.58 -53.21
N VAL F 333 -10.62 -9.57 -52.17
CA VAL F 333 -10.04 -10.80 -51.66
C VAL F 333 -11.13 -11.66 -51.01
N GLU F 334 -12.05 -11.01 -50.27
CA GLU F 334 -13.18 -11.71 -49.65
CA GLU F 334 -13.18 -11.71 -49.65
C GLU F 334 -14.06 -12.36 -50.73
N ALA F 335 -14.35 -11.60 -51.81
CA ALA F 335 -15.15 -12.09 -52.93
C ALA F 335 -14.45 -13.29 -53.61
N ALA F 336 -13.13 -13.21 -53.81
CA ALA F 336 -12.37 -14.30 -54.43
C ALA F 336 -12.47 -15.59 -53.60
N PHE F 337 -12.37 -15.49 -52.26
CA PHE F 337 -12.47 -16.68 -51.40
C PHE F 337 -13.87 -17.31 -51.47
N LYS F 338 -14.90 -16.47 -51.50
CA LYS F 338 -16.30 -16.91 -51.54
C LYS F 338 -16.62 -17.79 -52.73
N CYS F 339 -16.05 -17.47 -53.89
CA CYS F 339 -16.32 -18.24 -55.12
C CYS F 339 -15.17 -19.10 -55.61
N CYS F 340 -14.05 -19.18 -54.85
CA CYS F 340 -12.84 -19.89 -55.25
C CYS F 340 -12.36 -19.33 -56.60
N ALA F 341 -12.37 -17.97 -56.73
CA ALA F 341 -11.99 -17.32 -57.99
C ALA F 341 -10.61 -17.74 -58.45
N ALA F 342 -10.47 -17.92 -59.74
CA ALA F 342 -9.19 -18.34 -60.32
C ALA F 342 -8.18 -17.18 -60.29
N ALA F 343 -8.65 -15.93 -60.41
CA ALA F 343 -7.76 -14.78 -60.45
C ALA F 343 -8.47 -13.48 -60.04
N ILE F 344 -7.67 -12.49 -59.65
CA ILE F 344 -8.10 -11.15 -59.39
C ILE F 344 -7.31 -10.34 -60.42
N ILE F 345 -8.00 -9.73 -61.39
CA ILE F 345 -7.34 -8.91 -62.41
C ILE F 345 -7.39 -7.49 -61.93
N VAL F 346 -6.24 -6.83 -61.83
CA VAL F 346 -6.18 -5.47 -61.34
C VAL F 346 -5.39 -4.57 -62.28
N LEU F 347 -5.89 -3.35 -62.50
CA LEU F 347 -5.19 -2.36 -63.31
C LEU F 347 -4.37 -1.54 -62.34
N THR F 348 -3.07 -1.36 -62.61
CA THR F 348 -2.20 -0.61 -61.72
C THR F 348 -1.13 0.17 -62.46
N THR F 349 -0.82 1.37 -61.99
CA THR F 349 0.20 2.21 -62.62
C THR F 349 1.52 2.03 -61.87
N THR F 350 1.49 2.07 -60.54
CA THR F 350 2.68 1.96 -59.70
C THR F 350 2.88 0.57 -59.09
N GLY F 351 1.86 -0.28 -59.15
CA GLY F 351 1.88 -1.59 -58.52
C GLY F 351 1.15 -1.59 -57.18
N ARG F 352 0.85 -0.40 -56.61
CA ARG F 352 0.21 -0.29 -55.29
C ARG F 352 -1.13 -1.04 -55.15
N SER F 353 -2.03 -0.96 -56.14
CA SER F 353 -3.31 -1.68 -56.05
C SER F 353 -3.09 -3.21 -55.97
N ALA F 354 -2.08 -3.72 -56.69
CA ALA F 354 -1.75 -5.15 -56.66
C ALA F 354 -1.11 -5.53 -55.33
N GLN F 355 -0.28 -4.63 -54.76
CA GLN F 355 0.37 -4.87 -53.47
C GLN F 355 -0.66 -4.94 -52.34
N LEU F 356 -1.70 -4.08 -52.39
CA LEU F 356 -2.75 -4.11 -51.37
C LEU F 356 -3.63 -5.35 -51.45
N LEU F 357 -3.74 -5.98 -52.63
CA LEU F 357 -4.47 -7.23 -52.77
C LEU F 357 -3.58 -8.36 -52.20
N SER F 358 -2.29 -8.36 -52.57
CA SER F 358 -1.28 -9.33 -52.15
C SER F 358 -1.12 -9.42 -50.62
N ARG F 359 -1.28 -8.30 -49.91
CA ARG F 359 -1.12 -8.29 -48.45
C ARG F 359 -2.14 -9.16 -47.70
N TYR F 360 -3.31 -9.42 -48.33
CA TYR F 360 -4.33 -10.30 -47.74
C TYR F 360 -4.16 -11.78 -48.08
N ARG F 361 -3.07 -12.11 -48.79
CA ARG F 361 -2.70 -13.45 -49.19
C ARG F 361 -3.82 -14.24 -49.85
N PRO F 362 -4.41 -13.73 -50.96
CA PRO F 362 -5.46 -14.51 -51.62
C PRO F 362 -4.86 -15.76 -52.24
N ARG F 363 -5.68 -16.81 -52.35
CA ARG F 363 -5.27 -18.01 -53.07
C ARG F 363 -5.31 -17.68 -54.60
N ALA F 364 -6.28 -16.84 -55.02
CA ALA F 364 -6.42 -16.40 -56.41
C ALA F 364 -5.18 -15.61 -56.83
N ALA F 365 -4.70 -15.88 -58.05
CA ALA F 365 -3.58 -15.18 -58.64
C ALA F 365 -3.95 -13.72 -58.84
N VAL F 366 -3.04 -12.79 -58.55
CA VAL F 366 -3.31 -11.37 -58.76
C VAL F 366 -2.66 -11.01 -60.09
N ILE F 367 -3.46 -10.92 -61.16
CA ILE F 367 -2.97 -10.58 -62.48
C ILE F 367 -2.96 -9.06 -62.59
N ALA F 368 -1.76 -8.46 -62.57
CA ALA F 368 -1.65 -7.00 -62.59
C ALA F 368 -1.34 -6.49 -63.99
N VAL F 369 -2.28 -5.73 -64.58
CA VAL F 369 -2.10 -5.17 -65.92
C VAL F 369 -1.58 -3.75 -65.78
N THR F 370 -0.37 -3.51 -66.28
CA THR F 370 0.27 -2.21 -66.16
C THR F 370 0.97 -1.79 -67.45
N ARG F 371 1.06 -0.48 -67.69
CA ARG F 371 1.84 0.05 -68.81
C ARG F 371 3.29 0.34 -68.38
N SER F 372 3.56 0.43 -67.05
CA SER F 372 4.90 0.70 -66.53
C SER F 372 5.75 -0.55 -66.54
N ALA F 373 6.81 -0.56 -67.37
CA ALA F 373 7.76 -1.66 -67.46
C ALA F 373 8.47 -1.86 -66.10
N GLN F 374 8.78 -0.76 -65.41
CA GLN F 374 9.42 -0.83 -64.09
C GLN F 374 8.49 -1.38 -63.03
N ALA F 375 7.21 -0.95 -63.00
CA ALA F 375 6.26 -1.48 -62.02
C ALA F 375 6.03 -2.98 -62.28
N ALA F 376 6.00 -3.41 -63.55
CA ALA F 376 5.84 -4.81 -63.90
C ALA F 376 7.01 -5.65 -63.32
N ARG F 377 8.25 -5.11 -63.34
CA ARG F 377 9.41 -5.82 -62.78
C ARG F 377 9.36 -5.80 -61.25
N GLN F 378 9.04 -4.64 -60.66
CA GLN F 378 9.04 -4.49 -59.21
C GLN F 378 7.95 -5.26 -58.46
N VAL F 379 6.76 -5.50 -59.09
CA VAL F 379 5.69 -6.22 -58.39
C VAL F 379 6.03 -7.68 -58.12
N HIS F 380 7.11 -8.23 -58.71
CA HIS F 380 7.60 -9.56 -58.38
C HIS F 380 7.98 -9.64 -56.87
N LEU F 381 8.21 -8.49 -56.20
CA LEU F 381 8.51 -8.50 -54.77
C LEU F 381 7.30 -8.93 -53.93
N CYS F 382 6.07 -8.80 -54.46
CA CYS F 382 4.84 -9.10 -53.75
C CYS F 382 4.31 -10.46 -54.10
N ARG F 383 4.12 -11.34 -53.10
CA ARG F 383 3.64 -12.68 -53.37
C ARG F 383 2.32 -12.72 -54.17
N GLY F 384 2.30 -13.54 -55.20
CA GLY F 384 1.10 -13.79 -55.97
C GLY F 384 0.72 -12.74 -56.99
N VAL F 385 1.62 -11.80 -57.26
CA VAL F 385 1.36 -10.79 -58.28
C VAL F 385 2.04 -11.22 -59.58
N PHE F 386 1.25 -11.40 -60.64
CA PHE F 386 1.70 -11.82 -61.96
C PHE F 386 1.60 -10.62 -62.90
N PRO F 387 2.76 -10.00 -63.18
CA PRO F 387 2.73 -8.77 -63.99
C PRO F 387 2.50 -9.00 -65.49
N LEU F 388 1.57 -8.23 -66.07
CA LEU F 388 1.24 -8.28 -67.49
C LEU F 388 1.52 -6.91 -68.11
N LEU F 389 2.64 -6.78 -68.86
CA LEU F 389 2.98 -5.50 -69.46
C LEU F 389 2.14 -5.21 -70.70
N TYR F 390 1.32 -4.15 -70.61
CA TYR F 390 0.42 -3.69 -71.67
C TYR F 390 1.17 -2.69 -72.55
N ARG F 391 1.24 -2.96 -73.86
CA ARG F 391 2.00 -2.09 -74.76
C ARG F 391 1.15 -1.21 -75.68
N GLU F 392 -0.16 -1.45 -75.75
CA GLU F 392 -1.04 -0.69 -76.65
C GLU F 392 -1.24 0.75 -76.24
N PRO F 393 -1.27 1.66 -77.23
CA PRO F 393 -1.48 3.08 -76.91
C PRO F 393 -2.88 3.36 -76.41
N PRO F 394 -3.06 4.41 -75.58
CA PRO F 394 -4.38 4.70 -75.02
C PRO F 394 -5.49 4.96 -76.04
N GLU F 395 -6.67 4.37 -75.79
CA GLU F 395 -7.88 4.55 -76.59
C GLU F 395 -8.38 5.99 -76.40
N ALA F 396 -9.20 6.48 -77.35
CA ALA F 396 -9.74 7.83 -77.28
C ALA F 396 -10.69 7.96 -76.08
N ILE F 397 -11.53 6.94 -75.86
CA ILE F 397 -12.44 6.94 -74.71
C ILE F 397 -11.79 6.15 -73.58
N TRP F 398 -11.54 6.80 -72.43
CA TRP F 398 -10.87 6.16 -71.29
C TRP F 398 -11.55 4.88 -70.82
N ALA F 399 -12.89 4.85 -70.75
CA ALA F 399 -13.64 3.66 -70.35
C ALA F 399 -13.39 2.48 -71.28
N ASP F 400 -13.18 2.75 -72.57
CA ASP F 400 -12.87 1.70 -73.55
C ASP F 400 -11.46 1.17 -73.33
N ASP F 401 -10.52 2.06 -72.96
CA ASP F 401 -9.12 1.70 -72.70
C ASP F 401 -9.04 0.77 -71.46
N VAL F 402 -9.86 1.06 -70.44
CA VAL F 402 -9.94 0.27 -69.21
C VAL F 402 -10.46 -1.10 -69.58
N ASP F 403 -11.56 -1.17 -70.34
CA ASP F 403 -12.14 -2.44 -70.76
C ASP F 403 -11.17 -3.27 -71.59
N ARG F 404 -10.40 -2.63 -72.48
CA ARG F 404 -9.43 -3.35 -73.30
C ARG F 404 -8.32 -3.96 -72.45
N ARG F 405 -7.90 -3.26 -71.39
CA ARG F 405 -6.86 -3.77 -70.49
C ARG F 405 -7.37 -4.94 -69.68
N VAL F 406 -8.65 -4.90 -69.25
CA VAL F 406 -9.25 -6.01 -68.51
C VAL F 406 -9.34 -7.23 -69.43
N GLN F 407 -9.78 -7.01 -70.69
CA GLN F 407 -9.88 -8.08 -71.67
C GLN F 407 -8.52 -8.67 -72.00
N PHE F 408 -7.47 -7.84 -72.02
CA PHE F 408 -6.09 -8.29 -72.26
C PHE F 408 -5.66 -9.23 -71.12
N GLY F 409 -6.02 -8.89 -69.88
CA GLY F 409 -5.72 -9.70 -68.71
C GLY F 409 -6.43 -11.03 -68.77
N ILE F 410 -7.73 -11.01 -69.15
CA ILE F 410 -8.58 -12.18 -69.30
C ILE F 410 -8.08 -13.10 -70.40
N GLU F 411 -7.78 -12.55 -71.58
CA GLU F 411 -7.30 -13.34 -72.71
C GLU F 411 -5.92 -13.90 -72.49
N SER F 412 -5.02 -13.10 -71.94
CA SER F 412 -3.67 -13.57 -71.62
C SER F 412 -3.75 -14.67 -70.52
N GLY F 413 -4.66 -14.49 -69.55
CA GLY F 413 -4.90 -15.45 -68.49
C GLY F 413 -5.42 -16.78 -68.99
N LYS F 414 -6.35 -16.76 -69.95
CA LYS F 414 -6.91 -17.98 -70.52
C LYS F 414 -5.83 -18.71 -71.32
N LEU F 415 -5.07 -17.96 -72.13
CA LEU F 415 -4.02 -18.53 -72.98
C LEU F 415 -2.92 -19.16 -72.15
N ARG F 416 -2.57 -18.54 -71.01
CA ARG F 416 -1.53 -19.00 -70.08
C ARG F 416 -1.99 -20.12 -69.10
N GLY F 417 -3.26 -20.48 -69.13
CA GLY F 417 -3.77 -21.53 -68.25
C GLY F 417 -4.19 -21.08 -66.87
N PHE F 418 -4.11 -19.78 -66.58
CA PHE F 418 -4.54 -19.17 -65.32
C PHE F 418 -6.08 -19.23 -65.23
N LEU F 419 -6.76 -19.01 -66.36
CA LEU F 419 -8.20 -18.96 -66.47
C LEU F 419 -8.71 -20.02 -67.43
N ARG F 420 -9.89 -20.55 -67.13
CA ARG F 420 -10.58 -21.57 -67.90
C ARG F 420 -12.08 -21.16 -68.01
N VAL F 421 -12.76 -21.53 -69.12
CA VAL F 421 -14.19 -21.23 -69.32
C VAL F 421 -15.02 -21.73 -68.13
N GLY F 422 -15.87 -20.88 -67.58
CA GLY F 422 -16.64 -21.26 -66.40
C GLY F 422 -16.07 -20.73 -65.11
N ASP F 423 -14.78 -20.33 -65.11
CA ASP F 423 -14.15 -19.76 -63.92
C ASP F 423 -14.75 -18.40 -63.57
N LEU F 424 -14.65 -18.01 -62.31
CA LEU F 424 -15.04 -16.68 -61.90
C LEU F 424 -13.76 -15.89 -61.66
N VAL F 425 -13.75 -14.62 -62.04
CA VAL F 425 -12.64 -13.72 -61.81
C VAL F 425 -13.17 -12.45 -61.13
N ILE F 426 -12.34 -11.84 -60.30
CA ILE F 426 -12.67 -10.60 -59.64
C ILE F 426 -11.86 -9.51 -60.38
N VAL F 427 -12.50 -8.43 -60.81
CA VAL F 427 -11.81 -7.38 -61.55
C VAL F 427 -11.77 -6.10 -60.72
N VAL F 428 -10.58 -5.55 -60.53
CA VAL F 428 -10.38 -4.35 -59.72
C VAL F 428 -9.89 -3.20 -60.58
N THR F 429 -10.67 -2.11 -60.62
CA THR F 429 -10.39 -0.90 -61.43
C THR F 429 -10.68 0.38 -60.60
N GLY F 430 -10.45 1.55 -61.18
CA GLY F 430 -10.73 2.83 -60.55
C GLY F 430 -11.72 3.68 -61.34
N TRP F 431 -12.16 4.79 -60.75
CA TRP F 431 -13.17 5.65 -61.37
C TRP F 431 -12.61 6.73 -62.32
N ARG F 432 -11.31 7.01 -62.25
CA ARG F 432 -10.67 8.01 -63.11
C ARG F 432 -9.20 7.64 -63.41
N PRO F 433 -8.58 8.21 -64.46
CA PRO F 433 -7.18 7.87 -64.76
C PRO F 433 -6.21 8.35 -63.69
N GLY F 434 -5.00 7.80 -63.72
CA GLY F 434 -3.98 8.14 -62.75
C GLY F 434 -4.00 7.23 -61.54
N SER F 435 -2.86 7.12 -60.87
CA SER F 435 -2.71 6.30 -59.67
C SER F 435 -3.52 6.86 -58.48
N GLY F 436 -3.96 5.96 -57.60
CA GLY F 436 -4.62 6.35 -56.36
C GLY F 436 -6.13 6.37 -56.35
N TYR F 437 -6.78 5.98 -57.46
CA TYR F 437 -8.24 6.05 -57.54
C TYR F 437 -8.96 4.71 -57.69
N THR F 438 -8.28 3.59 -57.36
CA THR F 438 -8.93 2.27 -57.39
C THR F 438 -10.10 2.26 -56.40
N ASN F 439 -11.30 1.90 -56.85
CA ASN F 439 -12.47 1.90 -55.98
C ASN F 439 -13.57 0.95 -56.44
N ILE F 440 -13.31 0.11 -57.46
CA ILE F 440 -14.34 -0.76 -58.01
C ILE F 440 -13.93 -2.22 -58.04
N MET F 441 -14.86 -3.08 -57.65
CA MET F 441 -14.64 -4.52 -57.72
CA MET F 441 -14.68 -4.53 -57.66
C MET F 441 -15.83 -5.14 -58.47
N ARG F 442 -15.54 -6.00 -59.44
CA ARG F 442 -16.58 -6.65 -60.25
C ARG F 442 -16.38 -8.15 -60.30
N VAL F 443 -17.48 -8.90 -60.29
CA VAL F 443 -17.42 -10.36 -60.39
C VAL F 443 -17.77 -10.70 -61.84
N LEU F 444 -16.85 -11.35 -62.57
CA LEU F 444 -17.09 -11.71 -63.96
CA LEU F 444 -17.06 -11.70 -63.97
C LEU F 444 -16.92 -13.21 -64.21
N SER F 445 -17.77 -13.78 -65.08
CA SER F 445 -17.69 -15.19 -65.43
C SER F 445 -16.87 -15.32 -66.73
N ILE F 446 -15.96 -16.30 -66.80
CA ILE F 446 -15.14 -16.45 -67.99
CA ILE F 446 -15.13 -16.47 -67.98
C ILE F 446 -15.89 -17.24 -69.07
N SER F 447 -16.11 -16.61 -70.23
CA SER F 447 -16.86 -17.27 -71.32
C SER F 447 -15.95 -17.76 -72.45
N ALA G 25 -28.46 -42.00 -25.49
CA ALA G 25 -29.48 -41.29 -24.70
C ALA G 25 -28.84 -40.20 -23.83
N PHE G 26 -27.65 -40.49 -23.27
CA PHE G 26 -26.91 -39.54 -22.44
C PHE G 26 -26.56 -38.30 -23.25
N PHE G 27 -26.04 -38.49 -24.46
CA PHE G 27 -25.63 -37.37 -25.30
C PHE G 27 -26.77 -36.63 -25.99
N GLN G 28 -28.03 -37.05 -25.77
CA GLN G 28 -29.18 -36.34 -26.31
C GLN G 28 -29.76 -35.37 -25.25
N GLN G 29 -29.62 -35.69 -23.94
CA GLN G 29 -30.12 -34.92 -22.81
C GLN G 29 -29.26 -33.68 -22.51
N GLN G 30 -29.78 -32.78 -21.62
CA GLN G 30 -29.17 -31.54 -21.13
C GLN G 30 -28.45 -30.71 -22.20
N GLN G 31 -29.05 -30.61 -23.39
CA GLN G 31 -28.54 -29.86 -24.54
C GLN G 31 -27.10 -30.23 -24.90
N LEU G 32 -26.72 -31.51 -24.72
CA LEU G 32 -25.37 -31.95 -25.05
C LEU G 32 -25.03 -31.81 -26.54
N PRO G 33 -25.94 -32.06 -27.53
CA PRO G 33 -25.56 -31.77 -28.94
C PRO G 33 -25.20 -30.29 -29.12
N ALA G 34 -25.97 -29.35 -28.54
CA ALA G 34 -25.66 -27.92 -28.63
C ALA G 34 -24.37 -27.54 -27.87
N ALA G 35 -24.04 -28.31 -26.82
CA ALA G 35 -22.84 -28.09 -26.02
C ALA G 35 -21.57 -28.45 -26.78
N MET G 36 -21.63 -29.47 -27.65
CA MET G 36 -20.45 -29.90 -28.43
C MET G 36 -20.23 -29.09 -29.71
N ALA G 37 -21.08 -28.08 -29.99
CA ALA G 37 -20.98 -27.28 -31.22
C ALA G 37 -19.72 -26.42 -31.30
N ASP G 38 -19.19 -26.24 -32.53
CA ASP G 38 -17.96 -25.48 -32.77
C ASP G 38 -18.14 -23.98 -32.84
N THR G 39 -19.37 -23.50 -33.08
CA THR G 39 -19.64 -22.05 -33.12
C THR G 39 -20.89 -21.73 -32.29
N PHE G 40 -21.07 -20.46 -31.91
CA PHE G 40 -22.26 -20.05 -31.18
C PHE G 40 -23.49 -20.17 -32.08
N LEU G 41 -23.36 -19.90 -33.39
CA LEU G 41 -24.46 -20.04 -34.34
C LEU G 41 -24.94 -21.51 -34.38
N GLU G 42 -24.01 -22.47 -34.51
CA GLU G 42 -24.34 -23.90 -34.51
CA GLU G 42 -24.35 -23.89 -34.50
C GLU G 42 -24.95 -24.31 -33.17
N HIS G 43 -24.45 -23.72 -32.06
CA HIS G 43 -24.97 -23.98 -30.72
C HIS G 43 -26.46 -23.60 -30.65
N LEU G 44 -26.81 -22.41 -31.17
CA LEU G 44 -28.21 -21.95 -31.21
C LEU G 44 -29.07 -22.88 -32.07
N CYS G 45 -28.56 -23.24 -33.26
CA CYS G 45 -29.26 -24.11 -34.20
C CYS G 45 -29.53 -25.51 -33.63
N LEU G 46 -28.73 -25.96 -32.66
CA LEU G 46 -28.87 -27.30 -32.09
C LEU G 46 -29.67 -27.36 -30.81
N LEU G 47 -30.15 -26.21 -30.28
CA LEU G 47 -30.97 -26.21 -29.06
C LEU G 47 -32.26 -27.00 -29.32
N ASP G 48 -32.61 -27.91 -28.41
CA ASP G 48 -33.70 -28.84 -28.61
C ASP G 48 -34.68 -28.84 -27.46
N ILE G 49 -35.97 -28.51 -27.72
CA ILE G 49 -37.01 -28.53 -26.69
C ILE G 49 -37.28 -29.93 -26.13
N ASP G 50 -36.88 -30.99 -26.84
CA ASP G 50 -37.04 -32.37 -26.38
C ASP G 50 -35.85 -32.83 -25.52
N SER G 51 -34.75 -32.07 -25.47
CA SER G 51 -33.58 -32.41 -24.68
C SER G 51 -33.86 -31.98 -23.25
N GLU G 52 -34.14 -32.95 -22.37
CA GLU G 52 -34.51 -32.66 -20.99
C GLU G 52 -33.35 -32.36 -20.08
N PRO G 53 -33.51 -31.36 -19.20
CA PRO G 53 -32.43 -31.05 -18.26
C PRO G 53 -32.25 -32.21 -17.27
N VAL G 54 -31.00 -32.51 -16.91
CA VAL G 54 -30.73 -33.59 -15.96
C VAL G 54 -30.07 -33.03 -14.70
N ALA G 55 -29.18 -32.05 -14.87
CA ALA G 55 -28.47 -31.43 -13.77
C ALA G 55 -29.41 -30.70 -12.81
N ALA G 56 -29.00 -30.58 -11.56
CA ALA G 56 -29.78 -29.85 -10.57
C ALA G 56 -29.72 -28.35 -10.93
N ARG G 57 -30.77 -27.63 -10.58
CA ARG G 57 -30.86 -26.20 -10.88
C ARG G 57 -29.80 -25.43 -10.11
N SER G 58 -28.92 -24.76 -10.82
CA SER G 58 -27.76 -24.08 -10.25
C SER G 58 -27.93 -22.58 -9.88
N THR G 59 -28.84 -21.86 -10.54
CA THR G 59 -29.06 -20.43 -10.24
C THR G 59 -29.97 -20.36 -9.02
N SER G 60 -29.51 -19.73 -7.94
CA SER G 60 -30.32 -19.62 -6.73
C SER G 60 -31.52 -18.70 -6.90
N ILE G 61 -32.58 -19.01 -6.17
CA ILE G 61 -33.79 -18.21 -6.20
C ILE G 61 -33.90 -17.46 -4.88
N ILE G 62 -34.04 -16.13 -4.97
CA ILE G 62 -34.27 -15.30 -3.80
C ILE G 62 -35.77 -14.96 -3.81
N ALA G 63 -36.48 -15.26 -2.73
CA ALA G 63 -37.91 -14.94 -2.64
C ALA G 63 -38.11 -13.91 -1.52
N THR G 64 -38.85 -12.84 -1.82
CA THR G 64 -39.12 -11.81 -0.82
C THR G 64 -40.26 -12.26 0.09
N ILE G 65 -40.04 -12.19 1.39
CA ILE G 65 -41.05 -12.62 2.36
C ILE G 65 -42.01 -11.48 2.66
N GLY G 66 -43.30 -11.78 2.70
CA GLY G 66 -44.32 -10.79 3.01
C GLY G 66 -45.61 -11.47 3.44
N PRO G 67 -46.73 -10.72 3.45
CA PRO G 67 -48.02 -11.35 3.85
C PRO G 67 -48.40 -12.62 3.09
N ALA G 68 -48.05 -12.72 1.81
CA ALA G 68 -48.36 -13.91 1.01
C ALA G 68 -47.45 -15.11 1.26
N SER G 69 -46.31 -14.92 1.96
CA SER G 69 -45.32 -15.99 2.12
C SER G 69 -44.72 -16.08 3.50
N ARG G 70 -45.41 -15.59 4.52
CA ARG G 70 -44.87 -15.51 5.87
C ARG G 70 -45.15 -16.71 6.77
N SER G 71 -46.24 -17.44 6.51
CA SER G 71 -46.60 -18.58 7.36
C SER G 71 -45.58 -19.74 7.24
N VAL G 72 -45.43 -20.50 8.32
CA VAL G 72 -44.54 -21.64 8.37
C VAL G 72 -44.91 -22.68 7.32
N GLU G 73 -46.21 -22.97 7.17
CA GLU G 73 -46.64 -23.94 6.18
C GLU G 73 -46.40 -23.48 4.74
N ARG G 74 -46.62 -22.20 4.44
CA ARG G 74 -46.37 -21.61 3.12
C ARG G 74 -44.85 -21.62 2.84
N LEU G 75 -44.04 -21.29 3.84
CA LEU G 75 -42.57 -21.30 3.72
C LEU G 75 -42.03 -22.71 3.47
N LYS G 76 -42.65 -23.75 4.05
CA LYS G 76 -42.23 -25.13 3.79
C LYS G 76 -42.44 -25.48 2.32
N GLU G 77 -43.55 -25.03 1.73
CA GLU G 77 -43.83 -25.26 0.31
C GLU G 77 -42.87 -24.48 -0.57
N MET G 78 -42.49 -23.25 -0.15
CA MET G 78 -41.55 -22.45 -0.94
CA MET G 78 -41.55 -22.46 -0.94
C MET G 78 -40.14 -23.06 -0.92
N ILE G 79 -39.74 -23.67 0.21
CA ILE G 79 -38.44 -24.34 0.31
C ILE G 79 -38.44 -25.55 -0.64
N LYS G 80 -39.54 -26.33 -0.61
CA LYS G 80 -39.70 -27.48 -1.50
C LYS G 80 -39.75 -27.08 -2.97
N ALA G 81 -40.34 -25.92 -3.27
CA ALA G 81 -40.39 -25.39 -4.64
C ALA G 81 -39.03 -24.92 -5.17
N GLY G 82 -38.09 -24.58 -4.28
CA GLY G 82 -36.76 -24.16 -4.70
C GLY G 82 -36.19 -22.88 -4.11
N MET G 83 -36.91 -22.23 -3.18
CA MET G 83 -36.38 -21.01 -2.55
C MET G 83 -35.06 -21.29 -1.81
N ASN G 84 -34.00 -20.55 -2.14
CA ASN G 84 -32.70 -20.74 -1.50
C ASN G 84 -32.37 -19.63 -0.51
N ILE G 85 -32.85 -18.40 -0.80
CA ILE G 85 -32.57 -17.22 0.00
C ILE G 85 -33.89 -16.49 0.26
N ALA G 86 -34.15 -16.16 1.52
CA ALA G 86 -35.34 -15.42 1.91
C ALA G 86 -34.95 -13.95 2.09
N ARG G 87 -35.58 -13.05 1.32
CA ARG G 87 -35.28 -11.62 1.40
C ARG G 87 -36.29 -10.89 2.30
N LEU G 88 -35.79 -10.09 3.24
CA LEU G 88 -36.63 -9.30 4.12
C LEU G 88 -36.48 -7.86 3.65
N ASN G 89 -37.55 -7.24 3.16
CA ASN G 89 -37.48 -5.88 2.65
C ASN G 89 -37.74 -4.91 3.79
N PHE G 90 -36.66 -4.27 4.29
CA PHE G 90 -36.80 -3.33 5.39
C PHE G 90 -37.34 -1.96 4.98
N SER G 91 -37.78 -1.80 3.72
CA SER G 91 -38.47 -0.57 3.31
C SER G 91 -39.86 -0.51 4.00
N HIS G 92 -40.43 -1.66 4.39
CA HIS G 92 -41.74 -1.74 5.06
C HIS G 92 -41.63 -2.71 6.24
N GLY G 93 -42.50 -2.54 7.22
CA GLY G 93 -42.55 -3.44 8.36
C GLY G 93 -41.64 -3.05 9.49
N SER G 94 -42.06 -3.34 10.71
CA SER G 94 -41.30 -3.02 11.91
C SER G 94 -40.23 -4.12 12.19
N HIS G 95 -39.37 -3.89 13.19
CA HIS G 95 -38.38 -4.89 13.59
C HIS G 95 -39.08 -6.14 14.14
N GLU G 96 -40.21 -5.96 14.84
CA GLU G 96 -40.99 -7.07 15.38
C GLU G 96 -41.57 -7.94 14.26
N TYR G 97 -42.04 -7.30 13.19
CA TYR G 97 -42.60 -7.98 12.01
C TYR G 97 -41.49 -8.83 11.35
N HIS G 98 -40.32 -8.24 11.11
CA HIS G 98 -39.21 -8.95 10.47
C HIS G 98 -38.64 -10.05 11.33
N ALA G 99 -38.59 -9.86 12.67
CA ALA G 99 -38.12 -10.91 13.56
C ALA G 99 -39.05 -12.13 13.48
N GLU G 100 -40.37 -11.92 13.36
CA GLU G 100 -41.34 -13.01 13.25
CA GLU G 100 -41.31 -13.02 13.26
C GLU G 100 -41.16 -13.73 11.91
N SER G 101 -40.90 -12.97 10.84
CA SER G 101 -40.67 -13.56 9.51
C SER G 101 -39.41 -14.47 9.58
N ILE G 102 -38.33 -13.97 10.23
CA ILE G 102 -37.07 -14.74 10.38
C ILE G 102 -37.34 -16.02 11.16
N ALA G 103 -38.09 -15.93 12.27
CA ALA G 103 -38.41 -17.08 13.11
C ALA G 103 -39.22 -18.12 12.32
N ASN G 104 -40.18 -17.67 11.50
CA ASN G 104 -40.99 -18.57 10.68
C ASN G 104 -40.16 -19.23 9.58
N VAL G 105 -39.22 -18.49 8.97
CA VAL G 105 -38.32 -19.06 7.96
C VAL G 105 -37.46 -20.16 8.62
N ARG G 106 -36.83 -19.84 9.76
CA ARG G 106 -36.01 -20.81 10.47
C ARG G 106 -36.78 -22.04 10.93
N GLU G 107 -38.04 -21.87 11.37
CA GLU G 107 -38.86 -23.01 11.79
C GLU G 107 -39.13 -23.92 10.58
N ALA G 108 -39.50 -23.33 9.44
CA ALA G 108 -39.74 -24.09 8.22
C ALA G 108 -38.46 -24.81 7.74
N VAL G 109 -37.31 -24.11 7.74
CA VAL G 109 -36.03 -24.70 7.31
C VAL G 109 -35.62 -25.87 8.22
N GLU G 110 -35.71 -25.66 9.53
CA GLU G 110 -35.29 -26.69 10.48
C GLU G 110 -36.26 -27.86 10.60
N SER G 111 -37.48 -27.74 10.04
CA SER G 111 -38.42 -28.86 10.03
C SER G 111 -37.90 -30.04 9.16
N PHE G 112 -36.90 -29.79 8.29
CA PHE G 112 -36.32 -30.82 7.42
C PHE G 112 -34.94 -31.33 7.95
N ALA G 113 -34.43 -30.80 9.09
CA ALA G 113 -33.12 -31.16 9.65
C ALA G 113 -33.02 -32.64 10.14
N GLY G 114 -34.16 -33.27 10.38
CA GLY G 114 -34.21 -34.66 10.82
C GLY G 114 -33.71 -35.65 9.77
N SER G 115 -33.58 -35.20 8.50
CA SER G 115 -33.05 -36.04 7.42
C SER G 115 -31.81 -35.30 6.87
N PRO G 116 -30.64 -35.55 7.47
CA PRO G 116 -29.42 -34.81 7.08
C PRO G 116 -28.95 -34.95 5.63
N LEU G 117 -29.24 -36.10 4.98
CA LEU G 117 -28.84 -36.30 3.58
C LEU G 117 -29.66 -35.46 2.59
N SER G 118 -30.80 -34.90 3.03
CA SER G 118 -31.64 -34.10 2.15
C SER G 118 -31.89 -32.66 2.67
N TYR G 119 -31.40 -32.32 3.86
CA TYR G 119 -31.59 -30.98 4.44
C TYR G 119 -31.05 -29.88 3.52
N ARG G 120 -31.89 -28.86 3.23
CA ARG G 120 -31.45 -27.74 2.40
C ARG G 120 -31.28 -26.48 3.25
N PRO G 121 -30.05 -25.95 3.33
CA PRO G 121 -29.85 -24.67 4.04
C PRO G 121 -30.58 -23.55 3.27
N VAL G 122 -31.08 -22.51 3.98
CA VAL G 122 -31.75 -21.37 3.34
C VAL G 122 -31.16 -20.11 3.94
N ALA G 123 -30.61 -19.20 3.12
CA ALA G 123 -30.00 -17.98 3.64
C ALA G 123 -31.07 -16.92 3.96
N ILE G 124 -30.74 -16.00 4.86
CA ILE G 124 -31.62 -14.90 5.19
C ILE G 124 -30.91 -13.61 4.81
N ALA G 125 -31.53 -12.82 3.93
CA ALA G 125 -30.95 -11.59 3.43
C ALA G 125 -31.78 -10.38 3.87
N LEU G 126 -31.11 -9.33 4.32
CA LEU G 126 -31.76 -8.12 4.77
C LEU G 126 -31.56 -7.07 3.69
N ASP G 127 -32.66 -6.56 3.12
CA ASP G 127 -32.57 -5.54 2.09
C ASP G 127 -32.89 -4.19 2.76
N THR G 128 -31.93 -3.27 2.76
CA THR G 128 -32.08 -2.00 3.44
C THR G 128 -33.03 -0.98 2.76
N LYS G 129 -33.59 -0.08 3.56
CA LYS G 129 -34.48 0.97 3.06
C LYS G 129 -33.72 1.92 2.13
N GLY G 130 -32.50 2.27 2.50
CA GLY G 130 -31.68 3.14 1.67
C GLY G 130 -31.45 4.53 2.24
N PRO G 131 -30.62 5.33 1.55
CA PRO G 131 -30.27 6.66 2.07
C PRO G 131 -31.35 7.73 1.96
N GLY G 134 -30.90 11.67 1.18
CA GLY G 134 -29.97 11.93 2.27
C GLY G 134 -28.52 11.62 1.94
N PRO G 135 -27.60 12.17 2.75
CA PRO G 135 -26.18 11.94 2.52
C PRO G 135 -25.62 10.73 3.26
N GLY G 136 -25.33 9.69 2.50
CA GLY G 136 -24.74 8.48 3.05
C GLY G 136 -25.71 7.66 3.88
N LEU G 137 -25.16 6.85 4.78
CA LEU G 137 -25.92 5.91 5.60
C LEU G 137 -26.96 6.59 6.51
N SER G 138 -28.23 6.26 6.29
CA SER G 138 -29.33 6.82 7.06
C SER G 138 -29.38 6.23 8.48
N GLU G 139 -30.06 6.95 9.41
CA GLU G 139 -30.22 6.50 10.79
C GLU G 139 -31.00 5.21 10.87
N GLN G 140 -32.04 5.07 10.01
CA GLN G 140 -32.85 3.86 10.01
C GLN G 140 -32.00 2.68 9.53
N ASP G 141 -31.14 2.89 8.52
CA ASP G 141 -30.26 1.82 8.04
C ASP G 141 -29.28 1.37 9.11
N VAL G 142 -28.77 2.29 9.96
CA VAL G 142 -27.86 1.91 11.05
C VAL G 142 -28.59 0.98 12.03
N ARG G 143 -29.85 1.31 12.34
CA ARG G 143 -30.64 0.49 13.24
C ARG G 143 -31.04 -0.84 12.62
N ASP G 144 -31.36 -0.85 11.33
CA ASP G 144 -31.78 -2.06 10.64
C ASP G 144 -30.59 -3.03 10.46
N LEU G 145 -29.40 -2.48 10.16
CA LEU G 145 -28.18 -3.29 10.04
C LEU G 145 -27.82 -3.90 11.37
N ARG G 146 -28.00 -3.16 12.48
CA ARG G 146 -27.76 -3.65 13.83
C ARG G 146 -28.73 -4.82 14.13
N PHE G 147 -30.02 -4.67 13.72
CA PHE G 147 -31.02 -5.72 13.89
C PHE G 147 -30.55 -6.99 13.12
N GLY G 148 -30.05 -6.82 11.91
CA GLY G 148 -29.53 -7.91 11.09
C GLY G 148 -28.44 -8.70 11.78
N VAL G 149 -27.48 -7.99 12.39
CA VAL G 149 -26.38 -8.63 13.14
C VAL G 149 -26.92 -9.37 14.34
N GLU G 150 -27.83 -8.73 15.11
CA GLU G 150 -28.43 -9.35 16.29
C GLU G 150 -29.27 -10.58 15.96
N HIS G 151 -29.89 -10.59 14.77
CA HIS G 151 -30.69 -11.74 14.35
C HIS G 151 -29.95 -12.75 13.46
N GLY G 152 -28.63 -12.59 13.31
CA GLY G 152 -27.78 -13.50 12.55
C GLY G 152 -28.08 -13.64 11.07
N VAL G 153 -28.38 -12.52 10.39
CA VAL G 153 -28.65 -12.58 8.94
C VAL G 153 -27.35 -12.93 8.21
N ASP G 154 -27.47 -13.56 7.04
CA ASP G 154 -26.31 -13.99 6.29
C ASP G 154 -25.83 -12.97 5.29
N ILE G 155 -26.77 -12.21 4.72
CA ILE G 155 -26.48 -11.29 3.63
C ILE G 155 -27.20 -9.97 3.81
N VAL G 156 -26.60 -8.89 3.31
CA VAL G 156 -27.23 -7.59 3.28
C VAL G 156 -27.29 -7.17 1.81
N PHE G 157 -28.47 -6.78 1.33
CA PHE G 157 -28.62 -6.19 0.01
C PHE G 157 -28.68 -4.69 0.32
N ALA G 158 -27.57 -3.97 0.11
CA ALA G 158 -27.46 -2.54 0.43
C ALA G 158 -28.07 -1.67 -0.68
N SER G 159 -29.18 -0.99 -0.37
CA SER G 159 -29.86 -0.15 -1.36
C SER G 159 -29.11 1.11 -1.76
N PHE G 160 -29.27 1.50 -3.03
CA PHE G 160 -28.73 2.71 -3.64
C PHE G 160 -27.25 2.94 -3.38
N VAL G 161 -26.41 1.93 -3.66
CA VAL G 161 -24.97 2.09 -3.49
C VAL G 161 -24.47 2.92 -4.69
N ARG G 162 -23.85 4.07 -4.42
CA ARG G 162 -23.38 4.95 -5.49
C ARG G 162 -21.86 5.05 -5.62
N LYS G 163 -21.13 4.63 -4.59
CA LYS G 163 -19.68 4.74 -4.55
C LYS G 163 -19.11 3.80 -3.48
N ALA G 164 -17.78 3.57 -3.51
CA ALA G 164 -17.09 2.70 -2.56
C ALA G 164 -17.31 3.08 -1.10
N SER G 165 -17.37 4.40 -0.78
CA SER G 165 -17.58 4.83 0.60
C SER G 165 -18.93 4.42 1.15
N ASP G 166 -19.93 4.23 0.28
CA ASP G 166 -21.25 3.76 0.73
C ASP G 166 -21.13 2.33 1.27
N VAL G 167 -20.30 1.48 0.62
CA VAL G 167 -20.07 0.10 1.06
C VAL G 167 -19.31 0.08 2.35
N ALA G 168 -18.29 0.96 2.49
CA ALA G 168 -17.50 1.07 3.71
C ALA G 168 -18.39 1.45 4.88
N ALA G 169 -19.37 2.34 4.66
CA ALA G 169 -20.31 2.76 5.71
C ALA G 169 -21.20 1.59 6.16
N VAL G 170 -21.67 0.77 5.21
CA VAL G 170 -22.48 -0.42 5.54
C VAL G 170 -21.62 -1.41 6.32
N ARG G 171 -20.37 -1.65 5.86
CA ARG G 171 -19.42 -2.57 6.54
C ARG G 171 -19.18 -2.12 7.96
N ALA G 172 -18.94 -0.82 8.16
CA ALA G 172 -18.70 -0.27 9.49
C ALA G 172 -19.91 -0.47 10.40
N ALA G 173 -21.12 -0.33 9.83
CA ALA G 173 -22.37 -0.51 10.57
C ALA G 173 -22.68 -1.98 10.91
N LEU G 174 -21.98 -2.95 10.27
CA LEU G 174 -22.16 -4.35 10.66
C LEU G 174 -21.38 -4.70 11.98
N GLY G 175 -20.90 -3.64 12.63
CA GLY G 175 -20.37 -3.58 13.99
C GLY G 175 -19.29 -4.55 14.27
N PRO G 176 -19.10 -4.85 15.56
CA PRO G 176 -18.05 -5.82 15.90
C PRO G 176 -18.43 -7.28 15.60
N GLU G 177 -19.73 -7.64 15.54
CA GLU G 177 -20.07 -9.05 15.37
C GLU G 177 -20.62 -9.47 13.98
N GLY G 178 -20.72 -8.57 13.01
CA GLY G 178 -21.27 -8.92 11.70
C GLY G 178 -20.33 -8.83 10.52
N HIS G 179 -19.02 -8.94 10.76
CA HIS G 179 -18.04 -8.89 9.68
C HIS G 179 -18.13 -10.08 8.69
N GLY G 180 -18.71 -11.21 9.13
CA GLY G 180 -18.90 -12.39 8.27
C GLY G 180 -20.12 -12.29 7.35
N ILE G 181 -20.94 -11.24 7.52
CA ILE G 181 -22.11 -11.00 6.67
C ILE G 181 -21.69 -10.52 5.29
N LYS G 182 -22.27 -11.14 4.22
CA LYS G 182 -21.93 -10.75 2.86
C LYS G 182 -22.66 -9.47 2.48
N ILE G 183 -21.96 -8.52 1.84
CA ILE G 183 -22.60 -7.29 1.40
C ILE G 183 -22.75 -7.31 -0.11
N ILE G 184 -24.00 -7.35 -0.57
CA ILE G 184 -24.34 -7.32 -1.99
C ILE G 184 -24.83 -5.88 -2.26
N SER G 185 -24.06 -5.11 -3.04
CA SER G 185 -24.42 -3.73 -3.34
C SER G 185 -25.47 -3.64 -4.44
N LYS G 186 -26.57 -2.94 -4.17
CA LYS G 186 -27.61 -2.73 -5.18
C LYS G 186 -27.27 -1.52 -6.05
N ILE G 187 -27.19 -1.72 -7.36
CA ILE G 187 -26.90 -0.65 -8.31
C ILE G 187 -28.26 -0.21 -8.84
N GLU G 188 -28.67 1.02 -8.50
CA GLU G 188 -30.02 1.50 -8.81
C GLU G 188 -30.08 2.84 -9.53
N ASN G 189 -28.93 3.43 -9.88
CA ASN G 189 -28.93 4.73 -10.55
C ASN G 189 -27.69 4.91 -11.44
N HIS G 190 -27.65 6.02 -12.19
CA HIS G 190 -26.56 6.31 -13.11
C HIS G 190 -25.20 6.33 -12.43
N GLU G 191 -25.10 6.97 -11.25
CA GLU G 191 -23.83 7.02 -10.54
C GLU G 191 -23.30 5.63 -10.14
N GLY G 192 -24.18 4.75 -9.67
CA GLY G 192 -23.79 3.39 -9.32
C GLY G 192 -23.23 2.63 -10.52
N VAL G 193 -23.84 2.82 -11.70
CA VAL G 193 -23.37 2.19 -12.93
C VAL G 193 -22.00 2.77 -13.34
N LYS G 194 -21.85 4.10 -13.29
CA LYS G 194 -20.59 4.74 -13.68
C LYS G 194 -19.45 4.44 -12.70
N ARG G 195 -19.75 4.28 -11.41
CA ARG G 195 -18.74 3.94 -10.42
C ARG G 195 -18.76 2.44 -10.07
N PHE G 196 -19.27 1.61 -10.97
CA PHE G 196 -19.39 0.17 -10.76
C PHE G 196 -18.09 -0.50 -10.32
N ASP G 197 -16.98 -0.24 -11.04
CA ASP G 197 -15.72 -0.93 -10.71
C ASP G 197 -15.26 -0.71 -9.29
N GLU G 198 -15.34 0.54 -8.79
CA GLU G 198 -14.93 0.81 -7.40
C GLU G 198 -15.89 0.19 -6.38
N ILE G 199 -17.18 0.07 -6.74
CA ILE G 199 -18.17 -0.53 -5.85
C ILE G 199 -17.93 -2.05 -5.76
N LEU G 200 -17.77 -2.71 -6.91
CA LEU G 200 -17.55 -4.16 -6.96
C LEU G 200 -16.29 -4.57 -6.20
N GLU G 201 -15.22 -3.78 -6.33
CA GLU G 201 -13.94 -4.03 -5.66
C GLU G 201 -14.08 -4.21 -4.15
N VAL G 202 -14.94 -3.41 -3.50
CA VAL G 202 -15.13 -3.47 -2.06
C VAL G 202 -16.37 -4.27 -1.62
N SER G 203 -17.21 -4.72 -2.55
CA SER G 203 -18.42 -5.48 -2.21
C SER G 203 -18.19 -6.99 -2.35
N ASP G 204 -19.04 -7.80 -1.71
CA ASP G 204 -19.00 -9.25 -1.92
C ASP G 204 -19.72 -9.65 -3.23
N GLY G 205 -20.60 -8.80 -3.72
CA GLY G 205 -21.36 -9.04 -4.92
C GLY G 205 -22.26 -7.86 -5.26
N ILE G 206 -23.06 -8.02 -6.30
CA ILE G 206 -23.89 -6.94 -6.82
C ILE G 206 -25.31 -7.41 -7.08
N MET G 207 -26.28 -6.48 -6.94
CA MET G 207 -27.64 -6.73 -7.35
C MET G 207 -27.96 -5.69 -8.43
N VAL G 208 -28.43 -6.15 -9.61
CA VAL G 208 -28.90 -5.27 -10.65
C VAL G 208 -30.36 -4.98 -10.25
N ALA G 209 -30.58 -3.86 -9.53
CA ALA G 209 -31.89 -3.49 -8.99
C ALA G 209 -32.63 -2.73 -10.07
N ARG G 210 -33.28 -3.47 -10.98
CA ARG G 210 -33.88 -2.92 -12.18
C ARG G 210 -35.08 -2.00 -12.00
N GLY G 211 -35.78 -2.12 -10.88
CA GLY G 211 -36.94 -1.26 -10.59
C GLY G 211 -36.55 0.21 -10.56
N ASP G 212 -35.69 0.59 -9.61
CA ASP G 212 -35.20 1.96 -9.52
C ASP G 212 -34.28 2.30 -10.69
N LEU G 213 -33.45 1.34 -11.15
CA LEU G 213 -32.56 1.60 -12.29
C LEU G 213 -33.35 2.03 -13.55
N GLY G 214 -34.50 1.40 -13.79
CA GLY G 214 -35.36 1.69 -14.92
C GLY G 214 -36.13 3.02 -14.84
N ILE G 215 -36.06 3.70 -13.69
CA ILE G 215 -36.65 5.03 -13.46
C ILE G 215 -35.52 6.09 -13.44
N GLU G 216 -34.33 5.72 -12.96
CA GLU G 216 -33.15 6.58 -12.86
C GLU G 216 -32.47 6.77 -14.20
N ILE G 217 -32.46 5.73 -15.04
CA ILE G 217 -31.88 5.81 -16.39
C ILE G 217 -32.99 5.47 -17.41
N PRO G 218 -32.84 5.79 -18.71
CA PRO G 218 -33.90 5.41 -19.67
C PRO G 218 -34.20 3.90 -19.63
N ALA G 219 -35.48 3.53 -19.60
CA ALA G 219 -35.90 2.11 -19.53
C ALA G 219 -35.24 1.23 -20.62
N GLU G 220 -35.05 1.78 -21.82
CA GLU G 220 -34.44 1.07 -22.94
C GLU G 220 -32.93 0.83 -22.78
N LYS G 221 -32.31 1.37 -21.72
CA LYS G 221 -30.87 1.16 -21.49
C LYS G 221 -30.59 0.16 -20.35
N VAL G 222 -31.61 -0.25 -19.57
CA VAL G 222 -31.41 -1.16 -18.45
C VAL G 222 -30.74 -2.48 -18.85
N PHE G 223 -31.13 -3.07 -20.00
CA PHE G 223 -30.50 -4.33 -20.45
C PHE G 223 -28.99 -4.19 -20.65
N LEU G 224 -28.51 -3.00 -21.07
CA LEU G 224 -27.08 -2.75 -21.26
C LEU G 224 -26.39 -2.76 -19.90
N ALA G 225 -26.98 -2.08 -18.90
CA ALA G 225 -26.41 -2.04 -17.56
C ALA G 225 -26.42 -3.45 -16.95
N GLN G 226 -27.53 -4.20 -17.14
CA GLN G 226 -27.62 -5.57 -16.62
C GLN G 226 -26.54 -6.47 -17.22
N LYS G 227 -26.43 -6.49 -18.54
CA LYS G 227 -25.47 -7.36 -19.22
C LYS G 227 -24.03 -6.99 -18.89
N MET G 228 -23.73 -5.69 -18.79
CA MET G 228 -22.39 -5.22 -18.42
C MET G 228 -22.04 -5.64 -17.00
N MET G 229 -22.94 -5.41 -16.04
CA MET G 229 -22.67 -5.72 -14.65
C MET G 229 -22.51 -7.21 -14.40
N ILE G 230 -23.33 -8.02 -15.07
CA ILE G 230 -23.22 -9.47 -14.95
C ILE G 230 -21.87 -9.94 -15.54
N GLY G 231 -21.49 -9.40 -16.69
CA GLY G 231 -20.20 -9.72 -17.31
C GLY G 231 -19.03 -9.37 -16.40
N ARG G 232 -19.05 -8.16 -15.81
CA ARG G 232 -17.97 -7.73 -14.93
C ARG G 232 -17.90 -8.55 -13.63
N CYS G 233 -19.06 -8.95 -13.08
CA CYS G 233 -19.10 -9.78 -11.88
C CYS G 233 -18.58 -11.18 -12.19
N ASN G 234 -18.95 -11.74 -13.35
CA ASN G 234 -18.47 -13.05 -13.79
C ASN G 234 -16.92 -13.00 -13.95
N LEU G 235 -16.40 -11.90 -14.51
CA LEU G 235 -14.96 -11.71 -14.67
C LEU G 235 -14.26 -11.66 -13.30
N ALA G 236 -14.88 -10.97 -12.32
CA ALA G 236 -14.32 -10.85 -10.99
C ALA G 236 -14.53 -12.10 -10.11
N GLY G 237 -15.40 -13.02 -10.52
CA GLY G 237 -15.72 -14.20 -9.74
C GLY G 237 -16.52 -13.86 -8.50
N LYS G 238 -17.38 -12.82 -8.60
CA LYS G 238 -18.22 -12.39 -7.47
C LYS G 238 -19.69 -12.50 -7.83
N PRO G 239 -20.53 -12.94 -6.89
CA PRO G 239 -21.96 -13.12 -7.20
C PRO G 239 -22.70 -11.91 -7.75
N VAL G 240 -23.61 -12.15 -8.68
CA VAL G 240 -24.45 -11.10 -9.24
C VAL G 240 -25.91 -11.57 -9.26
N VAL G 241 -26.82 -10.71 -8.79
CA VAL G 241 -28.25 -11.02 -8.71
C VAL G 241 -29.00 -10.18 -9.74
N CYS G 242 -29.92 -10.81 -10.50
CA CYS G 242 -30.80 -10.06 -11.37
C CYS G 242 -32.13 -9.94 -10.61
N ALA G 243 -32.67 -8.73 -10.51
CA ALA G 243 -33.88 -8.51 -9.72
C ALA G 243 -34.92 -7.64 -10.41
N THR G 244 -36.18 -7.78 -9.95
CA THR G 244 -37.37 -6.94 -10.15
C THR G 244 -38.12 -7.15 -11.44
N GLN G 245 -39.43 -7.43 -11.27
CA GLN G 245 -40.44 -7.62 -12.33
C GLN G 245 -40.13 -8.78 -13.27
N MET G 246 -39.36 -9.77 -12.80
CA MET G 246 -39.02 -10.92 -13.64
C MET G 246 -40.24 -11.74 -14.01
N LEU G 247 -41.19 -11.91 -13.07
CA LEU G 247 -42.45 -12.64 -13.31
C LEU G 247 -43.62 -11.77 -12.77
N GLU G 248 -43.56 -10.45 -12.97
CA GLU G 248 -44.50 -9.47 -12.43
C GLU G 248 -46.00 -9.83 -12.56
N SER G 249 -46.45 -10.26 -13.74
CA SER G 249 -47.85 -10.63 -13.97
C SER G 249 -48.33 -11.74 -13.04
N MET G 250 -47.41 -12.57 -12.52
CA MET G 250 -47.76 -13.65 -11.59
C MET G 250 -48.21 -13.15 -10.21
N ILE G 251 -48.18 -11.84 -9.96
CA ILE G 251 -48.74 -11.26 -8.74
C ILE G 251 -50.28 -11.55 -8.73
N THR G 252 -50.94 -11.47 -9.90
CA THR G 252 -52.36 -11.75 -10.00
C THR G 252 -52.71 -12.96 -10.88
N LYS G 253 -51.80 -13.40 -11.77
CA LYS G 253 -52.09 -14.51 -12.67
C LYS G 253 -51.30 -15.77 -12.39
N PRO G 254 -51.90 -16.98 -12.56
CA PRO G 254 -51.16 -18.21 -12.24
C PRO G 254 -50.06 -18.58 -13.24
N ARG G 255 -50.03 -17.93 -14.42
CA ARG G 255 -49.02 -18.20 -15.45
C ARG G 255 -48.41 -16.87 -15.90
N PRO G 256 -47.09 -16.86 -16.16
CA PRO G 256 -46.44 -15.62 -16.57
C PRO G 256 -46.58 -15.33 -18.07
N THR G 257 -46.19 -14.12 -18.49
CA THR G 257 -46.22 -13.76 -19.90
C THR G 257 -44.99 -14.36 -20.63
N ARG G 258 -45.00 -14.34 -21.97
CA ARG G 258 -43.89 -14.82 -22.78
C ARG G 258 -42.63 -13.96 -22.56
N ALA G 259 -42.81 -12.65 -22.30
CA ALA G 259 -41.66 -11.76 -22.03
C ALA G 259 -41.01 -12.10 -20.67
N GLU G 260 -41.83 -12.49 -19.70
CA GLU G 260 -41.35 -12.82 -18.37
C GLU G 260 -40.54 -14.11 -18.32
N THR G 261 -41.00 -15.18 -19.01
CA THR G 261 -40.22 -16.41 -19.06
C THR G 261 -38.90 -16.17 -19.81
N SER G 262 -38.96 -15.37 -20.88
CA SER G 262 -37.80 -14.99 -21.67
C SER G 262 -36.80 -14.21 -20.80
N ASP G 263 -37.28 -13.26 -19.99
CA ASP G 263 -36.42 -12.46 -19.13
C ASP G 263 -35.67 -13.33 -18.10
N VAL G 264 -36.37 -14.30 -17.48
CA VAL G 264 -35.72 -15.20 -16.52
C VAL G 264 -34.65 -16.03 -17.22
N ALA G 265 -34.99 -16.59 -18.40
CA ALA G 265 -34.04 -17.42 -19.14
C ALA G 265 -32.83 -16.62 -19.56
N ASN G 266 -33.05 -15.37 -20.02
CA ASN G 266 -31.97 -14.52 -20.46
C ASN G 266 -31.09 -14.02 -19.32
N ALA G 267 -31.66 -13.83 -18.11
CA ALA G 267 -30.83 -13.43 -16.96
C ALA G 267 -29.84 -14.58 -16.63
N VAL G 268 -30.31 -15.84 -16.69
CA VAL G 268 -29.46 -17.00 -16.46
C VAL G 268 -28.41 -17.11 -17.57
N LEU G 269 -28.82 -16.97 -18.85
CA LEU G 269 -27.88 -17.04 -19.96
C LEU G 269 -26.83 -15.92 -19.89
N ASP G 270 -27.22 -14.72 -19.43
CA ASP G 270 -26.32 -13.58 -19.25
C ASP G 270 -25.18 -13.93 -18.27
N GLY G 271 -25.50 -14.73 -17.24
CA GLY G 271 -24.54 -15.16 -16.24
C GLY G 271 -24.91 -14.85 -14.81
N ALA G 272 -26.20 -14.53 -14.54
CA ALA G 272 -26.61 -14.23 -13.18
C ALA G 272 -26.47 -15.43 -12.23
N ASP G 273 -25.86 -15.20 -11.07
CA ASP G 273 -25.73 -16.25 -10.06
C ASP G 273 -27.07 -16.51 -9.40
N CYS G 274 -27.87 -15.44 -9.18
CA CYS G 274 -29.16 -15.52 -8.52
C CYS G 274 -30.21 -14.75 -9.31
N ILE G 275 -31.45 -15.20 -9.19
CA ILE G 275 -32.61 -14.53 -9.75
C ILE G 275 -33.55 -14.24 -8.57
N MET G 276 -34.37 -13.19 -8.66
CA MET G 276 -35.17 -12.74 -7.54
C MET G 276 -36.66 -12.57 -7.86
N LEU G 277 -37.46 -12.70 -6.82
CA LEU G 277 -38.91 -12.49 -6.83
C LEU G 277 -39.17 -11.48 -5.71
N SER G 278 -39.94 -10.44 -6.02
CA SER G 278 -40.25 -9.41 -5.05
CA SER G 278 -40.25 -9.41 -5.04
C SER G 278 -41.76 -9.46 -4.71
N GLY G 279 -42.60 -8.64 -5.38
CA GLY G 279 -44.05 -8.64 -5.15
C GLY G 279 -44.67 -9.98 -5.49
N GLU G 280 -44.07 -10.72 -6.47
CA GLU G 280 -44.53 -12.06 -6.84
C GLU G 280 -44.62 -13.02 -5.65
N THR G 281 -43.71 -12.91 -4.67
CA THR G 281 -43.80 -13.79 -3.50
C THR G 281 -44.22 -13.04 -2.25
N ALA G 282 -43.91 -11.74 -2.15
CA ALA G 282 -44.25 -10.97 -0.94
C ALA G 282 -45.75 -10.72 -0.77
N LYS G 283 -46.42 -10.34 -1.84
CA LYS G 283 -47.84 -9.99 -1.77
C LYS G 283 -48.71 -10.65 -2.85
N GLY G 284 -48.14 -11.48 -3.70
CA GLY G 284 -48.88 -12.11 -4.79
C GLY G 284 -49.82 -13.25 -4.43
N ASN G 285 -50.67 -13.62 -5.40
CA ASN G 285 -51.65 -14.69 -5.26
C ASN G 285 -51.06 -16.08 -5.49
N PHE G 286 -49.90 -16.17 -6.18
CA PHE G 286 -49.28 -17.45 -6.52
C PHE G 286 -47.78 -17.50 -6.13
N PRO G 287 -47.42 -17.27 -4.85
CA PRO G 287 -45.99 -17.23 -4.48
C PRO G 287 -45.23 -18.53 -4.76
N VAL G 288 -45.83 -19.69 -4.42
CA VAL G 288 -45.21 -21.00 -4.65
C VAL G 288 -45.05 -21.26 -6.15
N GLU G 289 -46.07 -20.91 -6.94
CA GLU G 289 -46.03 -21.10 -8.39
C GLU G 289 -44.95 -20.22 -9.05
N ALA G 290 -44.72 -19.00 -8.51
CA ALA G 290 -43.68 -18.12 -9.05
C ALA G 290 -42.30 -18.73 -8.81
N VAL G 291 -42.08 -19.34 -7.63
CA VAL G 291 -40.81 -20.01 -7.31
C VAL G 291 -40.63 -21.21 -8.24
N LYS G 292 -41.70 -22.01 -8.42
CA LYS G 292 -41.64 -23.19 -9.30
C LYS G 292 -41.33 -22.80 -10.73
N MET G 293 -41.88 -21.66 -11.19
CA MET G 293 -41.64 -21.17 -12.55
C MET G 293 -40.18 -20.74 -12.73
N GLN G 294 -39.61 -19.99 -11.77
CA GLN G 294 -38.20 -19.60 -11.86
C GLN G 294 -37.30 -20.84 -11.86
N HIS G 295 -37.63 -21.85 -11.04
CA HIS G 295 -36.88 -23.11 -10.99
C HIS G 295 -36.91 -23.82 -12.35
N ALA G 296 -38.11 -23.96 -12.94
CA ALA G 296 -38.26 -24.64 -14.22
C ALA G 296 -37.50 -23.94 -15.35
N ILE G 297 -37.61 -22.61 -15.44
CA ILE G 297 -36.90 -21.86 -16.48
C ILE G 297 -35.38 -21.92 -16.29
N ALA G 298 -34.91 -21.72 -15.05
CA ALA G 298 -33.47 -21.70 -14.78
C ALA G 298 -32.81 -23.02 -15.17
N ARG G 299 -33.44 -24.17 -14.88
CA ARG G 299 -32.89 -25.47 -15.25
C ARG G 299 -32.72 -25.60 -16.77
N GLU G 300 -33.73 -25.13 -17.52
CA GLU G 300 -33.68 -25.18 -18.97
C GLU G 300 -32.55 -24.27 -19.50
N ALA G 301 -32.45 -23.03 -18.95
CA ALA G 301 -31.45 -22.07 -19.40
C ALA G 301 -30.04 -22.48 -19.07
N GLU G 302 -29.83 -23.10 -17.92
CA GLU G 302 -28.49 -23.54 -17.52
C GLU G 302 -27.94 -24.60 -18.46
N ALA G 303 -28.81 -25.50 -18.94
CA ALA G 303 -28.38 -26.54 -19.90
C ALA G 303 -28.05 -25.92 -21.27
N ALA G 304 -28.69 -24.78 -21.61
CA ALA G 304 -28.46 -24.07 -22.87
C ALA G 304 -27.24 -23.14 -22.86
N VAL G 305 -26.51 -23.04 -21.74
CA VAL G 305 -25.31 -22.21 -21.67
C VAL G 305 -24.24 -22.82 -22.59
N TYR G 306 -23.55 -21.99 -23.38
CA TYR G 306 -22.52 -22.47 -24.30
C TYR G 306 -21.17 -22.60 -23.56
N HIS G 307 -21.03 -23.65 -22.74
CA HIS G 307 -19.86 -23.86 -21.91
C HIS G 307 -18.54 -23.87 -22.67
N ARG G 308 -18.51 -24.38 -23.91
CA ARG G 308 -17.30 -24.44 -24.72
C ARG G 308 -16.61 -23.07 -24.85
N GLN G 309 -17.35 -22.04 -25.27
CA GLN G 309 -16.76 -20.71 -25.39
C GLN G 309 -16.67 -20.00 -24.03
N LEU G 310 -17.69 -20.16 -23.17
CA LEU G 310 -17.69 -19.53 -21.85
C LEU G 310 -16.46 -19.92 -21.01
N PHE G 311 -16.15 -21.21 -20.93
CA PHE G 311 -14.98 -21.67 -20.18
C PHE G 311 -13.69 -21.15 -20.78
N GLU G 312 -13.58 -21.16 -22.11
CA GLU G 312 -12.39 -20.65 -22.79
C GLU G 312 -12.18 -19.17 -22.48
N GLU G 313 -13.26 -18.38 -22.47
CA GLU G 313 -13.16 -16.96 -22.18
C GLU G 313 -12.88 -16.66 -20.72
N LEU G 314 -13.48 -17.42 -19.80
CA LEU G 314 -13.23 -17.24 -18.36
C LEU G 314 -11.79 -17.61 -18.04
N ARG G 315 -11.28 -18.68 -18.67
CA ARG G 315 -9.91 -19.16 -18.54
C ARG G 315 -8.93 -18.07 -19.00
N ARG G 316 -9.15 -17.52 -20.21
CA ARG G 316 -8.29 -16.51 -20.81
C ARG G 316 -8.27 -15.21 -20.02
N ALA G 317 -9.43 -14.79 -19.51
CA ALA G 317 -9.54 -13.54 -18.78
C ALA G 317 -9.06 -13.63 -17.34
N ALA G 318 -9.15 -14.80 -16.72
CA ALA G 318 -8.72 -14.96 -15.34
C ALA G 318 -7.20 -14.86 -15.31
N PRO G 319 -6.67 -14.05 -14.37
CA PRO G 319 -5.21 -13.88 -14.33
C PRO G 319 -4.50 -15.15 -13.87
N LEU G 320 -3.21 -15.28 -14.22
CA LEU G 320 -2.39 -16.39 -13.73
C LEU G 320 -2.33 -16.29 -12.20
N SER G 321 -2.29 -17.43 -11.52
CA SER G 321 -2.32 -17.39 -10.07
C SER G 321 -1.37 -18.34 -9.43
N ARG G 322 -0.79 -17.94 -8.32
CA ARG G 322 0.04 -18.84 -7.52
C ARG G 322 -0.71 -19.35 -6.27
N ASP G 323 -2.01 -19.05 -6.14
CA ASP G 323 -2.81 -19.48 -5.01
C ASP G 323 -3.22 -20.92 -5.30
N PRO G 324 -2.86 -21.89 -4.43
CA PRO G 324 -3.20 -23.28 -4.73
C PRO G 324 -4.72 -23.57 -4.84
N THR G 325 -5.59 -22.80 -4.13
CA THR G 325 -7.02 -23.03 -4.21
C THR G 325 -7.52 -22.68 -5.62
N GLU G 326 -7.04 -21.56 -6.17
CA GLU G 326 -7.41 -21.12 -7.51
CA GLU G 326 -7.40 -21.10 -7.51
C GLU G 326 -6.86 -22.09 -8.56
N VAL G 327 -5.62 -22.55 -8.40
CA VAL G 327 -4.99 -23.49 -9.32
C VAL G 327 -5.74 -24.83 -9.32
N THR G 328 -6.12 -25.31 -8.12
CA THR G 328 -6.87 -26.55 -7.98
C THR G 328 -8.23 -26.41 -8.61
N ALA G 329 -8.90 -25.26 -8.39
CA ALA G 329 -10.23 -25.02 -8.94
C ALA G 329 -10.27 -25.13 -10.47
N ILE G 330 -9.34 -24.48 -11.20
CA ILE G 330 -9.35 -24.55 -12.66
C ILE G 330 -9.01 -25.95 -13.16
N GLY G 331 -8.12 -26.65 -12.46
CA GLY G 331 -7.76 -28.01 -12.78
C GLY G 331 -8.95 -28.94 -12.63
N ALA G 332 -9.72 -28.76 -11.56
CA ALA G 332 -10.92 -29.55 -11.26
C ALA G 332 -12.04 -29.31 -12.26
N VAL G 333 -12.24 -28.05 -12.65
CA VAL G 333 -13.29 -27.71 -13.62
C VAL G 333 -12.90 -28.28 -15.02
N GLU G 334 -11.61 -28.21 -15.39
CA GLU G 334 -11.13 -28.80 -16.65
CA GLU G 334 -11.13 -28.80 -16.65
C GLU G 334 -11.36 -30.33 -16.63
N ALA G 335 -11.01 -30.98 -15.51
CA ALA G 335 -11.21 -32.42 -15.35
C ALA G 335 -12.68 -32.79 -15.47
N ALA G 336 -13.57 -32.00 -14.84
CA ALA G 336 -15.01 -32.26 -14.89
C ALA G 336 -15.53 -32.21 -16.33
N PHE G 337 -15.08 -31.24 -17.14
CA PHE G 337 -15.51 -31.14 -18.55
C PHE G 337 -15.02 -32.34 -19.38
N LYS G 338 -13.79 -32.79 -19.13
CA LYS G 338 -13.19 -33.92 -19.84
C LYS G 338 -13.98 -35.21 -19.72
N CYS G 339 -14.54 -35.48 -18.53
CA CYS G 339 -15.29 -36.72 -18.31
C CYS G 339 -16.79 -36.52 -18.17
N CYS G 340 -17.30 -35.31 -18.40
CA CYS G 340 -18.71 -34.93 -18.15
C CYS G 340 -19.15 -35.34 -16.75
N ALA G 341 -18.30 -34.99 -15.75
CA ALA G 341 -18.51 -35.35 -14.35
C ALA G 341 -19.90 -34.93 -13.88
N ALA G 342 -20.52 -35.79 -13.10
CA ALA G 342 -21.83 -35.48 -12.55
C ALA G 342 -21.72 -34.35 -11.49
N ALA G 343 -20.58 -34.30 -10.76
CA ALA G 343 -20.40 -33.32 -9.70
C ALA G 343 -18.93 -33.11 -9.34
N ILE G 344 -18.64 -31.99 -8.68
CA ILE G 344 -17.37 -31.68 -8.08
C ILE G 344 -17.71 -31.57 -6.59
N ILE G 345 -17.22 -32.48 -5.76
CA ILE G 345 -17.44 -32.43 -4.33
C ILE G 345 -16.31 -31.69 -3.69
N VAL G 346 -16.60 -30.63 -2.94
CA VAL G 346 -15.55 -29.81 -2.31
C VAL G 346 -15.80 -29.63 -0.84
N LEU G 347 -14.75 -29.74 -0.02
CA LEU G 347 -14.84 -29.49 1.40
C LEU G 347 -14.48 -28.01 1.59
N THR G 348 -15.28 -27.27 2.36
CA THR G 348 -15.03 -25.84 2.55
C THR G 348 -15.49 -25.38 3.93
N THR G 349 -14.70 -24.54 4.59
CA THR G 349 -15.09 -23.98 5.89
C THR G 349 -15.72 -22.61 5.70
N THR G 350 -15.16 -21.78 4.83
CA THR G 350 -15.67 -20.43 4.59
C THR G 350 -16.53 -20.29 3.33
N GLY G 351 -16.48 -21.28 2.45
CA GLY G 351 -17.18 -21.23 1.16
C GLY G 351 -16.23 -20.86 0.01
N ARG G 352 -15.05 -20.32 0.32
CA ARG G 352 -14.12 -19.83 -0.70
C ARG G 352 -13.71 -20.88 -1.76
N SER G 353 -13.40 -22.13 -1.36
CA SER G 353 -13.02 -23.16 -2.35
C SER G 353 -14.17 -23.43 -3.32
N ALA G 354 -15.42 -23.39 -2.84
CA ALA G 354 -16.60 -23.60 -3.71
C ALA G 354 -16.81 -22.40 -4.64
N GLN G 355 -16.59 -21.18 -4.14
CA GLN G 355 -16.73 -19.97 -4.93
C GLN G 355 -15.72 -19.95 -6.09
N LEU G 356 -14.47 -20.40 -5.83
CA LEU G 356 -13.44 -20.42 -6.88
C LEU G 356 -13.73 -21.47 -7.95
N LEU G 357 -14.46 -22.54 -7.61
CA LEU G 357 -14.88 -23.53 -8.60
C LEU G 357 -16.01 -22.93 -9.45
N SER G 358 -16.99 -22.30 -8.78
CA SER G 358 -18.17 -21.66 -9.37
C SER G 358 -17.82 -20.59 -10.40
N ARG G 359 -16.74 -19.82 -10.16
CA ARG G 359 -16.33 -18.75 -11.08
C ARG G 359 -15.99 -19.23 -12.50
N TYR G 360 -15.59 -20.53 -12.64
CA TYR G 360 -15.31 -21.09 -13.97
C TYR G 360 -16.51 -21.72 -14.65
N ARG G 361 -17.70 -21.57 -14.06
CA ARG G 361 -18.97 -22.05 -14.59
C ARG G 361 -18.94 -23.50 -15.06
N PRO G 362 -18.60 -24.45 -14.18
CA PRO G 362 -18.66 -25.86 -14.59
C PRO G 362 -20.10 -26.27 -14.84
N ARG G 363 -20.30 -27.22 -15.74
CA ARG G 363 -21.62 -27.80 -15.93
C ARG G 363 -21.90 -28.72 -14.72
N ALA G 364 -20.86 -29.42 -14.20
CA ALA G 364 -20.97 -30.30 -13.06
C ALA G 364 -21.39 -29.49 -11.83
N ALA G 365 -22.27 -30.04 -11.02
CA ALA G 365 -22.75 -29.40 -9.80
C ALA G 365 -21.60 -29.33 -8.81
N VAL G 366 -21.44 -28.21 -8.09
CA VAL G 366 -20.42 -28.09 -7.07
C VAL G 366 -21.08 -28.42 -5.72
N ILE G 367 -20.86 -29.62 -5.22
CA ILE G 367 -21.43 -30.06 -3.95
C ILE G 367 -20.47 -29.65 -2.84
N ALA G 368 -20.84 -28.64 -2.07
CA ALA G 368 -19.96 -28.12 -1.02
C ALA G 368 -20.33 -28.67 0.34
N VAL G 369 -19.44 -29.46 0.96
CA VAL G 369 -19.68 -30.02 2.28
C VAL G 369 -18.97 -29.12 3.31
N THR G 370 -19.75 -28.61 4.26
CA THR G 370 -19.21 -27.71 5.28
C THR G 370 -19.82 -27.97 6.64
N ARG G 371 -19.07 -27.67 7.69
CA ARG G 371 -19.58 -27.72 9.07
C ARG G 371 -20.11 -26.31 9.52
N SER G 372 -19.88 -25.26 8.71
CA SER G 372 -20.32 -23.90 9.03
C SER G 372 -21.73 -23.69 8.50
N ALA G 373 -22.73 -23.55 9.39
CA ALA G 373 -24.12 -23.31 8.99
C ALA G 373 -24.22 -22.00 8.20
N GLN G 374 -23.45 -20.98 8.58
CA GLN G 374 -23.46 -19.71 7.86
C GLN G 374 -22.86 -19.83 6.45
N ALA G 375 -21.70 -20.53 6.30
CA ALA G 375 -21.13 -20.69 4.96
C ALA G 375 -22.06 -21.48 4.06
N ALA G 376 -22.75 -22.50 4.62
CA ALA G 376 -23.73 -23.31 3.87
C ALA G 376 -24.86 -22.41 3.32
N ARG G 377 -25.31 -21.44 4.12
CA ARG G 377 -26.38 -20.54 3.65
C ARG G 377 -25.83 -19.53 2.63
N GLN G 378 -24.64 -18.95 2.90
CA GLN G 378 -24.06 -17.93 2.05
C GLN G 378 -23.62 -18.40 0.65
N VAL G 379 -23.21 -19.66 0.51
CA VAL G 379 -22.75 -20.15 -0.80
C VAL G 379 -23.86 -20.25 -1.82
N HIS G 380 -25.13 -20.12 -1.42
CA HIS G 380 -26.25 -20.03 -2.37
C HIS G 380 -26.07 -18.79 -3.28
N LEU G 381 -25.24 -17.79 -2.90
CA LEU G 381 -24.98 -16.65 -3.77
C LEU G 381 -24.19 -17.04 -5.04
N CYS G 382 -23.46 -18.16 -5.00
CA CYS G 382 -22.59 -18.58 -6.10
C CYS G 382 -23.26 -19.62 -6.95
N ARG G 383 -23.39 -19.37 -8.26
CA ARG G 383 -24.06 -20.33 -9.14
C ARG G 383 -23.45 -21.74 -9.10
N GLY G 384 -24.33 -22.71 -9.00
CA GLY G 384 -23.98 -24.12 -9.04
C GLY G 384 -23.38 -24.67 -7.78
N VAL G 385 -23.46 -23.95 -6.66
CA VAL G 385 -22.94 -24.47 -5.39
C VAL G 385 -24.13 -25.01 -4.62
N PHE G 386 -24.09 -26.31 -4.29
CA PHE G 386 -25.14 -27.01 -3.55
C PHE G 386 -24.60 -27.31 -2.17
N PRO G 387 -25.00 -26.50 -1.17
CA PRO G 387 -24.43 -26.67 0.17
C PRO G 387 -25.02 -27.83 0.96
N LEU G 388 -24.13 -28.57 1.62
CA LEU G 388 -24.54 -29.66 2.48
C LEU G 388 -23.96 -29.37 3.84
N LEU G 389 -24.80 -29.29 4.86
CA LEU G 389 -24.36 -29.01 6.23
C LEU G 389 -24.10 -30.33 6.95
N TYR G 390 -22.84 -30.57 7.32
CA TYR G 390 -22.44 -31.80 7.99
C TYR G 390 -22.54 -31.62 9.49
N ARG G 391 -23.41 -32.41 10.13
CA ARG G 391 -23.64 -32.32 11.58
C ARG G 391 -23.17 -33.56 12.35
N GLU G 392 -22.48 -34.51 11.71
CA GLU G 392 -22.02 -35.71 12.39
C GLU G 392 -20.87 -35.44 13.37
N PRO G 393 -20.72 -36.31 14.39
CA PRO G 393 -19.58 -36.15 15.31
C PRO G 393 -18.23 -36.36 14.60
N PRO G 394 -17.16 -35.77 15.12
CA PRO G 394 -15.86 -35.88 14.43
C PRO G 394 -15.15 -37.24 14.56
N GLU G 395 -14.39 -37.62 13.54
CA GLU G 395 -13.54 -38.81 13.61
C GLU G 395 -12.21 -38.34 14.23
N ALA G 396 -11.54 -39.22 14.97
CA ALA G 396 -10.28 -38.88 15.65
C ALA G 396 -9.14 -38.64 14.68
N ILE G 397 -9.11 -39.37 13.56
CA ILE G 397 -8.08 -39.23 12.56
C ILE G 397 -8.59 -38.31 11.45
N TRP G 398 -7.89 -37.20 11.20
CA TRP G 398 -8.27 -36.21 10.19
C TRP G 398 -8.58 -36.80 8.79
N ALA G 399 -7.69 -37.61 8.20
CA ALA G 399 -7.96 -38.23 6.89
C ALA G 399 -9.27 -39.05 6.90
N ASP G 400 -9.62 -39.72 8.02
CA ASP G 400 -10.88 -40.48 8.11
C ASP G 400 -12.08 -39.54 8.15
N ASP G 401 -11.94 -38.41 8.84
CA ASP G 401 -12.98 -37.40 8.94
C ASP G 401 -13.26 -36.73 7.59
N VAL G 402 -12.20 -36.46 6.83
CA VAL G 402 -12.26 -35.91 5.49
C VAL G 402 -13.01 -36.92 4.58
N ASP G 403 -12.64 -38.23 4.65
CA ASP G 403 -13.31 -39.26 3.85
C ASP G 403 -14.78 -39.37 4.20
N ARG G 404 -15.14 -39.25 5.50
CA ARG G 404 -16.54 -39.31 5.91
C ARG G 404 -17.34 -38.16 5.32
N ARG G 405 -16.73 -36.96 5.24
CA ARG G 405 -17.41 -35.81 4.66
C ARG G 405 -17.58 -35.95 3.15
N VAL G 406 -16.57 -36.49 2.47
CA VAL G 406 -16.67 -36.74 1.02
C VAL G 406 -17.78 -37.78 0.77
N GLN G 407 -17.83 -38.83 1.59
CA GLN G 407 -18.85 -39.85 1.45
C GLN G 407 -20.25 -39.32 1.72
N PHE G 408 -20.38 -38.38 2.64
CA PHE G 408 -21.64 -37.69 2.94
C PHE G 408 -22.08 -36.87 1.72
N GLY G 409 -21.13 -36.27 1.01
CA GLY G 409 -21.42 -35.58 -0.23
C GLY G 409 -21.95 -36.54 -1.29
N ILE G 410 -21.32 -37.72 -1.39
CA ILE G 410 -21.74 -38.75 -2.36
C ILE G 410 -23.14 -39.32 -2.02
N GLU G 411 -23.37 -39.65 -0.74
CA GLU G 411 -24.66 -40.21 -0.30
C GLU G 411 -25.77 -39.19 -0.47
N SER G 412 -25.50 -37.92 -0.13
CA SER G 412 -26.50 -36.85 -0.32
C SER G 412 -26.79 -36.69 -1.81
N GLY G 413 -25.74 -36.68 -2.63
CA GLY G 413 -25.87 -36.57 -4.08
C GLY G 413 -26.69 -37.70 -4.69
N LYS G 414 -26.49 -38.96 -4.23
CA LYS G 414 -27.25 -40.10 -4.74
C LYS G 414 -28.73 -39.94 -4.35
N LEU G 415 -28.98 -39.57 -3.10
CA LEU G 415 -30.35 -39.42 -2.62
C LEU G 415 -31.11 -38.33 -3.39
N ARG G 416 -30.46 -37.20 -3.68
CA ARG G 416 -31.08 -36.07 -4.36
C ARG G 416 -31.12 -36.19 -5.90
N GLY G 417 -30.52 -37.24 -6.45
CA GLY G 417 -30.51 -37.43 -7.90
C GLY G 417 -29.35 -36.80 -8.63
N PHE G 418 -28.39 -36.20 -7.92
CA PHE G 418 -27.20 -35.61 -8.54
C PHE G 418 -26.28 -36.70 -9.09
N LEU G 419 -26.17 -37.84 -8.38
CA LEU G 419 -25.21 -38.89 -8.68
C LEU G 419 -25.81 -40.26 -8.74
N ARG G 420 -25.15 -41.13 -9.49
CA ARG G 420 -25.51 -42.54 -9.60
C ARG G 420 -24.20 -43.35 -9.56
N VAL G 421 -24.29 -44.66 -9.25
CA VAL G 421 -23.17 -45.58 -9.30
C VAL G 421 -22.66 -45.62 -10.75
N GLY G 422 -21.35 -45.57 -10.93
CA GLY G 422 -20.76 -45.53 -12.26
C GLY G 422 -20.41 -44.12 -12.73
N ASP G 423 -21.00 -43.08 -12.11
CA ASP G 423 -20.68 -41.70 -12.48
C ASP G 423 -19.25 -41.37 -12.08
N LEU G 424 -18.66 -40.36 -12.73
CA LEU G 424 -17.36 -39.86 -12.32
C LEU G 424 -17.60 -38.55 -11.57
N VAL G 425 -16.87 -38.36 -10.47
CA VAL G 425 -16.92 -37.12 -9.71
C VAL G 425 -15.50 -36.64 -9.49
N ILE G 426 -15.35 -35.33 -9.34
CA ILE G 426 -14.08 -34.72 -9.04
C ILE G 426 -14.17 -34.33 -7.54
N VAL G 427 -13.17 -34.66 -6.74
CA VAL G 427 -13.19 -34.37 -5.32
C VAL G 427 -12.08 -33.38 -5.02
N VAL G 428 -12.43 -32.27 -4.36
CA VAL G 428 -11.49 -31.21 -4.04
C VAL G 428 -11.35 -31.07 -2.54
N THR G 429 -10.12 -31.17 -2.04
CA THR G 429 -9.80 -31.06 -0.60
C THR G 429 -8.42 -30.35 -0.44
N GLY G 430 -7.96 -30.19 0.81
CA GLY G 430 -6.67 -29.61 1.11
C GLY G 430 -5.73 -30.57 1.82
N TRP G 431 -4.47 -30.16 2.00
CA TRP G 431 -3.45 -31.03 2.58
C TRP G 431 -3.39 -31.04 4.11
N ARG G 432 -4.12 -30.13 4.75
CA ARG G 432 -4.15 -30.06 6.22
C ARG G 432 -5.48 -29.39 6.66
N PRO G 433 -5.90 -29.61 7.92
CA PRO G 433 -7.12 -28.97 8.40
C PRO G 433 -7.01 -27.45 8.46
N GLY G 434 -8.17 -26.82 8.46
CA GLY G 434 -8.28 -25.39 8.48
C GLY G 434 -8.50 -24.83 7.09
N SER G 435 -9.19 -23.71 7.04
CA SER G 435 -9.46 -22.97 5.82
C SER G 435 -8.15 -22.45 5.16
N GLY G 436 -8.11 -22.35 3.83
CA GLY G 436 -7.00 -21.75 3.06
C GLY G 436 -5.96 -22.70 2.46
N TYR G 437 -6.13 -24.02 2.61
CA TYR G 437 -5.14 -24.98 2.15
C TYR G 437 -5.60 -25.94 1.07
N THR G 438 -6.70 -25.64 0.36
CA THR G 438 -7.17 -26.51 -0.73
C THR G 438 -6.07 -26.62 -1.79
N ASN G 439 -5.70 -27.84 -2.14
CA ASN G 439 -4.64 -28.05 -3.12
C ASN G 439 -4.72 -29.42 -3.80
N ILE G 440 -5.79 -30.20 -3.58
CA ILE G 440 -5.90 -31.55 -4.13
C ILE G 440 -7.16 -31.75 -4.93
N MET G 441 -7.00 -32.40 -6.08
CA MET G 441 -8.09 -32.77 -6.93
C MET G 441 -7.99 -34.28 -7.21
N ARG G 442 -9.08 -35.02 -7.00
CA ARG G 442 -9.10 -36.45 -7.24
C ARG G 442 -10.23 -36.85 -8.17
N VAL G 443 -10.00 -37.83 -9.03
CA VAL G 443 -11.02 -38.32 -9.94
C VAL G 443 -11.52 -39.62 -9.32
N LEU G 444 -12.82 -39.66 -8.98
CA LEU G 444 -13.40 -40.83 -8.33
C LEU G 444 -14.52 -41.41 -9.16
N SER G 445 -14.57 -42.74 -9.22
CA SER G 445 -15.69 -43.42 -9.83
C SER G 445 -16.67 -43.74 -8.66
N ILE G 446 -17.95 -43.38 -8.80
CA ILE G 446 -18.93 -43.60 -7.75
C ILE G 446 -19.27 -45.10 -7.62
N SER G 447 -19.05 -45.68 -6.44
CA SER G 447 -19.39 -47.07 -6.19
C SER G 447 -20.64 -47.16 -5.29
N GLY H 23 7.97 -11.30 -10.88
CA GLY H 23 8.78 -10.22 -11.41
C GLY H 23 8.65 -10.02 -12.90
N THR H 24 9.05 -8.85 -13.39
CA THR H 24 9.00 -8.53 -14.82
C THR H 24 10.01 -9.37 -15.62
N ALA H 25 11.17 -9.68 -15.02
CA ALA H 25 12.20 -10.48 -15.67
C ALA H 25 11.69 -11.87 -16.04
N PHE H 26 10.83 -12.46 -15.20
CA PHE H 26 10.23 -13.76 -15.44
C PHE H 26 9.38 -13.72 -16.71
N PHE H 27 8.55 -12.68 -16.85
CA PHE H 27 7.65 -12.57 -18.01
C PHE H 27 8.33 -12.09 -19.30
N GLN H 28 9.64 -11.83 -19.26
CA GLN H 28 10.39 -11.46 -20.45
C GLN H 28 11.09 -12.71 -21.07
N GLN H 29 11.45 -13.70 -20.23
CA GLN H 29 12.12 -14.94 -20.61
C GLN H 29 11.17 -15.94 -21.29
N GLN H 30 11.76 -17.04 -21.87
CA GLN H 30 11.10 -18.16 -22.54
C GLN H 30 9.93 -17.78 -23.45
N GLN H 31 10.10 -16.68 -24.21
CA GLN H 31 9.11 -16.16 -25.14
C GLN H 31 7.72 -15.95 -24.52
N LEU H 32 7.67 -15.59 -23.23
CA LEU H 32 6.39 -15.35 -22.56
C LEU H 32 5.59 -14.18 -23.18
N PRO H 33 6.18 -13.05 -23.65
CA PRO H 33 5.35 -12.04 -24.36
C PRO H 33 4.65 -12.64 -25.60
N ALA H 34 5.37 -13.45 -26.40
CA ALA H 34 4.78 -14.11 -27.58
C ALA H 34 3.74 -15.19 -27.19
N ALA H 35 3.91 -15.79 -26.00
CA ALA H 35 3.00 -16.80 -25.49
C ALA H 35 1.64 -16.22 -25.12
N MET H 36 1.61 -14.97 -24.62
CA MET H 36 0.36 -14.34 -24.22
C MET H 36 -0.42 -13.70 -25.40
N ALA H 37 0.10 -13.78 -26.64
CA ALA H 37 -0.54 -13.17 -27.80
C ALA H 37 -1.90 -13.76 -28.20
N ASP H 38 -2.82 -12.92 -28.69
CA ASP H 38 -4.18 -13.32 -29.06
C ASP H 38 -4.31 -13.95 -30.43
N THR H 39 -3.34 -13.72 -31.33
CA THR H 39 -3.36 -14.35 -32.65
C THR H 39 -1.98 -14.95 -32.96
N PHE H 40 -1.93 -15.90 -33.93
CA PHE H 40 -0.65 -16.48 -34.34
C PHE H 40 0.23 -15.40 -34.99
N LEU H 41 -0.38 -14.45 -35.74
CA LEU H 41 0.38 -13.36 -36.36
C LEU H 41 1.07 -12.51 -35.29
N GLU H 42 0.33 -12.12 -34.23
CA GLU H 42 0.91 -11.34 -33.13
C GLU H 42 1.96 -12.15 -32.37
N HIS H 43 1.76 -13.47 -32.25
CA HIS H 43 2.72 -14.39 -31.62
C HIS H 43 4.05 -14.33 -32.38
N LEU H 44 4.00 -14.40 -33.73
CA LEU H 44 5.20 -14.32 -34.57
C LEU H 44 5.89 -12.97 -34.39
N CYS H 45 5.10 -11.87 -34.42
CA CYS H 45 5.60 -10.50 -34.29
C CYS H 45 6.29 -10.25 -32.95
N LEU H 46 5.95 -11.01 -31.90
CA LEU H 46 6.51 -10.82 -30.57
C LEU H 46 7.70 -11.75 -30.26
N LEU H 47 8.08 -12.68 -31.17
CA LEU H 47 9.23 -13.56 -30.93
C LEU H 47 10.49 -12.70 -30.78
N ASP H 48 11.27 -12.98 -29.73
CA ASP H 48 12.41 -12.15 -29.36
C ASP H 48 13.70 -12.96 -29.20
N ILE H 49 14.73 -12.61 -29.98
CA ILE H 49 16.03 -13.29 -29.88
C ILE H 49 16.73 -13.03 -28.53
N ASP H 50 16.32 -12.00 -27.79
CA ASP H 50 16.87 -11.73 -26.46
C ASP H 50 16.13 -12.46 -25.34
N SER H 51 14.98 -13.09 -25.65
CA SER H 51 14.22 -13.83 -24.64
C SER H 51 14.85 -15.22 -24.51
N GLU H 52 15.57 -15.45 -23.42
CA GLU H 52 16.31 -16.69 -23.21
C GLU H 52 15.48 -17.86 -22.72
N PRO H 53 15.75 -19.08 -23.24
CA PRO H 53 14.99 -20.24 -22.79
C PRO H 53 15.31 -20.58 -21.34
N VAL H 54 14.32 -21.01 -20.57
CA VAL H 54 14.52 -21.35 -19.16
C VAL H 54 14.21 -22.83 -18.93
N ALA H 55 13.15 -23.33 -19.57
CA ALA H 55 12.73 -24.71 -19.45
C ALA H 55 13.81 -25.70 -19.90
N ALA H 56 13.79 -26.92 -19.34
CA ALA H 56 14.69 -27.97 -19.77
C ALA H 56 14.24 -28.40 -21.21
N ARG H 57 15.20 -28.82 -22.01
CA ARG H 57 14.94 -29.21 -23.40
C ARG H 57 14.07 -30.45 -23.43
N SER H 58 12.90 -30.34 -24.04
CA SER H 58 11.90 -31.39 -24.02
C SER H 58 11.90 -32.38 -25.21
N THR H 59 12.38 -31.98 -26.39
CA THR H 59 12.42 -32.88 -27.56
C THR H 59 13.63 -33.79 -27.41
N SER H 60 13.43 -35.11 -27.38
CA SER H 60 14.56 -36.03 -27.23
C SER H 60 15.43 -36.12 -28.48
N ILE H 61 16.72 -36.38 -28.24
CA ILE H 61 17.68 -36.52 -29.32
C ILE H 61 18.06 -37.98 -29.48
N ILE H 62 17.93 -38.51 -30.69
CA ILE H 62 18.36 -39.85 -31.03
C ILE H 62 19.70 -39.72 -31.79
N ALA H 63 20.75 -40.36 -31.31
CA ALA H 63 22.04 -40.34 -31.97
C ALA H 63 22.36 -41.73 -32.50
N THR H 64 22.73 -41.84 -33.79
CA THR H 64 23.10 -43.13 -34.37
C THR H 64 24.54 -43.43 -33.99
N ILE H 65 24.77 -44.66 -33.49
CA ILE H 65 26.06 -45.12 -33.02
C ILE H 65 26.83 -45.71 -34.20
N GLY H 66 28.10 -45.35 -34.29
CA GLY H 66 28.99 -45.82 -35.33
C GLY H 66 30.44 -45.63 -34.92
N PRO H 67 31.39 -45.73 -35.88
CA PRO H 67 32.81 -45.53 -35.54
C PRO H 67 33.16 -44.23 -34.83
N ALA H 68 32.42 -43.15 -35.10
CA ALA H 68 32.68 -41.87 -34.44
C ALA H 68 32.09 -41.75 -33.03
N SER H 69 31.26 -42.70 -32.61
CA SER H 69 30.55 -42.58 -31.34
C SER H 69 30.51 -43.90 -30.56
N ARG H 70 31.45 -44.81 -30.79
CA ARG H 70 31.44 -46.08 -30.07
C ARG H 70 32.32 -46.07 -28.83
N SER H 71 33.29 -45.14 -28.75
CA SER H 71 34.16 -45.06 -27.60
C SER H 71 33.33 -44.79 -26.32
N VAL H 72 33.60 -45.54 -25.25
CA VAL H 72 32.92 -45.36 -23.96
C VAL H 72 33.08 -43.93 -23.44
N GLU H 73 34.31 -43.37 -23.58
CA GLU H 73 34.58 -42.00 -23.14
C GLU H 73 33.86 -40.96 -23.99
N ARG H 74 33.74 -41.24 -25.29
CA ARG H 74 32.99 -40.32 -26.14
C ARG H 74 31.46 -40.44 -25.86
N LEU H 75 30.97 -41.65 -25.56
CA LEU H 75 29.56 -41.86 -25.23
C LEU H 75 29.19 -41.11 -23.94
N LYS H 76 30.14 -41.02 -22.99
CA LYS H 76 29.91 -40.24 -21.75
C LYS H 76 29.71 -38.76 -22.11
N GLU H 77 30.50 -38.24 -23.07
CA GLU H 77 30.33 -36.84 -23.50
C GLU H 77 29.01 -36.64 -24.26
N MET H 78 28.58 -37.61 -25.06
CA MET H 78 27.33 -37.51 -25.80
CA MET H 78 27.33 -37.51 -25.80
C MET H 78 26.13 -37.53 -24.86
N ILE H 79 26.20 -38.32 -23.77
CA ILE H 79 25.12 -38.38 -22.78
C ILE H 79 25.02 -37.02 -22.09
N LYS H 80 26.19 -36.45 -21.71
CA LYS H 80 26.24 -35.12 -21.10
C LYS H 80 25.74 -34.04 -22.04
N ALA H 81 26.02 -34.15 -23.35
CA ALA H 81 25.60 -33.19 -24.38
C ALA H 81 24.06 -33.22 -24.64
N GLY H 82 23.41 -34.33 -24.27
CA GLY H 82 21.97 -34.43 -24.43
C GLY H 82 21.40 -35.64 -25.15
N MET H 83 22.24 -36.61 -25.54
CA MET H 83 21.74 -37.81 -26.22
C MET H 83 20.80 -38.58 -25.28
N ASN H 84 19.58 -38.87 -25.75
CA ASN H 84 18.61 -39.60 -24.94
C ASN H 84 18.39 -41.02 -25.40
N ILE H 85 18.51 -41.25 -26.73
CA ILE H 85 18.30 -42.57 -27.33
C ILE H 85 19.47 -42.87 -28.28
N ALA H 86 20.05 -44.06 -28.15
CA ALA H 86 21.13 -44.51 -29.02
C ALA H 86 20.53 -45.43 -30.11
N ARG H 87 20.71 -45.07 -31.38
CA ARG H 87 20.18 -45.87 -32.49
C ARG H 87 21.26 -46.77 -33.08
N LEU H 88 20.95 -48.07 -33.21
CA LEU H 88 21.84 -49.05 -33.84
C LEU H 88 21.27 -49.31 -35.22
N ASN H 89 22.00 -48.93 -36.27
CA ASN H 89 21.51 -49.13 -37.62
C ASN H 89 21.92 -50.50 -38.14
N PHE H 90 20.98 -51.46 -38.15
CA PHE H 90 21.28 -52.81 -38.61
C PHE H 90 21.40 -52.96 -40.13
N SER H 91 21.36 -51.85 -40.89
CA SER H 91 21.64 -51.90 -42.33
C SER H 91 23.15 -52.17 -42.56
N HIS H 92 24.01 -51.81 -41.59
CA HIS H 92 25.46 -52.00 -41.64
C HIS H 92 25.95 -52.66 -40.35
N GLY H 93 27.08 -53.36 -40.40
CA GLY H 93 27.64 -54.01 -39.22
C GLY H 93 27.05 -55.37 -38.90
N SER H 94 27.85 -56.23 -38.29
CA SER H 94 27.43 -57.58 -37.90
C SER H 94 26.75 -57.58 -36.51
N HIS H 95 26.24 -58.74 -36.06
CA HIS H 95 25.67 -58.88 -34.72
C HIS H 95 26.74 -58.62 -33.66
N GLU H 96 27.98 -59.05 -33.91
CA GLU H 96 29.10 -58.84 -33.00
C GLU H 96 29.39 -57.35 -32.84
N TYR H 97 29.33 -56.61 -33.94
CA TYR H 97 29.57 -55.17 -33.92
C TYR H 97 28.47 -54.47 -33.08
N HIS H 98 27.22 -54.81 -33.33
CA HIS H 98 26.11 -54.18 -32.59
C HIS H 98 26.08 -54.58 -31.12
N ALA H 99 26.49 -55.81 -30.77
CA ALA H 99 26.56 -56.22 -29.36
C ALA H 99 27.62 -55.37 -28.63
N GLU H 100 28.74 -55.04 -29.30
CA GLU H 100 29.80 -54.20 -28.73
C GLU H 100 29.27 -52.78 -28.53
N SER H 101 28.50 -52.27 -29.50
CA SER H 101 27.90 -50.91 -29.43
C SER H 101 26.98 -50.85 -28.20
N ILE H 102 26.16 -51.87 -28.01
CA ILE H 102 25.24 -51.94 -26.88
C ILE H 102 26.00 -51.96 -25.55
N ALA H 103 27.03 -52.81 -25.46
CA ALA H 103 27.84 -52.91 -24.25
C ALA H 103 28.52 -51.58 -23.92
N ASN H 104 29.03 -50.89 -24.95
CA ASN H 104 29.71 -49.60 -24.76
C ASN H 104 28.76 -48.53 -24.31
N VAL H 105 27.55 -48.49 -24.92
CA VAL H 105 26.51 -47.53 -24.52
C VAL H 105 26.14 -47.77 -23.05
N ARG H 106 25.86 -49.03 -22.69
CA ARG H 106 25.49 -49.37 -21.32
C ARG H 106 26.57 -49.06 -20.32
N GLU H 107 27.86 -49.28 -20.68
CA GLU H 107 28.96 -48.97 -19.77
C GLU H 107 29.01 -47.45 -19.51
N ALA H 108 28.86 -46.65 -20.56
CA ALA H 108 28.89 -45.22 -20.44
C ALA H 108 27.68 -44.72 -19.60
N VAL H 109 26.48 -45.24 -19.88
CA VAL H 109 25.27 -44.85 -19.14
C VAL H 109 25.38 -45.22 -17.65
N GLU H 110 25.82 -46.46 -17.38
CA GLU H 110 25.91 -46.93 -16.00
C GLU H 110 27.07 -46.34 -15.21
N SER H 111 28.01 -45.64 -15.88
CA SER H 111 29.09 -44.96 -15.16
C SER H 111 28.57 -43.80 -14.29
N PHE H 112 27.35 -43.32 -14.56
CA PHE H 112 26.72 -42.25 -13.81
C PHE H 112 25.72 -42.77 -12.74
N ALA H 113 25.49 -44.10 -12.64
CA ALA H 113 24.52 -44.67 -11.71
C ALA H 113 24.84 -44.51 -10.22
N GLY H 114 26.11 -44.23 -9.89
CA GLY H 114 26.54 -43.98 -8.52
C GLY H 114 25.98 -42.71 -7.92
N SER H 115 25.42 -41.81 -8.76
CA SER H 115 24.76 -40.60 -8.28
C SER H 115 23.30 -40.65 -8.79
N PRO H 116 22.42 -41.30 -8.02
CA PRO H 116 21.02 -41.45 -8.47
C PRO H 116 20.23 -40.19 -8.77
N LEU H 117 20.55 -39.06 -8.10
CA LEU H 117 19.84 -37.81 -8.32
C LEU H 117 20.16 -37.17 -9.68
N SER H 118 21.25 -37.57 -10.33
CA SER H 118 21.61 -36.97 -11.64
C SER H 118 21.68 -38.01 -12.79
N TYR H 119 21.51 -39.30 -12.49
CA TYR H 119 21.57 -40.39 -13.46
C TYR H 119 20.57 -40.17 -14.62
N ARG H 120 21.06 -40.25 -15.85
CA ARG H 120 20.19 -40.09 -17.00
C ARG H 120 20.02 -41.42 -17.71
N PRO H 121 18.78 -41.96 -17.73
CA PRO H 121 18.53 -43.16 -18.53
C PRO H 121 18.73 -42.86 -20.02
N VAL H 122 19.16 -43.85 -20.78
CA VAL H 122 19.37 -43.69 -22.22
C VAL H 122 18.80 -44.94 -22.87
N ALA H 123 17.86 -44.75 -23.81
CA ALA H 123 17.24 -45.89 -24.48
C ALA H 123 18.14 -46.46 -25.59
N ILE H 124 17.93 -47.72 -25.96
CA ILE H 124 18.64 -48.35 -27.05
C ILE H 124 17.61 -48.77 -28.08
N ALA H 125 17.72 -48.24 -29.30
CA ALA H 125 16.79 -48.52 -30.37
C ALA H 125 17.47 -49.29 -31.50
N LEU H 126 16.80 -50.33 -31.99
CA LEU H 126 17.31 -51.16 -33.09
C LEU H 126 16.59 -50.76 -34.34
N ASP H 127 17.32 -50.26 -35.33
CA ASP H 127 16.73 -49.84 -36.59
C ASP H 127 16.98 -50.96 -37.62
N THR H 128 15.92 -51.60 -38.10
CA THR H 128 16.07 -52.75 -38.99
C THR H 128 16.53 -52.45 -40.42
N LYS H 129 17.14 -53.44 -41.08
CA LYS H 129 17.60 -53.30 -42.45
C LYS H 129 16.41 -53.09 -43.40
N GLY H 130 15.33 -53.83 -43.17
CA GLY H 130 14.15 -53.69 -43.98
C GLY H 130 13.86 -54.88 -44.91
N PRO H 131 12.71 -54.82 -45.59
CA PRO H 131 12.31 -55.94 -46.44
C PRO H 131 13.04 -56.04 -47.79
N GLY H 132 13.67 -54.95 -48.21
CA GLY H 132 14.37 -54.90 -49.48
C GLY H 132 13.39 -55.05 -50.63
N SER H 133 13.67 -55.99 -51.53
CA SER H 133 12.79 -56.28 -52.67
C SER H 133 11.58 -57.16 -52.30
N GLY H 134 11.62 -57.82 -51.13
CA GLY H 134 10.56 -58.71 -50.68
C GLY H 134 9.27 -58.02 -50.27
N PRO H 135 8.20 -58.82 -50.10
CA PRO H 135 6.89 -58.22 -49.76
C PRO H 135 6.61 -58.01 -48.27
N GLY H 136 7.28 -58.77 -47.42
CA GLY H 136 7.08 -58.69 -45.97
C GLY H 136 8.37 -58.80 -45.19
N LEU H 137 8.29 -59.30 -43.94
CA LEU H 137 9.44 -59.43 -43.04
C LEU H 137 10.54 -60.34 -43.58
N SER H 138 11.72 -59.76 -43.83
CA SER H 138 12.85 -60.51 -44.36
C SER H 138 13.45 -61.47 -43.31
N GLU H 139 14.21 -62.48 -43.76
CA GLU H 139 14.84 -63.43 -42.87
C GLU H 139 15.92 -62.76 -42.02
N GLN H 140 16.64 -61.77 -42.58
CA GLN H 140 17.65 -61.05 -41.80
C GLN H 140 16.97 -60.25 -40.69
N ASP H 141 15.80 -59.63 -40.98
CA ASP H 141 15.06 -58.89 -39.96
C ASP H 141 14.58 -59.80 -38.83
N VAL H 142 14.17 -61.04 -39.15
CA VAL H 142 13.76 -62.00 -38.11
C VAL H 142 14.94 -62.28 -37.17
N ARG H 143 16.15 -62.47 -37.72
CA ARG H 143 17.33 -62.72 -36.91
C ARG H 143 17.77 -61.50 -36.12
N ASP H 144 17.67 -60.31 -36.73
CA ASP H 144 18.06 -59.06 -36.07
C ASP H 144 17.10 -58.71 -34.93
N LEU H 145 15.80 -58.95 -35.11
CA LEU H 145 14.79 -58.70 -34.08
C LEU H 145 14.97 -59.67 -32.91
N ARG H 146 15.34 -60.92 -33.19
CA ARG H 146 15.64 -61.91 -32.17
C ARG H 146 16.85 -61.46 -31.36
N PHE H 147 17.89 -60.93 -32.05
CA PHE H 147 19.09 -60.38 -31.40
C PHE H 147 18.67 -59.23 -30.47
N GLY H 148 17.78 -58.37 -30.94
CA GLY H 148 17.27 -57.23 -30.18
C GLY H 148 16.65 -57.66 -28.86
N VAL H 149 15.79 -58.68 -28.90
CA VAL H 149 15.15 -59.20 -27.69
C VAL H 149 16.19 -59.80 -26.75
N GLU H 150 17.11 -60.60 -27.29
CA GLU H 150 18.16 -61.23 -26.49
C GLU H 150 19.09 -60.20 -25.84
N HIS H 151 19.29 -59.06 -26.49
CA HIS H 151 20.15 -58.01 -25.92
C HIS H 151 19.36 -56.91 -25.17
N GLY H 152 18.06 -57.09 -24.96
CA GLY H 152 17.22 -56.17 -24.20
C GLY H 152 17.05 -54.78 -24.76
N VAL H 153 16.92 -54.64 -26.09
CA VAL H 153 16.67 -53.31 -26.67
C VAL H 153 15.30 -52.77 -26.23
N ASP H 154 15.18 -51.45 -26.15
CA ASP H 154 13.94 -50.82 -25.69
C ASP H 154 12.95 -50.55 -26.80
N ILE H 155 13.48 -50.22 -27.98
CA ILE H 155 12.67 -49.76 -29.10
C ILE H 155 13.14 -50.41 -30.40
N VAL H 156 12.22 -50.61 -31.32
CA VAL H 156 12.54 -51.04 -32.66
C VAL H 156 12.03 -49.96 -33.60
N PHE H 157 12.91 -49.47 -34.49
CA PHE H 157 12.51 -48.57 -35.57
C PHE H 157 12.38 -49.52 -36.78
N ALA H 158 11.15 -49.93 -37.09
CA ALA H 158 10.89 -50.90 -38.18
C ALA H 158 10.92 -50.23 -39.55
N SER H 159 11.92 -50.54 -40.37
CA SER H 159 12.07 -49.97 -41.69
C SER H 159 11.00 -50.39 -42.69
N PHE H 160 10.66 -49.45 -43.58
CA PHE H 160 9.72 -49.61 -44.68
C PHE H 160 8.41 -50.26 -44.30
N VAL H 161 7.72 -49.72 -43.27
CA VAL H 161 6.43 -50.24 -42.88
C VAL H 161 5.42 -49.71 -43.89
N ARG H 162 4.70 -50.63 -44.56
CA ARG H 162 3.74 -50.24 -45.61
C ARG H 162 2.29 -50.49 -45.24
N LYS H 163 2.03 -51.30 -44.22
CA LYS H 163 0.68 -51.67 -43.82
C LYS H 163 0.68 -52.26 -42.40
N ALA H 164 -0.51 -52.39 -41.78
CA ALA H 164 -0.68 -52.91 -40.43
C ALA H 164 -0.07 -54.31 -40.24
N SER H 165 -0.17 -55.18 -41.25
CA SER H 165 0.37 -56.55 -41.15
C SER H 165 1.89 -56.56 -41.04
N ASP H 166 2.58 -55.51 -41.55
CA ASP H 166 4.03 -55.42 -41.40
C ASP H 166 4.37 -55.23 -39.91
N VAL H 167 3.57 -54.45 -39.17
CA VAL H 167 3.78 -54.21 -37.75
C VAL H 167 3.52 -55.50 -36.97
N ALA H 168 2.45 -56.23 -37.34
CA ALA H 168 2.12 -57.50 -36.70
C ALA H 168 3.27 -58.50 -36.88
N ALA H 169 3.89 -58.54 -38.05
CA ALA H 169 5.01 -59.43 -38.33
C ALA H 169 6.23 -59.09 -37.45
N VAL H 170 6.51 -57.79 -37.24
CA VAL H 170 7.62 -57.34 -36.40
C VAL H 170 7.34 -57.76 -34.97
N ARG H 171 6.11 -57.52 -34.50
N ARG H 171 6.10 -57.52 -34.49
CA ARG H 171 5.69 -57.88 -33.14
CA ARG H 171 5.68 -57.89 -33.15
C ARG H 171 5.82 -59.39 -32.91
C ARG H 171 5.83 -59.40 -32.93
N ALA H 172 5.40 -60.22 -33.88
CA ALA H 172 5.51 -61.68 -33.81
C ALA H 172 6.97 -62.14 -33.76
N ALA H 173 7.84 -61.52 -34.57
CA ALA H 173 9.28 -61.85 -34.57
C ALA H 173 9.97 -61.50 -33.24
N LEU H 174 9.43 -60.54 -32.49
CA LEU H 174 9.97 -60.18 -31.17
C LEU H 174 9.63 -61.26 -30.10
N GLY H 175 8.59 -62.07 -30.35
CA GLY H 175 8.21 -63.19 -29.50
C GLY H 175 7.54 -62.84 -28.19
N PRO H 176 7.31 -63.86 -27.37
CA PRO H 176 6.67 -63.60 -26.06
C PRO H 176 7.52 -62.80 -25.09
N GLU H 177 8.84 -62.85 -25.23
CA GLU H 177 9.73 -62.09 -24.35
C GLU H 177 9.94 -60.61 -24.79
N GLY H 178 9.49 -60.24 -25.98
CA GLY H 178 9.64 -58.88 -26.47
C GLY H 178 8.36 -58.07 -26.50
N HIS H 179 7.37 -58.44 -25.65
CA HIS H 179 6.08 -57.73 -25.59
CA HIS H 179 6.09 -57.73 -25.59
C HIS H 179 6.21 -56.27 -25.13
N GLY H 180 7.19 -55.98 -24.28
CA GLY H 180 7.39 -54.64 -23.75
C GLY H 180 8.19 -53.69 -24.64
N ILE H 181 8.74 -54.19 -25.76
CA ILE H 181 9.52 -53.37 -26.69
C ILE H 181 8.59 -52.47 -27.50
N LYS H 182 8.93 -51.17 -27.61
CA LYS H 182 8.11 -50.24 -28.37
C LYS H 182 8.41 -50.36 -29.86
N ILE H 183 7.37 -50.41 -30.69
CA ILE H 183 7.58 -50.48 -32.14
C ILE H 183 7.24 -49.14 -32.77
N ILE H 184 8.27 -48.49 -33.33
CA ILE H 184 8.11 -47.22 -34.02
C ILE H 184 8.19 -47.56 -35.52
N SER H 185 7.09 -47.38 -36.24
CA SER H 185 7.06 -47.69 -37.67
C SER H 185 7.67 -46.59 -38.51
N LYS H 186 8.65 -46.94 -39.35
CA LYS H 186 9.26 -45.95 -40.25
C LYS H 186 8.44 -45.85 -41.53
N ILE H 187 7.97 -44.64 -41.85
CA ILE H 187 7.20 -44.41 -43.07
C ILE H 187 8.21 -43.89 -44.07
N GLU H 188 8.46 -44.66 -45.13
CA GLU H 188 9.51 -44.36 -46.09
C GLU H 188 9.06 -44.38 -47.55
N ASN H 189 7.78 -44.60 -47.83
CA ASN H 189 7.31 -44.65 -49.21
C ASN H 189 5.85 -44.23 -49.34
N HIS H 190 5.36 -44.16 -50.59
CA HIS H 190 4.00 -43.73 -50.87
C HIS H 190 2.95 -44.58 -50.16
N GLU H 191 3.12 -45.91 -50.19
CA GLU H 191 2.14 -46.79 -49.56
C GLU H 191 2.04 -46.58 -48.05
N GLY H 192 3.19 -46.39 -47.39
CA GLY H 192 3.21 -46.13 -45.94
C GLY H 192 2.46 -44.86 -45.59
N VAL H 193 2.59 -43.81 -46.44
CA VAL H 193 1.89 -42.55 -46.23
C VAL H 193 0.38 -42.74 -46.44
N LYS H 194 0.00 -43.44 -47.52
CA LYS H 194 -1.42 -43.67 -47.80
C LYS H 194 -2.10 -44.58 -46.80
N ARG H 195 -1.38 -45.56 -46.27
CA ARG H 195 -1.94 -46.45 -45.24
C ARG H 195 -1.52 -46.02 -43.82
N PHE H 196 -1.16 -44.75 -43.64
CA PHE H 196 -0.70 -44.22 -42.36
C PHE H 196 -1.62 -44.52 -41.19
N ASP H 197 -2.93 -44.26 -41.34
CA ASP H 197 -3.85 -44.46 -40.22
C ASP H 197 -3.86 -45.88 -39.69
N GLU H 198 -3.89 -46.88 -40.58
CA GLU H 198 -3.88 -48.28 -40.12
C GLU H 198 -2.54 -48.68 -39.48
N ILE H 199 -1.44 -48.06 -39.94
CA ILE H 199 -0.11 -48.33 -39.38
C ILE H 199 -0.01 -47.72 -37.98
N LEU H 200 -0.40 -46.45 -37.82
CA LEU H 200 -0.33 -45.76 -36.53
C LEU H 200 -1.18 -46.47 -35.48
N GLU H 201 -2.37 -46.95 -35.86
CA GLU H 201 -3.28 -47.65 -34.96
C GLU H 201 -2.62 -48.82 -34.24
N VAL H 202 -1.79 -49.60 -34.94
CA VAL H 202 -1.12 -50.76 -34.34
C VAL H 202 0.31 -50.51 -33.89
N SER H 203 0.87 -49.32 -34.14
CA SER H 203 2.24 -49.01 -33.76
C SER H 203 2.27 -48.22 -32.44
N ASP H 204 3.43 -48.20 -31.78
CA ASP H 204 3.60 -47.35 -30.62
C ASP H 204 3.89 -45.88 -31.03
N GLY H 205 4.42 -45.69 -32.23
CA GLY H 205 4.77 -44.40 -32.76
C GLY H 205 5.26 -44.50 -34.19
N ILE H 206 5.72 -43.36 -34.73
CA ILE H 206 6.12 -43.27 -36.13
C ILE H 206 7.45 -42.54 -36.29
N MET H 207 8.21 -42.94 -37.31
CA MET H 207 9.39 -42.20 -37.69
C MET H 207 9.16 -41.68 -39.12
N VAL H 208 9.32 -40.37 -39.33
CA VAL H 208 9.25 -39.78 -40.66
C VAL H 208 10.67 -39.99 -41.22
N ALA H 209 10.87 -41.08 -41.97
CA ALA H 209 12.18 -41.46 -42.49
C ALA H 209 12.41 -40.77 -43.81
N ARG H 210 12.88 -39.52 -43.76
CA ARG H 210 12.94 -38.63 -44.90
C ARG H 210 13.93 -39.02 -46.01
N GLY H 211 14.97 -39.77 -45.68
CA GLY H 211 15.97 -40.22 -46.66
C GLY H 211 15.32 -41.00 -47.79
N ASP H 212 14.74 -42.16 -47.46
CA ASP H 212 14.03 -42.99 -48.43
C ASP H 212 12.74 -42.34 -48.88
N LEU H 213 12.01 -41.64 -47.98
CA LEU H 213 10.78 -40.97 -48.39
C LEU H 213 11.03 -39.96 -49.52
N GLY H 214 12.14 -39.22 -49.44
CA GLY H 214 12.54 -38.23 -50.43
C GLY H 214 13.00 -38.80 -51.77
N ILE H 215 13.17 -40.12 -51.86
CA ILE H 215 13.51 -40.81 -53.09
C ILE H 215 12.29 -41.59 -53.64
N GLU H 216 11.39 -42.05 -52.74
CA GLU H 216 10.18 -42.78 -53.06
C GLU H 216 9.07 -41.86 -53.55
N ILE H 217 8.97 -40.66 -52.99
CA ILE H 217 8.01 -39.67 -53.45
C ILE H 217 8.79 -38.42 -53.91
N PRO H 218 8.20 -37.49 -54.68
CA PRO H 218 8.96 -36.28 -55.08
C PRO H 218 9.52 -35.54 -53.85
N ALA H 219 10.79 -35.12 -53.90
CA ALA H 219 11.47 -34.45 -52.79
C ALA H 219 10.68 -33.24 -52.25
N GLU H 220 10.04 -32.50 -53.15
CA GLU H 220 9.26 -31.30 -52.82
C GLU H 220 7.94 -31.62 -52.09
N LYS H 221 7.58 -32.91 -51.92
CA LYS H 221 6.36 -33.28 -51.20
C LYS H 221 6.65 -33.80 -49.77
N VAL H 222 7.92 -34.09 -49.44
CA VAL H 222 8.27 -34.66 -48.13
C VAL H 222 7.78 -33.80 -46.95
N PHE H 223 7.89 -32.46 -47.04
CA PHE H 223 7.41 -31.60 -45.95
C PHE H 223 5.92 -31.78 -45.66
N LEU H 224 5.13 -32.10 -46.71
CA LEU H 224 3.68 -32.32 -46.54
C LEU H 224 3.46 -33.60 -45.76
N ALA H 225 4.19 -34.67 -46.11
CA ALA H 225 4.09 -35.95 -45.42
C ALA H 225 4.57 -35.80 -43.98
N GLN H 226 5.66 -35.06 -43.75
CA GLN H 226 6.19 -34.83 -42.41
C GLN H 226 5.16 -34.10 -41.54
N LYS H 227 4.65 -32.96 -42.03
CA LYS H 227 3.71 -32.15 -41.25
C LYS H 227 2.41 -32.89 -40.99
N MET H 228 1.91 -33.66 -41.98
CA MET H 228 0.70 -34.46 -41.81
C MET H 228 0.91 -35.56 -40.73
N MET H 229 2.00 -36.32 -40.83
CA MET H 229 2.26 -37.41 -39.90
C MET H 229 2.48 -36.92 -38.48
N ILE H 230 3.20 -35.79 -38.33
CA ILE H 230 3.41 -35.23 -36.98
C ILE H 230 2.06 -34.78 -36.41
N GLY H 231 1.24 -34.10 -37.21
CA GLY H 231 -0.09 -33.67 -36.78
C GLY H 231 -0.96 -34.84 -36.35
N ARG H 232 -0.99 -35.92 -37.14
CA ARG H 232 -1.79 -37.10 -36.79
C ARG H 232 -1.29 -37.85 -35.55
N CYS H 233 0.05 -37.90 -35.36
CA CYS H 233 0.63 -38.53 -34.18
C CYS H 233 0.33 -37.69 -32.94
N ASN H 234 0.40 -36.35 -33.07
CA ASN H 234 0.07 -35.44 -31.96
C ASN H 234 -1.41 -35.62 -31.57
N LEU H 235 -2.28 -35.75 -32.56
CA LEU H 235 -3.72 -35.97 -32.33
C LEU H 235 -3.94 -37.32 -31.60
N ALA H 236 -3.22 -38.36 -32.02
CA ALA H 236 -3.34 -39.68 -31.39
C ALA H 236 -2.61 -39.79 -30.03
N GLY H 237 -1.77 -38.82 -29.67
CA GLY H 237 -0.98 -38.88 -28.45
C GLY H 237 0.10 -39.94 -28.50
N LYS H 238 0.64 -40.21 -29.72
CA LYS H 238 1.70 -41.21 -29.90
C LYS H 238 2.97 -40.55 -30.40
N PRO H 239 4.14 -41.03 -29.92
CA PRO H 239 5.41 -40.40 -30.34
C PRO H 239 5.69 -40.37 -31.84
N VAL H 240 6.28 -39.26 -32.30
CA VAL H 240 6.69 -39.12 -33.68
C VAL H 240 8.13 -38.60 -33.74
N VAL H 241 8.96 -39.21 -34.59
CA VAL H 241 10.37 -38.87 -34.75
C VAL H 241 10.59 -38.23 -36.12
N CYS H 242 11.33 -37.13 -36.18
CA CYS H 242 11.74 -36.54 -37.46
C CYS H 242 13.18 -36.99 -37.68
N ALA H 243 13.47 -37.54 -38.86
CA ALA H 243 14.81 -38.07 -39.11
C ALA H 243 15.40 -37.66 -40.46
N THR H 244 16.76 -37.74 -40.57
CA THR H 244 17.64 -37.72 -41.74
C THR H 244 17.99 -36.35 -42.30
N GLN H 245 19.32 -36.12 -42.38
CA GLN H 245 19.98 -34.94 -42.93
C GLN H 245 19.63 -33.64 -42.22
N MET H 246 19.20 -33.72 -40.95
CA MET H 246 18.84 -32.53 -40.19
C MET H 246 20.00 -31.57 -40.01
N LEU H 247 21.22 -32.09 -39.77
CA LEU H 247 22.44 -31.28 -39.62
C LEU H 247 23.56 -31.91 -40.48
N GLU H 248 23.22 -32.40 -41.68
CA GLU H 248 24.12 -33.11 -42.58
C GLU H 248 25.52 -32.53 -42.75
N SER H 249 25.63 -31.22 -42.97
CA SER H 249 26.93 -30.58 -43.16
C SER H 249 27.87 -30.71 -41.94
N MET H 250 27.32 -30.97 -40.72
CA MET H 250 28.16 -31.17 -39.53
C MET H 250 28.94 -32.52 -39.53
N ILE H 251 28.76 -33.33 -40.58
CA ILE H 251 29.57 -34.54 -40.73
C ILE H 251 31.05 -34.10 -40.98
N THR H 252 31.26 -33.00 -41.73
CA THR H 252 32.60 -32.48 -42.03
C THR H 252 32.88 -31.09 -41.46
N LYS H 253 31.85 -30.32 -41.10
CA LYS H 253 32.04 -28.94 -40.65
C LYS H 253 31.59 -28.71 -39.22
N PRO H 254 32.28 -27.81 -38.49
CA PRO H 254 31.93 -27.58 -37.08
C PRO H 254 30.62 -26.84 -36.85
N ARG H 255 30.09 -26.16 -37.89
CA ARG H 255 28.83 -25.41 -37.77
C ARG H 255 27.89 -25.80 -38.91
N PRO H 256 26.57 -25.85 -38.62
CA PRO H 256 25.61 -26.25 -39.67
C PRO H 256 25.19 -25.09 -40.59
N THR H 257 24.48 -25.40 -41.68
CA THR H 257 23.99 -24.37 -42.58
C THR H 257 22.72 -23.72 -41.99
N ARG H 258 22.30 -22.58 -42.57
CA ARG H 258 21.09 -21.89 -42.15
C ARG H 258 19.84 -22.74 -42.41
N ALA H 259 19.84 -23.55 -43.48
CA ALA H 259 18.70 -24.43 -43.77
C ALA H 259 18.59 -25.56 -42.73
N GLU H 260 19.74 -26.05 -42.24
CA GLU H 260 19.80 -27.13 -41.25
C GLU H 260 19.29 -26.70 -39.88
N THR H 261 19.69 -25.51 -39.40
CA THR H 261 19.17 -25.03 -38.10
C THR H 261 17.68 -24.77 -38.21
N SER H 262 17.23 -24.23 -39.36
CA SER H 262 15.85 -23.97 -39.64
C SER H 262 15.04 -25.29 -39.64
N ASP H 263 15.58 -26.33 -40.26
CA ASP H 263 14.91 -27.64 -40.34
C ASP H 263 14.70 -28.24 -38.95
N VAL H 264 15.72 -28.16 -38.08
CA VAL H 264 15.62 -28.69 -36.71
C VAL H 264 14.55 -27.89 -35.95
N ALA H 265 14.60 -26.56 -36.03
CA ALA H 265 13.64 -25.71 -35.33
C ALA H 265 12.22 -25.97 -35.81
N ASN H 266 12.04 -26.10 -37.14
CA ASN H 266 10.74 -26.36 -37.71
C ASN H 266 10.20 -27.76 -37.40
N ALA H 267 11.05 -28.77 -37.25
CA ALA H 267 10.59 -30.10 -36.86
C ALA H 267 10.00 -30.04 -35.43
N VAL H 268 10.67 -29.30 -34.53
CA VAL H 268 10.19 -29.12 -33.16
C VAL H 268 8.88 -28.32 -33.17
N LEU H 269 8.82 -27.21 -33.93
CA LEU H 269 7.59 -26.41 -34.01
C LEU H 269 6.44 -27.22 -34.61
N ASP H 270 6.73 -28.10 -35.58
CA ASP H 270 5.72 -28.99 -36.20
C ASP H 270 5.05 -29.88 -35.14
N GLY H 271 5.83 -30.33 -34.14
CA GLY H 271 5.34 -31.16 -33.05
C GLY H 271 6.08 -32.46 -32.85
N ALA H 272 7.29 -32.60 -33.43
CA ALA H 272 8.05 -33.84 -33.28
C ALA H 272 8.44 -34.10 -31.83
N ASP H 273 8.19 -35.32 -31.35
CA ASP H 273 8.61 -35.69 -30.00
C ASP H 273 10.13 -35.89 -29.96
N CYS H 274 10.71 -36.42 -31.04
CA CYS H 274 12.15 -36.70 -31.12
C CYS H 274 12.71 -36.17 -32.42
N ILE H 275 14.00 -35.82 -32.38
CA ILE H 275 14.77 -35.43 -33.56
C ILE H 275 15.98 -36.38 -33.61
N MET H 276 16.50 -36.63 -34.81
CA MET H 276 17.53 -37.65 -34.99
C MET H 276 18.78 -37.16 -35.71
N LEU H 277 19.89 -37.82 -35.41
CA LEU H 277 21.20 -37.62 -36.04
C LEU H 277 21.63 -39.00 -36.56
N SER H 278 22.05 -39.07 -37.83
CA SER H 278 22.49 -40.32 -38.43
C SER H 278 23.99 -40.28 -38.67
N GLY H 279 24.46 -39.90 -39.87
CA GLY H 279 25.90 -39.80 -40.13
C GLY H 279 26.60 -38.78 -39.25
N GLU H 280 25.86 -37.72 -38.83
CA GLU H 280 26.39 -36.67 -37.94
C GLU H 280 27.00 -37.22 -36.66
N THR H 281 26.44 -38.32 -36.10
CA THR H 281 26.99 -38.93 -34.90
C THR H 281 27.65 -40.29 -35.19
N ALA H 282 27.19 -41.00 -36.21
CA ALA H 282 27.73 -42.33 -36.49
C ALA H 282 29.12 -42.29 -37.13
N LYS H 283 29.39 -41.35 -38.04
CA LYS H 283 30.68 -41.36 -38.74
C LYS H 283 31.39 -40.01 -38.89
N GLY H 284 30.73 -38.92 -38.57
CA GLY H 284 31.29 -37.59 -38.79
C GLY H 284 32.40 -37.18 -37.85
N ASN H 285 32.93 -35.99 -38.09
CA ASN H 285 34.00 -35.45 -37.27
C ASN H 285 33.52 -34.67 -36.05
N PHE H 286 32.22 -34.37 -35.95
CA PHE H 286 31.69 -33.54 -34.85
C PHE H 286 30.46 -34.16 -34.12
N PRO H 287 30.54 -35.44 -33.68
CA PRO H 287 29.35 -36.06 -33.07
C PRO H 287 28.81 -35.34 -31.84
N VAL H 288 29.70 -34.95 -30.91
CA VAL H 288 29.27 -34.27 -29.69
C VAL H 288 28.69 -32.90 -30.01
N GLU H 289 29.32 -32.17 -30.93
CA GLU H 289 28.84 -30.84 -31.34
C GLU H 289 27.47 -30.93 -32.05
N ALA H 290 27.22 -32.00 -32.80
CA ALA H 290 25.93 -32.17 -33.48
C ALA H 290 24.82 -32.35 -32.42
N VAL H 291 25.09 -33.13 -31.38
CA VAL H 291 24.14 -33.33 -30.28
C VAL H 291 23.90 -31.98 -29.57
N LYS H 292 24.98 -31.25 -29.25
CA LYS H 292 24.87 -29.93 -28.61
C LYS H 292 24.06 -28.94 -29.46
N MET H 293 24.23 -28.97 -30.79
CA MET H 293 23.50 -28.07 -31.69
C MET H 293 22.00 -28.42 -31.71
N GLN H 294 21.63 -29.71 -31.79
CA GLN H 294 20.21 -30.09 -31.75
C GLN H 294 19.60 -29.67 -30.40
N HIS H 295 20.36 -29.83 -29.31
CA HIS H 295 19.91 -29.43 -27.97
C HIS H 295 19.62 -27.92 -27.94
N ALA H 296 20.57 -27.10 -28.42
CA ALA H 296 20.43 -25.64 -28.42
C ALA H 296 19.25 -25.17 -29.25
N ILE H 297 19.07 -25.72 -30.44
CA ILE H 297 17.95 -25.33 -31.30
C ILE H 297 16.61 -25.75 -30.71
N ALA H 298 16.53 -27.01 -30.24
CA ALA H 298 15.29 -27.53 -29.66
C ALA H 298 14.79 -26.70 -28.49
N ARG H 299 15.69 -26.26 -27.60
CA ARG H 299 15.27 -25.43 -26.46
C ARG H 299 14.68 -24.11 -26.94
N GLU H 300 15.30 -23.49 -27.95
CA GLU H 300 14.80 -22.23 -28.48
C GLU H 300 13.42 -22.42 -29.12
N ALA H 301 13.26 -23.49 -29.92
CA ALA H 301 12.02 -23.75 -30.63
C ALA H 301 10.89 -24.13 -29.69
N GLU H 302 11.17 -24.87 -28.61
CA GLU H 302 10.14 -25.26 -27.65
C GLU H 302 9.54 -24.02 -26.95
N ALA H 303 10.38 -23.03 -26.64
CA ALA H 303 9.89 -21.79 -26.02
C ALA H 303 9.03 -20.98 -27.00
N ALA H 304 9.29 -21.09 -28.32
CA ALA H 304 8.53 -20.39 -29.36
C ALA H 304 7.21 -21.08 -29.75
N VAL H 305 6.88 -22.24 -29.17
CA VAL H 305 5.63 -22.93 -29.45
C VAL H 305 4.45 -22.04 -28.97
N TYR H 306 3.40 -21.89 -29.78
CA TYR H 306 2.25 -21.07 -29.43
C TYR H 306 1.27 -21.90 -28.58
N HIS H 307 1.62 -22.12 -27.29
CA HIS H 307 0.82 -22.94 -26.38
C HIS H 307 -0.65 -22.54 -26.28
N ARG H 308 -0.96 -21.25 -26.37
CA ARG H 308 -2.35 -20.78 -26.29
C ARG H 308 -3.28 -21.48 -27.29
N GLN H 309 -2.92 -21.48 -28.59
CA GLN H 309 -3.76 -22.17 -29.58
C GLN H 309 -3.52 -23.68 -29.57
N LEU H 310 -2.26 -24.11 -29.41
CA LEU H 310 -1.94 -25.54 -29.38
C LEU H 310 -2.74 -26.30 -28.29
N PHE H 311 -2.75 -25.82 -27.05
CA PHE H 311 -3.48 -26.48 -25.96
C PHE H 311 -4.98 -26.49 -26.24
N GLU H 312 -5.52 -25.36 -26.73
CA GLU H 312 -6.94 -25.28 -27.08
C GLU H 312 -7.30 -26.30 -28.15
N GLU H 313 -6.44 -26.46 -29.17
CA GLU H 313 -6.73 -27.42 -30.23
C GLU H 313 -6.58 -28.86 -29.79
N LEU H 314 -5.55 -29.16 -28.97
CA LEU H 314 -5.35 -30.53 -28.47
C LEU H 314 -6.50 -30.94 -27.57
N ARG H 315 -7.02 -30.00 -26.72
CA ARG H 315 -8.12 -30.39 -25.85
C ARG H 315 -9.41 -30.54 -26.67
N ARG H 316 -9.67 -29.65 -27.63
CA ARG H 316 -10.86 -29.76 -28.48
C ARG H 316 -10.87 -31.05 -29.30
N ALA H 317 -9.72 -31.45 -29.83
CA ALA H 317 -9.63 -32.65 -30.67
C ALA H 317 -9.62 -33.95 -29.87
N ALA H 318 -9.09 -33.91 -28.63
CA ALA H 318 -9.03 -35.10 -27.77
C ALA H 318 -10.44 -35.46 -27.37
N PRO H 319 -10.80 -36.75 -27.50
CA PRO H 319 -12.18 -37.14 -27.16
C PRO H 319 -12.44 -37.05 -25.66
N LEU H 320 -13.73 -36.95 -25.29
CA LEU H 320 -14.12 -37.00 -23.88
C LEU H 320 -13.72 -38.38 -23.33
N SER H 321 -13.31 -38.43 -22.07
CA SER H 321 -12.84 -39.68 -21.52
C SER H 321 -13.33 -39.95 -20.13
N ARG H 322 -13.60 -41.19 -19.85
CA ARG H 322 -13.95 -41.62 -18.51
C ARG H 322 -12.78 -42.36 -17.80
N ASP H 323 -11.59 -42.35 -18.42
CA ASP H 323 -10.43 -42.98 -17.83
C ASP H 323 -9.83 -41.97 -16.83
N PRO H 324 -9.70 -42.33 -15.56
CA PRO H 324 -9.18 -41.37 -14.57
C PRO H 324 -7.76 -40.86 -14.84
N THR H 325 -6.89 -41.65 -15.50
CA THR H 325 -5.54 -41.19 -15.80
C THR H 325 -5.61 -40.04 -16.83
N GLU H 326 -6.45 -40.20 -17.84
CA GLU H 326 -6.66 -39.21 -18.89
C GLU H 326 -7.29 -37.92 -18.29
N VAL H 327 -8.27 -38.08 -17.40
CA VAL H 327 -8.95 -36.96 -16.76
C VAL H 327 -7.98 -36.20 -15.86
N THR H 328 -7.17 -36.94 -15.07
CA THR H 328 -6.17 -36.33 -14.19
C THR H 328 -5.12 -35.60 -15.00
N ALA H 329 -4.69 -36.18 -16.13
CA ALA H 329 -3.66 -35.58 -16.99
C ALA H 329 -4.07 -34.20 -17.53
N ILE H 330 -5.29 -34.08 -18.07
CA ILE H 330 -5.73 -32.77 -18.59
C ILE H 330 -5.90 -31.75 -17.46
N GLY H 331 -6.39 -32.21 -16.29
CA GLY H 331 -6.54 -31.32 -15.15
C GLY H 331 -5.20 -30.82 -14.66
N ALA H 332 -4.18 -31.68 -14.65
CA ALA H 332 -2.84 -31.33 -14.21
C ALA H 332 -2.16 -30.36 -15.18
N VAL H 333 -2.37 -30.55 -16.49
CA VAL H 333 -1.77 -29.66 -17.50
C VAL H 333 -2.43 -28.27 -17.42
N GLU H 334 -3.75 -28.24 -17.22
CA GLU H 334 -4.47 -26.96 -17.04
C GLU H 334 -3.97 -26.24 -15.78
N ALA H 335 -3.82 -26.97 -14.66
CA ALA H 335 -3.30 -26.42 -13.41
C ALA H 335 -1.87 -25.88 -13.59
N ALA H 336 -1.00 -26.62 -14.30
CA ALA H 336 0.38 -26.18 -14.56
C ALA H 336 0.43 -24.85 -15.34
N PHE H 337 -0.45 -24.69 -16.34
CA PHE H 337 -0.51 -23.44 -17.12
C PHE H 337 -0.96 -22.27 -16.25
N LYS H 338 -1.95 -22.52 -15.38
CA LYS H 338 -2.52 -21.49 -14.51
C LYS H 338 -1.48 -20.83 -13.60
N CYS H 339 -0.57 -21.64 -13.03
CA CYS H 339 0.41 -21.13 -12.09
C CYS H 339 1.81 -21.04 -12.65
N CYS H 340 2.03 -21.30 -13.95
CA CYS H 340 3.36 -21.35 -14.57
C CYS H 340 4.25 -22.33 -13.81
N ALA H 341 3.71 -23.52 -13.52
CA ALA H 341 4.43 -24.53 -12.75
C ALA H 341 5.80 -24.84 -13.37
N ALA H 342 6.82 -25.00 -12.54
CA ALA H 342 8.15 -25.37 -13.02
C ALA H 342 8.13 -26.83 -13.56
N ALA H 343 7.27 -27.70 -12.97
CA ALA H 343 7.23 -29.09 -13.37
C ALA H 343 5.92 -29.78 -12.95
N ILE H 344 5.62 -30.92 -13.60
CA ILE H 344 4.57 -31.83 -13.20
C ILE H 344 5.35 -33.10 -12.83
N ILE H 345 5.34 -33.49 -11.55
CA ILE H 345 6.01 -34.71 -11.11
C ILE H 345 4.98 -35.82 -11.13
N VAL H 346 5.25 -36.89 -11.86
CA VAL H 346 4.31 -38.00 -11.99
C VAL H 346 4.98 -39.34 -11.63
N LEU H 347 4.27 -40.18 -10.89
CA LEU H 347 4.74 -41.53 -10.57
C LEU H 347 4.17 -42.42 -11.67
N THR H 348 5.01 -43.27 -12.26
CA THR H 348 4.55 -44.13 -13.34
C THR H 348 5.29 -45.46 -13.35
N THR H 349 4.56 -46.55 -13.61
CA THR H 349 5.15 -47.88 -13.66
C THR H 349 5.51 -48.22 -15.10
N THR H 350 4.60 -47.96 -16.04
CA THR H 350 4.77 -48.30 -17.45
C THR H 350 5.17 -47.10 -18.32
N GLY H 351 5.05 -45.89 -17.79
CA GLY H 351 5.24 -44.66 -18.55
C GLY H 351 3.94 -44.03 -19.03
N ARG H 352 2.81 -44.78 -18.99
CA ARG H 352 1.54 -44.29 -19.52
C ARG H 352 1.04 -42.99 -18.90
N SER H 353 1.13 -42.83 -17.56
CA SER H 353 0.66 -41.57 -16.93
C SER H 353 1.46 -40.37 -17.44
N ALA H 354 2.78 -40.54 -17.69
CA ALA H 354 3.61 -39.47 -18.22
C ALA H 354 3.28 -39.19 -19.69
N GLN H 355 2.99 -40.24 -20.48
CA GLN H 355 2.62 -40.09 -21.88
C GLN H 355 1.32 -39.30 -22.04
N LEU H 356 0.33 -39.54 -21.14
CA LEU H 356 -0.94 -38.82 -21.21
C LEU H 356 -0.80 -37.34 -20.81
N LEU H 357 0.20 -37.01 -20.00
CA LEU H 357 0.47 -35.61 -19.65
C LEU H 357 1.14 -34.93 -20.88
N SER H 358 2.13 -35.61 -21.45
CA SER H 358 2.91 -35.17 -22.61
C SER H 358 2.04 -34.85 -23.86
N ARG H 359 0.95 -35.62 -24.07
CA ARG H 359 0.10 -35.42 -25.24
C ARG H 359 -0.58 -34.02 -25.28
N TYR H 360 -0.73 -33.36 -24.10
CA TYR H 360 -1.31 -32.02 -24.03
C TYR H 360 -0.28 -30.90 -24.16
N ARG H 361 0.99 -31.24 -24.43
CA ARG H 361 2.10 -30.33 -24.62
C ARG H 361 2.21 -29.24 -23.55
N PRO H 362 2.35 -29.63 -22.27
CA PRO H 362 2.55 -28.60 -21.24
C PRO H 362 3.88 -27.88 -21.43
N ARG H 363 3.95 -26.64 -21.00
CA ARG H 363 5.21 -25.91 -20.98
C ARG H 363 6.05 -26.48 -19.81
N ALA H 364 5.39 -26.86 -18.66
CA ALA H 364 6.05 -27.45 -17.50
C ALA H 364 6.65 -28.80 -17.86
N ALA H 365 7.87 -29.06 -17.39
CA ALA H 365 8.56 -30.32 -17.58
C ALA H 365 7.77 -31.44 -16.90
N VAL H 366 7.66 -32.62 -17.52
CA VAL H 366 6.99 -33.76 -16.88
C VAL H 366 8.09 -34.64 -16.29
N ILE H 367 8.31 -34.55 -14.99
CA ILE H 367 9.33 -35.35 -14.31
C ILE H 367 8.70 -36.67 -13.91
N ALA H 368 9.10 -37.75 -14.57
CA ALA H 368 8.49 -39.06 -14.34
C ALA H 368 9.35 -39.95 -13.45
N VAL H 369 8.85 -40.29 -12.27
CA VAL H 369 9.60 -41.13 -11.35
C VAL H 369 9.11 -42.55 -11.48
N THR H 370 10.00 -43.47 -11.81
CA THR H 370 9.65 -44.87 -12.01
C THR H 370 10.69 -45.82 -11.46
N ARG H 371 10.27 -47.03 -11.09
CA ARG H 371 11.20 -48.09 -10.71
C ARG H 371 11.60 -48.96 -11.92
N SER H 372 10.84 -48.89 -13.03
CA SER H 372 11.13 -49.69 -14.22
C SER H 372 12.24 -49.01 -15.02
N ALA H 373 13.42 -49.66 -15.10
CA ALA H 373 14.55 -49.17 -15.88
C ALA H 373 14.15 -49.07 -17.36
N GLN H 374 13.38 -50.06 -17.86
CA GLN H 374 12.92 -50.01 -19.24
C GLN H 374 11.93 -48.86 -19.51
N ALA H 375 10.94 -48.64 -18.63
CA ALA H 375 9.99 -47.53 -18.82
C ALA H 375 10.74 -46.19 -18.77
N ALA H 376 11.75 -46.06 -17.89
CA ALA H 376 12.53 -44.84 -17.79
C ALA H 376 13.25 -44.55 -19.13
N ARG H 377 13.76 -45.60 -19.81
CA ARG H 377 14.40 -45.41 -21.10
C ARG H 377 13.37 -45.09 -22.19
N GLN H 378 12.26 -45.85 -22.23
CA GLN H 378 11.24 -45.67 -23.26
C GLN H 378 10.47 -44.34 -23.24
N VAL H 379 10.28 -43.71 -22.07
CA VAL H 379 9.53 -42.44 -22.03
C VAL H 379 10.24 -41.28 -22.70
N HIS H 380 11.54 -41.43 -23.06
CA HIS H 380 12.24 -40.42 -23.86
C HIS H 380 11.54 -40.23 -25.22
N LEU H 381 10.71 -41.21 -25.68
CA LEU H 381 9.97 -41.06 -26.92
C LEU H 381 8.90 -39.96 -26.84
N CYS H 382 8.45 -39.59 -25.62
CA CYS H 382 7.40 -38.60 -25.43
C CYS H 382 7.95 -37.25 -25.08
N ARG H 383 7.63 -36.21 -25.85
CA ARG H 383 8.15 -34.87 -25.59
C ARG H 383 7.91 -34.37 -24.18
N GLY H 384 8.96 -33.85 -23.57
CA GLY H 384 8.85 -33.21 -22.27
C GLY H 384 8.79 -34.14 -21.09
N VAL H 385 9.07 -35.43 -21.29
CA VAL H 385 9.12 -36.37 -20.18
C VAL H 385 10.59 -36.56 -19.80
N PHE H 386 10.93 -36.25 -18.53
CA PHE H 386 12.27 -36.37 -17.98
C PHE H 386 12.26 -37.55 -16.99
N PRO H 387 12.76 -38.71 -17.42
CA PRO H 387 12.68 -39.90 -16.56
C PRO H 387 13.71 -39.93 -15.46
N LEU H 388 13.25 -40.34 -14.27
CA LEU H 388 14.14 -40.52 -13.14
C LEU H 388 13.98 -41.96 -12.66
N LEU H 389 15.09 -42.68 -12.56
CA LEU H 389 15.04 -44.07 -12.10
C LEU H 389 15.18 -44.18 -10.58
N TYR H 390 14.10 -44.58 -9.91
CA TYR H 390 14.06 -44.76 -8.46
C TYR H 390 14.57 -46.17 -8.12
N ARG H 391 15.55 -46.28 -7.21
CA ARG H 391 16.19 -47.56 -6.93
C ARG H 391 15.87 -48.20 -5.60
N GLU H 392 15.34 -47.44 -4.65
CA GLU H 392 15.05 -47.95 -3.32
C GLU H 392 13.91 -48.96 -3.28
N PRO H 393 14.05 -50.04 -2.47
CA PRO H 393 12.94 -51.01 -2.36
C PRO H 393 11.70 -50.38 -1.70
N PRO H 394 10.51 -50.90 -1.97
CA PRO H 394 9.30 -50.30 -1.40
C PRO H 394 9.26 -50.19 0.13
N GLU H 395 8.82 -49.03 0.62
CA GLU H 395 8.63 -48.76 2.06
C GLU H 395 7.47 -49.63 2.55
N ALA H 396 7.40 -49.86 3.86
CA ALA H 396 6.33 -50.67 4.45
C ALA H 396 4.99 -49.96 4.31
N ILE H 397 4.97 -48.64 4.53
CA ILE H 397 3.72 -47.89 4.38
C ILE H 397 3.70 -47.33 2.95
N TRP H 398 2.71 -47.71 2.16
CA TRP H 398 2.61 -47.30 0.76
C TRP H 398 2.60 -45.78 0.56
N ALA H 399 1.85 -45.02 1.40
CA ALA H 399 1.84 -43.57 1.29
C ALA H 399 3.24 -42.97 1.51
N ASP H 400 4.07 -43.60 2.37
CA ASP H 400 5.45 -43.12 2.57
C ASP H 400 6.29 -43.44 1.33
N ASP H 401 6.06 -44.59 0.70
CA ASP H 401 6.78 -44.98 -0.53
C ASP H 401 6.48 -43.99 -1.66
N VAL H 402 5.21 -43.58 -1.76
CA VAL H 402 4.76 -42.59 -2.71
C VAL H 402 5.46 -41.26 -2.42
N ASP H 403 5.43 -40.79 -1.15
CA ASP H 403 6.06 -39.52 -0.75
C ASP H 403 7.56 -39.50 -0.99
N ARG H 404 8.27 -40.60 -0.67
CA ARG H 404 9.73 -40.66 -0.90
C ARG H 404 10.04 -40.53 -2.39
N ARG H 405 9.20 -41.10 -3.27
CA ARG H 405 9.41 -40.97 -4.70
C ARG H 405 9.16 -39.55 -5.20
N VAL H 406 8.14 -38.86 -4.66
CA VAL H 406 7.85 -37.46 -5.00
C VAL H 406 9.04 -36.60 -4.54
N GLN H 407 9.58 -36.88 -3.32
CA GLN H 407 10.75 -36.16 -2.81
C GLN H 407 11.99 -36.43 -3.66
N PHE H 408 12.12 -37.65 -4.18
CA PHE H 408 13.22 -38.00 -5.07
C PHE H 408 13.12 -37.17 -6.38
N GLY H 409 11.90 -36.93 -6.87
CA GLY H 409 11.65 -36.11 -8.05
C GLY H 409 12.03 -34.66 -7.78
N ILE H 410 11.66 -34.16 -6.59
CA ILE H 410 12.00 -32.78 -6.19
C ILE H 410 13.52 -32.61 -6.01
N GLU H 411 14.18 -33.53 -5.31
CA GLU H 411 15.61 -33.43 -5.06
C GLU H 411 16.41 -33.53 -6.36
N SER H 412 15.99 -34.44 -7.27
CA SER H 412 16.64 -34.58 -8.57
C SER H 412 16.44 -33.30 -9.38
N GLY H 413 15.22 -32.74 -9.34
CA GLY H 413 14.85 -31.52 -10.04
C GLY H 413 15.64 -30.32 -9.56
N LYS H 414 15.85 -30.21 -8.24
CA LYS H 414 16.64 -29.12 -7.67
C LYS H 414 18.09 -29.24 -8.12
N LEU H 415 18.66 -30.45 -8.03
CA LEU H 415 20.06 -30.68 -8.38
C LEU H 415 20.33 -30.31 -9.84
N ARG H 416 19.41 -30.71 -10.72
CA ARG H 416 19.53 -30.51 -12.16
C ARG H 416 19.18 -29.12 -12.65
N GLY H 417 18.57 -28.29 -11.83
CA GLY H 417 18.17 -26.95 -12.24
C GLY H 417 16.73 -26.80 -12.69
N PHE H 418 15.92 -27.88 -12.64
CA PHE H 418 14.51 -27.81 -13.01
C PHE H 418 13.70 -26.99 -11.98
N LEU H 419 14.07 -27.11 -10.69
CA LEU H 419 13.31 -26.57 -9.60
C LEU H 419 14.15 -25.76 -8.63
N ARG H 420 13.50 -24.82 -7.98
CA ARG H 420 14.12 -23.99 -6.96
C ARG H 420 13.07 -23.74 -5.84
N VAL H 421 13.52 -23.39 -4.64
CA VAL H 421 12.63 -23.08 -3.52
C VAL H 421 11.66 -21.96 -3.89
N GLY H 422 10.38 -22.15 -3.60
CA GLY H 422 9.37 -21.16 -3.96
C GLY H 422 8.62 -21.49 -5.24
N ASP H 423 9.16 -22.41 -6.07
CA ASP H 423 8.47 -22.83 -7.29
C ASP H 423 7.19 -23.60 -6.95
N LEU H 424 6.23 -23.61 -7.87
CA LEU H 424 5.04 -24.44 -7.70
C LEU H 424 5.19 -25.65 -8.63
N VAL H 425 4.83 -26.82 -8.15
CA VAL H 425 4.83 -28.04 -8.95
C VAL H 425 3.46 -28.70 -8.83
N ILE H 426 3.09 -29.45 -9.87
CA ILE H 426 1.86 -30.22 -9.86
C ILE H 426 2.33 -31.67 -9.64
N VAL H 427 1.75 -32.39 -8.69
CA VAL H 427 2.15 -33.77 -8.41
C VAL H 427 1.02 -34.72 -8.78
N VAL H 428 1.31 -35.69 -9.63
CA VAL H 428 0.31 -36.64 -10.13
C VAL H 428 0.61 -38.04 -9.62
N THR H 429 -0.34 -38.58 -8.84
CA THR H 429 -0.21 -39.93 -8.23
C THR H 429 -1.55 -40.71 -8.38
N GLY H 430 -1.62 -41.92 -7.85
CA GLY H 430 -2.80 -42.76 -7.88
C GLY H 430 -3.26 -43.16 -6.48
N TRP H 431 -4.42 -43.81 -6.38
CA TRP H 431 -5.03 -44.14 -5.10
C TRP H 431 -4.59 -45.49 -4.51
N ARG H 432 -3.95 -46.34 -5.31
CA ARG H 432 -3.47 -47.65 -4.84
C ARG H 432 -2.23 -48.07 -5.65
N PRO H 433 -1.43 -49.04 -5.15
CA PRO H 433 -0.28 -49.51 -5.94
C PRO H 433 -0.69 -50.23 -7.23
N GLY H 434 0.27 -50.34 -8.14
CA GLY H 434 0.04 -50.97 -9.42
C GLY H 434 -0.29 -49.95 -10.50
N SER H 435 -0.03 -50.31 -11.74
CA SER H 435 -0.30 -49.48 -12.90
C SER H 435 -1.82 -49.33 -13.17
N GLY H 436 -2.23 -48.18 -13.72
CA GLY H 436 -3.61 -47.94 -14.15
C GLY H 436 -4.52 -47.23 -13.18
N TYR H 437 -4.01 -46.79 -12.02
CA TYR H 437 -4.84 -46.15 -11.00
C TYR H 437 -4.52 -44.69 -10.72
N THR H 438 -3.82 -43.98 -11.64
CA THR H 438 -3.55 -42.55 -11.47
C THR H 438 -4.88 -41.79 -11.43
N ASN H 439 -5.09 -40.98 -10.39
CA ASN H 439 -6.35 -40.25 -10.26
C ASN H 439 -6.24 -38.99 -9.36
N ILE H 440 -5.02 -38.60 -8.96
CA ILE H 440 -4.85 -37.49 -8.05
C ILE H 440 -3.87 -36.45 -8.58
N MET H 441 -4.24 -35.18 -8.48
CA MET H 441 -3.34 -34.10 -8.79
C MET H 441 -3.28 -33.15 -7.58
N ARG H 442 -2.06 -32.75 -7.18
CA ARG H 442 -1.85 -31.87 -6.04
CA ARG H 442 -1.92 -31.82 -6.08
C ARG H 442 -0.97 -30.68 -6.41
N VAL H 443 -1.25 -29.52 -5.83
CA VAL H 443 -0.44 -28.32 -6.06
C VAL H 443 0.49 -28.18 -4.87
N LEU H 444 1.80 -28.23 -5.12
CA LEU H 444 2.81 -28.23 -4.06
C LEU H 444 3.80 -27.09 -4.23
N SER H 445 4.15 -26.44 -3.13
CA SER H 445 5.15 -25.40 -3.13
C SER H 445 6.49 -26.04 -2.76
N ILE H 446 7.54 -25.75 -3.53
CA ILE H 446 8.87 -26.32 -3.26
C ILE H 446 9.53 -25.64 -2.04
N SER H 447 9.89 -26.41 -1.02
CA SER H 447 10.56 -25.89 0.16
C SER H 447 12.05 -26.30 0.19
P1 FBP I . 44.85 9.93 54.68
O1P FBP I . 44.79 10.30 56.12
O2P FBP I . 44.39 8.51 54.43
O3P FBP I . 46.21 10.11 53.99
O1 FBP I . 43.83 10.90 53.86
C1 FBP I . 43.65 10.80 52.43
C2 FBP I . 42.31 11.53 52.11
O2 FBP I . 42.19 11.57 50.72
C3 FBP I . 42.24 12.92 52.77
O3 FBP I . 42.93 13.92 52.04
C4 FBP I . 40.74 13.13 52.87
O4 FBP I . 40.37 14.10 53.83
C5 FBP I . 40.30 11.74 53.34
O5 FBP I . 41.20 10.84 52.67
C6 FBP I . 38.87 11.42 53.02
O6 FBP I . 38.33 10.57 54.06
P2 FBP I . 36.76 10.66 54.42
O4P FBP I . 36.44 12.09 54.73
O5P FBP I . 36.57 9.82 55.62
O6P FBP I . 35.99 10.14 53.22
C1 OXL J . 11.14 -8.79 58.87
C2 OXL J . 12.53 -8.86 59.53
O1 OXL J . 10.14 -8.68 59.56
O2 OXL J . 12.55 -8.76 60.85
O3 OXL J . 11.11 -8.82 57.57
O4 OXL J . 13.52 -9.01 58.83
MG MG K . 10.76 -8.62 61.62
K K L . 15.98 -10.29 64.33
C18 O8F M . 5.14 5.07 31.64
C17 O8F M . 5.04 4.36 32.85
C16 O8F M . 5.19 5.05 34.03
C15 O8F M . 5.49 6.45 34.07
C14 O8F M . 7.24 7.29 35.82
C13 O8F M . 8.08 8.34 35.47
C12 O8F M . 9.45 8.27 35.67
C11 O8F M . 10.00 7.14 36.18
C10 O8F M . 11.47 6.96 36.08
C9 O8F M . 13.83 7.66 38.96
C8 O8F M . 12.36 4.47 39.70
O8 O8F M . 14.39 6.50 36.69
C7 O8F M . 11.99 3.37 38.95
O7 O8F M . 4.97 6.59 36.51
C1 O8F M . 13.75 6.71 41.26
O5 O8F M . 5.39 7.19 30.53
C5 O8F M . 14.02 3.60 37.58
C6 O8F M . 12.80 2.95 37.86
O6 O8F M . 5.21 8.63 35.17
C4 O8F M . 14.40 4.66 38.39
O4 O8F M . 4.96 4.38 30.49
C3 O8F M . 13.54 5.14 39.38
O3 O8F M . 13.96 8.80 36.72
C2 O8F M . 13.74 6.54 39.88
O2 O8F M . 12.41 1.95 36.98
S O8F M . 13.74 7.55 37.31
O1 O8F M . 14.84 3.35 36.50
C23 O8F M . 13.92 8.91 39.54
C24 O8F M . 13.96 9.11 40.88
O9 O8F M . 14.19 10.35 41.31
C O8F M . 13.87 8.02 41.77
O O8F M . 13.92 8.17 43.11
N O8F M . 12.14 7.27 37.28
C22 O8F M . 9.21 6.10 36.61
C21 O8F M . 7.84 6.18 36.40
S1 O8F M . 5.63 7.32 35.48
C20 O8F M . 5.61 7.12 32.86
C19 O8F M . 5.42 6.47 31.68
H13 O8F M . 4.82 3.29 32.85
H12 O8F M . 5.08 4.50 34.96
H11 O8F M . 7.67 9.24 35.04
H10 O8F M . 10.09 9.12 35.41
H8 O8F M . 11.68 5.93 35.80
H9 O8F M . 11.85 7.57 35.25
H6 O8F M . 11.75 4.80 40.54
H5 O8F M . 11.08 2.85 39.20
H1 O8F M . 13.68 5.84 41.92
H15 O8F M . 6.33 7.40 30.31
H2 O8F M . 15.38 5.12 38.25
H14 O8F M . 4.76 3.42 30.66
H4 O8F M . 12.53 2.31 36.06
H3 O8F M . 15.05 2.39 36.46
H19 O8F M . 13.96 9.81 38.91
H20 O8F M . 14.62 10.26 42.22
H O8F M . 13.86 7.29 43.58
H7 O8F M . 11.53 7.31 38.10
H18 O8F M . 9.65 5.23 37.08
H17 O8F M . 7.22 5.32 36.70
H16 O8F M . 5.90 8.18 32.82
P1 FBP N . 52.15 26.45 32.52
O1P FBP N . 51.73 27.91 32.51
O2P FBP N . 52.73 26.18 31.13
O3P FBP N . 53.03 26.13 33.67
O1 FBP N . 50.83 25.52 32.63
C1 FBP N . 49.88 25.65 33.69
C2 FBP N . 48.57 24.98 33.21
O2 FBP N . 47.67 24.96 34.29
C3 FBP N . 48.83 23.58 32.61
O3 FBP N . 48.94 22.56 33.59
C4 FBP N . 47.65 23.44 31.67
O4 FBP N . 47.84 22.47 30.66
C5 FBP N . 47.61 24.83 31.05
O5 FBP N . 48.00 25.71 32.12
C6 FBP N . 46.26 25.22 30.50
O6 FBP N . 46.46 26.08 29.35
P2 FBP N . 45.38 26.04 28.14
O4P FBP N . 44.08 26.61 28.74
O5P FBP N . 45.81 26.87 26.99
O6P FBP N . 45.21 24.60 27.71
C1 OXL O . 26.90 45.56 10.01
C2 OXL O . 28.44 45.61 10.04
O1 OXL O . 26.27 45.53 11.04
O2 OXL O . 29.02 45.59 11.23
O3 OXL O . 26.35 45.51 8.86
O4 OXL O . 29.05 45.67 8.98
MG MG P . 28.18 45.25 7.35
K K Q . 33.65 47.10 7.72
P1 FBP R . -25.30 4.86 17.87
O1P FBP R . -26.52 5.75 18.14
O2P FBP R . -25.10 3.88 19.03
O3P FBP R . -25.32 4.20 16.53
O1 FBP R . -24.03 5.84 17.89
C1 FBP R . -23.74 6.64 19.04
C2 FBP R . -22.24 7.00 18.94
O2 FBP R . -21.99 7.94 19.95
C3 FBP R . -21.89 7.54 17.53
O3 FBP R . -22.22 8.91 17.32
C4 FBP R . -20.40 7.23 17.48
O4 FBP R . -19.89 7.22 16.16
C5 FBP R . -20.39 5.84 18.08
O5 FBP R . -21.39 5.86 19.11
C6 FBP R . -19.07 5.42 18.66
O6 FBP R . -18.90 4.00 18.49
P2 FBP R . -17.39 3.43 18.32
O4P FBP R . -16.63 3.66 19.60
O5P FBP R . -17.57 1.98 18.01
O6P FBP R . -16.77 4.17 17.16
C1 OXL S . 2.72 -19.01 30.24
C2 OXL S . 1.22 -19.15 29.83
O1 OXL S . 2.96 -18.19 31.22
O2 OXL S . 0.34 -18.48 30.41
O3 OXL S . 3.60 -19.68 29.68
O4 OXL S . 0.98 -20.01 28.87
MG MG T . 2.90 -20.88 28.13
K K U . -2.57 -22.89 27.08
C18 O8F V . 6.49 31.72 29.40
C17 O8F V . 7.10 32.35 28.29
C16 O8F V . 7.82 31.56 27.40
C15 O8F V . 7.98 30.17 27.55
C14 O8F V . 10.40 29.35 27.02
C13 O8F V . 10.85 28.34 27.82
C12 O8F V . 12.14 28.25 28.27
C11 O8F V . 13.04 29.19 27.95
C10 O8F V . 14.45 28.84 28.30
C9 O8F V . 17.62 29.43 28.01
C8 O8F V . 18.05 32.55 28.61
O8 O8F V . 17.02 30.81 30.13
C7 O8F V . 17.39 33.64 29.16
O7 O8F V . 8.77 29.94 25.17
C1 O8F V . 18.92 30.29 26.06
O5 O8F V . 5.98 29.72 30.58
C5 O8F V . 16.00 33.78 27.13
C6 O8F V . 16.33 34.22 28.46
O6 O8F V . 8.41 27.92 26.50
C4 O8F V . 16.63 32.62 26.61
O4 O8F V . 5.77 32.52 30.21
C3 O8F V . 17.61 31.96 27.39
O3 O8F V . 16.70 28.48 30.19
C2 O8F V . 18.06 30.52 27.14
O2 O8F V . 15.45 35.06 29.10
S O8F V . 16.69 29.64 29.42
O1 O8F V . 15.15 34.51 26.28
C23 O8F V . 18.08 28.16 27.67
C24 O8F V . 18.94 27.91 26.63
O9 O8F V . 19.38 26.63 26.39
C O8F V . 19.38 28.98 25.81
O O8F V . 20.26 28.78 24.79
N O8F V . 15.17 29.91 28.91
C22 O8F V . 12.66 30.29 27.19
C21 O8F V . 11.32 30.36 26.72
S1 O8F V . 8.85 29.25 26.43
C20 O8F V . 7.38 29.58 28.66
C19 O8F V . 6.65 30.33 29.56
H13 O8F V . 7.00 33.42 28.15
H12 O8F V . 8.29 32.06 26.55
H11 O8F V . 10.16 27.57 28.15
H10 O8F V . 12.41 27.40 28.90
H8 O8F V . 14.49 27.97 28.94
H9 O8F V . 14.95 28.53 27.39
H6 O8F V . 18.91 32.13 29.12
H5 O8F V . 17.70 34.03 30.13
H1 O8F V . 19.22 31.12 25.44
H15 O8F V . 6.67 29.29 31.15
H2 O8F V . 16.36 32.24 25.61
H14 O8F V . 5.38 31.98 30.95
H4 O8F V . 15.44 35.92 28.60
H3 O8F V . 15.70 35.14 25.76
H19 O8F V . 17.75 27.29 28.24
H20 O8F V . 19.98 26.67 25.60
H O8F V . 20.49 29.64 24.34
H7 O8F V . 14.67 30.79 29.00
H18 O8F V . 13.36 31.10 26.96
H17 O8F V . 11.01 31.22 26.12
H16 O8F V . 7.49 28.50 28.83
P1 FBP W . -26.41 32.72 22.77
O1P FBP W . -27.19 33.41 23.84
O2P FBP W . -25.55 33.71 21.95
O3P FBP W . -27.27 31.92 21.78
O1 FBP W . -25.42 31.69 23.45
C1 FBP W . -24.51 30.88 22.69
C2 FBP W . -23.40 30.42 23.66
O2 FBP W . -22.61 29.48 22.99
C3 FBP W . -23.98 29.88 25.00
O3 FBP W . -24.41 28.52 24.90
C4 FBP W . -22.81 30.10 25.91
O4 FBP W . -23.16 30.10 27.28
C5 FBP W . -22.37 31.49 25.50
O5 FBP W . -22.60 31.53 24.09
C6 FBP W . -20.93 31.81 25.82
O6 FBP W . -20.80 33.22 26.12
P2 FBP W . -19.72 33.70 27.19
O4P FBP W . -19.96 35.18 27.37
O5P FBP W . -19.82 32.98 28.50
O6P FBP W . -18.37 33.42 26.58
C1 OXL X . 2.64 55.93 28.55
C2 OXL X . 4.15 55.71 28.90
O1 OXL X . 2.02 56.71 29.26
O2 OXL X . 4.62 56.41 29.91
O3 OXL X . 2.13 55.30 27.51
O4 OXL X . 4.82 54.92 28.27
MG MG Y . 3.07 57.65 30.82
K K Z . -1.95 59.67 28.61
P1 FBP AA . -32.93 -2.28 -63.57
O1P FBP AA . -33.71 -1.66 -62.42
O2P FBP AA . -33.79 -3.35 -64.22
O3P FBP AA . -32.34 -1.27 -64.46
O1 FBP AA . -31.70 -3.09 -62.88
C1 FBP AA . -30.74 -2.45 -62.02
C2 FBP AA . -30.01 -3.56 -61.24
O2 FBP AA . -28.97 -2.95 -60.52
C3 FBP AA . -29.53 -4.70 -62.16
O3 FBP AA . -28.30 -4.42 -62.82
C4 FBP AA . -29.50 -5.87 -61.19
O4 FBP AA . -29.51 -7.13 -61.84
C5 FBP AA . -30.80 -5.64 -60.43
O5 FBP AA . -30.92 -4.21 -60.34
C6 FBP AA . -30.84 -6.28 -59.07
O6 FBP AA . -32.18 -6.69 -58.76
P2 FBP AA . -32.42 -7.96 -57.80
O4P FBP AA . -31.93 -7.60 -56.42
O5P FBP AA . -33.90 -8.26 -57.84
O6P FBP AA . -31.70 -9.14 -58.40
C1 OXL BA . -49.90 -15.89 -32.58
C2 OXL BA . -49.39 -16.47 -31.25
O1 OXL BA . -49.44 -14.72 -32.97
O2 OXL BA . -48.51 -15.91 -30.63
O3 OXL BA . -50.76 -16.53 -33.20
O4 OXL BA . -49.93 -17.57 -30.87
MG MG CA . -51.38 -18.19 -32.44
K K DA . -54.16 -15.33 -35.89
P1 FBP EA . -4.89 4.66 -66.00
O1P FBP EA . -4.24 5.97 -65.77
O2P FBP EA . -3.90 3.54 -66.33
O3P FBP EA . -5.93 4.61 -67.13
O1 FBP EA . -5.66 4.24 -64.65
C1 FBP EA . -6.38 3.01 -64.54
C2 FBP EA . -6.55 2.72 -63.04
O2 FBP EA . -7.39 1.60 -62.92
C3 FBP EA . -7.07 3.95 -62.27
O3 FBP EA . -8.48 4.12 -62.36
C4 FBP EA . -6.54 3.67 -60.88
O4 FBP EA . -6.49 4.83 -60.06
C5 FBP EA . -5.13 3.18 -61.21
O5 FBP EA . -5.28 2.45 -62.44
C6 FBP EA . -4.49 2.32 -60.14
O6 FBP EA . -3.07 2.52 -60.15
P2 FBP EA . -2.26 2.39 -58.76
O4P FBP EA . -2.90 3.31 -57.73
O5P FBP EA . -0.86 2.85 -59.05
O6P FBP EA . -2.33 0.93 -58.33
C1 OXL FA . 23.66 -12.74 -46.13
C2 OXL FA . 23.59 -11.91 -47.43
O1 OXL FA . 24.47 -12.34 -45.19
O2 OXL FA . 24.33 -10.82 -47.45
O3 OXL FA . 23.00 -13.74 -46.02
O4 OXL FA . 22.89 -12.27 -48.36
MG MG GA . 25.49 -10.48 -45.64
K K HA . 26.39 -8.05 -50.97
C18 O8F IA . -19.88 -14.80 -21.20
C17 O8F IA . -21.23 -15.08 -21.40
C16 O8F IA . -21.59 -15.97 -22.41
C15 O8F IA . -20.62 -16.59 -23.24
C14 O8F IA . -21.47 -16.77 -25.67
C13 O8F IA . -20.59 -16.55 -26.70
C12 O8F IA . -20.91 -15.82 -27.82
C11 O8F IA . -22.17 -15.29 -27.90
C10 O8F IA . -22.62 -14.81 -29.23
C9 O8F IA . -23.58 -13.94 -31.89
C8 O8F IA . -26.94 -14.15 -30.05
O8 O8F IA . -23.10 -11.62 -30.92
C7 O8F IA . -27.56 -13.89 -28.84
O7 O8F IA . -22.23 -18.41 -23.90
C1 O8F IA . -25.84 -14.62 -32.63
O5 O8F IA . -17.59 -15.20 -21.76
C5 O8F IA . -26.01 -12.12 -28.39
C6 O8F IA . -27.10 -12.91 -27.99
O6 O8F IA . -19.95 -18.52 -24.74
C4 O8F IA . -25.35 -12.38 -29.64
O4 O8F IA . -19.61 -13.98 -20.18
C3 O8F IA . -25.79 -13.43 -30.48
O3 O8F IA . -21.25 -12.98 -31.69
C2 O8F IA . -25.03 -13.92 -31.73
O2 O8F IA . -27.59 -12.75 -26.70
S O8F IA . -22.51 -12.91 -31.08
O1 O8F IA . -25.55 -11.03 -27.68
C23 O8F IA . -23.07 -14.79 -32.90
C24 O8F IA . -23.89 -15.50 -33.74
O9 O8F IA . -23.38 -16.24 -34.75
C O8F IA . -25.28 -15.44 -33.62
O O8F IA . -26.15 -16.15 -34.35
N O8F IA . -22.31 -13.46 -29.54
C22 O8F IA . -23.06 -15.41 -26.87
C21 O8F IA . -22.72 -16.17 -25.76
S1 O8F IA . -21.06 -17.73 -24.38
C20 O8F IA . -19.29 -16.27 -23.05
C19 O8F IA . -18.91 -15.41 -22.03
H13 O8F IA . -21.99 -14.62 -20.78
H12 O8F IA . -22.65 -16.19 -22.56
H11 O8F IA . -19.57 -16.95 -26.63
H10 O8F IA . -20.19 -15.68 -28.62
H8 O8F IA . -22.21 -15.47 -29.99
H9 O8F IA . -23.70 -14.96 -29.28
H6 O8F IA . -27.37 -14.92 -30.68
H5 O8F IA . -28.44 -14.48 -28.58
H1 O8F IA . -26.92 -14.51 -32.61
H15 O8F IA . -17.24 -14.69 -22.52
H2 O8F IA . -24.50 -11.77 -29.93
H14 O8F IA . -18.63 -13.83 -20.12
H4 O8F IA . -27.96 -13.62 -26.39
H3 O8F IA . -24.84 -11.34 -27.06
H19 O8F IA . -21.99 -14.93 -33.03
H20 O8F IA . -22.97 -17.04 -34.32
H O8F IA . -25.66 -16.70 -35.02
H7 O8F IA . -21.97 -12.91 -28.75
H18 O8F IA . -24.03 -14.93 -26.91
H17 O8F IA . -23.44 -16.28 -24.95
H16 O8F IA . -18.51 -16.67 -23.69
P1 FBP JA . -11.13 -29.19 7.74
O1P FBP JA . -10.57 -28.21 8.78
O2P FBP JA . -12.63 -28.90 7.53
O3P FBP JA . -10.82 -30.62 8.09
O1 FBP JA . -10.45 -28.84 6.37
C1 FBP JA . -10.77 -29.59 5.19
C2 FBP JA . -10.32 -28.74 4.00
O2 FBP JA . -10.43 -29.56 2.86
C3 FBP JA . -8.90 -28.15 4.17
O3 FBP JA . -7.87 -29.07 3.84
C4 FBP JA . -8.99 -26.93 3.25
O4 FBP JA . -8.00 -25.94 3.52
C5 FBP JA . -10.37 -26.41 3.64
O5 FBP JA . -11.15 -27.59 3.87
C6 FBP JA . -11.03 -25.52 2.62
O6 FBP JA . -11.76 -24.48 3.30
P2 FBP JA . -11.89 -23.05 2.58
O4P FBP JA . -12.68 -22.21 3.59
O5P FBP JA . -12.69 -23.23 1.32
O6P FBP JA . -10.55 -22.47 2.29
C1 OXL KA . -35.16 -2.26 -7.14
C2 OXL KA . -34.92 -2.90 -5.77
O1 OXL KA . -35.18 -0.97 -7.17
O2 OXL KA . -34.83 -2.16 -4.79
O3 OXL KA . -35.29 -2.95 -8.13
O4 OXL KA . -34.83 -4.20 -5.74
MG MG LA . -34.82 -0.07 -5.40
K K MA . -35.47 -2.16 0.10
C18 O8F NA . 0.52 -16.03 -40.13
C17 O8F NA . 1.19 -17.16 -40.63
C16 O8F NA . 0.52 -18.38 -40.66
C15 O8F NA . -0.81 -18.52 -40.19
C14 O8F NA . -1.28 -20.71 -38.87
C13 O8F NA . -2.22 -20.67 -37.87
C12 O8F NA . -2.02 -21.19 -36.66
C11 O8F NA . -0.82 -21.76 -36.35
C10 O8F NA . -0.67 -21.98 -34.89
C9 O8F NA . -0.25 -25.36 -33.31
C8 O8F NA . 2.60 -25.48 -35.41
O8 O8F NA . 0.99 -23.27 -32.31
C7 O8F NA . 3.55 -24.55 -35.74
O7 O8F NA . -1.11 -20.75 -41.37
C1 O8F NA . 0.71 -27.50 -34.13
O5 O8F NA . -1.48 -15.06 -39.26
C5 O8F NA . 3.68 -23.78 -33.41
C6 O8F NA . 4.08 -23.66 -34.76
O6 O8F NA . -3.02 -19.67 -40.35
C4 O8F NA . 2.76 -24.77 -33.07
O4 O8F NA . 1.19 -14.85 -40.18
C3 O8F NA . 2.15 -25.55 -34.08
O3 O8F NA . -1.37 -23.28 -32.46
C2 O8F NA . 0.85 -26.16 -33.83
O2 O8F NA . 4.92 -22.61 -35.06
S O8F NA . -0.15 -23.72 -32.99
O1 O8F NA . 3.99 -22.88 -32.44
C23 O8F NA . -1.47 -26.01 -33.14
C24 O8F NA . -1.62 -27.32 -33.42
O9 O8F NA . -2.85 -27.90 -33.18
C O8F NA . -0.54 -28.10 -33.92
O O8F NA . -0.66 -29.41 -34.13
N O8F NA . 0.01 -23.17 -34.51
C22 O8F NA . 0.20 -21.88 -37.31
C21 O8F NA . -0.05 -21.35 -38.60
S1 O8F NA . -1.65 -19.96 -40.30
C20 O8F NA . -1.44 -17.39 -39.67
C19 O8F NA . -0.81 -16.17 -39.66
H13 O8F NA . 2.22 -17.08 -40.99
H12 O8F NA . 1.04 -19.25 -41.06
H11 O8F NA . -3.18 -20.20 -38.04
H10 O8F NA . -2.83 -21.16 -35.95
H8 O8F NA . -0.16 -21.13 -34.44
H9 O8F NA . -1.66 -21.95 -34.44
H6 O8F NA . 2.20 -26.16 -36.17
H5 O8F NA . 3.91 -24.49 -36.76
H1 O8F NA . 1.56 -28.06 -34.51
H15 O8F NA . -1.58 -15.14 -38.27
H2 O8F NA . 2.52 -24.95 -32.03
H14 O8F NA . 0.62 -14.13 -39.80
H4 O8F NA . 4.61 -21.80 -34.56
H3 O8F NA . 4.98 -22.82 -32.40
H19 O8F NA . -2.35 -25.47 -32.77
H20 O8F NA . -2.75 -28.86 -33.40
H O8F NA . 0.20 -29.81 -34.43
H7 O8F NA . 0.55 -23.62 -35.23
H18 O8F NA . 1.14 -22.38 -37.10
H17 O8F NA . 0.71 -21.42 -39.37
H16 O8F NA . -2.44 -17.46 -39.25
P1 FBP OA . 3.34 -48.09 -7.31
O1P FBP OA . 3.48 -47.74 -5.81
O2P FBP OA . 4.63 -47.81 -8.07
O3P FBP OA . 2.88 -49.48 -7.53
O1 FBP OA . 2.19 -47.14 -7.85
C1 FBP OA . 2.29 -45.71 -7.75
C2 FBP OA . 1.34 -45.12 -8.81
O2 FBP OA . 1.30 -43.73 -8.59
C3 FBP OA . -0.06 -45.79 -8.77
O3 FBP OA . -0.91 -45.25 -7.75
C4 FBP OA . -0.52 -45.56 -10.17
O4 FBP OA . -1.57 -46.42 -10.57
C5 FBP OA . 0.74 -45.87 -10.97
O5 FBP OA . 1.81 -45.41 -10.13
C6 FBP OA . 0.80 -45.22 -12.33
O6 FBP OA . 1.49 -46.10 -13.25
P2 FBP OA . 1.09 -46.12 -14.81
O4P FBP OA . 1.55 -44.77 -15.39
O5P FBP OA . -0.37 -46.35 -15.01
O6P FBP OA . 1.93 -47.23 -15.38
C1 OXL PA . 15.98 -43.80 -42.66
C2 OXL PA . 15.62 -42.94 -43.89
O1 OXL PA . 16.27 -43.26 -41.58
O2 OXL PA . 15.56 -41.67 -43.70
O3 OXL PA . 15.93 -45.08 -42.85
O4 OXL PA . 15.38 -43.49 -44.98
MG MG QA . 15.37 -45.58 -44.87
K K RA . 18.17 -49.21 -41.10
#